data_8BUE
#
_entry.id   8BUE
#
_cell.length_a   249.329
_cell.length_b   249.329
_cell.length_c   218.681
_cell.angle_alpha   90.000
_cell.angle_beta   90.000
_cell.angle_gamma   120.000
#
_symmetry.space_group_name_H-M   'P 31 2 1'
#
loop_
_entity.id
_entity.type
_entity.pdbx_description
1 polymer 'DNA damage-binding protein 1'
2 polymer 'Cyclin-dependent kinase 12'
3 polymer Cyclin-K
4 non-polymer 'SULFATE ION'
5 non-polymer ~{N}-(1~{H}-benzimidazol-2-yl)-1-(2-methoxy-5-methyl-phenyl)-5-oxidanylidene-pyrrolidine-3-carboxamide
#
loop_
_entity_poly.entity_id
_entity_poly.type
_entity_poly.pdbx_seq_one_letter_code
_entity_poly.pdbx_strand_id
1 'polypeptide(L)'
;GGGRMSYNYVVTAQKPTAVNGCVTGHFTSAEDLNLLIAKNTRLEIYVVTAEGLRPVKEVGMYGKIAVMELFRPKGESKDL
LFILTAKYNACILEYKQSGESIDIITRAHGNVQDRIGRPSETGIIGIIDPECRMIGLRLYDGLFKVIPLDRDNKELKAFN
IRLEELHVIDVKFLYGCQAPTICFVYQDPQGRHVKTYEVSLREKEFNKGPWKQENVEAEASMVIAVPEPFGGAIIIGQES
ITYHNGDKYLAIAPPIIKQSTIVCHNRVDPNGSRYLLGDMEGRLFMLLLEKEEQMDGTVTLKDLRVELLGETSIAECLTY
LDNGVVFVGSRLGDSQLVKLNVDSNEQGSYVVAMETFTNLGPIVDMCVVDLERQGQGQLVTCSGAFKEGSLRIIRNGIGG
NGNSGEIQKLHIRTVPLYESPRKICYQEVSQCFGVLSSRIEVQDTSGGTTALRPSASTQALSSSVSSSKLFSSSTAPHET
SFGEEVEVHNLLIIDQHTFEVLHAHQFLQNEYALSLVSCKLGKDPNTYFIVGTAMVYPEEAEPKQGRIVVFQYSDGKLQT
VAEKEVKGAVYSMVEFNGKLLASINSTVRLYEWTTEKELRTECNHYNNIMALYLKTKGDFILVGDLMRSVLLLAYKPMEG
NFEEIARDFNPNWMSAVEILDDDNFLGAENAFNLFVCQKDSAATTDEERQHLQEVGLFHLGEFVNVFCHGSLVMQNLGET
STPTQGSVLFGTVNGMIGLVTSLSESWYNLLLDMQNRLNKVIKSVGKIEHSFWRSFHTERKTEPATGFIDGDLIESFLDI
SRPKMQEVVANLQYDDGSGMKREATADDLIKVVEELTRIH
;
A,D,G
2 'polypeptide(L)'
;GGGRRQTESDWGKRCVDKFDIIGIIGEGTYGQVYKAKDKDTGELVALKKVRLDNEKEGFPITAIREIKILRQLIHRSVVN
MKEIVTDKQDALDFKKDKGAFYLVFEYMDHDLMGLLESGLVHFSEDHIKSFMKQLMEGLEYCHKKNFLHRDIKCSNILLN
NSGQIKLADFGLARLYNSEESRPY(TPO)NKVITLWYRPPELLLGEERYTPAIDVWSCGCILGELFTKKPIFQANLELAQ
LELISRLCGSPCPAVWPDVIRLPYFNTMKPKKQYRRRLREEFSFIPSAALDLLDHMLTLDPSKRCTAEQTLQSDFLKDVE
LSKMAPPDLPHWQDCHELWSKKRRRQRQ
;
B,E,H
3 'polypeptide(L)'
;GGGRMKENKENSSPSVTSANLDHTKPCWYWDKKDLAHTPSQLEGLDPATEARYRREGARFIFDVGTRLGLHYDTLATGII
YFHRFYMFHSFKQFPRYVTGACCLFLAGKVEETPKKCKDIIKTARSLLNDVQFGQFGDDPKEEVMVLERILLQTIKFDLQ
VEHPYQFLLKYAKQLKGDKNKIQKLVQMAWTFVNDSLCTTLSLQWEPEIIAVAVMYLAGRLCKFEIQEWTSKPMYRRWWE
QFVQDVPVDVLEDICHQILDLYSQGKQQMPH
;
C,F,I
#
# COMPACT_ATOMS: atom_id res chain seq x y z
N MET A 5 54.94 -4.87 26.83
CA MET A 5 55.16 -6.29 26.44
C MET A 5 54.34 -7.19 27.36
N SER A 6 54.18 -8.46 26.99
CA SER A 6 53.46 -9.42 27.81
C SER A 6 54.28 -10.68 28.03
N TYR A 7 54.02 -11.34 29.16
CA TYR A 7 54.76 -12.53 29.59
C TYR A 7 53.80 -13.65 29.94
N ASN A 8 53.95 -14.80 29.29
CA ASN A 8 53.05 -15.93 29.49
C ASN A 8 53.84 -17.23 29.52
N TYR A 9 53.16 -18.28 30.00
CA TYR A 9 53.74 -19.60 30.26
C TYR A 9 52.77 -20.65 29.71
N VAL A 10 53.29 -21.61 28.95
CA VAL A 10 52.46 -22.62 28.30
C VAL A 10 53.02 -24.00 28.59
N VAL A 11 52.18 -24.90 29.10
CA VAL A 11 52.57 -26.26 29.42
C VAL A 11 51.57 -27.25 28.87
N THR A 12 52.04 -28.49 28.70
CA THR A 12 51.20 -29.62 28.29
C THR A 12 50.64 -30.31 29.53
N ALA A 13 49.31 -30.39 29.62
CA ALA A 13 48.67 -31.17 30.67
C ALA A 13 48.51 -32.64 30.26
N GLN A 14 48.15 -32.88 29.00
CA GLN A 14 48.07 -34.21 28.43
C GLN A 14 48.79 -34.21 27.09
N LYS A 15 49.69 -35.18 26.88
CA LYS A 15 50.44 -35.23 25.64
C LYS A 15 49.54 -35.66 24.48
N PRO A 16 49.95 -35.37 23.25
CA PRO A 16 49.16 -35.81 22.09
C PRO A 16 48.91 -37.31 22.11
N THR A 17 47.65 -37.69 21.90
CA THR A 17 47.24 -39.09 21.92
C THR A 17 46.93 -39.68 20.56
N ALA A 18 46.67 -38.86 19.55
CA ALA A 18 46.30 -39.39 18.25
C ALA A 18 47.53 -39.99 17.58
N VAL A 19 47.34 -41.09 16.88
CA VAL A 19 48.44 -41.79 16.23
C VAL A 19 48.58 -41.24 14.83
N ASN A 20 49.74 -40.61 14.55
CA ASN A 20 49.98 -40.07 13.22
C ASN A 20 50.68 -41.07 12.31
N GLY A 21 51.39 -42.04 12.87
CA GLY A 21 52.03 -43.04 12.05
C GLY A 21 52.54 -44.20 12.90
N CYS A 22 52.70 -45.33 12.23
CA CYS A 22 53.18 -46.55 12.89
C CYS A 22 53.94 -47.42 11.91
N VAL A 23 55.12 -47.86 12.34
CA VAL A 23 55.97 -48.75 11.54
C VAL A 23 56.49 -49.86 12.43
N THR A 24 56.74 -51.00 11.81
CA THR A 24 57.38 -52.13 12.48
C THR A 24 58.71 -52.45 11.82
N GLY A 25 59.67 -52.83 12.64
CA GLY A 25 60.97 -53.18 12.16
C GLY A 25 61.82 -53.65 13.32
N HIS A 26 63.13 -53.69 13.11
CA HIS A 26 64.08 -54.17 14.12
C HIS A 26 65.00 -53.01 14.49
N PHE A 27 64.45 -52.04 15.22
CA PHE A 27 65.14 -50.81 15.54
C PHE A 27 66.00 -50.94 16.79
N THR A 28 65.49 -51.58 17.85
CA THR A 28 66.28 -51.66 19.08
C THR A 28 67.40 -52.70 18.96
N SER A 29 67.14 -53.84 18.32
CA SER A 29 68.14 -54.87 18.07
C SER A 29 67.67 -55.73 16.90
N ALA A 30 68.63 -56.34 16.20
CA ALA A 30 68.26 -57.13 15.03
C ALA A 30 67.35 -58.31 15.37
N GLU A 31 67.33 -58.75 16.61
CA GLU A 31 66.49 -59.87 16.99
C GLU A 31 65.08 -59.43 17.37
N ASP A 32 64.95 -58.33 18.10
CA ASP A 32 63.65 -57.85 18.55
C ASP A 32 62.84 -57.25 17.40
N LEU A 33 61.52 -57.46 17.44
CA LEU A 33 60.58 -56.77 16.57
C LEU A 33 59.95 -55.62 17.33
N ASN A 34 60.06 -54.42 16.78
CA ASN A 34 59.60 -53.22 17.45
C ASN A 34 58.43 -52.63 16.68
N LEU A 35 57.58 -51.92 17.40
CA LEU A 35 56.51 -51.11 16.82
C LEU A 35 56.77 -49.67 17.25
N LEU A 36 57.07 -48.81 16.29
CA LEU A 36 57.29 -47.39 16.57
C LEU A 36 56.00 -46.65 16.25
N ILE A 37 55.31 -46.19 17.30
CA ILE A 37 54.08 -45.43 17.17
C ILE A 37 54.48 -43.98 17.29
N ALA A 38 54.02 -43.15 16.34
CA ALA A 38 54.35 -41.73 16.32
C ALA A 38 53.08 -40.94 16.62
N LYS A 39 53.16 -40.08 17.63
CA LYS A 39 52.16 -39.06 17.89
C LYS A 39 52.79 -37.71 17.65
N ASN A 40 51.96 -36.68 17.48
CA ASN A 40 52.51 -35.39 17.10
C ASN A 40 53.63 -35.01 18.06
N THR A 41 54.84 -34.86 17.53
CA THR A 41 56.04 -34.46 18.25
C THR A 41 56.57 -35.55 19.20
N ARG A 42 55.90 -36.70 19.30
CA ARG A 42 56.25 -37.75 20.25
C ARG A 42 56.49 -39.07 19.52
N LEU A 43 57.60 -39.73 19.84
CA LEU A 43 57.91 -41.06 19.32
C LEU A 43 57.90 -42.09 20.44
N GLU A 44 57.11 -43.14 20.28
CA GLU A 44 57.00 -44.23 21.25
C GLU A 44 57.57 -45.50 20.63
N ILE A 45 58.51 -46.14 21.32
CA ILE A 45 59.15 -47.37 20.85
C ILE A 45 58.69 -48.52 21.76
N TYR A 46 58.23 -49.61 21.13
CA TYR A 46 57.75 -50.80 21.83
C TYR A 46 58.51 -52.02 21.34
N VAL A 47 58.42 -53.11 22.10
CA VAL A 47 58.93 -54.41 21.68
C VAL A 47 57.76 -55.38 21.65
N VAL A 48 57.61 -56.10 20.54
CA VAL A 48 56.44 -56.95 20.36
C VAL A 48 56.68 -58.24 21.14
N THR A 49 55.77 -58.53 22.06
CA THR A 49 55.80 -59.77 22.84
C THR A 49 54.62 -60.63 22.41
N ALA A 50 54.49 -61.82 22.99
CA ALA A 50 53.34 -62.65 22.68
C ALA A 50 52.06 -62.15 23.36
N GLU A 51 52.17 -61.48 24.50
CA GLU A 51 50.96 -61.02 25.17
C GLU A 51 50.52 -59.68 24.61
N GLY A 52 51.47 -58.88 24.16
CA GLY A 52 51.18 -57.54 23.68
C GLY A 52 52.44 -56.78 23.35
N LEU A 53 52.53 -55.54 23.84
CA LEU A 53 53.67 -54.68 23.58
C LEU A 53 54.37 -54.32 24.88
N ARG A 54 55.70 -54.30 24.82
CA ARG A 54 56.52 -53.89 25.94
C ARG A 54 57.13 -52.51 25.67
N PRO A 55 56.76 -51.47 26.41
CA PRO A 55 57.39 -50.16 26.18
C PRO A 55 58.86 -50.20 26.58
N VAL A 56 59.70 -49.52 25.79
CA VAL A 56 61.14 -49.49 26.06
C VAL A 56 61.63 -48.05 26.15
N LYS A 57 61.06 -47.15 25.34
CA LYS A 57 61.59 -45.78 25.29
C LYS A 57 60.58 -44.84 24.63
N GLU A 58 60.50 -43.62 25.15
CA GLU A 58 59.75 -42.54 24.51
C GLU A 58 60.59 -41.28 24.49
N VAL A 59 60.64 -40.62 23.33
CA VAL A 59 61.37 -39.35 23.20
C VAL A 59 60.43 -38.32 22.60
N GLY A 60 60.70 -37.06 22.91
CA GLY A 60 60.08 -35.95 22.21
C GLY A 60 61.07 -35.38 21.20
N MET A 61 60.52 -34.80 20.13
CA MET A 61 61.31 -34.13 19.11
C MET A 61 60.79 -32.70 18.95
N TYR A 62 61.69 -31.78 18.61
CA TYR A 62 61.32 -30.39 18.44
C TYR A 62 60.80 -30.19 17.02
N GLY A 63 59.67 -30.84 16.75
CA GLY A 63 59.06 -30.83 15.43
C GLY A 63 57.91 -31.83 15.29
N LYS A 64 56.96 -31.52 14.41
CA LYS A 64 55.88 -32.45 14.10
C LYS A 64 56.43 -33.54 13.19
N ILE A 65 56.23 -34.80 13.58
CA ILE A 65 56.78 -35.92 12.81
C ILE A 65 55.92 -36.09 11.55
N ALA A 66 56.53 -35.86 10.39
CA ALA A 66 55.86 -35.98 9.10
C ALA A 66 56.18 -37.29 8.39
N VAL A 67 57.45 -37.69 8.38
CA VAL A 67 57.87 -38.93 7.76
C VAL A 67 58.60 -39.76 8.81
N MET A 68 58.23 -41.04 8.92
CA MET A 68 58.91 -41.98 9.79
C MET A 68 59.06 -43.29 9.05
N GLU A 69 60.30 -43.71 8.80
CA GLU A 69 60.56 -44.94 8.05
C GLU A 69 61.80 -45.61 8.64
N LEU A 70 61.79 -46.94 8.64
CA LEU A 70 62.89 -47.75 9.13
C LEU A 70 63.59 -48.40 7.94
N PHE A 71 64.93 -48.35 7.93
CA PHE A 71 65.74 -48.90 6.86
C PHE A 71 67.00 -49.50 7.46
N ARG A 72 67.58 -50.48 6.75
CA ARG A 72 68.80 -51.13 7.21
C ARG A 72 69.80 -51.19 6.08
N PRO A 73 70.72 -50.22 6.00
CA PRO A 73 71.69 -50.23 4.91
C PRO A 73 72.74 -51.33 5.11
N LYS A 74 73.26 -51.82 4.00
CA LYS A 74 74.31 -52.84 4.05
C LYS A 74 75.44 -52.38 4.97
N GLY A 75 75.82 -53.25 5.90
CA GLY A 75 76.84 -52.98 6.88
C GLY A 75 76.31 -52.70 8.26
N GLU A 76 75.02 -52.39 8.38
CA GLU A 76 74.40 -52.15 9.68
C GLU A 76 73.84 -53.46 10.21
N SER A 77 73.91 -53.65 11.53
CA SER A 77 73.34 -54.83 12.16
C SER A 77 71.83 -54.73 12.33
N LYS A 78 71.31 -53.51 12.43
CA LYS A 78 69.91 -53.31 12.81
C LYS A 78 69.37 -52.11 12.06
N ASP A 79 68.05 -51.95 12.14
CA ASP A 79 67.38 -50.91 11.38
C ASP A 79 67.74 -49.53 11.92
N LEU A 80 67.85 -48.56 11.01
CA LEU A 80 67.99 -47.17 11.37
C LEU A 80 66.67 -46.45 11.10
N LEU A 81 66.47 -45.32 11.77
CA LEU A 81 65.21 -44.59 11.71
C LEU A 81 65.43 -43.26 11.00
N PHE A 82 64.62 -43.00 9.99
CA PHE A 82 64.58 -41.70 9.33
C PHE A 82 63.34 -40.94 9.78
N ILE A 83 63.51 -39.69 10.14
CA ILE A 83 62.39 -38.82 10.49
C ILE A 83 62.59 -37.47 9.81
N LEU A 84 61.50 -36.93 9.27
CA LEU A 84 61.46 -35.60 8.69
C LEU A 84 60.34 -34.84 9.37
N THR A 85 60.63 -33.66 9.87
CA THR A 85 59.59 -32.90 10.56
C THR A 85 58.84 -32.04 9.54
N ALA A 86 57.70 -31.51 9.97
CA ALA A 86 56.90 -30.70 9.08
C ALA A 86 57.58 -29.38 8.73
N LYS A 87 58.54 -28.93 9.53
CA LYS A 87 59.36 -27.78 9.19
C LYS A 87 60.62 -28.16 8.41
N TYR A 88 60.67 -29.40 7.92
CA TYR A 88 61.69 -29.91 7.03
C TYR A 88 63.01 -30.18 7.75
N ASN A 89 62.96 -30.52 9.03
CA ASN A 89 64.14 -30.98 9.75
C ASN A 89 64.27 -32.49 9.51
N ALA A 90 65.36 -32.90 8.88
CA ALA A 90 65.62 -34.31 8.58
C ALA A 90 66.73 -34.85 9.48
N CYS A 91 66.65 -36.14 9.79
CA CYS A 91 67.67 -36.78 10.61
C CYS A 91 67.58 -38.29 10.47
N ILE A 92 68.69 -38.96 10.73
CA ILE A 92 68.76 -40.42 10.83
C ILE A 92 69.15 -40.76 12.26
N LEU A 93 68.38 -41.64 12.89
CA LEU A 93 68.50 -41.92 14.30
C LEU A 93 68.88 -43.38 14.55
N GLU A 94 69.62 -43.60 15.64
CA GLU A 94 70.01 -44.94 16.06
C GLU A 94 69.72 -45.16 17.55
N TYR A 95 69.20 -46.35 17.86
CA TYR A 95 68.99 -46.79 19.23
C TYR A 95 70.27 -47.42 19.77
N LYS A 96 70.69 -46.97 20.95
CA LYS A 96 71.88 -47.51 21.62
C LYS A 96 71.57 -47.68 23.10
N GLN A 97 71.90 -48.85 23.64
CA GLN A 97 71.60 -49.18 25.02
C GLN A 97 72.87 -49.70 25.68
N SER A 98 73.19 -49.16 26.85
CA SER A 98 74.36 -49.55 27.62
C SER A 98 73.85 -50.04 28.96
N GLY A 99 73.52 -51.33 29.03
CA GLY A 99 72.94 -51.81 30.27
C GLY A 99 71.60 -51.12 30.48
N GLU A 100 71.53 -50.36 31.58
CA GLU A 100 70.32 -49.66 31.97
C GLU A 100 70.16 -48.31 31.27
N SER A 101 71.19 -47.81 30.58
CA SER A 101 71.15 -46.49 29.97
C SER A 101 70.69 -46.57 28.52
N ILE A 102 69.54 -45.98 28.21
CA ILE A 102 68.99 -45.95 26.86
C ILE A 102 69.09 -44.52 26.33
N ASP A 103 69.68 -44.36 25.14
CA ASP A 103 69.78 -43.05 24.50
C ASP A 103 69.55 -43.19 23.00
N ILE A 104 69.22 -42.08 22.35
CA ILE A 104 68.98 -42.04 20.90
C ILE A 104 70.06 -41.21 20.20
N ILE A 105 70.72 -41.83 19.23
CA ILE A 105 71.88 -41.25 18.56
C ILE A 105 71.40 -40.51 17.31
N THR A 106 71.90 -39.30 17.10
CA THR A 106 71.65 -38.57 15.86
C THR A 106 72.80 -38.84 14.91
N ARG A 107 72.56 -39.71 13.92
CA ARG A 107 73.65 -40.11 13.02
C ARG A 107 73.87 -39.11 11.90
N ALA A 108 72.81 -38.49 11.40
CA ALA A 108 72.88 -37.50 10.34
C ALA A 108 71.72 -36.54 10.52
N HIS A 109 71.91 -35.29 10.11
CA HIS A 109 70.84 -34.33 10.26
C HIS A 109 71.05 -33.11 9.38
N GLY A 110 69.94 -32.46 9.07
CA GLY A 110 69.97 -31.23 8.30
C GLY A 110 68.55 -30.83 7.95
N ASN A 111 68.43 -29.60 7.45
CA ASN A 111 67.15 -29.04 7.02
C ASN A 111 67.14 -28.98 5.51
N VAL A 112 66.11 -29.55 4.90
CA VAL A 112 66.07 -29.78 3.46
C VAL A 112 65.15 -28.78 2.74
N GLN A 113 64.76 -27.69 3.41
CA GLN A 113 63.84 -26.73 2.83
C GLN A 113 64.46 -26.01 1.64
N ASP A 114 63.64 -25.82 0.59
CA ASP A 114 64.06 -25.10 -0.60
C ASP A 114 63.61 -23.64 -0.51
N ARG A 115 64.46 -22.74 -1.02
CA ARG A 115 64.10 -21.33 -1.05
C ARG A 115 62.84 -21.08 -1.86
N ILE A 116 62.68 -21.77 -2.99
CA ILE A 116 61.57 -21.57 -3.91
C ILE A 116 60.95 -22.94 -4.19
N GLY A 117 59.66 -23.06 -3.89
CA GLY A 117 58.90 -24.26 -4.18
C GLY A 117 57.45 -24.14 -3.73
N ARG A 118 56.56 -24.89 -4.37
CA ARG A 118 55.15 -24.87 -4.00
C ARG A 118 54.79 -26.10 -3.21
N PRO A 119 54.40 -25.97 -1.94
CA PRO A 119 53.98 -27.15 -1.17
C PRO A 119 52.83 -27.90 -1.84
N SER A 120 52.94 -29.23 -1.86
CA SER A 120 52.00 -30.08 -2.59
C SER A 120 50.70 -30.31 -1.82
N GLU A 121 49.63 -30.60 -2.58
CA GLU A 121 48.31 -30.78 -1.97
C GLU A 121 48.25 -32.03 -1.10
N THR A 122 48.82 -33.12 -1.57
CA THR A 122 48.81 -34.38 -0.83
C THR A 122 49.91 -34.47 0.23
N GLY A 123 50.57 -33.35 0.53
CA GLY A 123 51.44 -33.30 1.69
C GLY A 123 52.80 -33.91 1.43
N ILE A 124 53.64 -33.83 2.46
CA ILE A 124 54.97 -34.41 2.39
C ILE A 124 54.84 -35.92 2.25
N ILE A 125 55.58 -36.50 1.31
CA ILE A 125 55.70 -37.94 1.16
C ILE A 125 57.17 -38.31 1.27
N GLY A 126 57.46 -39.37 2.04
CA GLY A 126 58.81 -39.88 2.16
C GLY A 126 58.87 -41.38 1.97
N ILE A 127 59.77 -41.85 1.10
CA ILE A 127 59.93 -43.26 0.81
C ILE A 127 61.42 -43.57 0.74
N ILE A 128 61.77 -44.83 0.98
CA ILE A 128 63.16 -45.25 0.93
C ILE A 128 63.30 -46.46 0.01
N ASP A 129 64.38 -46.45 -0.77
CA ASP A 129 64.69 -47.49 -1.72
C ASP A 129 64.80 -48.86 -1.04
N PRO A 130 64.35 -49.93 -1.70
CA PRO A 130 64.52 -51.26 -1.09
C PRO A 130 65.96 -51.63 -0.86
N GLU A 131 66.89 -51.17 -1.69
CA GLU A 131 68.31 -51.37 -1.44
C GLU A 131 68.90 -50.28 -0.56
N CYS A 132 68.05 -49.43 0.02
CA CYS A 132 68.48 -48.36 0.91
C CYS A 132 69.62 -47.56 0.29
N ARG A 133 69.49 -47.25 -1.00
CA ARG A 133 70.47 -46.42 -1.66
C ARG A 133 70.15 -44.94 -1.54
N MET A 134 68.88 -44.59 -1.35
CA MET A 134 68.49 -43.20 -1.29
C MET A 134 67.17 -43.05 -0.56
N ILE A 135 66.90 -41.83 -0.10
CA ILE A 135 65.62 -41.43 0.46
C ILE A 135 64.95 -40.52 -0.56
N GLY A 136 63.72 -40.85 -0.94
CA GLY A 136 62.92 -40.00 -1.82
C GLY A 136 61.98 -39.13 -1.02
N LEU A 137 61.95 -37.85 -1.38
CA LEU A 137 61.05 -36.88 -0.74
C LEU A 137 60.26 -36.15 -1.80
N ARG A 138 58.94 -36.08 -1.62
CA ARG A 138 58.06 -35.24 -2.45
C ARG A 138 57.57 -34.11 -1.56
N LEU A 139 58.27 -32.97 -1.63
CA LEU A 139 57.91 -31.80 -0.84
C LEU A 139 57.17 -30.74 -1.63
N TYR A 140 57.54 -30.50 -2.90
CA TYR A 140 56.97 -29.43 -3.68
C TYR A 140 56.46 -29.94 -5.02
N ASP A 141 55.42 -29.27 -5.53
CA ASP A 141 54.89 -29.60 -6.84
C ASP A 141 55.98 -29.44 -7.89
N GLY A 142 56.10 -30.44 -8.76
CA GLY A 142 57.04 -30.36 -9.85
C GLY A 142 58.47 -30.71 -9.52
N LEU A 143 58.74 -31.14 -8.29
CA LEU A 143 60.11 -31.45 -7.88
C LEU A 143 60.16 -32.74 -7.07
N PHE A 144 61.23 -33.52 -7.31
CA PHE A 144 61.54 -34.74 -6.57
C PHE A 144 62.92 -34.54 -5.96
N LYS A 145 63.01 -34.66 -4.63
CA LYS A 145 64.28 -34.44 -3.91
C LYS A 145 64.87 -35.78 -3.50
N VAL A 146 66.17 -35.96 -3.76
CA VAL A 146 66.87 -37.20 -3.48
C VAL A 146 67.95 -36.91 -2.44
N ILE A 147 67.87 -37.59 -1.30
CA ILE A 147 68.98 -37.67 -0.35
C ILE A 147 69.67 -39.02 -0.58
N PRO A 148 70.85 -39.05 -1.20
CA PRO A 148 71.55 -40.33 -1.37
C PRO A 148 72.11 -40.80 -0.04
N LEU A 149 71.93 -42.09 0.23
CA LEU A 149 72.36 -42.65 1.51
C LEU A 149 73.78 -43.21 1.43
N ASP A 150 74.75 -42.33 1.17
CA ASP A 150 76.15 -42.69 1.26
C ASP A 150 76.66 -42.43 2.68
N ARG A 151 77.72 -43.15 3.05
CA ARG A 151 78.28 -43.04 4.40
C ARG A 151 78.72 -41.62 4.73
N ASP A 152 79.09 -40.84 3.72
CA ASP A 152 79.68 -39.54 3.98
C ASP A 152 78.65 -38.43 4.13
N ASN A 153 77.39 -38.69 3.78
CA ASN A 153 76.37 -37.64 3.77
C ASN A 153 75.79 -37.41 5.17
N LYS A 154 76.65 -36.99 6.09
CA LYS A 154 76.20 -36.79 7.46
C LYS A 154 75.32 -35.57 7.61
N GLU A 155 75.34 -34.66 6.63
CA GLU A 155 74.51 -33.47 6.66
C GLU A 155 73.23 -33.64 5.84
N LEU A 156 73.01 -34.82 5.26
CA LEU A 156 71.83 -35.11 4.45
C LEU A 156 71.67 -34.07 3.33
N LYS A 157 72.76 -33.80 2.62
CA LYS A 157 72.70 -32.94 1.44
C LYS A 157 71.93 -33.63 0.32
N ALA A 158 71.22 -32.84 -0.48
CA ALA A 158 70.33 -33.41 -1.48
C ALA A 158 70.20 -32.50 -2.69
N PHE A 159 69.67 -33.09 -3.77
CA PHE A 159 69.45 -32.41 -5.03
C PHE A 159 68.05 -32.68 -5.53
N ASN A 160 67.58 -31.80 -6.42
CA ASN A 160 66.25 -31.88 -6.99
C ASN A 160 66.31 -32.32 -8.45
N ILE A 161 65.39 -33.21 -8.82
CA ILE A 161 65.19 -33.65 -10.19
C ILE A 161 63.88 -33.02 -10.68
N ARG A 162 63.91 -32.37 -11.83
CA ARG A 162 62.69 -31.80 -12.37
C ARG A 162 61.68 -32.91 -12.68
N LEU A 163 60.45 -32.72 -12.22
CA LEU A 163 59.36 -33.66 -12.43
C LEU A 163 58.31 -32.95 -13.29
N GLU A 164 58.05 -33.52 -14.46
CA GLU A 164 57.07 -32.91 -15.36
C GLU A 164 55.67 -32.95 -14.75
N GLU A 165 55.33 -34.04 -14.08
CA GLU A 165 54.00 -34.24 -13.53
C GLU A 165 53.85 -33.42 -12.27
N LEU A 166 53.11 -32.31 -12.35
CA LEU A 166 53.07 -31.37 -11.24
C LEU A 166 52.23 -31.86 -10.07
N HIS A 167 51.12 -32.52 -10.35
CA HIS A 167 50.17 -32.94 -9.31
C HIS A 167 50.32 -34.45 -9.10
N VAL A 168 51.08 -34.83 -8.07
CA VAL A 168 51.32 -36.22 -7.74
C VAL A 168 50.47 -36.62 -6.56
N ILE A 169 49.78 -37.74 -6.68
CA ILE A 169 48.94 -38.24 -5.61
C ILE A 169 49.75 -39.05 -4.61
N ASP A 170 50.42 -40.09 -5.08
CA ASP A 170 51.23 -40.92 -4.19
C ASP A 170 52.36 -41.59 -4.97
N VAL A 171 53.47 -41.86 -4.27
CA VAL A 171 54.64 -42.47 -4.89
C VAL A 171 55.27 -43.48 -3.93
N LYS A 172 55.80 -44.57 -4.50
CA LYS A 172 56.53 -45.58 -3.77
C LYS A 172 57.73 -46.03 -4.61
N PHE A 173 58.77 -46.54 -3.93
CA PHE A 173 59.83 -47.23 -4.63
C PHE A 173 59.38 -48.66 -4.91
N LEU A 174 59.63 -49.14 -6.12
CA LEU A 174 59.19 -50.46 -6.56
C LEU A 174 60.22 -51.54 -6.19
N TYR A 175 59.78 -52.79 -6.27
CA TYR A 175 60.60 -53.94 -5.96
C TYR A 175 60.99 -54.67 -7.24
N GLY A 176 62.16 -55.30 -7.22
CA GLY A 176 62.56 -56.14 -8.33
C GLY A 176 63.00 -55.41 -9.58
N CYS A 177 63.61 -54.23 -9.43
CA CYS A 177 64.03 -53.44 -10.57
C CYS A 177 65.54 -53.38 -10.69
N GLN A 178 66.01 -53.24 -11.93
CA GLN A 178 67.44 -53.18 -12.20
C GLN A 178 68.08 -51.92 -11.64
N ALA A 179 67.34 -50.82 -11.60
CA ALA A 179 67.74 -49.57 -10.99
C ALA A 179 66.69 -49.09 -10.01
N PRO A 180 67.02 -48.16 -9.10
CA PRO A 180 65.99 -47.56 -8.26
C PRO A 180 64.88 -46.99 -9.13
N THR A 181 63.65 -47.44 -8.86
CA THR A 181 62.51 -47.07 -9.68
C THR A 181 61.35 -46.58 -8.81
N ILE A 182 60.72 -45.49 -9.22
CA ILE A 182 59.55 -44.94 -8.54
C ILE A 182 58.30 -45.21 -9.36
N CYS A 183 57.22 -45.56 -8.67
CA CYS A 183 55.90 -45.74 -9.26
C CYS A 183 54.95 -44.77 -8.57
N PHE A 184 54.26 -43.94 -9.36
CA PHE A 184 53.40 -42.93 -8.76
C PHE A 184 52.14 -42.72 -9.58
N VAL A 185 51.07 -42.32 -8.89
CA VAL A 185 49.83 -41.86 -9.52
C VAL A 185 49.83 -40.34 -9.54
N TYR A 186 49.53 -39.76 -10.71
CA TYR A 186 49.49 -38.31 -10.85
C TYR A 186 48.19 -37.90 -11.53
N GLN A 187 47.86 -36.62 -11.41
CA GLN A 187 46.65 -36.06 -11.99
C GLN A 187 47.00 -34.89 -12.91
N ASP A 188 46.41 -34.88 -14.11
CA ASP A 188 46.47 -33.78 -15.06
C ASP A 188 45.04 -33.62 -15.59
N PRO A 189 44.78 -32.70 -16.52
CA PRO A 189 43.38 -32.48 -16.93
C PRO A 189 42.71 -33.71 -17.53
N GLN A 190 43.46 -34.69 -18.00
CA GLN A 190 42.87 -35.84 -18.68
C GLN A 190 42.48 -36.95 -17.70
N GLY A 191 42.64 -36.75 -16.41
CA GLY A 191 42.35 -37.80 -15.45
C GLY A 191 43.55 -38.17 -14.61
N ARG A 192 43.54 -39.36 -14.04
CA ARG A 192 44.65 -39.86 -13.27
C ARG A 192 45.35 -41.01 -13.98
N HIS A 193 46.65 -41.07 -13.80
CA HIS A 193 47.52 -42.01 -14.49
C HIS A 193 48.53 -42.58 -13.50
N VAL A 194 49.08 -43.74 -13.87
CA VAL A 194 50.16 -44.38 -13.12
C VAL A 194 51.35 -44.43 -14.08
N LYS A 195 52.53 -44.04 -13.57
CA LYS A 195 53.71 -43.86 -14.39
C LYS A 195 54.94 -44.27 -13.59
N THR A 196 56.02 -44.63 -14.32
CA THR A 196 57.27 -45.03 -13.68
C THR A 196 58.45 -44.25 -14.24
N TYR A 197 59.44 -44.03 -13.37
CA TYR A 197 60.73 -43.46 -13.72
C TYR A 197 61.83 -44.27 -13.03
N GLU A 198 63.05 -44.20 -13.57
CA GLU A 198 64.23 -44.73 -12.92
C GLU A 198 65.07 -43.55 -12.41
N VAL A 199 65.64 -43.68 -11.21
CA VAL A 199 66.38 -42.59 -10.56
C VAL A 199 67.87 -42.89 -10.67
N SER A 200 68.61 -41.97 -11.28
CA SER A 200 70.06 -42.11 -11.46
C SER A 200 70.82 -41.18 -10.53
N LEU A 201 71.48 -41.74 -9.52
CA LEU A 201 72.33 -40.94 -8.65
C LEU A 201 73.55 -40.42 -9.41
N ARG A 202 74.06 -41.19 -10.37
CA ARG A 202 75.23 -40.77 -11.14
C ARG A 202 74.90 -39.58 -12.04
N GLU A 203 73.77 -39.67 -12.77
CA GLU A 203 73.35 -38.59 -13.65
C GLU A 203 72.48 -37.53 -12.97
N LYS A 204 71.95 -37.81 -11.79
CA LYS A 204 71.11 -36.86 -11.05
C LYS A 204 69.94 -36.40 -11.92
N GLU A 205 69.26 -37.37 -12.52
CA GLU A 205 68.06 -37.12 -13.31
C GLU A 205 67.25 -38.41 -13.41
N PHE A 206 66.05 -38.30 -13.99
CA PHE A 206 65.21 -39.45 -14.27
C PHE A 206 65.56 -40.02 -15.64
N ASN A 207 65.47 -41.35 -15.78
CA ASN A 207 65.51 -42.02 -17.06
C ASN A 207 64.18 -42.73 -17.29
N LYS A 208 63.94 -43.14 -18.54
CA LYS A 208 62.68 -43.81 -18.83
C LYS A 208 62.46 -44.99 -17.91
N GLY A 209 61.23 -45.15 -17.45
CA GLY A 209 60.88 -46.15 -16.46
C GLY A 209 60.60 -47.50 -17.08
N PRO A 210 60.53 -48.52 -16.20
CA PRO A 210 60.37 -49.89 -16.72
C PRO A 210 59.07 -50.14 -17.47
N TRP A 211 57.92 -49.59 -17.06
CA TRP A 211 56.70 -49.89 -17.79
C TRP A 211 55.87 -48.65 -18.08
N LYS A 212 55.00 -48.81 -19.08
CA LYS A 212 54.34 -47.66 -19.67
C LYS A 212 53.25 -47.12 -18.76
N GLN A 213 52.86 -45.88 -19.03
CA GLN A 213 51.78 -45.25 -18.31
C GLN A 213 50.45 -45.95 -18.63
N GLU A 214 49.59 -46.04 -17.60
CA GLU A 214 48.25 -46.58 -17.71
C GLU A 214 47.28 -45.62 -17.06
N ASN A 215 46.15 -45.40 -17.72
CA ASN A 215 45.10 -44.55 -17.16
C ASN A 215 44.38 -45.31 -16.05
N VAL A 216 44.26 -44.67 -14.89
CA VAL A 216 43.67 -45.34 -13.73
C VAL A 216 42.42 -44.61 -13.27
N GLU A 217 41.79 -45.16 -12.24
CA GLU A 217 40.56 -44.60 -11.68
C GLU A 217 40.74 -43.14 -11.30
N ALA A 218 39.66 -42.38 -11.48
CA ALA A 218 39.71 -40.94 -11.24
C ALA A 218 40.07 -40.61 -9.80
N GLU A 219 39.66 -41.44 -8.86
CA GLU A 219 39.98 -41.25 -7.45
C GLU A 219 40.99 -42.28 -6.94
N ALA A 220 41.94 -42.65 -7.78
CA ALA A 220 43.06 -43.49 -7.36
C ALA A 220 43.85 -42.80 -6.26
N SER A 221 44.01 -43.48 -5.12
CA SER A 221 44.54 -42.79 -3.94
C SER A 221 45.87 -43.29 -3.42
N MET A 222 46.12 -44.61 -3.38
CA MET A 222 47.30 -45.13 -2.72
C MET A 222 48.06 -46.11 -3.60
N VAL A 223 49.39 -46.08 -3.50
CA VAL A 223 50.28 -46.95 -4.27
C VAL A 223 50.93 -47.94 -3.31
N ILE A 224 50.85 -49.22 -3.64
CA ILE A 224 51.48 -50.30 -2.87
C ILE A 224 52.61 -50.90 -3.70
N ALA A 225 53.81 -50.97 -3.12
CA ALA A 225 54.96 -51.59 -3.76
C ALA A 225 54.93 -53.08 -3.41
N VAL A 226 54.56 -53.90 -4.39
CA VAL A 226 54.39 -55.34 -4.16
C VAL A 226 55.76 -55.98 -4.13
N PRO A 227 55.99 -56.94 -3.22
CA PRO A 227 57.36 -57.49 -3.05
C PRO A 227 57.86 -58.36 -4.18
N GLU A 228 59.12 -58.82 -4.07
CA GLU A 228 59.77 -59.45 -5.21
C GLU A 228 59.07 -60.68 -5.75
N PRO A 229 58.40 -61.52 -4.96
CA PRO A 229 57.75 -62.69 -5.58
C PRO A 229 56.81 -62.31 -6.72
N PHE A 230 55.99 -61.27 -6.54
CA PHE A 230 55.12 -60.77 -7.59
C PHE A 230 55.73 -59.61 -8.36
N GLY A 231 56.23 -58.60 -7.65
CA GLY A 231 56.73 -57.39 -8.28
C GLY A 231 55.60 -56.47 -8.66
N GLY A 232 55.96 -55.30 -9.16
CA GLY A 232 54.95 -54.39 -9.63
C GLY A 232 54.31 -53.59 -8.51
N ALA A 233 53.08 -53.13 -8.76
CA ALA A 233 52.39 -52.26 -7.82
C ALA A 233 50.89 -52.54 -7.83
N ILE A 234 50.24 -52.20 -6.72
CA ILE A 234 48.79 -52.23 -6.58
C ILE A 234 48.30 -50.81 -6.36
N ILE A 235 47.21 -50.43 -7.03
CA ILE A 235 46.63 -49.10 -6.95
C ILE A 235 45.25 -49.24 -6.33
N ILE A 236 45.02 -48.52 -5.23
CA ILE A 236 43.76 -48.58 -4.48
C ILE A 236 42.95 -47.32 -4.81
N GLY A 237 41.69 -47.50 -5.17
CA GLY A 237 40.80 -46.38 -5.41
C GLY A 237 39.54 -46.36 -4.55
N GLN A 238 38.51 -45.67 -5.02
CA GLN A 238 37.21 -45.69 -4.35
C GLN A 238 36.39 -46.91 -4.75
N GLU A 239 36.45 -47.31 -6.02
CA GLU A 239 35.67 -48.45 -6.49
C GLU A 239 36.49 -49.66 -6.90
N SER A 240 37.77 -49.50 -7.26
CA SER A 240 38.52 -50.62 -7.81
C SER A 240 39.93 -50.70 -7.26
N ILE A 241 40.48 -51.92 -7.26
CA ILE A 241 41.87 -52.19 -6.92
C ILE A 241 42.50 -52.84 -8.15
N THR A 242 43.64 -52.31 -8.58
CA THR A 242 44.29 -52.77 -9.79
C THR A 242 45.75 -53.10 -9.52
N TYR A 243 46.25 -54.09 -10.24
CA TYR A 243 47.65 -54.48 -10.19
C TYR A 243 48.30 -54.19 -11.53
N HIS A 244 49.46 -53.55 -11.51
CA HIS A 244 50.18 -53.17 -12.70
C HIS A 244 51.60 -53.70 -12.64
N ASN A 245 52.06 -54.30 -13.74
CA ASN A 245 53.47 -54.66 -13.85
C ASN A 245 53.74 -54.97 -15.33
N GLY A 246 54.44 -54.05 -15.99
CA GLY A 246 54.70 -54.18 -17.40
C GLY A 246 53.47 -54.52 -18.22
N ASP A 247 53.42 -55.75 -18.72
CA ASP A 247 52.29 -56.21 -19.52
C ASP A 247 51.14 -56.78 -18.70
N LYS A 248 51.36 -57.12 -17.44
CA LYS A 248 50.30 -57.69 -16.61
C LYS A 248 49.36 -56.60 -16.10
N TYR A 249 48.06 -56.84 -16.19
CA TYR A 249 47.07 -55.91 -15.67
C TYR A 249 45.89 -56.68 -15.11
N LEU A 250 45.55 -56.42 -13.85
CA LEU A 250 44.37 -56.98 -13.21
C LEU A 250 43.52 -55.88 -12.61
N ALA A 251 42.22 -56.16 -12.47
CA ALA A 251 41.30 -55.23 -11.83
C ALA A 251 40.18 -56.00 -11.18
N ILE A 252 40.01 -55.79 -9.87
CA ILE A 252 38.87 -56.29 -9.11
C ILE A 252 38.11 -55.07 -8.60
N ALA A 253 36.78 -55.09 -8.72
CA ALA A 253 35.93 -53.97 -8.31
C ALA A 253 34.78 -54.54 -7.49
N PRO A 254 35.07 -55.06 -6.31
CA PRO A 254 34.01 -55.67 -5.49
C PRO A 254 33.11 -54.60 -4.91
N PRO A 255 31.79 -54.79 -4.94
CA PRO A 255 30.89 -53.72 -4.48
C PRO A 255 31.06 -53.33 -3.03
N ILE A 256 31.76 -54.12 -2.23
CA ILE A 256 31.78 -53.86 -0.79
C ILE A 256 32.62 -52.63 -0.48
N ILE A 257 33.69 -52.40 -1.25
CA ILE A 257 34.56 -51.28 -0.95
C ILE A 257 34.00 -49.94 -1.43
N LYS A 258 33.11 -49.94 -2.42
CA LYS A 258 32.52 -48.68 -2.89
C LYS A 258 31.82 -47.93 -1.76
N GLN A 259 31.39 -48.66 -0.73
CA GLN A 259 30.59 -48.06 0.33
C GLN A 259 31.37 -47.03 1.12
N SER A 260 32.61 -47.34 1.48
CA SER A 260 33.41 -46.44 2.29
C SER A 260 34.83 -46.29 1.76
N THR A 261 35.33 -45.05 1.83
CA THR A 261 36.66 -44.73 1.35
C THR A 261 37.72 -45.45 2.19
N ILE A 262 38.68 -46.06 1.52
CA ILE A 262 39.79 -46.77 2.16
C ILE A 262 40.95 -45.81 2.40
N VAL A 263 41.48 -45.79 3.63
CA VAL A 263 42.48 -44.82 4.00
C VAL A 263 43.86 -45.42 4.27
N CYS A 264 43.96 -46.69 4.65
CA CYS A 264 45.27 -47.23 5.03
C CYS A 264 45.47 -48.62 4.45
N HIS A 265 46.74 -48.99 4.33
CA HIS A 265 47.13 -50.31 3.85
C HIS A 265 48.41 -50.75 4.53
N ASN A 266 48.55 -52.07 4.69
CA ASN A 266 49.75 -52.64 5.27
C ASN A 266 49.97 -54.04 4.70
N ARG A 267 51.23 -54.45 4.64
CA ARG A 267 51.58 -55.77 4.15
C ARG A 267 51.58 -56.77 5.31
N VAL A 268 50.95 -57.92 5.08
CA VAL A 268 50.87 -58.95 6.11
C VAL A 268 51.99 -59.95 5.89
N ASP A 269 51.96 -60.62 4.74
CA ASP A 269 52.94 -61.64 4.42
C ASP A 269 54.09 -60.99 3.66
N PRO A 270 55.34 -61.13 4.12
CA PRO A 270 56.46 -60.49 3.39
C PRO A 270 56.52 -60.87 1.92
N ASN A 271 56.04 -62.05 1.53
CA ASN A 271 56.00 -62.39 0.11
C ASN A 271 55.02 -61.53 -0.67
N GLY A 272 54.13 -60.81 0.02
CA GLY A 272 53.16 -59.96 -0.62
C GLY A 272 51.85 -60.66 -0.93
N SER A 273 51.64 -61.87 -0.41
CA SER A 273 50.42 -62.61 -0.71
C SER A 273 49.21 -61.95 -0.09
N ARG A 274 49.37 -61.31 1.07
CA ARG A 274 48.24 -60.74 1.77
C ARG A 274 48.54 -59.34 2.29
N TYR A 275 47.54 -58.46 2.14
CA TYR A 275 47.59 -57.08 2.62
C TYR A 275 46.34 -56.78 3.44
N LEU A 276 46.46 -55.80 4.33
CA LEU A 276 45.34 -55.29 5.09
C LEU A 276 44.91 -53.96 4.51
N LEU A 277 43.59 -53.75 4.42
CA LEU A 277 43.01 -52.52 3.92
C LEU A 277 41.97 -52.04 4.94
N GLY A 278 41.91 -50.74 5.15
CA GLY A 278 40.96 -50.17 6.09
C GLY A 278 40.23 -48.97 5.52
N ASP A 279 38.98 -48.81 5.94
CA ASP A 279 38.11 -47.76 5.41
C ASP A 279 37.54 -46.93 6.55
N MET A 280 36.97 -45.77 6.17
CA MET A 280 36.60 -44.76 7.15
C MET A 280 35.49 -45.22 8.08
N GLU A 281 34.63 -46.13 7.63
CA GLU A 281 33.59 -46.64 8.52
C GLU A 281 34.11 -47.73 9.45
N GLY A 282 35.43 -47.96 9.42
CA GLY A 282 36.08 -48.88 10.32
C GLY A 282 36.23 -50.30 9.83
N ARG A 283 35.71 -50.63 8.65
CA ARG A 283 35.79 -52.01 8.18
C ARG A 283 37.23 -52.33 7.76
N LEU A 284 37.71 -53.48 8.23
CA LEU A 284 39.04 -53.98 7.94
C LEU A 284 38.93 -55.13 6.95
N PHE A 285 39.65 -55.02 5.85
CA PHE A 285 39.59 -56.00 4.77
C PHE A 285 40.95 -56.71 4.62
N MET A 286 40.90 -57.90 4.03
CA MET A 286 42.10 -58.62 3.63
C MET A 286 42.16 -58.65 2.11
N LEU A 287 43.24 -58.12 1.54
CA LEU A 287 43.48 -58.18 0.11
C LEU A 287 44.40 -59.36 -0.17
N LEU A 288 43.95 -60.29 -1.00
CA LEU A 288 44.66 -61.54 -1.23
C LEU A 288 45.21 -61.57 -2.66
N LEU A 289 46.49 -61.93 -2.78
CA LEU A 289 47.14 -62.11 -4.07
C LEU A 289 47.20 -63.60 -4.37
N GLU A 290 46.41 -64.05 -5.35
CA GLU A 290 46.30 -65.46 -5.68
C GLU A 290 47.38 -65.81 -6.72
N LYS A 291 48.34 -66.63 -6.30
CA LYS A 291 49.48 -66.99 -7.13
C LYS A 291 49.13 -68.09 -8.13
N GLU A 292 49.87 -68.09 -9.24
CA GLU A 292 49.84 -69.17 -10.23
C GLU A 292 51.28 -69.42 -10.70
N GLU A 293 51.81 -70.62 -10.47
CA GLU A 293 53.16 -70.92 -10.91
C GLU A 293 53.12 -71.67 -12.25
N GLN A 294 53.96 -71.21 -13.19
CA GLN A 294 54.06 -71.82 -14.52
C GLN A 294 55.15 -72.86 -14.52
N MET A 295 55.02 -73.85 -15.43
CA MET A 295 56.05 -74.88 -15.56
C MET A 295 57.42 -74.28 -15.80
N ASP A 296 57.46 -73.02 -16.26
CA ASP A 296 58.71 -72.27 -16.38
C ASP A 296 59.41 -72.15 -15.03
N GLY A 297 58.67 -72.27 -13.93
CA GLY A 297 59.17 -71.98 -12.62
C GLY A 297 58.92 -70.57 -12.13
N THR A 298 58.40 -69.70 -12.98
CA THR A 298 58.03 -68.34 -12.62
C THR A 298 56.61 -68.26 -12.08
N VAL A 299 56.43 -67.46 -11.04
CA VAL A 299 55.15 -67.28 -10.37
C VAL A 299 54.55 -65.98 -10.90
N THR A 300 53.29 -66.04 -11.34
CA THR A 300 52.57 -64.86 -11.82
C THR A 300 51.41 -64.57 -10.88
N LEU A 301 50.89 -63.34 -10.95
CA LEU A 301 49.71 -62.98 -10.18
C LEU A 301 48.48 -63.37 -10.98
N LYS A 302 47.70 -64.31 -10.43
CA LYS A 302 46.53 -64.85 -11.13
C LYS A 302 45.31 -63.95 -10.97
N ASP A 303 45.03 -63.52 -9.75
CA ASP A 303 43.81 -62.78 -9.48
C ASP A 303 43.94 -62.11 -8.12
N LEU A 304 43.06 -61.15 -7.88
CA LEU A 304 42.95 -60.46 -6.60
C LEU A 304 41.57 -60.75 -6.02
N ARG A 305 41.52 -60.85 -4.70
CA ARG A 305 40.30 -61.12 -3.95
C ARG A 305 40.29 -60.19 -2.74
N VAL A 306 39.11 -59.74 -2.35
CA VAL A 306 38.95 -58.92 -1.17
C VAL A 306 37.98 -59.61 -0.23
N GLU A 307 38.36 -59.73 1.03
CA GLU A 307 37.56 -60.41 2.04
C GLU A 307 37.41 -59.50 3.24
N LEU A 308 36.17 -59.33 3.72
CA LEU A 308 35.90 -58.52 4.89
C LEU A 308 36.17 -59.31 6.17
N LEU A 309 36.99 -58.75 7.05
CA LEU A 309 37.37 -59.39 8.30
C LEU A 309 36.52 -58.99 9.50
N GLY A 310 36.23 -57.70 9.62
CA GLY A 310 35.47 -57.21 10.77
C GLY A 310 35.56 -55.71 10.88
N GLU A 311 35.49 -55.21 12.11
CA GLU A 311 35.47 -53.78 12.36
C GLU A 311 36.50 -53.41 13.42
N THR A 312 37.21 -52.32 13.16
CA THR A 312 38.15 -51.72 14.09
C THR A 312 37.77 -50.25 14.27
N SER A 313 38.53 -49.54 15.10
CA SER A 313 38.40 -48.09 15.15
C SER A 313 38.93 -47.48 13.85
N ILE A 314 38.27 -46.40 13.42
CA ILE A 314 38.71 -45.71 12.21
C ILE A 314 40.22 -45.51 12.31
N ALA A 315 40.97 -46.03 11.35
CA ALA A 315 42.42 -46.15 11.51
C ALA A 315 43.14 -45.27 10.51
N GLU A 316 44.04 -44.42 11.02
CA GLU A 316 44.96 -43.68 10.17
C GLU A 316 46.09 -44.54 9.65
N CYS A 317 46.61 -45.45 10.48
CA CYS A 317 47.70 -46.32 10.07
C CYS A 317 47.47 -47.71 10.63
N LEU A 318 47.94 -48.72 9.89
CA LEU A 318 47.87 -50.12 10.30
C LEU A 318 49.25 -50.76 10.26
N THR A 319 49.49 -51.68 11.20
CA THR A 319 50.72 -52.45 11.25
C THR A 319 50.36 -53.88 11.64
N TYR A 320 50.97 -54.84 10.93
CA TYR A 320 50.60 -56.23 11.13
C TYR A 320 51.21 -56.86 12.38
N LEU A 321 52.34 -56.36 12.86
CA LEU A 321 52.97 -56.91 14.06
C LEU A 321 53.18 -58.41 13.84
N ASP A 322 52.88 -59.28 14.81
CA ASP A 322 53.12 -60.70 14.65
C ASP A 322 51.87 -61.48 15.09
N ASN A 323 51.77 -62.70 14.60
CA ASN A 323 50.67 -63.62 14.91
C ASN A 323 49.42 -62.93 14.35
N GLY A 324 48.31 -62.90 15.10
CA GLY A 324 47.13 -62.17 14.71
C GLY A 324 47.01 -60.80 15.30
N VAL A 325 48.01 -60.33 16.03
CA VAL A 325 47.90 -59.02 16.65
C VAL A 325 48.17 -57.98 15.57
N VAL A 326 47.26 -57.01 15.47
CA VAL A 326 47.35 -55.92 14.50
C VAL A 326 47.21 -54.64 15.31
N PHE A 327 48.07 -53.68 15.05
CA PHE A 327 47.94 -52.41 15.73
C PHE A 327 47.09 -51.47 14.87
N VAL A 328 45.98 -51.00 15.45
CA VAL A 328 45.07 -50.07 14.80
C VAL A 328 45.47 -48.69 15.33
N GLY A 329 46.14 -47.90 14.48
CA GLY A 329 46.50 -46.57 14.90
C GLY A 329 45.43 -45.58 14.50
N SER A 330 44.69 -45.07 15.47
CA SER A 330 43.52 -44.25 15.20
C SER A 330 43.79 -42.81 15.61
N ARG A 331 43.45 -41.89 14.73
CA ARG A 331 43.49 -40.45 15.00
C ARG A 331 42.14 -39.89 15.40
N LEU A 332 41.06 -40.52 14.95
CA LEU A 332 39.71 -40.08 15.28
C LEU A 332 39.13 -40.80 16.49
N GLY A 333 39.65 -41.99 16.80
CA GLY A 333 39.16 -42.75 17.93
C GLY A 333 40.28 -43.43 18.70
N ASP A 334 39.91 -44.33 19.62
CA ASP A 334 40.92 -45.03 20.41
C ASP A 334 41.71 -45.99 19.53
N SER A 335 43.03 -46.00 19.71
CA SER A 335 43.84 -47.00 19.04
C SER A 335 43.65 -48.36 19.70
N GLN A 336 44.00 -49.43 18.97
CA GLN A 336 43.65 -50.74 19.48
C GLN A 336 44.70 -51.77 19.08
N LEU A 337 44.71 -52.87 19.85
CA LEU A 337 45.29 -54.14 19.43
C LEU A 337 44.13 -55.11 19.21
N VAL A 338 44.08 -55.71 18.02
CA VAL A 338 43.01 -56.64 17.66
C VAL A 338 43.64 -57.91 17.13
N LYS A 339 42.93 -59.03 17.30
CA LYS A 339 43.42 -60.32 16.85
C LYS A 339 42.58 -60.82 15.67
N LEU A 340 43.29 -61.23 14.62
CA LEU A 340 42.66 -61.82 13.45
C LEU A 340 42.62 -63.33 13.62
N ASN A 341 41.40 -63.89 13.65
CA ASN A 341 41.22 -65.32 13.86
C ASN A 341 40.95 -65.99 12.53
N VAL A 342 41.36 -67.25 12.42
CA VAL A 342 41.10 -68.01 11.21
C VAL A 342 39.61 -68.36 11.10
N ASP A 343 38.99 -68.69 12.23
CA ASP A 343 37.57 -69.00 12.30
C ASP A 343 36.82 -67.76 12.74
N SER A 344 35.70 -67.49 12.07
CA SER A 344 34.84 -66.39 12.46
C SER A 344 34.07 -66.72 13.73
N ASN A 345 33.64 -65.68 14.44
CA ASN A 345 32.81 -65.89 15.62
C ASN A 345 31.36 -66.05 15.16
N GLU A 346 30.44 -66.18 16.10
CA GLU A 346 29.06 -66.47 15.72
C GLU A 346 28.38 -65.31 15.02
N GLN A 347 28.97 -64.11 15.02
CA GLN A 347 28.42 -62.97 14.32
C GLN A 347 28.99 -62.83 12.91
N GLY A 348 29.95 -63.67 12.54
CA GLY A 348 30.59 -63.60 11.26
C GLY A 348 31.89 -62.81 11.23
N SER A 349 32.37 -62.35 12.37
CA SER A 349 33.57 -61.52 12.42
C SER A 349 34.80 -62.35 12.72
N TYR A 350 35.92 -61.99 12.09
CA TYR A 350 37.21 -62.59 12.38
C TYR A 350 38.07 -61.71 13.28
N VAL A 351 37.56 -60.57 13.73
CA VAL A 351 38.33 -59.59 14.48
C VAL A 351 37.77 -59.51 15.89
N VAL A 352 38.64 -59.64 16.89
CA VAL A 352 38.25 -59.55 18.29
C VAL A 352 39.24 -58.61 18.97
N ALA A 353 38.71 -57.59 19.65
CA ALA A 353 39.55 -56.60 20.30
C ALA A 353 40.28 -57.19 21.49
N MET A 354 41.55 -56.82 21.62
CA MET A 354 42.39 -57.23 22.74
C MET A 354 42.58 -56.11 23.76
N GLU A 355 43.12 -54.98 23.31
CA GLU A 355 43.44 -53.85 24.17
C GLU A 355 42.93 -52.55 23.55
N THR A 356 42.64 -51.59 24.42
CA THR A 356 42.12 -50.30 24.00
C THR A 356 43.02 -49.21 24.57
N PHE A 357 43.59 -48.40 23.70
CA PHE A 357 44.50 -47.31 24.07
C PHE A 357 43.76 -45.99 23.95
N THR A 358 43.70 -45.25 25.05
CA THR A 358 42.92 -44.02 25.06
C THR A 358 43.46 -42.99 24.06
N ASN A 359 42.55 -42.45 23.25
CA ASN A 359 42.84 -41.33 22.36
C ASN A 359 41.76 -40.28 22.59
N LEU A 360 42.15 -39.12 23.12
CA LEU A 360 41.16 -38.06 23.32
C LEU A 360 40.62 -37.54 21.98
N GLY A 361 41.13 -38.06 20.87
CA GLY A 361 40.61 -37.75 19.56
C GLY A 361 40.62 -36.26 19.30
N PRO A 362 39.98 -35.82 18.21
CA PRO A 362 39.77 -34.38 18.04
C PRO A 362 38.89 -33.84 19.17
N ILE A 363 39.39 -32.82 19.87
CA ILE A 363 38.61 -32.17 20.92
C ILE A 363 37.92 -30.97 20.26
N VAL A 364 36.67 -31.17 19.85
CA VAL A 364 35.98 -30.10 19.12
C VAL A 364 35.58 -28.98 20.07
N ASP A 365 35.10 -29.31 21.27
CA ASP A 365 34.73 -28.34 22.28
C ASP A 365 34.94 -29.00 23.64
N MET A 366 34.91 -28.18 24.69
CA MET A 366 35.01 -28.71 26.04
C MET A 366 34.52 -27.67 27.05
N CYS A 367 34.15 -28.16 28.24
CA CYS A 367 33.74 -27.31 29.34
C CYS A 367 34.35 -27.85 30.63
N VAL A 368 34.61 -26.95 31.57
CA VAL A 368 35.16 -27.31 32.88
C VAL A 368 34.02 -27.21 33.88
N VAL A 369 33.73 -28.30 34.58
CA VAL A 369 32.60 -28.39 35.50
C VAL A 369 33.03 -29.15 36.74
N ASP A 370 32.61 -28.65 37.91
CA ASP A 370 32.85 -29.34 39.19
C ASP A 370 31.67 -30.27 39.47
N LEU A 371 31.73 -31.46 38.89
CA LEU A 371 30.61 -32.40 39.01
C LEU A 371 30.51 -33.02 40.40
N GLU A 372 31.63 -33.45 40.97
CA GLU A 372 31.66 -34.16 42.24
C GLU A 372 31.72 -33.24 43.47
N ARG A 373 31.44 -31.95 43.29
CA ARG A 373 31.43 -30.94 44.35
C ARG A 373 32.78 -30.77 45.04
N GLN A 374 33.87 -31.11 44.37
CA GLN A 374 35.20 -30.96 44.93
C GLN A 374 35.70 -29.53 44.77
N GLY A 375 37.01 -29.34 44.86
CA GLY A 375 37.66 -28.06 44.68
C GLY A 375 38.22 -27.89 43.28
N GLN A 376 38.17 -28.95 42.49
CA GLN A 376 38.71 -28.98 41.15
C GLN A 376 37.62 -29.08 40.10
N GLY A 377 37.93 -28.56 38.92
CA GLY A 377 37.06 -28.74 37.79
C GLY A 377 37.36 -30.05 37.08
N GLN A 378 36.32 -30.67 36.54
CA GLN A 378 36.47 -31.83 35.68
C GLN A 378 36.22 -31.38 34.25
N LEU A 379 37.03 -31.87 33.33
CA LEU A 379 37.00 -31.42 31.95
C LEU A 379 36.20 -32.46 31.16
N VAL A 380 35.04 -32.04 30.66
CA VAL A 380 34.20 -32.86 29.80
C VAL A 380 34.48 -32.38 28.39
N THR A 381 35.00 -33.26 27.54
CA THR A 381 35.47 -32.88 26.21
C THR A 381 34.60 -33.54 25.16
N CYS A 382 34.33 -32.81 24.08
CA CYS A 382 33.70 -33.37 22.90
C CYS A 382 34.81 -33.98 22.05
N SER A 383 34.93 -35.30 22.09
CA SER A 383 36.07 -35.98 21.51
C SER A 383 35.63 -37.02 20.48
N GLY A 384 36.46 -37.19 19.46
CA GLY A 384 36.21 -38.18 18.44
C GLY A 384 35.28 -37.69 17.35
N ALA A 385 35.11 -38.57 16.36
CA ALA A 385 34.22 -38.27 15.24
C ALA A 385 33.59 -39.57 14.73
N PHE A 386 32.41 -39.42 14.12
CA PHE A 386 31.69 -40.52 13.46
C PHE A 386 31.42 -41.61 14.50
N LYS A 387 31.72 -42.88 14.21
CA LYS A 387 31.39 -43.93 15.16
C LYS A 387 32.25 -43.88 16.41
N GLU A 388 33.34 -43.10 16.39
CA GLU A 388 34.21 -42.94 17.54
C GLU A 388 33.82 -41.77 18.44
N GLY A 389 32.78 -41.02 18.08
CA GLY A 389 32.36 -39.89 18.88
C GLY A 389 32.12 -40.28 20.33
N SER A 390 32.70 -39.53 21.25
CA SER A 390 32.60 -39.85 22.66
C SER A 390 32.67 -38.56 23.47
N LEU A 391 32.15 -38.65 24.70
CA LEU A 391 32.34 -37.62 25.70
C LEU A 391 33.31 -38.16 26.74
N ARG A 392 34.35 -37.38 27.06
CA ARG A 392 35.40 -37.84 27.95
C ARG A 392 35.43 -36.95 29.19
N ILE A 393 35.28 -37.56 30.35
CA ILE A 393 35.36 -36.86 31.63
C ILE A 393 36.75 -37.09 32.21
N ILE A 394 37.45 -35.98 32.44
CA ILE A 394 38.86 -36.00 32.83
C ILE A 394 38.99 -35.31 34.19
N ARG A 395 39.62 -35.99 35.14
CA ARG A 395 39.85 -35.47 36.48
C ARG A 395 41.28 -35.77 36.86
N ASN A 396 41.90 -34.88 37.63
CA ASN A 396 43.27 -35.12 38.09
C ASN A 396 43.33 -36.06 39.29
N GLY A 397 44.25 -37.02 39.20
CA GLY A 397 44.42 -38.05 40.20
C GLY A 397 45.83 -38.08 40.75
N GLN A 408 50.37 -40.36 40.17
CA GLN A 408 50.21 -39.15 39.37
C GLN A 408 49.84 -39.50 37.92
N LYS A 409 48.55 -39.40 37.61
CA LYS A 409 48.03 -39.67 36.27
C LYS A 409 46.66 -39.01 36.21
N LEU A 410 46.14 -38.87 34.99
CA LEU A 410 44.82 -38.28 34.79
C LEU A 410 43.81 -39.41 34.64
N HIS A 411 42.71 -39.31 35.39
CA HIS A 411 41.63 -40.28 35.29
C HIS A 411 40.63 -39.85 34.24
N ILE A 412 40.36 -40.71 33.26
CA ILE A 412 39.52 -40.39 32.12
C ILE A 412 38.40 -41.41 32.03
N ARG A 413 37.16 -40.92 31.97
CA ARG A 413 35.98 -41.74 31.75
C ARG A 413 35.46 -41.49 30.34
N THR A 414 35.10 -42.57 29.64
CA THR A 414 34.68 -42.49 28.25
C THR A 414 33.19 -42.75 28.13
N VAL A 415 32.50 -41.86 27.43
CA VAL A 415 31.06 -41.96 27.18
C VAL A 415 30.84 -42.07 25.68
N PRO A 416 30.63 -43.29 25.16
CA PRO A 416 30.48 -43.44 23.69
C PRO A 416 29.17 -42.85 23.18
N LEU A 417 29.28 -42.10 22.08
CA LEU A 417 28.13 -41.53 21.39
C LEU A 417 27.86 -42.13 20.00
N TYR A 418 28.89 -42.65 19.32
CA TYR A 418 28.77 -43.25 18.00
C TYR A 418 28.29 -42.26 16.95
N GLU A 419 28.32 -40.96 17.26
CA GLU A 419 28.07 -39.90 16.30
C GLU A 419 28.97 -38.73 16.69
N SER A 420 29.10 -37.76 15.79
CA SER A 420 30.08 -36.70 15.99
C SER A 420 29.59 -35.66 17.00
N PRO A 421 30.32 -35.42 18.10
CA PRO A 421 29.97 -34.31 18.98
C PRO A 421 30.56 -33.02 18.46
N ARG A 422 29.83 -31.93 18.69
CA ARG A 422 30.23 -30.65 18.12
C ARG A 422 30.45 -29.55 19.16
N LYS A 423 29.50 -29.36 20.07
CA LYS A 423 29.63 -28.35 21.12
C LYS A 423 29.03 -28.90 22.41
N ILE A 424 29.59 -28.48 23.54
CA ILE A 424 29.07 -28.90 24.85
C ILE A 424 28.99 -27.69 25.77
N CYS A 425 27.89 -27.65 26.55
CA CYS A 425 27.66 -26.64 27.59
C CYS A 425 26.97 -27.31 28.76
N TYR A 426 27.14 -26.73 29.96
CA TYR A 426 26.59 -27.30 31.19
C TYR A 426 25.49 -26.42 31.77
N GLN A 427 24.36 -27.05 32.12
CA GLN A 427 23.21 -26.41 32.78
C GLN A 427 23.08 -27.04 34.16
N GLU A 428 23.53 -26.31 35.20
CA GLU A 428 23.48 -26.88 36.54
C GLU A 428 22.05 -27.01 37.03
N VAL A 429 21.20 -26.03 36.73
CA VAL A 429 19.82 -26.05 37.20
C VAL A 429 19.17 -27.38 36.84
N SER A 430 19.55 -27.97 35.70
CA SER A 430 18.95 -29.20 35.21
C SER A 430 19.78 -30.43 35.51
N GLN A 431 20.90 -30.29 36.21
CA GLN A 431 21.80 -31.41 36.51
C GLN A 431 22.10 -32.21 35.24
N CYS A 432 22.30 -31.50 34.12
CA CYS A 432 22.51 -32.17 32.84
C CYS A 432 23.47 -31.36 31.97
N PHE A 433 23.95 -32.02 30.90
CA PHE A 433 24.80 -31.42 29.89
C PHE A 433 24.03 -31.31 28.58
N GLY A 434 24.22 -30.20 27.86
CA GLY A 434 23.69 -30.05 26.52
C GLY A 434 24.78 -30.22 25.49
N VAL A 435 24.57 -31.15 24.55
CA VAL A 435 25.57 -31.47 23.55
C VAL A 435 24.96 -31.44 22.15
N LEU A 436 25.64 -30.74 21.25
CA LEU A 436 25.28 -30.74 19.84
C LEU A 436 26.03 -31.86 19.13
N SER A 437 25.32 -32.61 18.30
CA SER A 437 25.90 -33.77 17.63
C SER A 437 25.36 -33.85 16.21
N SER A 438 26.12 -34.51 15.34
CA SER A 438 25.70 -34.76 13.97
C SER A 438 26.03 -36.21 13.63
N ARG A 439 25.08 -36.89 12.99
CA ARG A 439 25.25 -38.26 12.54
C ARG A 439 25.05 -38.33 11.03
N ILE A 440 25.72 -39.29 10.40
CA ILE A 440 25.68 -39.46 8.96
C ILE A 440 24.58 -40.44 8.60
N GLU A 441 23.65 -40.00 7.76
CA GLU A 441 22.67 -40.87 7.12
C GLU A 441 22.93 -40.83 5.61
N VAL A 442 22.38 -41.79 4.88
CA VAL A 442 22.63 -41.91 3.45
C VAL A 442 21.30 -41.94 2.71
N GLN A 443 21.23 -41.26 1.57
CA GLN A 443 20.00 -41.25 0.78
C GLN A 443 19.67 -42.68 0.37
N ASP A 444 18.47 -43.15 0.69
CA ASP A 444 18.08 -44.53 0.47
C ASP A 444 16.91 -44.58 -0.51
N THR A 445 16.51 -45.79 -0.86
CA THR A 445 15.52 -45.98 -1.92
C THR A 445 14.14 -45.42 -1.56
N SER A 446 13.89 -45.13 -0.29
CA SER A 446 12.59 -44.58 0.07
C SER A 446 12.44 -43.12 -0.34
N GLY A 447 13.55 -42.44 -0.62
CA GLY A 447 13.59 -41.01 -0.79
C GLY A 447 14.11 -40.28 0.44
N GLY A 448 13.97 -40.89 1.60
CA GLY A 448 14.56 -40.38 2.82
C GLY A 448 15.99 -40.84 3.00
N THR A 449 16.42 -40.94 4.25
CA THR A 449 17.77 -41.37 4.56
C THR A 449 17.74 -42.41 5.68
N THR A 450 18.83 -43.19 5.75
CA THR A 450 18.96 -44.28 6.70
C THR A 450 20.32 -44.18 7.36
N ALA A 451 20.35 -44.29 8.69
CA ALA A 451 21.59 -44.21 9.44
C ALA A 451 22.36 -45.51 9.38
N LEU A 452 23.69 -45.39 9.27
CA LEU A 452 24.55 -46.55 9.13
C LEU A 452 24.62 -47.38 10.41
N ARG A 453 24.28 -46.80 11.54
CA ARG A 453 24.32 -47.45 12.84
C ARG A 453 23.52 -46.62 13.84
N PRO A 454 22.97 -47.24 14.89
CA PRO A 454 22.32 -46.45 15.94
C PRO A 454 23.35 -45.64 16.72
N SER A 455 22.91 -44.49 17.24
CA SER A 455 23.82 -43.60 17.94
C SER A 455 23.03 -42.75 18.94
N ALA A 456 23.76 -41.88 19.64
CA ALA A 456 23.18 -41.16 20.78
C ALA A 456 21.86 -40.47 20.42
N SER A 457 21.80 -39.85 19.25
CA SER A 457 20.60 -39.11 18.88
C SER A 457 19.41 -40.01 18.60
N THR A 458 19.66 -41.29 18.29
CA THR A 458 18.60 -42.26 18.04
C THR A 458 18.27 -43.12 19.26
N GLN A 459 19.15 -43.15 20.26
CA GLN A 459 18.94 -43.96 21.46
C GLN A 459 18.57 -43.12 22.67
N ALA A 460 18.07 -41.91 22.45
CA ALA A 460 17.61 -41.06 23.55
C ALA A 460 16.35 -41.63 24.16
N LEU A 461 16.15 -41.38 25.47
CA LEU A 461 14.95 -41.86 26.13
C LEU A 461 13.69 -41.26 25.51
N SER A 462 13.60 -39.93 25.49
CA SER A 462 12.55 -39.18 24.81
C SER A 462 13.18 -38.38 23.67
N SER A 463 12.38 -38.06 22.66
CA SER A 463 12.89 -37.38 21.49
C SER A 463 11.89 -36.38 20.93
N SER A 464 12.40 -35.47 20.10
CA SER A 464 11.59 -34.44 19.46
C SER A 464 12.26 -34.00 18.17
N VAL A 465 11.46 -33.44 17.26
CA VAL A 465 11.94 -32.95 15.97
C VAL A 465 11.39 -31.55 15.73
N SER A 466 12.22 -30.68 15.18
CA SER A 466 11.77 -29.31 14.93
C SER A 466 10.66 -29.32 13.87
N SER A 467 9.59 -28.60 14.14
CA SER A 467 8.50 -28.41 13.20
C SER A 467 8.47 -26.98 12.66
N SER A 468 9.56 -26.24 12.80
CA SER A 468 9.59 -24.84 12.44
C SER A 468 9.18 -24.64 10.99
N LYS A 469 8.47 -23.56 10.75
CA LYS A 469 7.97 -23.24 9.42
C LYS A 469 8.74 -22.06 8.81
N LEU A 470 9.85 -21.66 9.42
CA LEU A 470 10.53 -20.44 9.02
C LEU A 470 10.97 -20.48 7.56
N PHE A 471 11.69 -21.53 7.17
CA PHE A 471 12.16 -21.74 5.81
C PHE A 471 11.25 -22.61 4.97
N SER A 472 10.14 -23.07 5.52
CA SER A 472 9.22 -23.95 4.81
C SER A 472 8.75 -23.43 3.46
N SER A 473 8.85 -22.12 3.19
CA SER A 473 8.37 -21.64 1.90
C SER A 473 9.21 -22.20 0.76
N SER A 474 10.49 -22.44 1.01
CA SER A 474 11.39 -23.05 0.05
C SER A 474 11.24 -22.53 -1.37
N THR A 475 10.82 -23.41 -2.30
CA THR A 475 10.74 -23.13 -3.75
C THR A 475 12.15 -23.15 -4.33
N ALA A 476 13.13 -23.60 -3.52
CA ALA A 476 14.54 -23.77 -3.92
C ALA A 476 14.84 -25.25 -4.08
N PRO A 477 15.16 -25.76 -5.28
CA PRO A 477 15.29 -27.21 -5.47
C PRO A 477 16.67 -27.74 -5.08
N HIS A 478 16.69 -28.83 -4.32
CA HIS A 478 17.94 -29.50 -3.96
C HIS A 478 17.76 -30.99 -4.27
N GLU A 479 18.28 -31.44 -5.41
CA GLU A 479 18.12 -32.84 -5.81
C GLU A 479 19.01 -33.80 -5.04
N THR A 480 18.47 -35.01 -4.84
CA THR A 480 19.12 -36.07 -4.08
C THR A 480 19.38 -37.27 -4.96
N SER A 481 20.58 -37.84 -4.85
CA SER A 481 20.95 -39.07 -5.54
C SER A 481 21.15 -40.16 -4.49
N PHE A 482 20.68 -41.36 -4.78
CA PHE A 482 20.82 -42.47 -3.84
C PHE A 482 22.30 -42.69 -3.52
N GLY A 483 22.60 -42.86 -2.25
CA GLY A 483 23.95 -43.14 -1.80
C GLY A 483 24.72 -41.93 -1.28
N GLU A 484 24.24 -40.72 -1.53
CA GLU A 484 24.91 -39.53 -1.03
C GLU A 484 24.73 -39.40 0.47
N GLU A 485 25.73 -38.82 1.13
CA GLU A 485 25.68 -38.62 2.57
C GLU A 485 25.04 -37.29 2.93
N VAL A 486 24.44 -37.26 4.13
CA VAL A 486 23.91 -36.04 4.71
C VAL A 486 24.26 -36.04 6.20
N GLU A 487 24.37 -34.85 6.78
CA GLU A 487 24.52 -34.72 8.22
C GLU A 487 23.17 -34.41 8.86
N VAL A 488 22.86 -35.10 9.95
CA VAL A 488 21.66 -34.85 10.73
C VAL A 488 22.11 -34.37 12.09
N HIS A 489 21.70 -33.15 12.45
CA HIS A 489 22.18 -32.48 13.65
C HIS A 489 21.15 -32.56 14.77
N ASN A 490 21.64 -32.72 15.99
CA ASN A 490 20.76 -32.89 17.14
C ASN A 490 21.31 -32.10 18.31
N LEU A 491 20.43 -31.82 19.26
CA LEU A 491 20.79 -31.34 20.59
C LEU A 491 20.52 -32.48 21.56
N LEU A 492 21.55 -32.88 22.31
CA LEU A 492 21.44 -33.98 23.25
C LEU A 492 21.45 -33.46 24.67
N ILE A 493 20.46 -33.88 25.45
CA ILE A 493 20.42 -33.63 26.89
C ILE A 493 20.95 -34.88 27.58
N ILE A 494 22.03 -34.72 28.34
CA ILE A 494 22.79 -35.83 28.93
C ILE A 494 22.94 -35.61 30.44
N ASP A 495 22.60 -36.62 31.22
CA ASP A 495 22.64 -36.52 32.67
C ASP A 495 24.07 -36.43 33.18
N GLN A 496 24.30 -35.58 34.18
CA GLN A 496 25.65 -35.31 34.63
C GLN A 496 26.23 -36.43 35.49
N HIS A 497 25.40 -37.30 36.05
CA HIS A 497 25.90 -38.40 36.87
C HIS A 497 25.95 -39.71 36.08
N THR A 498 24.85 -40.08 35.43
CA THR A 498 24.81 -41.31 34.64
C THR A 498 25.41 -41.11 33.25
N PHE A 499 25.36 -39.89 32.71
CA PHE A 499 25.77 -39.63 31.34
C PHE A 499 24.93 -40.47 30.38
N GLU A 500 23.64 -40.54 30.68
CA GLU A 500 22.65 -41.22 29.87
C GLU A 500 21.96 -40.17 29.03
N VAL A 501 21.69 -40.49 27.77
CA VAL A 501 21.03 -39.54 26.90
C VAL A 501 19.56 -39.48 27.29
N LEU A 502 19.15 -38.36 27.88
CA LEU A 502 17.79 -38.19 28.35
C LEU A 502 16.85 -37.74 27.25
N HIS A 503 17.34 -36.90 26.34
CA HIS A 503 16.51 -36.35 25.28
C HIS A 503 17.40 -36.02 24.09
N ALA A 504 16.84 -36.18 22.90
CA ALA A 504 17.51 -35.78 21.67
C ALA A 504 16.52 -34.97 20.85
N HIS A 505 16.94 -33.78 20.41
CA HIS A 505 16.14 -32.94 19.55
C HIS A 505 16.83 -32.89 18.20
N GLN A 506 16.11 -33.27 17.15
CA GLN A 506 16.65 -33.28 15.80
C GLN A 506 16.28 -31.99 15.09
N PHE A 507 17.27 -31.33 14.51
CA PHE A 507 17.06 -30.08 13.82
C PHE A 507 16.59 -30.33 12.39
N LEU A 508 16.23 -29.23 11.72
CA LEU A 508 15.61 -29.31 10.40
C LEU A 508 16.54 -29.99 9.40
N GLN A 509 15.96 -30.51 8.32
CA GLN A 509 16.74 -31.08 7.24
C GLN A 509 17.66 -30.00 6.68
N ASN A 510 18.95 -30.32 6.58
CA ASN A 510 20.00 -29.42 6.09
C ASN A 510 20.31 -28.29 7.06
N GLU A 511 19.89 -28.36 8.31
CA GLU A 511 20.19 -27.35 9.31
C GLU A 511 21.36 -27.85 10.14
N TYR A 512 22.41 -27.03 10.23
CA TYR A 512 23.56 -27.38 11.04
C TYR A 512 23.51 -26.63 12.37
N ALA A 513 23.85 -27.34 13.44
CA ALA A 513 23.97 -26.74 14.77
C ALA A 513 25.42 -26.35 14.97
N LEU A 514 25.66 -25.05 15.14
CA LEU A 514 27.01 -24.51 15.22
C LEU A 514 27.37 -23.94 16.59
N SER A 515 26.38 -23.47 17.37
CA SER A 515 26.64 -22.78 18.62
C SER A 515 25.64 -23.20 19.69
N LEU A 516 26.09 -23.19 20.94
CA LEU A 516 25.26 -23.61 22.06
C LEU A 516 25.63 -22.85 23.32
N VAL A 517 24.61 -22.36 24.03
CA VAL A 517 24.80 -21.72 25.32
C VAL A 517 23.67 -22.12 26.27
N SER A 518 23.97 -22.11 27.57
CA SER A 518 23.00 -22.30 28.64
C SER A 518 23.04 -21.09 29.54
N CYS A 519 21.92 -20.37 29.64
CA CYS A 519 21.90 -19.13 30.40
C CYS A 519 20.49 -18.67 30.70
N LYS A 520 20.37 -17.70 31.61
CA LYS A 520 19.15 -16.94 31.84
C LYS A 520 19.26 -15.60 31.14
N LEU A 521 18.13 -15.09 30.64
CA LEU A 521 18.14 -13.81 29.94
C LEU A 521 17.16 -12.84 30.59
N GLY A 522 17.53 -11.56 30.55
CA GLY A 522 16.65 -10.49 31.00
C GLY A 522 16.12 -10.71 32.41
N LYS A 523 14.83 -10.46 32.56
CA LYS A 523 14.10 -10.69 33.80
C LYS A 523 13.42 -12.06 33.81
N ASP A 524 13.81 -12.95 32.89
CA ASP A 524 13.22 -14.27 32.78
C ASP A 524 13.94 -15.22 33.73
N PRO A 525 13.26 -15.80 34.73
CA PRO A 525 13.94 -16.68 35.69
C PRO A 525 14.29 -18.05 35.16
N ASN A 526 13.75 -18.47 34.01
CA ASN A 526 13.99 -19.80 33.47
C ASN A 526 15.38 -19.90 32.86
N THR A 527 16.02 -21.05 33.07
CA THR A 527 17.31 -21.33 32.46
C THR A 527 17.09 -22.09 31.16
N TYR A 528 17.64 -21.58 30.06
CA TYR A 528 17.36 -22.12 28.74
C TYR A 528 18.61 -22.71 28.09
N PHE A 529 18.38 -23.61 27.13
CA PHE A 529 19.38 -24.03 26.17
C PHE A 529 19.13 -23.25 24.89
N ILE A 530 20.13 -22.52 24.39
CA ILE A 530 19.98 -21.72 23.17
C ILE A 530 20.97 -22.20 22.13
N VAL A 531 20.47 -22.48 20.94
CA VAL A 531 21.24 -23.04 19.84
C VAL A 531 21.19 -22.10 18.65
N GLY A 532 22.34 -21.89 18.02
CA GLY A 532 22.42 -21.12 16.78
C GLY A 532 22.78 -22.04 15.62
N THR A 533 22.05 -21.88 14.51
CA THR A 533 22.13 -22.82 13.40
C THR A 533 22.38 -22.08 12.09
N ALA A 534 22.64 -22.87 11.04
CA ALA A 534 22.82 -22.37 9.69
C ALA A 534 22.16 -23.34 8.72
N MET A 535 21.46 -22.81 7.72
CA MET A 535 20.89 -23.62 6.64
C MET A 535 21.97 -23.83 5.60
N VAL A 536 22.41 -25.08 5.47
CA VAL A 536 23.59 -25.44 4.68
C VAL A 536 23.08 -26.20 3.46
N TYR A 537 23.22 -25.59 2.29
CA TYR A 537 22.92 -26.25 1.04
C TYR A 537 24.19 -26.34 0.19
N PRO A 538 24.45 -27.48 -0.45
CA PRO A 538 25.71 -27.63 -1.19
C PRO A 538 25.96 -26.49 -2.17
N GLU A 539 24.90 -25.87 -2.66
CA GLU A 539 25.03 -24.83 -3.68
C GLU A 539 25.63 -23.55 -3.11
N GLU A 540 25.46 -23.32 -1.81
CA GLU A 540 25.82 -22.03 -1.22
C GLU A 540 27.30 -21.95 -0.85
N ALA A 541 27.93 -20.85 -1.26
CA ALA A 541 29.29 -20.58 -0.82
C ALA A 541 29.33 -20.20 0.67
N GLU A 542 28.33 -19.44 1.14
CA GLU A 542 28.25 -18.98 2.51
C GLU A 542 26.78 -19.09 2.89
N PRO A 543 26.45 -19.66 4.05
CA PRO A 543 25.04 -19.84 4.39
C PRO A 543 24.31 -18.51 4.46
N LYS A 544 23.07 -18.48 3.96
CA LYS A 544 22.29 -17.26 3.94
C LYS A 544 21.00 -17.33 4.77
N GLN A 545 20.77 -18.42 5.47
CA GLN A 545 19.63 -18.58 6.36
C GLN A 545 20.09 -19.22 7.65
N GLY A 546 19.38 -18.94 8.72
CA GLY A 546 19.77 -19.49 10.02
C GLY A 546 18.74 -19.20 11.09
N ARG A 547 18.91 -19.88 12.22
CA ARG A 547 18.00 -19.76 13.34
C ARG A 547 18.77 -19.57 14.64
N ILE A 548 18.17 -18.84 15.57
CA ILE A 548 18.51 -18.89 16.99
C ILE A 548 17.31 -19.47 17.70
N VAL A 549 17.48 -20.60 18.35
CA VAL A 549 16.36 -21.33 18.94
C VAL A 549 16.55 -21.37 20.45
N VAL A 550 15.50 -21.03 21.17
CA VAL A 550 15.50 -21.08 22.63
C VAL A 550 14.71 -22.32 23.04
N PHE A 551 15.35 -23.18 23.81
CA PHE A 551 14.74 -24.40 24.31
C PHE A 551 14.68 -24.32 25.82
N GLN A 552 13.71 -24.99 26.42
CA GLN A 552 13.71 -25.19 27.86
C GLN A 552 13.64 -26.68 28.13
N TYR A 553 14.63 -27.17 28.87
CA TYR A 553 14.61 -28.56 29.34
C TYR A 553 13.88 -28.58 30.67
N SER A 554 12.70 -29.21 30.68
CA SER A 554 11.86 -29.25 31.87
C SER A 554 11.14 -30.58 31.93
N ASP A 555 11.28 -31.27 33.07
CA ASP A 555 10.56 -32.52 33.33
C ASP A 555 10.76 -33.53 32.20
N GLY A 556 12.00 -33.76 31.83
CA GLY A 556 12.31 -34.81 30.89
C GLY A 556 11.99 -34.49 29.45
N LYS A 557 11.46 -33.30 29.18
CA LYS A 557 11.11 -32.91 27.83
C LYS A 557 11.71 -31.56 27.51
N LEU A 558 12.20 -31.42 26.27
CA LEU A 558 12.71 -30.15 25.79
C LEU A 558 11.57 -29.43 25.08
N GLN A 559 11.32 -28.19 25.50
CA GLN A 559 10.24 -27.39 24.93
C GLN A 559 10.85 -26.31 24.08
N THR A 560 10.23 -25.99 22.95
CA THR A 560 10.71 -24.90 22.12
C THR A 560 10.03 -23.62 22.58
N VAL A 561 10.83 -22.68 23.11
CA VAL A 561 10.31 -21.45 23.71
C VAL A 561 10.15 -20.33 22.69
N ALA A 562 11.12 -20.15 21.79
CA ALA A 562 11.07 -19.04 20.85
C ALA A 562 12.11 -19.32 19.77
N GLU A 563 11.85 -18.77 18.59
CA GLU A 563 12.82 -18.85 17.50
C GLU A 563 12.96 -17.49 16.84
N LYS A 564 14.20 -17.18 16.44
CA LYS A 564 14.54 -15.93 15.76
C LYS A 564 15.22 -16.28 14.45
N GLU A 565 14.65 -15.83 13.33
CA GLU A 565 15.26 -16.07 12.03
C GLU A 565 16.38 -15.06 11.81
N VAL A 566 17.49 -15.53 11.24
CA VAL A 566 18.62 -14.68 10.89
C VAL A 566 19.00 -14.96 9.45
N LYS A 567 19.74 -14.03 8.87
CA LYS A 567 20.14 -14.11 7.46
C LYS A 567 21.58 -14.59 7.31
N GLY A 568 21.92 -15.68 7.98
CA GLY A 568 23.26 -16.21 7.93
C GLY A 568 23.42 -17.34 8.92
N ALA A 569 24.68 -17.71 9.14
CA ALA A 569 25.05 -18.78 10.07
C ALA A 569 25.41 -18.19 11.43
N VAL A 570 24.82 -18.75 12.50
CA VAL A 570 25.11 -18.29 13.87
C VAL A 570 26.33 -19.08 14.33
N TYR A 571 27.50 -18.60 13.95
CA TYR A 571 28.71 -19.36 14.26
C TYR A 571 29.00 -19.40 15.77
N SER A 572 28.80 -18.29 16.48
CA SER A 572 29.14 -18.20 17.89
C SER A 572 28.11 -17.38 18.66
N MET A 573 27.83 -17.81 19.88
CA MET A 573 26.94 -17.11 20.80
C MET A 573 27.54 -17.12 22.19
N VAL A 574 27.24 -16.09 22.98
CA VAL A 574 27.73 -16.01 24.35
C VAL A 574 26.79 -15.11 25.15
N GLU A 575 26.59 -15.48 26.42
CA GLU A 575 25.75 -14.68 27.31
C GLU A 575 26.48 -13.39 27.68
N PHE A 576 25.76 -12.27 27.60
CA PHE A 576 26.34 -10.94 27.79
C PHE A 576 25.42 -10.14 28.70
N ASN A 577 25.65 -10.23 30.00
CA ASN A 577 24.98 -9.38 30.97
C ASN A 577 23.46 -9.41 30.76
N GLY A 578 22.92 -10.62 30.73
CA GLY A 578 21.49 -10.81 30.55
C GLY A 578 20.99 -10.63 29.14
N LYS A 579 21.86 -10.34 28.19
CA LYS A 579 21.51 -10.21 26.79
C LYS A 579 22.22 -11.33 26.03
N LEU A 580 21.78 -11.58 24.81
CA LEU A 580 22.37 -12.62 23.99
C LEU A 580 23.24 -12.00 22.91
N LEU A 581 24.53 -12.32 22.94
CA LEU A 581 25.48 -11.86 21.95
C LEU A 581 25.73 -13.00 20.97
N ALA A 582 25.37 -12.76 19.71
CA ALA A 582 25.47 -13.76 18.66
C ALA A 582 26.17 -13.15 17.45
N SER A 583 26.91 -13.99 16.74
CA SER A 583 27.62 -13.60 15.52
C SER A 583 26.97 -14.28 14.32
N ILE A 584 26.43 -13.50 13.41
CA ILE A 584 25.81 -14.02 12.19
C ILE A 584 26.67 -13.58 11.00
N ASN A 585 27.46 -14.52 10.43
CA ASN A 585 28.35 -14.21 9.32
C ASN A 585 29.25 -13.04 9.64
N SER A 586 29.12 -11.95 8.87
CA SER A 586 29.93 -10.76 9.14
C SER A 586 29.47 -9.99 10.39
N THR A 587 28.19 -10.03 10.68
CA THR A 587 27.60 -9.22 11.73
C THR A 587 27.84 -9.79 13.12
N VAL A 588 28.06 -8.90 14.09
CA VAL A 588 28.05 -9.23 15.52
C VAL A 588 26.87 -8.48 16.15
N ARG A 589 25.94 -9.22 16.74
CA ARG A 589 24.68 -8.65 17.21
C ARG A 589 24.42 -8.92 18.68
N LEU A 590 23.74 -7.97 19.32
CA LEU A 590 23.30 -8.10 20.71
C LEU A 590 21.77 -8.08 20.75
N TYR A 591 21.18 -9.15 21.27
CA TYR A 591 19.74 -9.28 21.38
C TYR A 591 19.32 -9.09 22.84
N GLU A 592 18.15 -8.49 23.07
CA GLU A 592 17.54 -8.45 24.38
C GLU A 592 16.40 -9.48 24.45
N TRP A 593 16.13 -9.96 25.66
CA TRP A 593 15.08 -10.94 25.91
C TRP A 593 13.90 -10.22 26.53
N THR A 594 12.80 -10.09 25.79
CA THR A 594 11.68 -9.28 26.21
C THR A 594 10.83 -10.02 27.25
N THR A 595 9.88 -9.27 27.84
CA THR A 595 8.91 -9.87 28.72
C THR A 595 7.94 -10.77 27.97
N GLU A 596 7.91 -10.69 26.64
CA GLU A 596 7.11 -11.59 25.82
C GLU A 596 7.89 -12.83 25.38
N LYS A 597 9.08 -13.06 25.96
CA LYS A 597 9.86 -14.26 25.67
C LYS A 597 10.16 -14.36 24.16
N GLU A 598 10.65 -13.26 23.60
CA GLU A 598 11.14 -13.21 22.24
C GLU A 598 12.43 -12.40 22.24
N LEU A 599 13.29 -12.68 21.28
CA LEU A 599 14.57 -11.98 21.17
C LEU A 599 14.35 -10.69 20.39
N ARG A 600 14.94 -9.60 20.88
CA ARG A 600 14.84 -8.31 20.22
C ARG A 600 16.24 -7.76 20.03
N THR A 601 16.54 -7.34 18.80
CA THR A 601 17.86 -6.81 18.48
C THR A 601 18.07 -5.45 19.12
N GLU A 602 19.19 -5.27 19.80
CA GLU A 602 19.56 -3.96 20.31
C GLU A 602 20.53 -3.22 19.40
N CYS A 603 21.63 -3.88 18.99
CA CYS A 603 22.66 -3.21 18.21
C CYS A 603 23.50 -4.23 17.44
N ASN A 604 24.21 -3.73 16.43
CA ASN A 604 25.00 -4.59 15.54
C ASN A 604 26.37 -3.99 15.25
N HIS A 605 27.30 -4.84 14.83
CA HIS A 605 28.59 -4.43 14.30
C HIS A 605 28.88 -5.22 13.04
N TYR A 606 29.30 -4.52 11.97
CA TYR A 606 29.41 -5.15 10.67
C TYR A 606 30.82 -5.25 10.08
N ASN A 607 31.82 -4.62 10.69
CA ASN A 607 33.16 -4.59 10.09
C ASN A 607 33.91 -5.88 10.42
N ASN A 608 33.43 -6.98 9.85
CA ASN A 608 34.07 -8.27 10.07
C ASN A 608 34.03 -9.06 8.76
N ILE A 609 35.06 -9.88 8.56
CA ILE A 609 35.03 -10.81 7.43
C ILE A 609 34.12 -11.99 7.74
N MET A 610 34.35 -12.66 8.87
CA MET A 610 33.46 -13.72 9.30
C MET A 610 33.64 -13.87 10.82
N ALA A 611 32.61 -13.54 11.58
CA ALA A 611 32.71 -13.50 13.05
C ALA A 611 32.60 -14.92 13.61
N LEU A 612 33.69 -15.67 13.45
CA LEU A 612 33.66 -17.08 13.81
C LEU A 612 33.68 -17.30 15.32
N TYR A 613 34.37 -16.43 16.07
CA TYR A 613 34.60 -16.67 17.49
C TYR A 613 34.29 -15.44 18.34
N LEU A 614 33.63 -15.67 19.47
CA LEU A 614 33.27 -14.61 20.40
C LEU A 614 33.61 -14.99 21.84
N LYS A 615 34.13 -14.01 22.59
CA LYS A 615 34.40 -14.10 24.02
C LYS A 615 34.12 -12.74 24.65
N THR A 616 33.73 -12.75 25.93
CA THR A 616 33.38 -11.51 26.59
C THR A 616 34.01 -11.40 27.98
N LYS A 617 34.09 -10.16 28.47
CA LYS A 617 34.52 -9.88 29.84
C LYS A 617 33.99 -8.51 30.20
N GLY A 618 33.00 -8.45 31.07
CA GLY A 618 32.41 -7.15 31.39
C GLY A 618 31.60 -6.67 30.20
N ASP A 619 31.82 -5.43 29.80
CA ASP A 619 31.20 -4.89 28.59
C ASP A 619 32.10 -4.94 27.37
N PHE A 620 33.19 -5.70 27.44
CA PHE A 620 34.15 -5.82 26.35
C PHE A 620 33.93 -7.14 25.63
N ILE A 621 34.05 -7.13 24.31
CA ILE A 621 33.85 -8.31 23.49
C ILE A 621 35.09 -8.49 22.62
N LEU A 622 35.62 -9.71 22.59
CA LEU A 622 36.71 -10.08 21.69
C LEU A 622 36.15 -10.91 20.56
N VAL A 623 36.39 -10.47 19.33
CA VAL A 623 35.88 -11.12 18.13
C VAL A 623 37.07 -11.63 17.32
N GLY A 624 36.98 -12.88 16.86
CA GLY A 624 38.00 -13.47 16.01
C GLY A 624 37.48 -13.87 14.65
N ASP A 625 37.98 -13.27 13.57
CA ASP A 625 37.45 -13.51 12.23
C ASP A 625 38.19 -14.66 11.56
N LEU A 626 37.67 -15.07 10.40
CA LEU A 626 38.37 -16.03 9.57
C LEU A 626 39.72 -15.47 9.14
N MET A 627 39.80 -14.15 8.94
CA MET A 627 41.05 -13.45 8.64
C MET A 627 40.99 -12.07 9.30
N ARG A 628 42.16 -11.48 9.45
CA ARG A 628 42.39 -10.18 10.10
C ARG A 628 42.42 -10.30 11.62
N SER A 629 42.71 -11.49 12.13
CA SER A 629 43.08 -11.75 13.54
C SER A 629 41.90 -11.42 14.45
N VAL A 630 42.07 -10.57 15.48
CA VAL A 630 41.10 -10.38 16.53
C VAL A 630 40.78 -8.90 16.67
N LEU A 631 39.55 -8.61 17.10
CA LEU A 631 39.05 -7.26 17.31
C LEU A 631 38.49 -7.12 18.73
N LEU A 632 38.77 -5.98 19.37
CA LEU A 632 38.24 -5.68 20.70
C LEU A 632 37.09 -4.68 20.56
N LEU A 633 35.87 -5.15 20.81
CA LEU A 633 34.66 -4.35 20.79
C LEU A 633 34.20 -4.02 22.21
N ALA A 634 33.45 -2.92 22.34
CA ALA A 634 32.87 -2.55 23.62
C ALA A 634 31.42 -2.13 23.46
N TYR A 635 30.59 -2.54 24.41
CA TYR A 635 29.19 -2.12 24.47
C TYR A 635 29.13 -0.83 25.28
N LYS A 636 28.65 0.24 24.66
CA LYS A 636 28.53 1.49 25.39
C LYS A 636 27.12 1.60 25.93
N PRO A 637 26.88 1.26 27.21
CA PRO A 637 25.49 1.19 27.68
C PRO A 637 24.79 2.53 27.68
N MET A 638 25.52 3.63 27.81
CA MET A 638 24.89 4.94 27.76
C MET A 638 24.25 5.18 26.41
N GLU A 639 24.81 4.59 25.35
CA GLU A 639 24.32 4.83 24.00
C GLU A 639 23.52 3.69 23.37
N GLY A 640 23.69 2.46 23.83
CA GLY A 640 22.97 1.35 23.23
C GLY A 640 23.55 0.86 21.93
N ASN A 641 24.89 0.89 21.80
CA ASN A 641 25.55 0.49 20.57
C ASN A 641 26.89 -0.18 20.90
N PHE A 642 27.60 -0.60 19.84
CA PHE A 642 28.95 -1.14 19.94
C PHE A 642 29.98 -0.08 19.54
N GLU A 643 31.20 -0.19 20.09
CA GLU A 643 32.30 0.67 19.68
C GLU A 643 33.57 -0.14 19.47
N GLU A 644 34.29 0.17 18.39
CA GLU A 644 35.54 -0.53 18.08
C GLU A 644 36.63 0.08 18.95
N ILE A 645 37.05 -0.65 19.98
CA ILE A 645 38.11 -0.16 20.86
C ILE A 645 39.48 -0.34 20.21
N ALA A 646 39.77 -1.54 19.73
CA ALA A 646 41.06 -1.84 19.14
C ALA A 646 41.06 -3.15 18.35
N ARG A 647 41.64 -3.12 17.15
CA ARG A 647 41.69 -4.26 16.24
C ARG A 647 43.13 -4.62 15.92
N ASP A 648 43.41 -5.93 15.83
CA ASP A 648 44.70 -6.41 15.35
C ASP A 648 44.69 -6.39 13.82
N PHE A 649 45.60 -5.62 13.23
CA PHE A 649 45.65 -5.50 11.78
C PHE A 649 46.56 -6.53 11.09
N ASN A 650 47.21 -7.41 11.84
CA ASN A 650 48.01 -8.48 11.24
C ASN A 650 47.08 -9.56 10.69
N PRO A 651 47.35 -10.07 9.49
CA PRO A 651 46.41 -11.02 8.90
C PRO A 651 46.66 -12.43 9.42
N ASN A 652 45.68 -12.98 10.16
CA ASN A 652 45.78 -14.36 10.63
C ASN A 652 44.45 -15.08 10.52
N TRP A 653 44.54 -16.38 10.23
CA TRP A 653 43.40 -17.29 10.18
C TRP A 653 43.19 -17.91 11.54
N MET A 654 42.07 -17.58 12.19
CA MET A 654 41.85 -17.94 13.58
C MET A 654 41.20 -19.32 13.71
N SER A 655 41.60 -20.05 14.76
CA SER A 655 40.98 -21.30 15.14
C SER A 655 40.28 -21.24 16.50
N ALA A 656 40.70 -20.35 17.38
CA ALA A 656 40.10 -20.17 18.70
C ALA A 656 40.71 -18.92 19.31
N VAL A 657 39.92 -18.27 20.18
CA VAL A 657 40.37 -17.08 20.89
C VAL A 657 39.97 -17.15 22.35
N GLU A 658 40.70 -16.43 23.19
CA GLU A 658 40.36 -16.31 24.61
C GLU A 658 40.85 -14.96 25.14
N ILE A 659 40.15 -14.46 26.15
CA ILE A 659 40.54 -13.24 26.85
C ILE A 659 41.33 -13.65 28.09
N LEU A 660 42.54 -13.11 28.23
CA LEU A 660 43.37 -13.39 29.40
C LEU A 660 43.10 -12.42 30.54
N ASP A 661 43.20 -11.12 30.28
CA ASP A 661 42.87 -10.07 31.23
C ASP A 661 42.27 -8.92 30.43
N ASP A 662 41.91 -7.83 31.10
CA ASP A 662 41.22 -6.77 30.39
C ASP A 662 42.09 -6.13 29.32
N ASP A 663 43.39 -6.38 29.33
CA ASP A 663 44.30 -5.80 28.36
C ASP A 663 45.04 -6.80 27.46
N ASN A 664 45.02 -8.10 27.79
CA ASN A 664 45.73 -9.10 26.98
C ASN A 664 44.76 -10.09 26.35
N PHE A 665 45.00 -10.45 25.09
CA PHE A 665 44.12 -11.36 24.36
C PHE A 665 44.91 -12.45 23.66
N LEU A 666 44.40 -13.68 23.74
CA LEU A 666 45.07 -14.87 23.26
C LEU A 666 44.37 -15.41 22.02
N GLY A 667 45.16 -15.86 21.06
CA GLY A 667 44.64 -16.36 19.80
C GLY A 667 45.42 -17.59 19.35
N ALA A 668 44.79 -18.38 18.50
CA ALA A 668 45.37 -19.59 17.95
C ALA A 668 45.22 -19.56 16.43
N GLU A 669 46.32 -19.81 15.72
CA GLU A 669 46.33 -19.70 14.27
C GLU A 669 46.09 -21.08 13.68
N ASN A 670 45.66 -21.11 12.42
CA ASN A 670 45.51 -22.38 11.74
C ASN A 670 46.84 -23.00 11.33
N ALA A 671 47.95 -22.30 11.58
CA ALA A 671 49.29 -22.78 11.29
C ALA A 671 49.94 -23.43 12.50
N PHE A 672 49.16 -23.77 13.52
CA PHE A 672 49.66 -24.37 14.75
C PHE A 672 50.48 -23.37 15.56
N ASN A 673 50.07 -22.10 15.56
CA ASN A 673 50.77 -21.03 16.27
C ASN A 673 49.85 -20.33 17.26
N LEU A 674 50.44 -19.82 18.33
CA LEU A 674 49.74 -19.05 19.35
C LEU A 674 50.29 -17.63 19.41
N PHE A 675 49.42 -16.66 19.63
CA PHE A 675 49.85 -15.27 19.79
C PHE A 675 48.98 -14.55 20.81
N VAL A 676 49.57 -13.47 21.36
CA VAL A 676 48.93 -12.62 22.36
C VAL A 676 49.01 -11.18 21.90
N CYS A 677 47.87 -10.49 21.91
CA CYS A 677 47.77 -9.10 21.54
C CYS A 677 47.44 -8.28 22.78
N GLN A 678 48.11 -7.17 22.97
CA GLN A 678 47.84 -6.30 24.10
C GLN A 678 47.35 -4.95 23.59
N LYS A 679 46.32 -4.40 24.26
CA LYS A 679 45.93 -3.02 24.03
C LYS A 679 47.17 -2.16 24.26
N ASP A 680 47.45 -1.23 23.34
CA ASP A 680 48.69 -0.46 23.48
C ASP A 680 48.74 0.32 24.79
N SER A 681 47.58 0.59 25.39
CA SER A 681 47.49 1.19 26.72
C SER A 681 48.21 2.53 26.83
N ALA A 682 48.63 3.12 25.72
CA ALA A 682 49.09 4.49 25.67
C ALA A 682 47.89 5.29 25.17
N ALA A 683 48.00 6.60 25.17
CA ALA A 683 46.84 7.39 24.79
C ALA A 683 47.19 8.64 24.02
N THR A 684 48.46 8.83 23.63
CA THR A 684 48.85 10.03 22.90
C THR A 684 47.96 10.24 21.68
N THR A 685 47.89 9.24 20.80
CA THR A 685 47.05 9.26 19.62
C THR A 685 45.92 8.24 19.72
N ASP A 686 44.80 8.54 19.08
CA ASP A 686 43.73 7.55 18.98
C ASP A 686 44.18 6.33 18.16
N GLU A 687 45.02 6.56 17.15
CA GLU A 687 45.51 5.48 16.30
C GLU A 687 46.28 4.44 17.10
N GLU A 688 47.02 4.88 18.13
CA GLU A 688 47.79 3.94 18.92
C GLU A 688 46.88 3.03 19.74
N ARG A 689 45.82 3.60 20.33
CA ARG A 689 44.88 2.78 21.07
C ARG A 689 44.19 1.79 20.15
N GLN A 690 43.84 2.22 18.93
CA GLN A 690 43.11 1.36 18.02
C GLN A 690 43.98 0.22 17.52
N HIS A 691 45.31 0.32 17.67
CA HIS A 691 46.22 -0.71 17.17
C HIS A 691 46.52 -1.66 18.32
N LEU A 692 46.20 -2.94 18.12
CA LEU A 692 46.63 -4.00 19.03
C LEU A 692 48.01 -4.49 18.59
N GLN A 693 48.98 -4.45 19.52
CA GLN A 693 50.34 -4.87 19.21
C GLN A 693 50.49 -6.35 19.60
N GLU A 694 50.86 -7.18 18.64
CA GLU A 694 51.14 -8.57 18.96
C GLU A 694 52.43 -8.63 19.78
N VAL A 695 52.31 -8.91 21.07
CA VAL A 695 53.46 -8.91 21.97
C VAL A 695 53.92 -10.32 22.31
N GLY A 696 53.12 -11.34 21.99
CA GLY A 696 53.52 -12.71 22.14
C GLY A 696 53.38 -13.51 20.87
N LEU A 697 54.40 -14.31 20.55
CA LEU A 697 54.40 -15.17 19.38
C LEU A 697 54.98 -16.52 19.79
N PHE A 698 54.29 -17.61 19.47
CA PHE A 698 54.71 -18.93 19.92
C PHE A 698 54.20 -19.99 18.95
N HIS A 699 55.10 -20.88 18.54
CA HIS A 699 54.70 -22.03 17.73
C HIS A 699 54.36 -23.18 18.67
N LEU A 700 53.07 -23.50 18.77
CA LEU A 700 52.63 -24.58 19.64
C LEU A 700 52.90 -25.95 19.04
N GLY A 701 52.57 -26.13 17.77
CA GLY A 701 52.65 -27.43 17.13
C GLY A 701 51.36 -28.23 17.15
N GLU A 702 50.30 -27.68 17.73
CA GLU A 702 49.00 -28.31 17.79
C GLU A 702 47.95 -27.35 17.25
N PHE A 703 46.80 -27.91 16.87
CA PHE A 703 45.67 -27.12 16.35
C PHE A 703 44.68 -26.94 17.49
N VAL A 704 44.51 -25.70 17.95
CA VAL A 704 43.67 -25.40 19.12
C VAL A 704 42.27 -25.05 18.67
N ASN A 705 41.29 -25.86 19.09
CA ASN A 705 39.89 -25.59 18.80
C ASN A 705 39.18 -24.79 19.90
N VAL A 706 39.50 -25.05 21.16
CA VAL A 706 38.71 -24.53 22.28
C VAL A 706 39.64 -24.04 23.37
N PHE A 707 39.51 -22.76 23.71
CA PHE A 707 40.10 -22.17 24.90
C PHE A 707 39.03 -22.13 25.98
N CYS A 708 39.43 -22.41 27.22
CA CYS A 708 38.45 -22.54 28.31
C CYS A 708 39.13 -22.18 29.63
N HIS A 709 38.58 -21.18 30.32
CA HIS A 709 39.12 -20.81 31.63
C HIS A 709 38.82 -21.93 32.63
N GLY A 710 39.81 -22.29 33.42
CA GLY A 710 39.62 -23.29 34.45
C GLY A 710 40.90 -24.07 34.70
N SER A 711 40.88 -24.84 35.78
CA SER A 711 42.00 -25.70 36.09
C SER A 711 41.53 -27.01 36.70
N LEU A 712 42.20 -28.09 36.31
CA LEU A 712 41.95 -29.42 36.84
C LEU A 712 42.58 -29.63 38.20
N VAL A 713 43.51 -28.77 38.61
CA VAL A 713 44.16 -28.97 39.89
C VAL A 713 43.17 -28.64 41.01
N MET A 714 43.21 -29.45 42.06
CA MET A 714 42.32 -29.28 43.20
C MET A 714 43.05 -28.42 44.22
N GLN A 715 42.39 -27.36 44.67
CA GLN A 715 42.98 -26.50 45.69
C GLN A 715 42.98 -27.26 47.02
N ASN A 716 44.16 -27.44 47.61
CA ASN A 716 44.25 -28.19 48.86
C ASN A 716 43.29 -27.66 49.91
N LEU A 717 43.26 -26.33 50.08
CA LEU A 717 42.35 -25.66 51.00
C LEU A 717 42.50 -24.17 50.72
N GLY A 718 41.37 -23.46 50.59
CA GLY A 718 41.47 -22.05 50.28
C GLY A 718 42.09 -21.90 48.92
N GLU A 719 43.09 -21.01 48.81
CA GLU A 719 43.75 -20.73 47.54
C GLU A 719 45.26 -20.79 47.75
N THR A 720 45.94 -21.58 46.91
CA THR A 720 47.40 -21.67 46.89
C THR A 720 47.82 -21.32 45.49
N SER A 721 48.77 -20.40 45.36
CA SER A 721 49.15 -19.88 44.05
C SER A 721 50.66 -19.90 43.90
N THR A 722 51.11 -20.44 42.78
CA THR A 722 52.51 -20.47 42.35
C THR A 722 52.84 -19.09 41.81
N PRO A 723 54.02 -18.88 41.21
CA PRO A 723 54.26 -17.59 40.52
C PRO A 723 53.31 -17.34 39.35
N THR A 724 52.73 -18.39 38.75
CA THR A 724 51.81 -18.24 37.63
C THR A 724 50.47 -17.69 38.11
N GLN A 725 49.87 -16.81 37.31
CA GLN A 725 48.55 -16.28 37.63
C GLN A 725 47.61 -16.43 36.44
N GLY A 726 46.43 -16.95 36.69
CA GLY A 726 45.44 -17.23 35.68
C GLY A 726 45.53 -18.66 35.14
N SER A 727 44.42 -19.12 34.57
CA SER A 727 44.39 -20.50 34.07
C SER A 727 43.48 -20.61 32.87
N VAL A 728 44.08 -20.89 31.70
CA VAL A 728 43.35 -21.18 30.48
C VAL A 728 43.78 -22.55 29.99
N LEU A 729 42.81 -23.45 29.85
CA LEU A 729 43.02 -24.77 29.28
C LEU A 729 42.64 -24.72 27.80
N PHE A 730 43.30 -25.53 26.99
CA PHE A 730 42.93 -25.59 25.58
C PHE A 730 43.02 -27.02 25.05
N GLY A 731 42.11 -27.33 24.12
CA GLY A 731 42.02 -28.64 23.52
C GLY A 731 42.39 -28.58 22.05
N THR A 732 42.98 -29.65 21.54
CA THR A 732 43.56 -29.67 20.20
C THR A 732 43.04 -30.86 19.41
N VAL A 733 43.39 -30.88 18.12
CA VAL A 733 42.92 -31.93 17.23
C VAL A 733 43.58 -33.27 17.52
N ASN A 734 44.81 -33.26 18.03
CA ASN A 734 45.53 -34.50 18.27
C ASN A 734 45.32 -35.01 19.70
N GLY A 735 44.35 -34.46 20.42
CA GLY A 735 44.08 -34.86 21.79
C GLY A 735 44.88 -34.14 22.83
N MET A 736 45.92 -33.41 22.42
CA MET A 736 46.76 -32.68 23.35
C MET A 736 45.92 -31.63 24.09
N ILE A 737 46.07 -31.59 25.41
CA ILE A 737 45.48 -30.57 26.25
C ILE A 737 46.61 -29.74 26.86
N GLY A 738 46.52 -28.42 26.73
CA GLY A 738 47.55 -27.54 27.25
C GLY A 738 46.96 -26.47 28.16
N LEU A 739 47.85 -25.71 28.79
CA LEU A 739 47.42 -24.69 29.74
C LEU A 739 48.31 -23.47 29.55
N VAL A 740 47.68 -22.30 29.49
CA VAL A 740 48.37 -21.03 29.35
C VAL A 740 48.14 -20.23 30.62
N THR A 741 49.22 -19.65 31.16
CA THR A 741 49.13 -18.82 32.36
C THR A 741 50.13 -17.68 32.23
N SER A 742 49.95 -16.65 33.04
CA SER A 742 50.74 -15.42 32.97
C SER A 742 51.81 -15.38 34.05
N LEU A 743 52.84 -14.57 33.79
CA LEU A 743 53.97 -14.39 34.68
C LEU A 743 54.19 -12.90 34.94
N SER A 744 54.93 -12.61 36.02
CA SER A 744 55.46 -11.27 36.23
C SER A 744 56.74 -11.09 35.41
N GLU A 745 57.08 -9.83 35.14
CA GLU A 745 58.30 -9.56 34.36
C GLU A 745 59.51 -10.25 34.99
N SER A 746 59.61 -10.18 36.32
CA SER A 746 60.73 -10.81 37.01
C SER A 746 60.76 -12.32 36.77
N TRP A 747 59.59 -12.97 36.81
CA TRP A 747 59.59 -14.42 36.71
C TRP A 747 59.83 -14.89 35.28
N TYR A 748 59.29 -14.17 34.30
CA TYR A 748 59.59 -14.45 32.90
C TYR A 748 61.09 -14.43 32.66
N ASN A 749 61.73 -13.31 33.00
CA ASN A 749 63.16 -13.16 32.71
C ASN A 749 63.95 -14.29 33.32
N LEU A 750 63.64 -14.65 34.57
CA LEU A 750 64.32 -15.77 35.20
C LEU A 750 64.13 -17.05 34.37
N LEU A 751 62.88 -17.34 34.00
CA LEU A 751 62.62 -18.58 33.28
C LEU A 751 63.14 -18.51 31.85
N LEU A 752 63.07 -17.34 31.21
CA LEU A 752 63.62 -17.20 29.88
C LEU A 752 65.14 -17.38 29.88
N ASP A 753 65.84 -16.69 30.78
CA ASP A 753 67.29 -16.83 30.87
C ASP A 753 67.65 -18.30 31.11
N MET A 754 66.83 -19.00 31.88
CA MET A 754 67.07 -20.41 32.15
C MET A 754 66.85 -21.27 30.90
N GLN A 755 65.83 -20.95 30.09
CA GLN A 755 65.64 -21.71 28.85
C GLN A 755 66.91 -21.66 27.99
N ASN A 756 67.45 -20.46 27.79
CA ASN A 756 68.64 -20.32 26.97
C ASN A 756 69.77 -21.16 27.51
N ARG A 757 69.84 -21.28 28.85
CA ARG A 757 70.84 -22.12 29.47
C ARG A 757 70.50 -23.59 29.28
N LEU A 758 69.23 -23.95 29.41
CA LEU A 758 68.83 -25.35 29.21
C LEU A 758 69.05 -25.80 27.78
N ASN A 759 68.80 -24.93 26.80
CA ASN A 759 68.96 -25.34 25.41
C ASN A 759 70.42 -25.65 25.09
N LYS A 760 71.37 -24.97 25.74
CA LYS A 760 72.77 -25.29 25.53
C LYS A 760 73.14 -26.64 26.15
N VAL A 761 72.43 -27.05 27.20
CA VAL A 761 72.80 -28.25 27.95
C VAL A 761 72.08 -29.49 27.41
N ILE A 762 70.80 -29.37 27.07
CA ILE A 762 70.00 -30.55 26.73
C ILE A 762 70.25 -30.92 25.27
N LYS A 763 70.43 -32.22 25.04
CA LYS A 763 70.70 -32.76 23.72
C LYS A 763 69.37 -33.06 23.03
N SER A 764 69.16 -32.49 21.84
CA SER A 764 67.91 -32.67 21.13
C SER A 764 67.99 -33.86 20.19
N VAL A 765 66.88 -34.58 20.05
CA VAL A 765 66.81 -35.65 19.07
C VAL A 765 66.80 -35.04 17.69
N GLY A 766 67.66 -35.54 16.82
CA GLY A 766 67.82 -34.95 15.50
C GLY A 766 68.62 -33.68 15.50
N LYS A 767 69.12 -33.25 16.65
CA LYS A 767 69.88 -32.01 16.77
C LYS A 767 69.08 -30.84 16.21
N ILE A 768 67.82 -30.76 16.63
CA ILE A 768 66.93 -29.68 16.21
C ILE A 768 67.03 -28.56 17.24
N GLU A 769 67.37 -27.37 16.77
CA GLU A 769 67.45 -26.21 17.67
C GLU A 769 66.08 -25.90 18.26
N HIS A 770 66.02 -25.82 19.58
CA HIS A 770 64.75 -25.51 20.25
C HIS A 770 64.23 -24.15 19.81
N SER A 771 65.12 -23.15 19.71
CA SER A 771 64.69 -21.82 19.29
C SER A 771 64.04 -21.85 17.92
N PHE A 772 64.54 -22.69 17.02
CA PHE A 772 63.92 -22.85 15.71
C PHE A 772 62.52 -23.44 15.82
N TRP A 773 62.39 -24.51 16.59
CA TRP A 773 61.13 -25.22 16.72
C TRP A 773 60.01 -24.30 17.16
N ARG A 774 60.25 -23.48 18.18
CA ARG A 774 59.20 -22.61 18.70
C ARG A 774 59.06 -21.31 17.92
N SER A 775 59.81 -21.10 16.86
CA SER A 775 59.67 -19.88 16.08
C SER A 775 58.31 -19.88 15.39
N PHE A 776 57.62 -18.75 15.44
CA PHE A 776 56.36 -18.57 14.75
C PHE A 776 56.56 -18.91 13.27
N HIS A 777 55.64 -19.70 12.70
CA HIS A 777 55.85 -20.13 11.33
C HIS A 777 54.55 -20.19 10.54
N THR A 778 54.50 -19.37 9.50
CA THR A 778 53.58 -19.48 8.38
C THR A 778 54.45 -19.65 7.14
N GLU A 779 53.86 -20.15 6.05
CA GLU A 779 54.69 -20.31 4.85
C GLU A 779 55.36 -19.00 4.45
N ARG A 780 54.70 -17.88 4.73
CA ARG A 780 55.14 -16.57 4.28
C ARG A 780 56.03 -15.87 5.31
N LYS A 781 55.76 -16.06 6.61
CA LYS A 781 56.53 -15.40 7.66
C LYS A 781 57.05 -16.41 8.69
N THR A 782 58.28 -16.18 9.15
CA THR A 782 58.87 -16.93 10.25
C THR A 782 59.51 -15.95 11.22
N GLU A 783 59.17 -16.06 12.51
CA GLU A 783 59.64 -15.11 13.50
C GLU A 783 60.11 -15.83 14.76
N PRO A 784 61.07 -15.25 15.48
CA PRO A 784 61.49 -15.84 16.76
C PRO A 784 60.36 -15.71 17.77
N ALA A 785 60.24 -16.71 18.64
CA ALA A 785 59.21 -16.69 19.67
C ALA A 785 59.41 -15.51 20.61
N THR A 786 58.32 -15.02 21.18
CA THR A 786 58.39 -13.92 22.12
C THR A 786 57.23 -13.97 23.10
N GLY A 787 57.52 -13.60 24.35
CA GLY A 787 56.50 -13.49 25.37
C GLY A 787 55.98 -14.80 25.93
N PHE A 788 56.61 -15.92 25.58
CA PHE A 788 56.12 -17.23 25.97
C PHE A 788 57.26 -18.07 26.52
N ILE A 789 56.99 -18.76 27.62
CA ILE A 789 57.96 -19.66 28.23
C ILE A 789 57.51 -21.08 27.90
N ASP A 790 58.39 -21.86 27.26
CA ASP A 790 58.07 -23.25 26.95
C ASP A 790 58.16 -24.04 28.25
N GLY A 791 57.01 -24.15 28.94
CA GLY A 791 57.01 -24.81 30.22
C GLY A 791 57.50 -26.25 30.14
N ASP A 792 57.25 -26.92 29.01
CA ASP A 792 57.73 -28.28 28.83
C ASP A 792 59.25 -28.34 28.78
N LEU A 793 59.91 -27.24 28.40
CA LEU A 793 61.36 -27.18 28.50
C LEU A 793 61.77 -26.93 29.95
N ILE A 794 61.12 -25.98 30.61
CA ILE A 794 61.41 -25.69 32.02
C ILE A 794 61.22 -26.94 32.88
N GLU A 795 60.12 -27.68 32.66
CA GLU A 795 59.86 -28.85 33.49
C GLU A 795 60.84 -30.00 33.23
N SER A 796 61.62 -29.93 32.15
CA SER A 796 62.62 -30.97 31.89
C SER A 796 63.88 -30.79 32.72
N PHE A 797 64.07 -29.61 33.34
CA PHE A 797 65.19 -29.40 34.24
C PHE A 797 65.26 -30.48 35.31
N LEU A 798 64.09 -30.90 35.80
CA LEU A 798 64.02 -31.92 36.85
C LEU A 798 64.46 -33.30 36.39
N ASP A 799 64.61 -33.51 35.08
CA ASP A 799 64.96 -34.83 34.55
C ASP A 799 66.38 -34.92 34.04
N ILE A 800 67.13 -33.82 34.01
CA ILE A 800 68.51 -33.85 33.55
C ILE A 800 69.43 -34.22 34.71
N SER A 801 70.57 -34.82 34.39
CA SER A 801 71.47 -35.33 35.41
C SER A 801 72.06 -34.19 36.25
N ARG A 802 72.52 -34.56 37.45
CA ARG A 802 73.05 -33.54 38.36
C ARG A 802 74.18 -32.71 37.77
N PRO A 803 75.17 -33.29 37.09
CA PRO A 803 76.21 -32.45 36.47
C PRO A 803 75.62 -31.38 35.56
N LYS A 804 74.57 -31.74 34.83
CA LYS A 804 73.93 -30.82 33.90
C LYS A 804 73.16 -29.73 34.65
N MET A 805 72.52 -30.10 35.77
CA MET A 805 71.79 -29.12 36.58
C MET A 805 72.71 -28.01 37.05
N GLN A 806 73.84 -28.39 37.63
CA GLN A 806 74.78 -27.39 38.15
C GLN A 806 75.37 -26.57 37.01
N GLU A 807 75.62 -27.21 35.86
CA GLU A 807 76.08 -26.48 34.68
C GLU A 807 75.08 -25.41 34.27
N VAL A 808 73.78 -25.70 34.43
CA VAL A 808 72.75 -24.75 34.02
C VAL A 808 72.74 -23.53 34.93
N VAL A 809 72.92 -23.74 36.24
CA VAL A 809 72.74 -22.65 37.19
C VAL A 809 73.98 -21.76 37.33
N ALA A 810 75.08 -22.11 36.67
CA ALA A 810 76.29 -21.32 36.75
C ALA A 810 76.04 -19.90 36.26
N ASN A 811 76.41 -18.92 37.07
CA ASN A 811 76.33 -17.51 36.71
C ASN A 811 74.88 -17.08 36.44
N LEU A 812 73.94 -17.57 37.24
CA LEU A 812 72.53 -17.24 37.08
C LEU A 812 72.10 -16.34 38.21
N GLN A 813 71.55 -15.19 37.85
CA GLN A 813 71.13 -14.15 38.78
C GLN A 813 69.64 -13.85 38.68
N TYR A 814 69.03 -13.59 39.86
CA TYR A 814 67.61 -13.25 39.99
C TYR A 814 67.46 -11.74 39.79
N ASP A 815 66.22 -11.23 39.76
CA ASP A 815 66.03 -9.80 39.57
C ASP A 815 64.63 -9.34 40.01
N ASP A 816 64.45 -8.01 39.95
CA ASP A 816 63.18 -7.34 40.22
C ASP A 816 62.46 -7.86 41.46
N GLY A 817 63.22 -8.13 42.53
CA GLY A 817 62.68 -8.68 43.75
C GLY A 817 63.28 -8.00 44.95
N SER A 818 62.90 -8.51 46.12
CA SER A 818 63.51 -8.03 47.34
C SER A 818 64.95 -8.49 47.46
N GLY A 819 65.33 -9.55 46.77
CA GLY A 819 66.70 -10.00 46.81
C GLY A 819 67.62 -9.33 45.81
N MET A 820 67.09 -8.49 44.93
CA MET A 820 67.88 -7.78 43.90
C MET A 820 68.46 -8.89 43.03
N LYS A 821 69.76 -8.88 42.73
CA LYS A 821 70.42 -9.95 41.98
C LYS A 821 70.78 -11.08 42.94
N ARG A 822 70.10 -12.21 42.84
CA ARG A 822 70.35 -13.35 43.71
C ARG A 822 71.02 -14.47 42.91
N GLU A 823 72.06 -15.10 43.46
CA GLU A 823 72.60 -16.29 42.84
C GLU A 823 71.58 -17.43 42.88
N ALA A 824 71.76 -18.42 42.00
CA ALA A 824 70.90 -19.59 41.98
C ALA A 824 71.75 -20.85 42.11
N THR A 825 71.29 -21.80 42.93
CA THR A 825 71.91 -23.11 43.05
C THR A 825 71.02 -24.15 42.39
N ALA A 826 71.59 -25.32 42.11
CA ALA A 826 70.80 -26.40 41.51
C ALA A 826 69.59 -26.76 42.38
N ASP A 827 69.77 -26.74 43.71
CA ASP A 827 68.63 -27.04 44.59
C ASP A 827 67.60 -25.92 44.60
N ASP A 828 68.02 -24.67 44.42
CA ASP A 828 67.04 -23.58 44.41
C ASP A 828 66.08 -23.73 43.24
N LEU A 829 66.62 -24.07 42.06
CA LEU A 829 65.78 -24.15 40.87
C LEU A 829 64.92 -25.41 40.90
N ILE A 830 65.44 -26.51 41.47
CA ILE A 830 64.62 -27.71 41.57
C ILE A 830 63.32 -27.42 42.32
N LYS A 831 63.39 -26.60 43.37
CA LYS A 831 62.18 -26.24 44.09
C LYS A 831 61.26 -25.37 43.25
N VAL A 832 61.82 -24.43 42.49
CA VAL A 832 60.99 -23.53 41.69
C VAL A 832 60.22 -24.31 40.64
N VAL A 833 60.91 -25.20 39.92
CA VAL A 833 60.24 -25.93 38.86
C VAL A 833 59.15 -26.83 39.45
N GLU A 834 59.41 -27.44 40.60
CA GLU A 834 58.40 -28.32 41.20
C GLU A 834 57.12 -27.57 41.52
N GLU A 835 57.21 -26.29 41.90
CA GLU A 835 55.99 -25.51 42.09
C GLU A 835 55.25 -25.33 40.77
N LEU A 836 56.00 -25.15 39.67
CA LEU A 836 55.41 -24.97 38.35
C LEU A 836 54.74 -26.26 37.87
N THR A 837 55.28 -27.42 38.28
CA THR A 837 54.68 -28.70 37.90
C THR A 837 53.34 -28.92 38.58
N ARG A 838 53.04 -28.15 39.62
CA ARG A 838 51.78 -28.27 40.36
C ARG A 838 50.62 -27.55 39.71
N ILE A 839 50.86 -26.72 38.69
CA ILE A 839 49.74 -26.02 38.06
C ILE A 839 48.85 -27.00 37.31
N HIS A 840 49.34 -28.20 37.02
CA HIS A 840 48.55 -29.21 36.33
C HIS A 840 48.77 -30.61 36.89
N THR B 7 27.61 20.82 -7.83
CA THR B 7 27.82 19.78 -8.82
C THR B 7 28.70 18.66 -8.25
N GLU B 8 28.87 17.59 -9.03
CA GLU B 8 29.68 16.46 -8.60
C GLU B 8 31.15 16.83 -8.40
N SER B 9 31.57 17.98 -8.93
CA SER B 9 32.98 18.33 -9.00
C SER B 9 33.44 19.19 -7.84
N ASP B 10 32.52 19.72 -7.04
CA ASP B 10 32.87 20.62 -5.93
C ASP B 10 33.23 19.79 -4.70
N TRP B 11 34.47 19.30 -4.69
CA TRP B 11 34.97 18.46 -3.61
C TRP B 11 35.37 19.31 -2.42
N GLY B 12 35.53 18.64 -1.27
CA GLY B 12 35.97 19.30 -0.06
C GLY B 12 34.89 19.95 0.76
N LYS B 13 33.68 20.07 0.24
CA LYS B 13 32.58 20.70 0.96
C LYS B 13 31.63 19.70 1.61
N ARG B 14 31.26 18.63 0.90
CA ARG B 14 30.31 17.67 1.46
C ARG B 14 30.84 17.10 2.76
N CYS B 15 29.96 16.89 3.74
CA CYS B 15 30.38 16.44 5.05
C CYS B 15 30.43 14.91 5.13
N VAL B 16 31.29 14.40 6.02
CA VAL B 16 31.37 12.96 6.27
C VAL B 16 30.14 12.44 6.99
N ASP B 17 29.23 13.34 7.40
CA ASP B 17 27.97 12.87 7.95
C ASP B 17 27.27 11.94 6.97
N LYS B 18 27.51 12.16 5.68
CA LYS B 18 26.81 11.44 4.63
C LYS B 18 27.20 9.98 4.55
N PHE B 19 28.13 9.55 5.38
CA PHE B 19 28.56 8.15 5.43
C PHE B 19 28.35 7.62 6.83
N ASP B 20 27.76 6.42 6.91
CA ASP B 20 27.68 5.67 8.16
C ASP B 20 28.98 4.89 8.28
N ILE B 21 29.79 5.20 9.28
CA ILE B 21 31.08 4.52 9.41
C ILE B 21 30.85 3.09 9.89
N ILE B 22 31.42 2.12 9.19
CA ILE B 22 31.27 0.73 9.57
C ILE B 22 32.41 0.28 10.48
N GLY B 23 33.62 0.77 10.25
CA GLY B 23 34.74 0.39 11.09
C GLY B 23 36.04 0.86 10.46
N ILE B 24 37.14 0.40 11.04
CA ILE B 24 38.48 0.75 10.58
C ILE B 24 39.04 -0.46 9.85
N ILE B 25 39.29 -0.28 8.55
CA ILE B 25 39.77 -1.37 7.70
C ILE B 25 41.27 -1.38 7.54
N GLY B 26 41.98 -0.45 8.17
CA GLY B 26 43.43 -0.45 8.10
C GLY B 26 44.01 0.86 8.55
N GLU B 27 45.33 0.89 8.65
CA GLU B 27 46.08 2.07 9.02
C GLU B 27 46.84 2.60 7.82
N GLY B 28 46.87 3.92 7.67
CA GLY B 28 47.52 4.54 6.54
C GLY B 28 48.50 5.59 7.00
N THR B 29 49.36 6.01 6.06
CA THR B 29 50.44 6.92 6.43
C THR B 29 49.91 8.24 7.00
N TYR B 30 48.92 8.84 6.34
CA TYR B 30 48.42 10.14 6.76
C TYR B 30 47.28 10.04 7.76
N GLY B 31 46.61 8.89 7.85
CA GLY B 31 45.57 8.70 8.84
C GLY B 31 45.05 7.28 8.76
N GLN B 32 44.06 7.01 9.62
CA GLN B 32 43.51 5.65 9.69
C GLN B 32 42.43 5.52 8.63
N VAL B 33 42.35 4.33 8.03
CA VAL B 33 41.42 4.06 6.94
C VAL B 33 40.16 3.40 7.50
N TYR B 34 39.01 3.91 7.06
CA TYR B 34 37.71 3.44 7.54
C TYR B 34 36.86 2.90 6.37
N LYS B 35 35.96 1.97 6.71
CA LYS B 35 34.94 1.49 5.78
C LYS B 35 33.60 2.13 6.11
N ALA B 36 32.91 2.65 5.08
CA ALA B 36 31.68 3.38 5.32
C ALA B 36 30.65 3.06 4.24
N LYS B 37 29.37 3.20 4.61
CA LYS B 37 28.25 3.03 3.68
C LYS B 37 27.68 4.41 3.41
N ASP B 38 27.47 4.74 2.13
CA ASP B 38 26.87 6.01 1.76
C ASP B 38 25.39 5.99 2.17
N LYS B 39 24.97 7.02 2.93
CA LYS B 39 23.60 7.03 3.41
C LYS B 39 22.60 7.19 2.28
N ASP B 40 22.96 7.93 1.23
CA ASP B 40 21.99 8.24 0.18
C ASP B 40 21.86 7.10 -0.82
N THR B 41 22.98 6.50 -1.22
CA THR B 41 22.99 5.48 -2.25
C THR B 41 23.18 4.07 -1.74
N GLY B 42 23.68 3.91 -0.51
CA GLY B 42 23.96 2.61 0.03
C GLY B 42 25.24 1.98 -0.49
N GLU B 43 26.06 2.72 -1.25
CA GLU B 43 27.27 2.17 -1.81
C GLU B 43 28.32 2.13 -0.70
N LEU B 44 29.06 1.02 -0.64
CA LEU B 44 30.15 0.90 0.32
C LEU B 44 31.40 1.61 -0.22
N VAL B 45 32.04 2.38 0.65
CA VAL B 45 33.20 3.18 0.28
C VAL B 45 34.31 2.93 1.30
N ALA B 46 35.45 3.58 1.06
CA ALA B 46 36.60 3.55 1.95
C ALA B 46 37.03 4.98 2.18
N LEU B 47 37.22 5.37 3.44
CA LEU B 47 37.56 6.73 3.81
C LEU B 47 38.99 6.74 4.35
N LYS B 48 39.83 7.59 3.74
CA LYS B 48 41.21 7.81 4.19
C LYS B 48 41.26 9.14 4.93
N LYS B 49 41.55 9.12 6.23
CA LYS B 49 41.56 10.35 7.00
C LYS B 49 42.89 11.08 6.80
N VAL B 50 42.81 12.32 6.31
CA VAL B 50 43.99 13.15 6.12
C VAL B 50 44.05 14.15 7.26
N ARG B 51 45.01 13.95 8.16
CA ARG B 51 45.12 14.83 9.32
C ARG B 51 46.09 15.95 8.96
N LEU B 52 45.54 17.15 8.72
CA LEU B 52 46.35 18.33 8.51
C LEU B 52 46.61 19.08 9.81
N ASP B 53 46.14 18.55 10.94
CA ASP B 53 46.36 19.24 12.21
C ASP B 53 47.83 19.24 12.60
N ASN B 54 48.65 18.34 12.00
CA ASN B 54 50.07 18.30 12.33
C ASN B 54 50.71 19.69 12.24
N GLU B 55 50.33 20.48 11.24
CA GLU B 55 50.78 21.86 11.08
C GLU B 55 52.29 22.00 10.97
N LYS B 56 53.02 20.88 10.88
CA LYS B 56 54.45 20.94 10.56
C LYS B 56 54.67 21.40 9.12
N GLU B 57 54.11 20.65 8.17
CA GLU B 57 54.16 20.99 6.75
C GLU B 57 52.80 20.89 6.09
N GLY B 58 51.74 20.98 6.90
CA GLY B 58 50.40 21.06 6.35
C GLY B 58 49.86 19.74 5.82
N PHE B 59 49.02 19.87 4.79
CA PHE B 59 48.42 18.71 4.15
C PHE B 59 49.53 17.76 3.70
N PRO B 60 49.45 16.46 4.04
CA PRO B 60 50.56 15.57 3.68
C PRO B 60 50.71 15.46 2.16
N ILE B 61 51.96 15.51 1.71
CA ILE B 61 52.23 15.41 0.28
C ILE B 61 51.83 14.04 -0.25
N THR B 62 51.98 12.99 0.57
CA THR B 62 51.55 11.66 0.15
C THR B 62 50.10 11.68 -0.32
N ALA B 63 49.24 12.36 0.44
CA ALA B 63 47.84 12.48 0.02
C ALA B 63 47.72 13.38 -1.20
N ILE B 64 48.48 14.47 -1.25
CA ILE B 64 48.43 15.36 -2.41
C ILE B 64 48.72 14.60 -3.69
N ARG B 65 49.71 13.70 -3.66
CA ARG B 65 50.02 12.88 -4.83
C ARG B 65 48.82 12.03 -5.22
N GLU B 66 48.16 11.41 -4.24
CA GLU B 66 47.02 10.55 -4.51
C GLU B 66 45.82 11.33 -5.03
N ILE B 67 45.67 12.59 -4.62
CA ILE B 67 44.56 13.40 -5.12
C ILE B 67 44.88 13.93 -6.51
N LYS B 68 46.14 14.32 -6.75
CA LYS B 68 46.57 14.83 -8.04
C LYS B 68 46.54 13.74 -9.11
N ILE B 69 46.97 12.53 -8.78
CA ILE B 69 47.15 11.51 -9.79
C ILE B 69 45.87 10.74 -10.06
N LEU B 70 45.12 10.39 -9.01
CA LEU B 70 43.96 9.54 -9.21
C LEU B 70 42.75 10.29 -9.78
N ARG B 71 42.77 11.62 -9.81
CA ARG B 71 41.78 12.35 -10.59
C ARG B 71 42.16 12.45 -12.06
N GLN B 72 43.37 12.05 -12.44
CA GLN B 72 43.76 11.97 -13.84
C GLN B 72 43.61 10.58 -14.42
N LEU B 73 43.85 9.55 -13.61
CA LEU B 73 43.92 8.17 -14.09
C LEU B 73 42.54 7.54 -14.02
N ILE B 74 42.07 7.03 -15.14
CA ILE B 74 40.78 6.35 -15.22
C ILE B 74 41.03 5.00 -15.88
N HIS B 75 41.01 3.93 -15.08
CA HIS B 75 41.21 2.60 -15.63
C HIS B 75 40.58 1.58 -14.70
N ARG B 76 40.16 0.45 -15.28
CA ARG B 76 39.53 -0.58 -14.47
C ARG B 76 40.46 -1.09 -13.38
N SER B 77 41.75 -1.12 -13.66
CA SER B 77 42.76 -1.65 -12.77
C SER B 77 43.39 -0.54 -11.93
N VAL B 78 42.73 0.61 -11.83
CA VAL B 78 43.18 1.73 -11.02
C VAL B 78 42.04 2.18 -10.13
N VAL B 79 42.26 2.23 -8.82
CA VAL B 79 41.18 2.56 -7.90
C VAL B 79 40.70 3.99 -8.17
N ASN B 80 39.40 4.19 -8.06
CA ASN B 80 38.77 5.47 -8.34
C ASN B 80 38.48 6.20 -7.04
N MET B 81 39.04 7.40 -6.89
CA MET B 81 38.68 8.30 -5.82
C MET B 81 37.33 8.93 -6.17
N LYS B 82 36.30 8.66 -5.37
CA LYS B 82 34.98 9.16 -5.73
C LYS B 82 34.81 10.63 -5.36
N GLU B 83 35.25 11.04 -4.18
CA GLU B 83 35.14 12.43 -3.75
C GLU B 83 36.02 12.65 -2.52
N ILE B 84 36.02 13.89 -2.03
CA ILE B 84 36.73 14.27 -0.82
C ILE B 84 35.74 15.00 0.08
N VAL B 85 35.61 14.53 1.33
CA VAL B 85 34.65 15.08 2.27
C VAL B 85 35.36 15.48 3.55
N THR B 86 34.67 16.26 4.38
CA THR B 86 35.27 16.89 5.54
C THR B 86 34.45 16.67 6.81
N ASP B 87 35.15 16.81 7.94
CA ASP B 87 34.52 16.87 9.25
C ASP B 87 33.68 18.14 9.37
N LYS B 88 32.67 18.12 10.24
CA LYS B 88 31.88 19.33 10.44
C LYS B 88 32.85 20.46 10.77
N GLN B 89 32.94 21.45 9.89
CA GLN B 89 33.90 22.53 10.06
C GLN B 89 33.39 23.54 11.08
N ASP B 90 34.32 24.16 11.80
CA ASP B 90 33.95 25.18 12.77
C ASP B 90 33.31 26.35 12.04
N ALA B 91 32.19 26.83 12.55
CA ALA B 91 31.49 27.90 11.87
C ALA B 91 32.29 29.21 11.91
N LEU B 92 32.57 29.74 10.73
CA LEU B 92 33.22 31.04 10.54
C LEU B 92 34.47 31.24 11.38
N ASP B 93 35.28 30.21 11.51
CA ASP B 93 36.53 30.35 12.26
C ASP B 93 37.54 29.33 11.77
N PHE B 94 38.05 29.54 10.54
CA PHE B 94 38.96 28.57 9.92
C PHE B 94 40.25 28.38 10.72
N LYS B 95 40.76 29.42 11.40
CA LYS B 95 41.99 29.24 12.18
C LYS B 95 41.77 28.25 13.33
N LYS B 96 40.62 28.32 14.01
CA LYS B 96 40.37 27.30 15.04
C LYS B 96 40.17 25.94 14.39
N ASP B 97 39.60 25.90 13.20
CA ASP B 97 39.31 24.61 12.55
C ASP B 97 40.57 23.78 12.43
N LYS B 98 40.54 22.60 13.04
CA LYS B 98 41.59 21.61 12.91
C LYS B 98 41.04 20.33 12.27
N GLY B 99 39.83 20.39 11.73
CA GLY B 99 39.18 19.18 11.26
C GLY B 99 39.93 18.56 10.10
N ALA B 100 39.66 17.29 9.89
CA ALA B 100 40.37 16.52 8.88
C ALA B 100 39.51 16.35 7.63
N PHE B 101 40.17 15.89 6.57
CA PHE B 101 39.54 15.60 5.29
C PHE B 101 39.58 14.10 5.04
N TYR B 102 38.59 13.59 4.32
CA TYR B 102 38.51 12.16 4.00
C TYR B 102 38.50 11.96 2.50
N LEU B 103 39.33 11.03 2.03
CA LEU B 103 39.37 10.67 0.62
C LEU B 103 38.48 9.45 0.41
N VAL B 104 37.42 9.60 -0.37
CA VAL B 104 36.46 8.53 -0.61
C VAL B 104 36.96 7.68 -1.78
N PHE B 105 36.92 6.36 -1.61
CA PHE B 105 37.30 5.42 -2.64
C PHE B 105 36.23 4.33 -2.71
N GLU B 106 36.14 3.68 -3.86
CA GLU B 106 35.27 2.52 -3.95
C GLU B 106 35.81 1.39 -3.07
N TYR B 107 34.94 0.81 -2.24
CA TYR B 107 35.38 -0.25 -1.34
C TYR B 107 35.67 -1.53 -2.11
N MET B 108 36.76 -2.21 -1.73
CA MET B 108 37.19 -3.46 -2.33
C MET B 108 37.11 -4.55 -1.26
N ASP B 109 36.62 -5.73 -1.66
CA ASP B 109 36.31 -6.77 -0.70
C ASP B 109 37.55 -7.27 0.01
N HIS B 110 38.62 -7.54 -0.73
CA HIS B 110 39.81 -8.17 -0.19
C HIS B 110 41.07 -7.53 -0.76
N ASP B 111 42.18 -7.77 -0.06
CA ASP B 111 43.51 -7.39 -0.51
C ASP B 111 44.38 -8.64 -0.66
N LEU B 112 45.28 -8.60 -1.65
CA LEU B 112 46.01 -9.81 -2.01
C LEU B 112 46.79 -10.38 -0.83
N MET B 113 47.54 -9.53 -0.12
CA MET B 113 48.35 -10.02 0.98
C MET B 113 47.46 -10.65 2.05
N GLY B 114 46.30 -10.01 2.33
CA GLY B 114 45.38 -10.58 3.29
C GLY B 114 44.92 -11.97 2.88
N LEU B 115 44.55 -12.13 1.61
CA LEU B 115 44.08 -13.44 1.15
C LEU B 115 45.20 -14.46 1.18
N LEU B 116 46.43 -14.07 0.81
CA LEU B 116 47.52 -15.03 0.79
C LEU B 116 48.01 -15.36 2.20
N GLU B 117 48.12 -14.35 3.06
CA GLU B 117 48.60 -14.58 4.43
C GLU B 117 47.64 -15.51 5.19
N SER B 118 46.34 -15.33 5.01
CA SER B 118 45.37 -16.20 5.66
C SER B 118 45.26 -17.56 4.98
N GLY B 119 46.07 -17.80 3.94
CA GLY B 119 46.08 -19.09 3.26
C GLY B 119 44.75 -19.50 2.71
N LEU B 120 43.87 -18.53 2.49
CA LEU B 120 42.49 -18.80 2.11
C LEU B 120 42.28 -18.68 0.60
N VAL B 121 43.36 -18.49 -0.15
CA VAL B 121 43.26 -18.26 -1.58
C VAL B 121 44.20 -19.24 -2.28
N HIS B 122 43.72 -19.80 -3.38
CA HIS B 122 44.47 -20.68 -4.26
C HIS B 122 44.24 -20.21 -5.68
N PHE B 123 45.32 -20.12 -6.45
CA PHE B 123 45.28 -19.60 -7.81
C PHE B 123 45.59 -20.71 -8.81
N SER B 124 44.72 -20.86 -9.81
CA SER B 124 45.02 -21.70 -10.97
C SER B 124 45.74 -20.85 -12.02
N GLU B 125 46.32 -21.52 -13.02
CA GLU B 125 46.99 -20.77 -14.08
C GLU B 125 46.07 -19.72 -14.67
N ASP B 126 44.85 -20.14 -15.04
CA ASP B 126 43.90 -19.20 -15.63
C ASP B 126 43.59 -18.05 -14.67
N HIS B 127 43.53 -18.34 -13.36
CA HIS B 127 43.33 -17.27 -12.40
C HIS B 127 44.51 -16.30 -12.41
N ILE B 128 45.73 -16.83 -12.46
CA ILE B 128 46.91 -15.97 -12.50
C ILE B 128 46.91 -15.15 -13.78
N LYS B 129 46.52 -15.75 -14.89
CA LYS B 129 46.44 -15.00 -16.15
C LYS B 129 45.51 -13.80 -16.02
N SER B 130 44.28 -14.03 -15.56
CA SER B 130 43.35 -12.92 -15.42
C SER B 130 43.89 -11.86 -14.46
N PHE B 131 44.47 -12.30 -13.34
CA PHE B 131 45.01 -11.36 -12.37
C PHE B 131 46.12 -10.50 -12.99
N MET B 132 47.14 -11.15 -13.54
CA MET B 132 48.29 -10.40 -14.06
C MET B 132 47.90 -9.49 -15.22
N LYS B 133 47.01 -9.95 -16.10
CA LYS B 133 46.63 -9.13 -17.23
C LYS B 133 46.05 -7.79 -16.79
N GLN B 134 45.16 -7.81 -15.80
CA GLN B 134 44.59 -6.57 -15.28
C GLN B 134 45.67 -5.69 -14.67
N LEU B 135 46.50 -6.29 -13.80
CA LEU B 135 47.56 -5.54 -13.15
C LEU B 135 48.48 -4.89 -14.18
N MET B 136 48.95 -5.67 -15.16
CA MET B 136 49.90 -5.12 -16.11
C MET B 136 49.21 -4.12 -17.04
N GLU B 137 47.95 -4.37 -17.38
CA GLU B 137 47.22 -3.39 -18.19
C GLU B 137 47.06 -2.07 -17.45
N GLY B 138 46.78 -2.13 -16.14
CA GLY B 138 46.73 -0.91 -15.36
C GLY B 138 48.08 -0.23 -15.29
N LEU B 139 49.14 -1.00 -15.10
CA LEU B 139 50.47 -0.42 -15.06
C LEU B 139 50.82 0.22 -16.39
N GLU B 140 50.43 -0.42 -17.50
CA GLU B 140 50.64 0.20 -18.81
C GLU B 140 49.91 1.52 -18.93
N TYR B 141 48.64 1.60 -18.49
CA TYR B 141 47.95 2.87 -18.53
C TYR B 141 48.73 3.93 -17.78
N CYS B 142 49.14 3.61 -16.55
CA CYS B 142 49.91 4.55 -15.74
C CYS B 142 51.25 4.86 -16.37
N HIS B 143 51.96 3.83 -16.85
CA HIS B 143 53.26 4.07 -17.44
C HIS B 143 53.16 4.87 -18.74
N LYS B 144 52.08 4.69 -19.49
CA LYS B 144 51.89 5.49 -20.70
C LYS B 144 51.59 6.95 -20.36
N LYS B 145 50.93 7.20 -19.23
CA LYS B 145 50.72 8.56 -18.78
C LYS B 145 51.96 9.12 -18.08
N ASN B 146 53.06 8.35 -18.07
CA ASN B 146 54.34 8.78 -17.52
C ASN B 146 54.28 9.01 -16.01
N PHE B 147 53.62 8.08 -15.30
CA PHE B 147 53.54 8.06 -13.85
C PHE B 147 54.17 6.77 -13.34
N LEU B 148 54.90 6.85 -12.23
CA LEU B 148 55.56 5.71 -11.62
C LEU B 148 54.91 5.42 -10.28
N HIS B 149 54.56 4.16 -10.02
CA HIS B 149 53.88 3.82 -8.77
C HIS B 149 54.86 3.88 -7.59
N ARG B 150 55.94 3.11 -7.66
CA ARG B 150 57.08 3.15 -6.74
C ARG B 150 56.78 2.45 -5.43
N ASP B 151 55.59 1.85 -5.26
CA ASP B 151 55.30 1.06 -4.08
C ASP B 151 54.44 -0.17 -4.43
N ILE B 152 54.90 -0.99 -5.35
CA ILE B 152 54.13 -2.16 -5.77
C ILE B 152 54.37 -3.28 -4.74
N LYS B 153 53.35 -3.55 -3.93
CA LYS B 153 53.38 -4.62 -2.94
C LYS B 153 52.10 -5.44 -3.05
N CYS B 154 52.11 -6.64 -2.49
CA CYS B 154 50.88 -7.42 -2.47
C CYS B 154 49.78 -6.70 -1.69
N SER B 155 50.15 -5.98 -0.63
CA SER B 155 49.16 -5.27 0.17
C SER B 155 48.45 -4.19 -0.64
N ASN B 156 49.10 -3.64 -1.66
CA ASN B 156 48.51 -2.55 -2.43
C ASN B 156 47.70 -3.02 -3.63
N ILE B 157 47.50 -4.33 -3.80
CA ILE B 157 46.64 -4.85 -4.85
C ILE B 157 45.31 -5.26 -4.24
N LEU B 158 44.25 -4.51 -4.56
CA LEU B 158 42.91 -4.81 -4.08
C LEU B 158 42.16 -5.66 -5.11
N LEU B 159 41.46 -6.67 -4.61
CA LEU B 159 40.77 -7.64 -5.45
C LEU B 159 39.33 -7.78 -4.97
N ASN B 160 38.39 -7.60 -5.90
CA ASN B 160 36.99 -7.82 -5.59
C ASN B 160 36.66 -9.30 -5.78
N ASN B 161 35.55 -9.73 -5.17
CA ASN B 161 35.21 -11.15 -5.28
C ASN B 161 34.89 -11.51 -6.71
N SER B 162 34.50 -10.54 -7.53
CA SER B 162 34.23 -10.81 -8.94
C SER B 162 35.48 -11.24 -9.69
N GLY B 163 36.66 -10.90 -9.18
CA GLY B 163 37.90 -11.14 -9.88
C GLY B 163 38.53 -9.90 -10.48
N GLN B 164 37.94 -8.73 -10.26
CA GLN B 164 38.54 -7.49 -10.72
C GLN B 164 39.69 -7.09 -9.81
N ILE B 165 40.77 -6.61 -10.41
CA ILE B 165 41.95 -6.16 -9.70
C ILE B 165 42.06 -4.65 -9.87
N LYS B 166 42.43 -3.96 -8.79
CA LYS B 166 42.67 -2.53 -8.84
C LYS B 166 43.94 -2.21 -8.05
N LEU B 167 44.81 -1.39 -8.63
CA LEU B 167 45.99 -0.86 -7.96
C LEU B 167 45.57 0.32 -7.09
N ALA B 168 46.28 0.52 -5.97
CA ALA B 168 45.69 1.42 -4.97
C ALA B 168 46.56 2.49 -4.31
N ASP B 169 47.65 2.14 -3.63
CA ASP B 169 48.39 3.16 -2.89
C ASP B 169 49.35 3.96 -3.77
N PHE B 170 48.87 5.10 -4.26
CA PHE B 170 49.67 6.04 -5.04
C PHE B 170 50.31 7.13 -4.19
N GLY B 171 50.79 6.79 -2.99
CA GLY B 171 51.36 7.80 -2.12
C GLY B 171 52.80 8.17 -2.44
N LEU B 172 53.53 7.26 -3.07
CA LEU B 172 54.90 7.47 -3.50
C LEU B 172 55.04 7.64 -5.00
N ALA B 173 53.94 7.99 -5.68
CA ALA B 173 53.93 8.06 -7.14
C ALA B 173 54.38 9.43 -7.64
N ARG B 174 55.19 9.43 -8.70
CA ARG B 174 55.73 10.64 -9.29
C ARG B 174 55.92 10.44 -10.79
N LEU B 175 55.92 11.56 -11.51
CA LEU B 175 56.08 11.58 -12.96
C LEU B 175 57.51 11.22 -13.37
N TYR B 176 57.63 10.56 -14.52
CA TYR B 176 58.91 10.14 -15.07
C TYR B 176 59.20 10.93 -16.34
N ASN B 177 60.39 11.51 -16.43
CA ASN B 177 60.81 12.23 -17.62
C ASN B 177 61.99 11.48 -18.24
N SER B 178 61.76 10.92 -19.44
CA SER B 178 62.80 10.22 -20.17
C SER B 178 63.90 11.18 -20.61
N GLU B 179 63.53 12.35 -21.12
CA GLU B 179 64.52 13.30 -21.60
C GLU B 179 65.38 13.85 -20.48
N GLU B 180 64.75 14.35 -19.42
CA GLU B 180 65.48 14.94 -18.31
C GLU B 180 65.56 13.92 -17.19
N SER B 181 66.77 13.43 -16.90
CA SER B 181 66.94 12.53 -15.76
C SER B 181 66.76 13.37 -14.51
N ARG B 182 65.85 12.95 -13.64
CA ARG B 182 65.54 13.75 -12.47
C ARG B 182 66.05 13.05 -11.22
N PRO B 183 66.60 13.78 -10.25
CA PRO B 183 67.03 13.12 -9.01
C PRO B 183 65.81 12.67 -8.20
N TYR B 184 65.74 11.38 -7.94
CA TYR B 184 64.66 10.81 -7.14
C TYR B 184 65.11 10.20 -5.80
N ASN B 186 66.08 7.52 -3.40
CA ASN B 186 66.61 6.21 -3.73
C ASN B 186 65.87 4.98 -3.23
N LYS B 187 65.48 4.99 -1.97
CA LYS B 187 64.83 3.87 -1.29
C LYS B 187 63.33 4.08 -1.37
N VAL B 188 62.68 3.45 -2.34
CA VAL B 188 61.26 3.74 -2.56
C VAL B 188 60.32 2.53 -2.44
N ILE B 189 60.74 1.27 -2.67
CA ILE B 189 59.82 0.13 -2.54
C ILE B 189 60.19 -0.77 -1.36
N THR B 190 59.19 -1.49 -0.84
CA THR B 190 59.47 -2.41 0.26
C THR B 190 60.49 -3.45 -0.16
N LEU B 191 61.34 -3.83 0.78
CA LEU B 191 62.54 -4.57 0.43
C LEU B 191 62.21 -5.85 -0.34
N TRP B 192 61.12 -6.51 0.02
CA TRP B 192 60.81 -7.78 -0.63
C TRP B 192 60.54 -7.62 -2.12
N TYR B 193 59.94 -6.49 -2.52
CA TYR B 193 59.62 -6.22 -3.91
C TYR B 193 60.48 -5.10 -4.50
N ARG B 194 61.67 -4.83 -3.93
CA ARG B 194 62.49 -3.74 -4.43
C ARG B 194 63.36 -4.20 -5.60
N PRO B 195 63.53 -3.37 -6.62
CA PRO B 195 64.35 -3.76 -7.77
C PRO B 195 65.83 -3.70 -7.45
N PRO B 196 66.66 -4.38 -8.23
CA PRO B 196 68.11 -4.39 -7.92
C PRO B 196 68.79 -3.03 -8.06
N GLU B 197 68.39 -2.23 -9.03
CA GLU B 197 68.99 -0.90 -9.19
C GLU B 197 68.87 -0.07 -7.92
N LEU B 198 67.68 -0.08 -7.28
CA LEU B 198 67.50 0.68 -6.06
C LEU B 198 68.25 0.07 -4.88
N LEU B 199 68.54 -1.23 -4.93
CA LEU B 199 69.39 -1.81 -3.90
C LEU B 199 70.82 -1.34 -4.05
N LEU B 200 71.28 -1.20 -5.29
CA LEU B 200 72.58 -0.63 -5.57
C LEU B 200 72.53 0.89 -5.68
N GLY B 201 71.39 1.51 -5.42
CA GLY B 201 71.38 2.95 -5.23
C GLY B 201 71.34 3.78 -6.48
N GLU B 202 70.62 3.36 -7.53
CA GLU B 202 70.59 4.15 -8.75
C GLU B 202 70.20 5.60 -8.45
N GLU B 203 69.04 5.79 -7.84
CA GLU B 203 68.57 7.11 -7.43
C GLU B 203 67.91 7.81 -8.62
N ARG B 204 68.18 7.36 -9.85
CA ARG B 204 67.53 7.87 -11.04
C ARG B 204 66.85 6.69 -11.71
N TYR B 205 65.70 6.27 -11.17
CA TYR B 205 65.20 4.98 -11.60
C TYR B 205 64.34 5.14 -12.84
N THR B 206 64.21 4.05 -13.58
CA THR B 206 63.35 3.96 -14.75
C THR B 206 61.98 3.48 -14.32
N PRO B 207 60.98 3.52 -15.21
CA PRO B 207 59.68 2.90 -14.85
C PRO B 207 59.78 1.39 -14.66
N ALA B 208 60.91 0.78 -14.97
CA ALA B 208 61.09 -0.66 -14.82
C ALA B 208 61.13 -1.11 -13.37
N ILE B 209 61.22 -0.18 -12.41
CA ILE B 209 61.17 -0.56 -11.01
C ILE B 209 59.83 -1.22 -10.69
N ASP B 210 58.76 -0.72 -11.28
CA ASP B 210 57.44 -1.27 -11.03
C ASP B 210 57.28 -2.65 -11.66
N VAL B 211 57.95 -2.88 -12.80
CA VAL B 211 57.84 -4.19 -13.45
C VAL B 211 58.49 -5.26 -12.60
N TRP B 212 59.69 -5.00 -12.09
CA TRP B 212 60.37 -5.98 -11.24
C TRP B 212 59.46 -6.43 -10.11
N SER B 213 58.77 -5.48 -9.49
CA SER B 213 57.86 -5.81 -8.40
C SER B 213 56.76 -6.76 -8.88
N CYS B 214 56.12 -6.45 -10.01
CA CYS B 214 55.03 -7.29 -10.49
C CYS B 214 55.52 -8.69 -10.84
N GLY B 215 56.78 -8.81 -11.24
CA GLY B 215 57.34 -10.14 -11.49
C GLY B 215 57.52 -10.92 -10.20
N CYS B 216 57.99 -10.25 -9.14
CA CYS B 216 58.05 -10.87 -7.83
C CYS B 216 56.66 -11.36 -7.41
N ILE B 217 55.62 -10.59 -7.73
CA ILE B 217 54.26 -11.04 -7.44
C ILE B 217 53.91 -12.25 -8.28
N LEU B 218 54.26 -12.21 -9.57
CA LEU B 218 53.98 -13.35 -10.43
C LEU B 218 54.51 -14.64 -9.83
N GLY B 219 55.78 -14.63 -9.40
CA GLY B 219 56.32 -15.81 -8.74
C GLY B 219 55.55 -16.16 -7.48
N GLU B 220 55.22 -15.16 -6.67
CA GLU B 220 54.51 -15.41 -5.41
C GLU B 220 53.16 -16.06 -5.64
N LEU B 221 52.50 -15.74 -6.77
CA LEU B 221 51.20 -16.33 -7.04
C LEU B 221 51.35 -17.83 -7.35
N PHE B 222 52.51 -18.25 -7.86
CA PHE B 222 52.77 -19.66 -8.10
C PHE B 222 53.29 -20.40 -6.88
N THR B 223 54.09 -19.75 -6.04
CA THR B 223 54.63 -20.42 -4.86
C THR B 223 53.82 -20.18 -3.61
N LYS B 224 53.02 -19.10 -3.57
CA LYS B 224 52.25 -18.66 -2.41
C LYS B 224 53.11 -18.06 -1.30
N LYS B 225 54.39 -17.80 -1.56
CA LYS B 225 55.37 -17.23 -0.66
C LYS B 225 56.19 -16.22 -1.43
N PRO B 226 56.45 -15.03 -0.86
CA PRO B 226 57.26 -14.06 -1.59
C PRO B 226 58.58 -14.69 -2.02
N ILE B 227 59.08 -14.25 -3.17
CA ILE B 227 60.25 -14.91 -3.75
C ILE B 227 61.51 -14.50 -3.00
N PHE B 228 61.71 -13.19 -2.79
CA PHE B 228 62.90 -12.71 -2.09
C PHE B 228 62.45 -11.95 -0.84
N GLN B 229 62.49 -12.59 0.33
CA GLN B 229 62.12 -11.92 1.58
C GLN B 229 63.36 -11.83 2.44
N ALA B 230 63.83 -10.62 2.69
CA ALA B 230 64.99 -10.39 3.53
C ALA B 230 64.78 -9.08 4.28
N ASN B 231 65.56 -8.89 5.34
CA ASN B 231 65.38 -7.69 6.16
C ASN B 231 66.46 -6.64 5.88
N LEU B 232 67.55 -7.01 5.22
CA LEU B 232 68.64 -6.08 4.96
C LEU B 232 68.90 -5.99 3.47
N GLU B 233 69.29 -4.78 3.04
CA GLU B 233 69.39 -4.52 1.61
C GLU B 233 70.42 -5.43 0.95
N LEU B 234 71.53 -5.68 1.64
CA LEU B 234 72.55 -6.57 1.09
C LEU B 234 72.04 -8.01 1.02
N ALA B 235 71.37 -8.48 2.07
CA ALA B 235 70.82 -9.83 2.07
C ALA B 235 69.77 -10.02 0.98
N GLN B 236 68.99 -8.97 0.68
CA GLN B 236 68.04 -9.05 -0.43
C GLN B 236 68.78 -9.23 -1.75
N LEU B 237 69.83 -8.45 -1.96
CA LEU B 237 70.63 -8.57 -3.17
C LEU B 237 71.19 -9.99 -3.30
N GLU B 238 71.60 -10.59 -2.18
CA GLU B 238 72.09 -11.97 -2.19
C GLU B 238 71.00 -12.94 -2.62
N LEU B 239 69.80 -12.79 -2.05
CA LEU B 239 68.71 -13.67 -2.44
C LEU B 239 68.38 -13.50 -3.92
N ILE B 240 68.26 -12.25 -4.37
CA ILE B 240 68.05 -11.99 -5.79
C ILE B 240 69.20 -12.55 -6.61
N SER B 241 70.44 -12.31 -6.16
CA SER B 241 71.59 -12.73 -6.94
C SER B 241 71.61 -14.24 -7.12
N ARG B 242 71.21 -14.99 -6.09
CA ARG B 242 71.24 -16.43 -6.24
C ARG B 242 70.33 -16.91 -7.35
N LEU B 243 69.15 -16.31 -7.48
CA LEU B 243 68.18 -16.76 -8.45
C LEU B 243 68.39 -16.08 -9.79
N CYS B 244 68.50 -14.75 -9.80
CA CYS B 244 68.58 -14.00 -11.04
C CYS B 244 70.00 -13.87 -11.55
N GLY B 245 70.99 -14.28 -10.77
CA GLY B 245 72.38 -14.08 -11.12
C GLY B 245 72.98 -12.86 -10.45
N SER B 246 74.29 -12.93 -10.20
CA SER B 246 74.96 -11.83 -9.53
C SER B 246 75.09 -10.65 -10.48
N PRO B 247 74.88 -9.42 -10.00
CA PRO B 247 75.14 -8.25 -10.85
C PRO B 247 76.58 -8.30 -11.35
N CYS B 248 76.74 -8.23 -12.66
CA CYS B 248 78.07 -8.27 -13.25
C CYS B 248 78.03 -7.42 -14.50
N PRO B 249 79.18 -6.92 -14.95
CA PRO B 249 79.15 -6.02 -16.12
C PRO B 249 78.57 -6.66 -17.38
N ALA B 250 78.76 -7.96 -17.58
CA ALA B 250 78.27 -8.61 -18.81
C ALA B 250 76.75 -8.56 -18.92
N VAL B 251 76.04 -8.83 -17.82
CA VAL B 251 74.58 -8.87 -17.89
C VAL B 251 73.99 -7.47 -17.66
N TRP B 252 74.78 -6.53 -17.13
CA TRP B 252 74.31 -5.19 -16.78
C TRP B 252 75.46 -4.23 -17.05
N PRO B 253 75.60 -3.76 -18.30
CA PRO B 253 76.83 -3.06 -18.68
C PRO B 253 77.11 -1.84 -17.83
N ASP B 254 76.07 -1.17 -17.34
CA ASP B 254 76.19 0.08 -16.60
C ASP B 254 76.20 -0.14 -15.10
N VAL B 255 76.28 -1.39 -14.64
CA VAL B 255 76.27 -1.66 -13.20
C VAL B 255 77.41 -0.94 -12.51
N ILE B 256 78.54 -0.74 -13.21
CA ILE B 256 79.70 -0.09 -12.60
C ILE B 256 79.42 1.35 -12.23
N ARG B 257 78.52 2.02 -12.96
CA ARG B 257 78.20 3.41 -12.64
C ARG B 257 77.29 3.53 -11.42
N LEU B 258 76.84 2.41 -10.83
CA LEU B 258 75.95 2.51 -9.69
C LEU B 258 76.73 2.77 -8.40
N PRO B 259 76.19 3.60 -7.52
CA PRO B 259 76.98 4.06 -6.36
C PRO B 259 77.52 2.93 -5.49
N TYR B 260 76.76 1.86 -5.28
CA TYR B 260 77.14 0.82 -4.32
C TYR B 260 77.61 -0.48 -4.98
N PHE B 261 77.88 -0.48 -6.30
CA PHE B 261 78.24 -1.73 -6.96
C PHE B 261 79.51 -2.33 -6.38
N ASN B 262 80.53 -1.52 -6.17
CA ASN B 262 81.73 -2.00 -5.49
C ASN B 262 81.46 -2.25 -4.01
N THR B 263 80.64 -1.39 -3.40
CA THR B 263 80.35 -1.49 -1.98
C THR B 263 79.56 -2.75 -1.66
N MET B 264 78.43 -2.96 -2.35
CA MET B 264 77.53 -4.07 -2.08
C MET B 264 77.86 -5.21 -3.05
N LYS B 265 78.38 -6.32 -2.51
CA LYS B 265 78.70 -7.45 -3.38
C LYS B 265 78.09 -8.74 -2.85
N PRO B 266 77.58 -9.61 -3.73
CA PRO B 266 77.14 -10.93 -3.28
C PRO B 266 78.34 -11.80 -2.90
N LYS B 267 78.05 -12.84 -2.12
CA LYS B 267 79.12 -13.74 -1.68
C LYS B 267 79.94 -14.27 -2.86
N LYS B 268 79.27 -14.68 -3.92
CA LYS B 268 79.89 -15.28 -5.09
C LYS B 268 79.31 -14.55 -6.30
N GLN B 269 79.84 -14.85 -7.49
CA GLN B 269 79.18 -14.40 -8.71
C GLN B 269 78.25 -15.53 -9.13
N TYR B 270 77.05 -15.54 -8.57
CA TYR B 270 76.12 -16.64 -8.79
C TYR B 270 75.64 -16.62 -10.24
N ARG B 271 75.46 -17.82 -10.81
CA ARG B 271 74.84 -17.95 -12.12
C ARG B 271 73.31 -17.87 -12.01
N ARG B 272 72.67 -17.51 -13.12
CA ARG B 272 71.22 -17.41 -13.14
C ARG B 272 70.62 -18.82 -13.12
N ARG B 273 69.67 -19.03 -12.21
CA ARG B 273 69.02 -20.33 -12.03
C ARG B 273 67.50 -20.23 -12.08
N LEU B 274 66.97 -19.10 -12.58
CA LEU B 274 65.53 -18.86 -12.51
C LEU B 274 64.75 -19.99 -13.16
N ARG B 275 65.13 -20.38 -14.38
CA ARG B 275 64.39 -21.42 -15.07
C ARG B 275 64.45 -22.74 -14.32
N GLU B 276 65.59 -23.04 -13.69
CA GLU B 276 65.70 -24.29 -12.94
C GLU B 276 64.86 -24.26 -11.67
N GLU B 277 64.97 -23.20 -10.87
CA GLU B 277 64.26 -23.21 -9.59
C GLU B 277 62.77 -23.05 -9.75
N PHE B 278 62.31 -22.46 -10.86
CA PHE B 278 60.88 -22.35 -11.16
C PHE B 278 60.45 -23.34 -12.23
N SER B 279 61.09 -24.52 -12.29
CA SER B 279 60.76 -25.48 -13.34
C SER B 279 59.29 -25.88 -13.29
N PHE B 280 58.65 -25.79 -12.13
CA PHE B 280 57.25 -26.15 -11.99
C PHE B 280 56.30 -25.09 -12.56
N ILE B 281 56.81 -23.89 -12.89
CA ILE B 281 55.99 -22.82 -13.48
C ILE B 281 55.81 -23.16 -14.96
N PRO B 282 54.63 -22.91 -15.53
CA PRO B 282 54.44 -23.11 -16.97
C PRO B 282 55.42 -22.28 -17.80
N SER B 283 55.76 -22.81 -18.98
CA SER B 283 56.77 -22.17 -19.81
C SER B 283 56.35 -20.76 -20.23
N ALA B 284 55.08 -20.59 -20.64
CA ALA B 284 54.65 -19.26 -21.03
C ALA B 284 54.84 -18.25 -19.90
N ALA B 285 54.59 -18.66 -18.66
CA ALA B 285 54.83 -17.78 -17.52
C ALA B 285 56.31 -17.68 -17.21
N LEU B 286 57.03 -18.81 -17.24
CA LEU B 286 58.44 -18.80 -16.92
C LEU B 286 59.21 -17.82 -17.79
N ASP B 287 58.88 -17.77 -19.08
CA ASP B 287 59.47 -16.76 -19.95
C ASP B 287 59.15 -15.36 -19.47
N LEU B 288 57.90 -15.13 -19.05
CA LEU B 288 57.53 -13.81 -18.54
C LEU B 288 58.33 -13.48 -17.29
N LEU B 289 58.49 -14.44 -16.38
CA LEU B 289 59.22 -14.16 -15.14
C LEU B 289 60.68 -13.84 -15.43
N ASP B 290 61.32 -14.63 -16.29
CA ASP B 290 62.72 -14.37 -16.60
C ASP B 290 62.91 -12.96 -17.15
N HIS B 291 61.95 -12.48 -17.94
CA HIS B 291 62.08 -11.15 -18.50
C HIS B 291 61.70 -10.06 -17.49
N MET B 292 60.69 -10.34 -16.65
CA MET B 292 60.29 -9.34 -15.68
C MET B 292 61.33 -9.20 -14.58
N LEU B 293 62.02 -10.28 -14.24
CA LEU B 293 63.07 -10.25 -13.23
C LEU B 293 64.45 -10.23 -13.87
N THR B 294 64.65 -9.28 -14.79
CA THR B 294 65.94 -9.06 -15.41
C THR B 294 66.71 -7.98 -14.65
N LEU B 295 67.99 -8.25 -14.39
CA LEU B 295 68.77 -7.36 -13.54
C LEU B 295 68.89 -5.97 -14.17
N ASP B 296 69.21 -5.93 -15.45
CA ASP B 296 69.45 -4.66 -16.13
C ASP B 296 68.11 -3.98 -16.42
N PRO B 297 67.85 -2.79 -15.86
CA PRO B 297 66.55 -2.14 -16.13
C PRO B 297 66.34 -1.87 -17.60
N SER B 298 67.41 -1.71 -18.37
CA SER B 298 67.30 -1.44 -19.80
C SER B 298 66.96 -2.67 -20.61
N LYS B 299 67.21 -3.86 -20.09
CA LYS B 299 66.85 -5.11 -20.72
C LYS B 299 65.60 -5.74 -20.09
N ARG B 300 65.10 -5.16 -19.00
CA ARG B 300 63.87 -5.60 -18.39
C ARG B 300 62.69 -5.23 -19.28
N CYS B 301 61.76 -6.18 -19.41
CA CYS B 301 60.61 -5.99 -20.29
C CYS B 301 59.74 -4.82 -19.84
N THR B 302 58.98 -4.28 -20.78
CA THR B 302 58.04 -3.21 -20.45
C THR B 302 56.70 -3.82 -20.05
N ALA B 303 55.78 -2.97 -19.55
CA ALA B 303 54.44 -3.45 -19.26
C ALA B 303 53.72 -3.87 -20.54
N GLU B 304 53.80 -3.05 -21.59
CA GLU B 304 53.17 -3.41 -22.85
C GLU B 304 53.71 -4.74 -23.36
N GLN B 305 55.02 -4.95 -23.25
CA GLN B 305 55.61 -6.18 -23.75
C GLN B 305 55.05 -7.38 -22.99
N THR B 306 54.77 -7.21 -21.70
CA THR B 306 54.16 -8.31 -20.95
C THR B 306 52.73 -8.60 -21.44
N LEU B 307 51.98 -7.55 -21.79
CA LEU B 307 50.64 -7.76 -22.33
C LEU B 307 50.66 -8.40 -23.71
N GLN B 308 51.74 -8.25 -24.45
CA GLN B 308 51.93 -8.92 -25.74
C GLN B 308 52.85 -10.12 -25.60
N SER B 309 52.55 -10.95 -24.59
CA SER B 309 53.27 -12.18 -24.30
C SER B 309 52.33 -13.36 -24.53
N ASP B 310 52.91 -14.51 -24.82
CA ASP B 310 52.09 -15.70 -25.02
C ASP B 310 51.20 -15.99 -23.82
N PHE B 311 51.66 -15.62 -22.62
CA PHE B 311 50.94 -15.93 -21.40
C PHE B 311 49.72 -15.03 -21.21
N LEU B 312 49.86 -13.73 -21.49
CA LEU B 312 48.80 -12.78 -21.18
C LEU B 312 48.07 -12.21 -22.39
N LYS B 313 48.60 -12.38 -23.60
CA LYS B 313 48.01 -11.72 -24.76
C LYS B 313 46.65 -12.30 -25.13
N ASP B 314 46.53 -13.62 -25.16
CA ASP B 314 45.29 -14.25 -25.59
C ASP B 314 44.35 -14.49 -24.43
N VAL B 315 44.64 -13.91 -23.28
CA VAL B 315 43.72 -13.95 -22.14
C VAL B 315 42.58 -12.98 -22.42
N GLU B 316 41.35 -13.44 -22.22
CA GLU B 316 40.18 -12.60 -22.43
C GLU B 316 39.61 -12.23 -21.06
N LEU B 317 39.55 -10.93 -20.79
CA LEU B 317 39.06 -10.44 -19.51
C LEU B 317 37.54 -10.49 -19.39
N SER B 318 36.81 -10.83 -20.46
CA SER B 318 35.38 -11.08 -20.27
C SER B 318 35.18 -12.18 -19.23
N LYS B 319 35.96 -13.25 -19.33
CA LYS B 319 35.97 -14.30 -18.31
C LYS B 319 36.95 -13.90 -17.21
N MET B 320 36.42 -13.25 -16.17
CA MET B 320 37.28 -12.78 -15.10
C MET B 320 38.05 -13.91 -14.44
N ALA B 321 37.45 -15.10 -14.39
CA ALA B 321 38.02 -16.23 -13.67
C ALA B 321 38.37 -15.78 -12.26
N PRO B 322 37.42 -15.78 -11.34
CA PRO B 322 37.70 -15.34 -9.95
C PRO B 322 38.45 -16.39 -9.16
N PRO B 323 39.37 -15.96 -8.30
CA PRO B 323 40.17 -16.91 -7.51
C PRO B 323 39.33 -17.71 -6.52
N ASP B 324 39.92 -18.80 -6.03
CA ASP B 324 39.25 -19.72 -5.11
C ASP B 324 39.24 -19.14 -3.70
N LEU B 325 38.10 -18.61 -3.25
CA LEU B 325 37.96 -18.08 -1.90
C LEU B 325 36.87 -18.87 -1.17
N PRO B 326 37.18 -20.06 -0.66
CA PRO B 326 36.17 -20.78 0.14
C PRO B 326 35.78 -19.97 1.37
N HIS B 327 34.47 -19.82 1.57
CA HIS B 327 33.94 -19.13 2.74
C HIS B 327 33.11 -20.05 3.61
N TRP B 328 32.93 -21.31 3.22
CA TRP B 328 32.27 -22.29 4.07
C TRP B 328 33.00 -23.63 4.02
N GLN B 329 32.92 -24.35 5.14
CA GLN B 329 33.63 -25.59 5.40
C GLN B 329 35.13 -25.33 5.51
N ASP B 330 35.54 -24.06 5.41
CA ASP B 330 36.91 -23.65 5.71
C ASP B 330 37.11 -23.53 7.22
N CYS B 331 36.06 -23.16 7.95
CA CYS B 331 36.09 -23.20 9.40
C CYS B 331 36.22 -24.62 9.94
N HIS B 332 35.57 -25.58 9.30
CA HIS B 332 35.74 -26.98 9.67
C HIS B 332 37.04 -27.51 9.08
N GLU B 333 37.54 -28.58 9.69
CA GLU B 333 38.85 -29.15 9.36
C GLU B 333 38.67 -30.47 8.59
N LEU B 334 39.49 -30.64 7.55
CA LEU B 334 39.37 -31.81 6.68
C LEU B 334 39.47 -33.09 7.49
N TRP B 335 38.42 -33.91 7.43
CA TRP B 335 38.43 -35.21 8.08
C TRP B 335 38.40 -36.30 7.00
N THR C 24 32.08 15.45 -12.80
CA THR C 24 33.44 14.93 -12.89
C THR C 24 34.49 15.97 -12.53
N LYS C 25 34.83 16.85 -13.48
CA LYS C 25 35.83 17.88 -13.26
C LYS C 25 35.25 19.29 -13.32
N PRO C 26 35.80 20.23 -12.54
CA PRO C 26 35.23 21.58 -12.49
C PRO C 26 35.59 22.44 -13.70
N CYS C 27 34.78 23.49 -13.89
CA CYS C 27 35.00 24.47 -14.95
C CYS C 27 35.72 25.68 -14.38
N TRP C 28 36.89 26.00 -14.92
CA TRP C 28 37.73 27.06 -14.38
C TRP C 28 37.85 28.28 -15.31
N TYR C 29 36.85 28.53 -16.14
CA TYR C 29 36.94 29.62 -17.09
C TYR C 29 35.68 30.46 -17.03
N TRP C 30 35.86 31.78 -16.98
CA TRP C 30 34.80 32.76 -16.92
C TRP C 30 34.92 33.66 -18.15
N ASP C 31 33.86 34.41 -18.42
CA ASP C 31 33.89 35.43 -19.46
C ASP C 31 34.38 36.75 -18.87
N LYS C 32 35.07 37.54 -19.71
CA LYS C 32 35.56 38.85 -19.26
C LYS C 32 34.46 39.62 -18.55
N LYS C 33 33.26 39.62 -19.12
CA LYS C 33 32.14 40.33 -18.52
C LYS C 33 31.86 39.87 -17.10
N ASP C 34 32.15 38.60 -16.80
CA ASP C 34 31.85 38.06 -15.49
C ASP C 34 32.79 38.57 -14.42
N LEU C 35 33.91 39.17 -14.81
CA LEU C 35 34.90 39.64 -13.85
C LEU C 35 34.51 40.96 -13.18
N ALA C 36 33.46 41.63 -13.64
CA ALA C 36 32.94 42.80 -12.96
C ALA C 36 32.09 42.42 -11.75
N HIS C 37 31.88 41.13 -11.53
CA HIS C 37 31.06 40.62 -10.45
C HIS C 37 31.86 39.65 -9.60
N THR C 38 33.18 39.90 -9.50
CA THR C 38 33.99 39.17 -8.55
C THR C 38 33.59 39.62 -7.15
N PRO C 39 33.87 38.80 -6.14
CA PRO C 39 33.51 39.21 -4.76
C PRO C 39 34.10 40.56 -4.38
N SER C 40 35.31 40.86 -4.85
CA SER C 40 35.97 42.10 -4.47
C SER C 40 35.27 43.29 -5.10
N GLN C 41 34.95 43.18 -6.39
CA GLN C 41 34.21 44.24 -7.06
C GLN C 41 32.96 44.61 -6.28
N LEU C 42 32.23 43.60 -5.79
CA LEU C 42 30.97 43.84 -5.10
C LEU C 42 31.13 44.38 -3.70
N GLU C 43 32.34 44.34 -3.15
CA GLU C 43 32.63 45.01 -1.88
C GLU C 43 33.18 46.41 -2.07
N GLY C 44 33.04 46.99 -3.27
CA GLY C 44 33.39 48.37 -3.50
C GLY C 44 34.77 48.58 -4.10
N LEU C 45 35.52 47.52 -4.34
CA LEU C 45 36.80 47.64 -5.02
C LEU C 45 36.55 47.90 -6.50
N ASP C 46 37.26 48.88 -7.05
CA ASP C 46 37.03 49.22 -8.45
C ASP C 46 37.87 48.32 -9.35
N PRO C 47 37.52 48.25 -10.66
CA PRO C 47 38.23 47.29 -11.53
C PRO C 47 39.74 47.51 -11.55
N ALA C 48 40.18 48.77 -11.62
CA ALA C 48 41.61 49.05 -11.67
C ALA C 48 42.32 48.52 -10.44
N THR C 49 41.70 48.68 -9.27
CA THR C 49 42.34 48.24 -8.03
C THR C 49 42.46 46.72 -7.99
N GLU C 50 41.39 46.00 -8.32
CA GLU C 50 41.50 44.54 -8.31
C GLU C 50 42.53 44.05 -9.33
N ALA C 51 42.64 44.73 -10.47
CA ALA C 51 43.67 44.35 -11.43
C ALA C 51 45.05 44.58 -10.84
N ARG C 52 45.25 45.75 -10.21
CA ARG C 52 46.51 46.03 -9.53
C ARG C 52 46.80 44.98 -8.46
N TYR C 53 45.81 44.71 -7.60
CA TYR C 53 46.01 43.70 -6.56
C TYR C 53 46.41 42.36 -7.19
N ARG C 54 45.82 42.04 -8.34
CA ARG C 54 46.12 40.75 -8.96
C ARG C 54 47.55 40.71 -9.50
N ARG C 55 48.02 41.84 -10.04
CA ARG C 55 49.38 41.86 -10.57
C ARG C 55 50.41 41.78 -9.44
N GLU C 56 50.19 42.52 -8.37
CA GLU C 56 51.10 42.52 -7.23
C GLU C 56 51.17 41.15 -6.60
N GLY C 57 50.00 40.52 -6.37
CA GLY C 57 50.00 39.18 -5.82
C GLY C 57 50.72 38.18 -6.70
N ALA C 58 50.42 38.21 -8.01
CA ALA C 58 51.07 37.29 -8.93
C ALA C 58 52.58 37.53 -8.97
N ARG C 59 52.97 38.80 -9.09
CA ARG C 59 54.41 39.12 -9.16
C ARG C 59 55.11 38.80 -7.85
N PHE C 60 54.41 39.00 -6.72
CA PHE C 60 54.92 38.56 -5.43
C PHE C 60 55.20 37.05 -5.46
N ILE C 61 54.24 36.26 -5.92
CA ILE C 61 54.46 34.83 -6.04
C ILE C 61 55.67 34.55 -6.92
N PHE C 62 55.77 35.25 -8.05
CA PHE C 62 56.87 35.02 -8.99
C PHE C 62 58.21 35.37 -8.35
N ASP C 63 58.30 36.55 -7.77
CA ASP C 63 59.57 37.01 -7.21
C ASP C 63 60.02 36.12 -6.07
N VAL C 64 59.09 35.75 -5.19
CA VAL C 64 59.45 34.90 -4.05
C VAL C 64 59.99 33.56 -4.54
N GLY C 65 59.28 32.93 -5.48
CA GLY C 65 59.69 31.61 -5.93
C GLY C 65 60.99 31.63 -6.71
N THR C 66 61.21 32.68 -7.50
CA THR C 66 62.46 32.79 -8.24
C THR C 66 63.64 32.87 -7.28
N ARG C 67 63.48 33.62 -6.18
CA ARG C 67 64.53 33.69 -5.17
C ARG C 67 64.81 32.32 -4.55
N LEU C 68 63.77 31.51 -4.38
CA LEU C 68 63.91 30.17 -3.82
C LEU C 68 64.37 29.14 -4.84
N GLY C 69 64.52 29.54 -6.10
CA GLY C 69 64.99 28.61 -7.10
C GLY C 69 63.94 27.71 -7.68
N LEU C 70 62.69 28.14 -7.71
CA LEU C 70 61.61 27.25 -8.10
C LEU C 70 61.43 27.19 -9.61
N HIS C 71 61.03 26.01 -10.08
CA HIS C 71 60.72 25.74 -11.48
C HIS C 71 59.60 26.65 -11.96
N TYR C 72 59.60 26.95 -13.26
CA TYR C 72 58.62 27.89 -13.79
C TYR C 72 57.20 27.36 -13.65
N ASP C 73 57.01 26.04 -13.77
CA ASP C 73 55.68 25.47 -13.58
C ASP C 73 55.19 25.70 -12.15
N THR C 74 56.10 25.59 -11.17
CA THR C 74 55.68 25.79 -9.78
C THR C 74 55.21 27.21 -9.56
N LEU C 75 55.93 28.19 -10.14
CA LEU C 75 55.49 29.58 -10.01
C LEU C 75 54.12 29.78 -10.65
N ALA C 76 53.92 29.22 -11.84
CA ALA C 76 52.66 29.42 -12.54
C ALA C 76 51.51 28.76 -11.77
N THR C 77 51.72 27.55 -11.28
CA THR C 77 50.65 26.86 -10.54
C THR C 77 50.19 27.70 -9.35
N GLY C 78 51.13 28.25 -8.59
CA GLY C 78 50.75 29.14 -7.51
C GLY C 78 49.94 30.32 -7.98
N ILE C 79 50.35 30.91 -9.12
CA ILE C 79 49.66 32.08 -9.65
C ILE C 79 48.27 31.72 -10.11
N ILE C 80 48.10 30.51 -10.68
CA ILE C 80 46.77 30.09 -11.08
C ILE C 80 45.88 29.85 -9.87
N TYR C 81 46.42 29.17 -8.84
CA TYR C 81 45.70 29.05 -7.59
C TYR C 81 45.29 30.42 -7.07
N PHE C 82 46.24 31.36 -7.07
CA PHE C 82 45.96 32.72 -6.60
C PHE C 82 44.82 33.34 -7.39
N HIS C 83 44.93 33.34 -8.72
CA HIS C 83 43.91 33.98 -9.54
C HIS C 83 42.55 33.33 -9.33
N ARG C 84 42.51 32.00 -9.26
CA ARG C 84 41.24 31.33 -9.05
C ARG C 84 40.65 31.69 -7.69
N PHE C 85 41.51 31.76 -6.65
CA PHE C 85 41.04 32.02 -5.29
C PHE C 85 40.17 33.28 -5.23
N TYR C 86 40.63 34.37 -5.84
CA TYR C 86 39.97 35.66 -5.75
C TYR C 86 38.86 35.84 -6.77
N MET C 87 38.49 34.76 -7.45
CA MET C 87 37.21 34.63 -8.12
C MET C 87 36.12 34.13 -7.18
N PHE C 88 36.49 33.62 -5.99
CA PHE C 88 35.52 33.15 -5.02
C PHE C 88 35.56 33.92 -3.71
N HIS C 89 36.55 34.80 -3.49
CA HIS C 89 36.71 35.52 -2.24
C HIS C 89 37.09 36.96 -2.55
N SER C 90 37.03 37.82 -1.52
CA SER C 90 37.31 39.24 -1.71
C SER C 90 38.71 39.58 -1.21
N PHE C 91 39.38 40.50 -1.94
CA PHE C 91 40.68 40.99 -1.51
C PHE C 91 40.64 41.74 -0.19
N LYS C 92 39.49 42.31 0.18
CA LYS C 92 39.43 43.08 1.42
C LYS C 92 39.45 42.18 2.65
N GLN C 93 38.98 40.94 2.53
CA GLN C 93 38.94 40.01 3.64
C GLN C 93 40.11 39.03 3.66
N PHE C 94 40.75 38.79 2.52
CA PHE C 94 41.92 37.92 2.49
C PHE C 94 43.12 38.69 1.97
N PRO C 95 44.06 39.04 2.84
CA PRO C 95 45.23 39.80 2.38
C PRO C 95 46.00 39.04 1.31
N ARG C 96 46.35 39.75 0.24
CA ARG C 96 46.80 39.07 -0.98
C ARG C 96 48.14 38.37 -0.78
N TYR C 97 49.08 39.00 -0.10
CA TYR C 97 50.41 38.42 -0.01
C TYR C 97 50.42 37.17 0.86
N VAL C 98 49.53 37.10 1.86
CA VAL C 98 49.37 35.85 2.59
C VAL C 98 48.83 34.77 1.64
N THR C 99 47.78 35.11 0.90
CA THR C 99 47.22 34.19 -0.08
C THR C 99 48.30 33.74 -1.07
N GLY C 100 49.03 34.70 -1.63
CA GLY C 100 50.09 34.33 -2.56
C GLY C 100 51.08 33.37 -1.96
N ALA C 101 51.57 33.68 -0.76
CA ALA C 101 52.52 32.78 -0.09
C ALA C 101 51.92 31.39 0.10
N CYS C 102 50.65 31.32 0.51
CA CYS C 102 50.03 30.02 0.68
C CYS C 102 49.92 29.27 -0.64
N CYS C 103 49.54 29.96 -1.71
CA CYS C 103 49.46 29.33 -3.02
C CYS C 103 50.82 28.74 -3.43
N LEU C 104 51.88 29.54 -3.30
CA LEU C 104 53.20 29.04 -3.65
C LEU C 104 53.59 27.84 -2.80
N PHE C 105 53.29 27.91 -1.49
CA PHE C 105 53.57 26.79 -0.61
C PHE C 105 52.87 25.52 -1.09
N LEU C 106 51.59 25.61 -1.40
CA LEU C 106 50.88 24.42 -1.88
C LEU C 106 51.38 24.01 -3.27
N ALA C 107 51.58 24.99 -4.16
CA ALA C 107 52.08 24.69 -5.50
C ALA C 107 53.35 23.86 -5.42
N GLY C 108 54.24 24.17 -4.48
CA GLY C 108 55.46 23.41 -4.35
C GLY C 108 55.21 21.94 -4.06
N LYS C 109 54.25 21.65 -3.19
CA LYS C 109 53.94 20.25 -2.90
C LYS C 109 53.26 19.59 -4.08
N VAL C 110 52.40 20.32 -4.79
CA VAL C 110 51.72 19.73 -5.94
C VAL C 110 52.71 19.38 -7.05
N GLU C 111 53.61 20.30 -7.37
CA GLU C 111 54.54 20.14 -8.49
C GLU C 111 55.84 19.44 -8.10
N GLU C 112 55.95 18.93 -6.86
CA GLU C 112 57.13 18.20 -6.39
C GLU C 112 58.40 19.05 -6.39
N THR C 113 58.25 20.33 -6.06
CA THR C 113 59.37 21.22 -5.80
C THR C 113 59.14 21.85 -4.42
N PRO C 114 59.04 21.01 -3.38
CA PRO C 114 58.52 21.51 -2.10
C PRO C 114 59.48 22.47 -1.40
N LYS C 115 58.88 23.36 -0.60
CA LYS C 115 59.63 24.27 0.24
C LYS C 115 58.99 24.32 1.62
N LYS C 116 59.81 24.59 2.64
CA LYS C 116 59.29 24.73 3.99
C LYS C 116 58.62 26.09 4.13
N CYS C 117 57.49 26.11 4.83
CA CYS C 117 56.76 27.35 4.98
C CYS C 117 57.62 28.45 5.58
N LYS C 118 58.48 28.11 6.55
CA LYS C 118 59.33 29.12 7.16
C LYS C 118 60.23 29.78 6.13
N ASP C 119 60.70 29.01 5.13
CA ASP C 119 61.58 29.59 4.12
C ASP C 119 60.80 30.55 3.21
N ILE C 120 59.56 30.21 2.88
CA ILE C 120 58.78 31.11 2.05
C ILE C 120 58.54 32.43 2.79
N ILE C 121 58.26 32.33 4.09
CA ILE C 121 58.05 33.53 4.91
C ILE C 121 59.30 34.39 4.91
N LYS C 122 60.46 33.78 5.11
CA LYS C 122 61.71 34.52 5.15
C LYS C 122 61.91 35.33 3.88
N THR C 123 61.74 34.68 2.72
CA THR C 123 61.95 35.36 1.45
C THR C 123 60.95 36.49 1.27
N ALA C 124 59.70 36.25 1.69
CA ALA C 124 58.68 37.30 1.61
C ALA C 124 59.07 38.51 2.44
N ARG C 125 59.71 38.29 3.60
CA ARG C 125 60.11 39.41 4.43
C ARG C 125 61.08 40.32 3.70
N SER C 126 62.02 39.73 2.96
CA SER C 126 63.00 40.51 2.23
C SER C 126 62.34 41.38 1.17
N LEU C 127 61.37 40.83 0.45
CA LEU C 127 60.82 41.54 -0.70
C LEU C 127 59.72 42.51 -0.29
N LEU C 128 58.99 42.22 0.79
CA LEU C 128 57.91 43.10 1.21
C LEU C 128 58.44 44.11 2.23
N ASN C 129 57.90 45.33 2.19
CA ASN C 129 58.24 46.32 3.18
C ASN C 129 57.50 45.99 4.48
N ASP C 130 57.72 46.80 5.51
CA ASP C 130 57.18 46.45 6.81
C ASP C 130 55.66 46.50 6.82
N VAL C 131 55.08 47.52 6.19
CA VAL C 131 53.63 47.63 6.10
C VAL C 131 53.05 46.42 5.38
N GLN C 132 53.64 46.07 4.24
CA GLN C 132 53.14 44.92 3.47
C GLN C 132 53.25 43.64 4.29
N PHE C 133 54.37 43.43 4.98
CA PHE C 133 54.51 42.23 5.79
C PHE C 133 53.51 42.25 6.95
N GLY C 134 52.95 43.42 7.28
CA GLY C 134 51.91 43.48 8.28
C GLY C 134 50.73 42.57 7.99
N GLN C 135 50.47 42.30 6.70
CA GLN C 135 49.36 41.40 6.35
C GLN C 135 49.53 40.04 7.03
N PHE C 136 50.77 39.60 7.22
CA PHE C 136 51.03 38.30 7.86
C PHE C 136 50.76 38.32 9.35
N GLY C 137 50.41 39.47 9.90
CA GLY C 137 50.05 39.54 11.29
C GLY C 137 51.21 39.21 12.20
N ASP C 138 50.85 38.79 13.41
CA ASP C 138 51.85 38.57 14.46
C ASP C 138 52.61 37.28 14.24
N ASP C 139 52.00 36.30 13.59
CA ASP C 139 52.60 35.00 13.32
C ASP C 139 52.47 34.69 11.84
N PRO C 140 53.47 35.07 11.04
CA PRO C 140 53.35 34.85 9.59
C PRO C 140 53.12 33.40 9.18
N LYS C 141 53.91 32.46 9.72
CA LYS C 141 53.76 31.06 9.32
C LYS C 141 52.34 30.57 9.58
N GLU C 142 51.80 30.88 10.75
CA GLU C 142 50.45 30.41 11.09
C GLU C 142 49.41 30.95 10.14
N GLU C 143 49.46 32.25 9.84
CA GLU C 143 48.44 32.81 8.94
C GLU C 143 48.45 32.09 7.60
N VAL C 144 49.64 31.69 7.14
CA VAL C 144 49.75 30.98 5.86
C VAL C 144 49.28 29.54 5.99
N MET C 145 49.78 28.82 7.01
CA MET C 145 49.41 27.42 7.13
C MET C 145 47.91 27.24 7.35
N VAL C 146 47.29 28.17 8.07
CA VAL C 146 45.87 28.08 8.35
C VAL C 146 45.05 28.23 7.08
N LEU C 147 45.54 29.00 6.12
CA LEU C 147 44.80 29.26 4.89
C LEU C 147 44.75 28.05 3.98
N GLU C 148 45.69 27.10 4.13
CA GLU C 148 45.75 25.97 3.21
C GLU C 148 44.40 25.26 3.13
N ARG C 149 43.70 25.14 4.25
CA ARG C 149 42.39 24.49 4.23
C ARG C 149 41.44 25.22 3.29
N ILE C 150 41.37 26.54 3.41
CA ILE C 150 40.46 27.31 2.57
C ILE C 150 40.91 27.27 1.13
N LEU C 151 42.22 27.29 0.88
CA LEU C 151 42.71 27.20 -0.48
C LEU C 151 42.27 25.89 -1.12
N LEU C 152 42.52 24.77 -0.44
CA LEU C 152 42.17 23.47 -1.01
C LEU C 152 40.68 23.35 -1.30
N GLN C 153 39.84 23.76 -0.34
CA GLN C 153 38.40 23.68 -0.58
C GLN C 153 37.98 24.60 -1.73
N THR C 154 38.62 25.78 -1.80
CA THR C 154 38.26 26.73 -2.85
C THR C 154 38.60 26.19 -4.22
N ILE C 155 39.79 25.60 -4.38
CA ILE C 155 40.19 25.07 -5.68
C ILE C 155 39.56 23.71 -5.94
N LYS C 156 38.65 23.29 -5.06
CA LYS C 156 37.86 22.09 -5.29
C LYS C 156 38.75 20.86 -5.48
N PHE C 157 39.93 20.90 -4.88
CA PHE C 157 40.92 19.82 -4.93
C PHE C 157 41.30 19.42 -6.35
N ASP C 158 41.11 20.31 -7.34
CA ASP C 158 41.62 20.11 -8.69
C ASP C 158 43.00 20.74 -8.75
N LEU C 159 44.02 19.94 -8.38
CA LEU C 159 45.37 20.46 -8.20
C LEU C 159 46.20 20.42 -9.48
N GLN C 160 45.85 19.53 -10.42
CA GLN C 160 46.61 19.40 -11.66
C GLN C 160 46.27 20.56 -12.57
N VAL C 161 47.30 21.27 -13.00
CA VAL C 161 47.16 22.43 -13.87
C VAL C 161 48.13 22.31 -15.04
N GLU C 162 47.68 22.70 -16.22
CA GLU C 162 48.49 22.76 -17.42
C GLU C 162 48.76 24.22 -17.73
N HIS C 163 49.95 24.50 -18.27
CA HIS C 163 50.37 25.88 -18.45
C HIS C 163 50.79 26.13 -19.90
N PRO C 164 50.70 27.37 -20.37
CA PRO C 164 51.03 27.66 -21.78
C PRO C 164 52.42 27.20 -22.18
N TYR C 165 53.33 27.03 -21.21
CA TYR C 165 54.71 26.72 -21.56
C TYR C 165 54.82 25.40 -22.33
N GLN C 166 54.16 24.34 -21.82
CA GLN C 166 54.33 23.03 -22.45
C GLN C 166 53.86 23.05 -23.90
N PHE C 167 52.78 23.79 -24.18
CA PHE C 167 52.23 23.84 -25.54
C PHE C 167 53.08 24.71 -26.45
N LEU C 168 53.65 25.78 -25.92
CA LEU C 168 54.58 26.59 -26.70
C LEU C 168 55.72 25.73 -27.22
N LEU C 169 56.22 24.81 -26.40
CA LEU C 169 57.31 23.93 -26.82
C LEU C 169 56.80 22.78 -27.68
N LYS C 170 55.64 22.22 -27.34
CA LYS C 170 55.12 21.11 -28.13
C LYS C 170 54.83 21.59 -29.56
N TYR C 171 54.26 22.79 -29.70
CA TYR C 171 53.95 23.34 -31.01
C TYR C 171 55.23 23.81 -31.72
N ALA C 172 56.13 24.47 -30.98
CA ALA C 172 57.36 24.96 -31.60
C ALA C 172 58.20 23.81 -32.16
N LYS C 173 58.18 22.66 -31.49
CA LYS C 173 58.96 21.52 -31.98
C LYS C 173 58.52 21.10 -33.37
N GLN C 174 57.24 21.30 -33.71
CA GLN C 174 56.73 20.92 -35.03
C GLN C 174 57.03 21.97 -36.10
N LEU C 175 57.59 23.11 -35.73
CA LEU C 175 58.04 24.09 -36.71
C LEU C 175 59.42 23.70 -37.23
N LYS C 176 59.61 23.81 -38.54
CA LYS C 176 60.88 23.48 -39.18
C LYS C 176 61.31 24.70 -39.97
N GLY C 177 62.54 25.16 -39.77
CA GLY C 177 63.01 26.34 -40.45
C GLY C 177 64.30 26.84 -39.84
N ASP C 178 64.60 28.12 -40.07
CA ASP C 178 65.79 28.71 -39.47
C ASP C 178 65.75 28.56 -37.96
N LYS C 179 66.79 27.95 -37.39
CA LYS C 179 66.80 27.72 -35.95
C LYS C 179 66.78 29.04 -35.20
N ASN C 180 67.45 30.06 -35.72
CA ASN C 180 67.51 31.33 -35.00
C ASN C 180 66.18 32.07 -35.06
N LYS C 181 65.50 32.02 -36.21
CA LYS C 181 64.22 32.70 -36.32
C LYS C 181 63.16 32.05 -35.42
N ILE C 182 63.13 30.72 -35.35
CA ILE C 182 62.17 30.05 -34.49
C ILE C 182 62.50 30.29 -33.02
N GLN C 183 63.78 30.20 -32.66
CA GLN C 183 64.15 30.44 -31.27
C GLN C 183 63.79 31.86 -30.84
N LYS C 184 63.96 32.84 -31.72
CA LYS C 184 63.52 34.19 -31.38
C LYS C 184 62.00 34.23 -31.15
N LEU C 185 61.24 33.49 -31.97
CA LEU C 185 59.80 33.40 -31.74
C LEU C 185 59.50 32.80 -30.38
N VAL C 186 60.16 31.69 -30.03
CA VAL C 186 59.87 31.01 -28.77
C VAL C 186 60.17 31.92 -27.58
N GLN C 187 61.36 32.53 -27.54
CA GLN C 187 61.71 33.32 -26.36
C GLN C 187 60.77 34.52 -26.19
N MET C 188 60.45 35.21 -27.29
CA MET C 188 59.54 36.33 -27.17
C MET C 188 58.17 35.87 -26.67
N ALA C 189 57.67 34.76 -27.22
CA ALA C 189 56.40 34.20 -26.75
C ALA C 189 56.50 33.78 -25.29
N TRP C 190 57.60 33.13 -24.92
CA TRP C 190 57.80 32.74 -23.52
C TRP C 190 57.70 33.93 -22.59
N THR C 191 58.31 35.06 -22.96
CA THR C 191 58.18 36.28 -22.16
C THR C 191 56.72 36.72 -22.08
N PHE C 192 55.97 36.59 -23.18
CA PHE C 192 54.57 36.95 -23.15
C PHE C 192 53.78 36.03 -22.22
N VAL C 193 54.15 34.75 -22.14
CA VAL C 193 53.50 33.87 -21.18
C VAL C 193 53.76 34.34 -19.75
N ASN C 194 55.03 34.65 -19.44
CA ASN C 194 55.35 35.10 -18.08
C ASN C 194 54.58 36.36 -17.74
N ASP C 195 54.33 37.22 -18.74
CA ASP C 195 53.63 38.47 -18.50
C ASP C 195 52.13 38.26 -18.37
N SER C 196 51.60 37.22 -19.02
CA SER C 196 50.17 36.94 -18.96
C SER C 196 49.74 36.37 -17.61
N LEU C 197 50.70 35.89 -16.80
CA LEU C 197 50.36 35.39 -15.47
C LEU C 197 49.87 36.50 -14.56
N CYS C 198 50.22 37.76 -14.85
CA CYS C 198 49.76 38.90 -14.06
C CYS C 198 48.31 39.28 -14.39
N THR C 199 47.70 38.63 -15.37
CA THR C 199 46.37 38.97 -15.85
C THR C 199 45.40 37.83 -15.60
N THR C 200 44.13 38.12 -15.88
CA THR C 200 43.05 37.16 -15.76
C THR C 200 42.89 36.31 -17.01
N LEU C 201 43.82 36.39 -17.96
CA LEU C 201 43.74 35.52 -19.11
C LEU C 201 43.75 34.06 -18.69
N SER C 202 44.51 33.75 -17.63
CA SER C 202 44.55 32.40 -17.09
C SER C 202 43.17 31.90 -16.69
N LEU C 203 42.25 32.83 -16.41
CA LEU C 203 40.91 32.50 -15.95
C LEU C 203 39.88 32.55 -17.08
N GLN C 204 40.30 32.90 -18.29
CA GLN C 204 39.39 33.01 -19.42
C GLN C 204 39.62 31.98 -20.52
N TRP C 205 40.87 31.65 -20.80
CA TRP C 205 41.22 30.84 -21.95
C TRP C 205 42.09 29.68 -21.51
N GLU C 206 41.87 28.52 -22.13
CA GLU C 206 42.70 27.36 -21.82
C GLU C 206 44.15 27.67 -22.17
N PRO C 207 45.10 27.00 -21.51
CA PRO C 207 46.52 27.28 -21.80
C PRO C 207 46.88 27.05 -23.26
N GLU C 208 46.30 26.04 -23.92
CA GLU C 208 46.63 25.80 -25.32
C GLU C 208 46.40 27.03 -26.16
N ILE C 209 45.30 27.75 -25.91
CA ILE C 209 45.01 28.97 -26.66
C ILE C 209 46.03 30.06 -26.34
N ILE C 210 46.47 30.12 -25.07
CA ILE C 210 47.43 31.15 -24.68
C ILE C 210 48.75 30.91 -25.41
N ALA C 211 49.17 29.64 -25.51
CA ALA C 211 50.41 29.33 -26.21
C ALA C 211 50.32 29.75 -27.67
N VAL C 212 49.18 29.47 -28.31
CA VAL C 212 49.02 29.88 -29.70
C VAL C 212 48.97 31.40 -29.81
N ALA C 213 48.25 32.06 -28.89
CA ALA C 213 48.13 33.50 -28.94
C ALA C 213 49.51 34.17 -28.85
N VAL C 214 50.37 33.66 -27.97
CA VAL C 214 51.69 34.28 -27.82
C VAL C 214 52.59 33.97 -29.02
N MET C 215 52.44 32.78 -29.63
CA MET C 215 53.13 32.54 -30.90
C MET C 215 52.66 33.53 -31.97
N TYR C 216 51.35 33.71 -32.08
CA TYR C 216 50.74 34.66 -33.02
C TYR C 216 51.26 36.08 -32.78
N LEU C 217 51.30 36.50 -31.51
CA LEU C 217 51.76 37.85 -31.22
C LEU C 217 53.22 38.04 -31.60
N ALA C 218 54.09 37.14 -31.15
CA ALA C 218 55.50 37.24 -31.50
C ALA C 218 55.70 37.23 -33.02
N GLY C 219 54.94 36.40 -33.73
CA GLY C 219 55.06 36.36 -35.18
C GLY C 219 54.75 37.70 -35.83
N ARG C 220 53.64 38.32 -35.41
CA ARG C 220 53.34 39.65 -35.90
C ARG C 220 54.46 40.63 -35.59
N LEU C 221 54.99 40.59 -34.36
CA LEU C 221 56.01 41.55 -33.98
C LEU C 221 57.31 41.32 -34.74
N CYS C 222 57.71 40.06 -34.96
CA CYS C 222 58.94 39.77 -35.68
C CYS C 222 58.75 39.73 -37.20
N LYS C 223 57.54 39.98 -37.69
CA LYS C 223 57.23 39.93 -39.13
C LYS C 223 57.59 38.56 -39.72
N PHE C 224 57.31 37.50 -38.97
CA PHE C 224 57.47 36.12 -39.42
C PHE C 224 56.13 35.57 -39.89
N GLU C 225 56.17 34.72 -40.92
CA GLU C 225 54.97 34.02 -41.39
C GLU C 225 55.06 32.55 -41.02
N ILE C 226 54.53 32.22 -39.85
CA ILE C 226 54.71 30.91 -39.24
C ILE C 226 54.15 29.80 -40.13
N GLN C 227 53.20 30.12 -41.00
CA GLN C 227 52.58 29.08 -41.82
C GLN C 227 53.61 28.27 -42.59
N GLU C 228 54.69 28.90 -43.05
CA GLU C 228 55.66 28.19 -43.87
C GLU C 228 56.35 27.09 -43.08
N TRP C 229 56.53 27.30 -41.77
CA TRP C 229 57.21 26.32 -40.95
C TRP C 229 56.32 25.13 -40.57
N THR C 230 55.01 25.25 -40.75
CA THR C 230 54.12 24.15 -40.42
C THR C 230 54.12 23.12 -41.55
N SER C 231 53.61 21.93 -41.25
CA SER C 231 53.58 20.88 -42.26
C SER C 231 52.73 21.29 -43.45
N LYS C 232 51.68 22.09 -43.23
CA LYS C 232 50.82 22.59 -44.28
C LYS C 232 51.21 24.04 -44.58
N PRO C 233 52.01 24.31 -45.62
CA PRO C 233 52.52 25.68 -45.80
C PRO C 233 51.50 26.64 -46.39
N MET C 234 50.44 26.14 -47.01
CA MET C 234 49.40 26.99 -47.56
C MET C 234 48.22 27.13 -46.60
N TYR C 235 48.36 26.63 -45.37
CA TYR C 235 47.33 26.75 -44.34
C TYR C 235 47.61 28.06 -43.63
N ARG C 236 46.93 29.13 -44.04
CA ARG C 236 47.25 30.45 -43.49
C ARG C 236 46.89 30.54 -42.02
N ARG C 237 45.81 29.88 -41.60
CA ARG C 237 45.46 29.80 -40.19
C ARG C 237 46.28 28.66 -39.62
N TRP C 238 47.58 28.94 -39.44
CA TRP C 238 48.52 27.89 -39.08
C TRP C 238 48.16 27.22 -37.77
N TRP C 239 47.57 27.98 -36.83
CA TRP C 239 47.31 27.44 -35.51
C TRP C 239 46.23 26.35 -35.51
N GLU C 240 45.35 26.34 -36.52
CA GLU C 240 44.25 25.38 -36.53
C GLU C 240 44.73 23.94 -36.54
N GLN C 241 46.00 23.69 -36.86
CA GLN C 241 46.59 22.36 -36.79
C GLN C 241 47.07 22.01 -35.40
N PHE C 242 47.15 22.99 -34.50
CA PHE C 242 47.48 22.75 -33.09
C PHE C 242 46.27 22.85 -32.16
N VAL C 243 45.43 23.84 -32.38
CA VAL C 243 44.28 24.13 -31.53
C VAL C 243 43.07 24.28 -32.44
N GLN C 244 42.13 23.35 -32.33
CA GLN C 244 40.95 23.39 -33.17
C GLN C 244 39.94 24.37 -32.59
N ASP C 245 39.22 25.03 -33.49
CA ASP C 245 38.08 25.87 -33.15
C ASP C 245 38.47 27.17 -32.47
N VAL C 246 39.61 27.75 -32.81
CA VAL C 246 39.99 29.03 -32.21
C VAL C 246 39.87 30.13 -33.26
N PRO C 247 38.97 31.08 -33.09
CA PRO C 247 38.90 32.19 -34.03
C PRO C 247 40.00 33.21 -33.75
N VAL C 248 40.32 33.97 -34.81
CA VAL C 248 41.25 35.08 -34.65
C VAL C 248 40.70 36.07 -33.63
N ASP C 249 39.37 36.19 -33.55
CA ASP C 249 38.79 37.08 -32.55
C ASP C 249 39.43 36.83 -31.19
N VAL C 250 39.55 35.56 -30.82
CA VAL C 250 40.12 35.20 -29.54
C VAL C 250 41.59 35.58 -29.48
N LEU C 251 42.38 35.16 -30.47
CA LEU C 251 43.81 35.44 -30.43
C LEU C 251 44.08 36.95 -30.40
N GLU C 252 43.25 37.73 -31.09
CA GLU C 252 43.45 39.18 -31.05
C GLU C 252 43.08 39.75 -29.69
N ASP C 253 42.00 39.27 -29.09
CA ASP C 253 41.65 39.72 -27.75
C ASP C 253 42.79 39.46 -26.78
N ILE C 254 43.40 38.27 -26.84
CA ILE C 254 44.50 37.93 -25.95
C ILE C 254 45.69 38.85 -26.22
N CYS C 255 46.06 39.02 -27.49
CA CYS C 255 47.16 39.90 -27.82
C CYS C 255 46.93 41.31 -27.27
N HIS C 256 45.72 41.86 -27.50
CA HIS C 256 45.39 43.19 -27.01
C HIS C 256 45.63 43.26 -25.51
N GLN C 257 45.16 42.25 -24.77
CA GLN C 257 45.31 42.25 -23.32
C GLN C 257 46.77 42.18 -22.91
N ILE C 258 47.60 41.40 -23.61
CA ILE C 258 49.00 41.31 -23.23
C ILE C 258 49.72 42.63 -23.49
N LEU C 259 49.53 43.21 -24.68
CA LEU C 259 50.23 44.45 -24.98
C LEU C 259 49.75 45.62 -24.13
N ASP C 260 48.53 45.55 -23.58
CA ASP C 260 48.05 46.61 -22.70
C ASP C 260 48.96 46.75 -21.48
N LEU C 261 49.42 45.62 -20.95
CA LEU C 261 50.32 45.67 -19.81
C LEU C 261 51.58 46.45 -20.16
N TYR C 262 52.12 46.26 -21.37
CA TYR C 262 53.31 46.99 -21.77
C TYR C 262 53.02 48.48 -21.96
N SER C 263 51.88 48.83 -22.57
CA SER C 263 51.58 50.23 -22.81
C SER C 263 51.28 50.98 -21.52
N GLN C 264 50.56 50.33 -20.59
CA GLN C 264 50.29 50.94 -19.30
C GLN C 264 51.60 51.19 -18.55
N GLY C 265 52.49 50.20 -18.51
CA GLY C 265 53.73 50.37 -17.78
C GLY C 265 54.67 51.24 -18.57
N LYS C 266 55.93 51.24 -18.15
CA LYS C 266 56.99 51.92 -18.88
C LYS C 266 57.73 50.96 -19.78
N GLN C 267 57.60 49.66 -19.53
CA GLN C 267 58.24 48.61 -20.31
C GLN C 267 57.66 48.53 -21.73
N GLN C 268 58.49 48.06 -22.66
CA GLN C 268 58.12 47.91 -24.06
C GLN C 268 58.24 46.46 -24.51
N MET C 269 57.76 46.18 -25.72
CA MET C 269 57.81 44.82 -26.24
C MET C 269 59.25 44.33 -26.30
N PRO C 270 59.51 43.04 -25.98
CA PRO C 270 60.92 42.62 -25.85
C PRO C 270 61.74 42.74 -27.13
N HIS C 271 61.21 42.27 -28.25
CA HIS C 271 61.92 42.25 -29.54
C HIS C 271 63.43 42.12 -29.39
N MET D 5 -23.02 57.56 14.21
CA MET D 5 -21.83 58.20 13.57
C MET D 5 -20.68 58.25 14.59
N SER D 6 -19.46 58.40 14.10
CA SER D 6 -18.28 58.44 14.94
C SER D 6 -17.58 59.79 14.77
N TYR D 7 -16.95 60.25 15.85
CA TYR D 7 -16.36 61.58 15.90
C TYR D 7 -14.90 61.46 16.33
N ASN D 8 -14.00 61.96 15.50
CA ASN D 8 -12.57 61.83 15.73
C ASN D 8 -11.86 63.12 15.37
N TYR D 9 -10.61 63.20 15.83
CA TYR D 9 -9.74 64.37 15.77
C TYR D 9 -8.38 63.86 15.30
N VAL D 10 -7.79 64.55 14.33
CA VAL D 10 -6.52 64.12 13.75
C VAL D 10 -5.54 65.29 13.77
N VAL D 11 -4.37 65.08 14.37
CA VAL D 11 -3.33 66.10 14.45
C VAL D 11 -1.99 65.54 14.01
N THR D 12 -1.11 66.45 13.60
CA THR D 12 0.26 66.13 13.26
C THR D 12 1.14 66.26 14.51
N ALA D 13 1.81 65.17 14.89
CA ALA D 13 2.78 65.24 15.97
C ALA D 13 4.16 65.62 15.46
N GLN D 14 4.57 65.08 14.32
CA GLN D 14 5.81 65.46 13.65
C GLN D 14 5.48 65.71 12.19
N LYS D 15 5.91 66.85 11.67
CA LYS D 15 5.61 67.20 10.29
C LYS D 15 6.39 66.32 9.32
N PRO D 16 5.98 66.27 8.06
CA PRO D 16 6.72 65.47 7.07
C PRO D 16 8.19 65.89 7.04
N THR D 17 9.09 64.91 7.08
CA THR D 17 10.51 65.17 7.10
C THR D 17 11.19 64.85 5.78
N ALA D 18 10.57 64.04 4.93
CA ALA D 18 11.18 63.60 3.68
C ALA D 18 11.13 64.71 2.64
N VAL D 19 12.19 64.78 1.84
CA VAL D 19 12.33 65.79 0.81
C VAL D 19 11.75 65.23 -0.49
N ASN D 20 10.70 65.86 -0.99
CA ASN D 20 10.08 65.45 -2.25
C ASN D 20 10.63 66.19 -3.45
N GLY D 21 11.10 67.43 -3.26
CA GLY D 21 11.73 68.19 -4.33
C GLY D 21 12.33 69.46 -3.79
N CYS D 22 13.32 69.99 -4.52
CA CYS D 22 13.97 71.22 -4.07
C CYS D 22 14.45 72.03 -5.28
N VAL D 23 14.30 73.36 -5.20
CA VAL D 23 14.71 74.28 -6.26
C VAL D 23 15.51 75.41 -5.65
N THR D 24 16.34 76.05 -6.48
CA THR D 24 17.08 77.26 -6.10
C THR D 24 16.67 78.39 -7.03
N GLY D 25 16.68 79.62 -6.51
CA GLY D 25 16.39 80.76 -7.37
C GLY D 25 16.53 82.06 -6.59
N HIS D 26 15.86 83.08 -7.13
CA HIS D 26 15.82 84.42 -6.53
C HIS D 26 14.36 84.78 -6.25
N PHE D 27 13.78 84.11 -5.26
CA PHE D 27 12.37 84.22 -4.92
C PHE D 27 12.08 85.35 -3.93
N THR D 28 12.86 85.45 -2.86
CA THR D 28 12.60 86.46 -1.84
C THR D 28 13.10 87.83 -2.26
N SER D 29 14.23 87.89 -2.96
CA SER D 29 14.77 89.14 -3.46
C SER D 29 15.63 88.83 -4.68
N ALA D 30 15.71 89.79 -5.60
CA ALA D 30 16.54 89.59 -6.77
C ALA D 30 17.99 89.40 -6.37
N GLU D 31 18.36 89.83 -5.16
CA GLU D 31 19.71 89.69 -4.64
C GLU D 31 19.92 88.36 -3.94
N ASP D 32 18.94 87.91 -3.17
CA ASP D 32 19.10 86.70 -2.37
C ASP D 32 19.16 85.46 -3.26
N LEU D 33 19.98 84.49 -2.86
CA LEU D 33 19.97 83.15 -3.45
C LEU D 33 19.15 82.26 -2.52
N ASN D 34 18.09 81.67 -3.05
CA ASN D 34 17.14 80.90 -2.25
C ASN D 34 17.24 79.41 -2.54
N LEU D 35 16.93 78.62 -1.53
CA LEU D 35 16.71 77.17 -1.66
C LEU D 35 15.32 76.89 -1.11
N LEU D 36 14.42 76.46 -1.99
CA LEU D 36 13.05 76.10 -1.60
C LEU D 36 12.97 74.58 -1.55
N ILE D 37 12.82 74.03 -0.35
CA ILE D 37 12.67 72.60 -0.14
C ILE D 37 11.19 72.29 0.06
N ALA D 38 10.69 71.27 -0.62
CA ALA D 38 9.30 70.86 -0.53
C ALA D 38 9.18 69.52 0.20
N LYS D 39 8.37 69.50 1.25
CA LYS D 39 7.88 68.31 1.92
C LYS D 39 6.43 68.13 1.53
N ASN D 40 5.88 66.95 1.83
CA ASN D 40 4.60 66.59 1.23
C ASN D 40 3.58 67.71 1.23
N THR D 41 3.36 68.33 2.38
CA THR D 41 2.45 69.46 2.50
C THR D 41 3.13 70.74 2.93
N ARG D 42 4.46 70.75 3.10
CA ARG D 42 5.16 71.87 3.68
C ARG D 42 6.19 72.41 2.69
N LEU D 43 6.20 73.73 2.51
CA LEU D 43 7.18 74.44 1.71
C LEU D 43 8.08 75.23 2.63
N GLU D 44 9.39 74.98 2.53
CA GLU D 44 10.39 75.64 3.36
C GLU D 44 11.27 76.54 2.49
N ILE D 45 11.44 77.79 2.92
CA ILE D 45 12.21 78.77 2.18
C ILE D 45 13.47 79.10 2.99
N TYR D 46 14.62 79.03 2.33
CA TYR D 46 15.91 79.31 2.97
C TYR D 46 16.68 80.34 2.14
N VAL D 47 17.72 80.92 2.76
CA VAL D 47 18.66 81.78 2.05
C VAL D 47 20.07 81.23 2.22
N VAL D 48 20.81 81.18 1.12
CA VAL D 48 22.13 80.57 1.07
C VAL D 48 23.18 81.52 1.63
N THR D 49 23.93 81.06 2.61
CA THR D 49 25.08 81.76 3.16
C THR D 49 26.34 80.94 2.87
N ALA D 50 27.49 81.46 3.30
CA ALA D 50 28.73 80.68 3.24
C ALA D 50 28.74 79.62 4.35
N GLU D 51 27.88 79.77 5.35
CA GLU D 51 27.80 78.93 6.54
C GLU D 51 26.89 77.73 6.36
N GLY D 52 25.76 77.93 5.70
CA GLY D 52 24.74 76.91 5.56
C GLY D 52 23.50 77.55 4.97
N LEU D 53 22.34 77.28 5.56
CA LEU D 53 21.07 77.80 5.11
C LEU D 53 20.47 78.67 6.20
N ARG D 54 19.91 79.81 5.82
CA ARG D 54 19.24 80.67 6.79
C ARG D 54 17.74 80.62 6.58
N PRO D 55 16.96 80.08 7.53
CA PRO D 55 15.51 80.00 7.33
C PRO D 55 14.89 81.38 7.33
N VAL D 56 13.87 81.56 6.50
CA VAL D 56 13.17 82.84 6.39
C VAL D 56 11.67 82.69 6.61
N LYS D 57 11.07 81.61 6.10
CA LYS D 57 9.63 81.45 6.17
C LYS D 57 9.27 80.00 5.85
N GLU D 58 8.26 79.49 6.55
CA GLU D 58 7.69 78.18 6.25
C GLU D 58 6.17 78.29 6.21
N VAL D 59 5.57 77.70 5.17
CA VAL D 59 4.12 77.66 5.03
C VAL D 59 3.66 76.23 4.79
N GLY D 60 2.42 75.96 5.18
CA GLY D 60 1.73 74.75 4.79
C GLY D 60 0.73 75.06 3.69
N MET D 61 0.45 74.04 2.87
CA MET D 61 -0.54 74.14 1.82
C MET D 61 -1.58 73.06 1.99
N TYR D 62 -2.81 73.36 1.56
CA TYR D 62 -3.91 72.39 1.61
C TYR D 62 -3.85 71.49 0.37
N GLY D 63 -2.75 70.74 0.29
CA GLY D 63 -2.49 69.93 -0.89
C GLY D 63 -1.09 69.34 -0.91
N LYS D 64 -0.95 68.20 -1.59
CA LYS D 64 0.34 67.58 -1.81
C LYS D 64 1.07 68.28 -2.95
N ILE D 65 2.28 68.74 -2.71
CA ILE D 65 3.04 69.48 -3.72
C ILE D 65 3.54 68.50 -4.77
N ALA D 66 3.07 68.65 -6.01
CA ALA D 66 3.47 67.80 -7.12
C ALA D 66 4.50 68.46 -8.02
N VAL D 67 4.31 69.72 -8.38
CA VAL D 67 5.25 70.45 -9.22
C VAL D 67 5.66 71.71 -8.48
N MET D 68 6.96 71.97 -8.40
CA MET D 68 7.48 73.19 -7.79
C MET D 68 8.62 73.70 -8.65
N GLU D 69 8.46 74.89 -9.23
CA GLU D 69 9.47 75.47 -10.10
C GLU D 69 9.50 76.99 -9.92
N LEU D 70 10.69 77.57 -10.10
CA LEU D 70 10.86 79.01 -10.03
C LEU D 70 11.07 79.55 -11.44
N PHE D 71 10.36 80.62 -11.78
CA PHE D 71 10.46 81.24 -13.09
C PHE D 71 10.35 82.75 -12.91
N ARG D 72 10.85 83.50 -13.89
CA ARG D 72 10.85 84.97 -13.81
C ARG D 72 10.39 85.54 -15.14
N PRO D 73 9.11 85.87 -15.26
CA PRO D 73 8.59 86.36 -16.55
C PRO D 73 9.08 87.76 -16.88
N LYS D 74 9.14 88.05 -18.17
CA LYS D 74 9.56 89.36 -18.65
C LYS D 74 8.81 90.46 -17.92
N GLY D 75 9.56 91.38 -17.34
CA GLY D 75 8.99 92.48 -16.61
C GLY D 75 9.05 92.39 -15.10
N GLU D 76 9.34 91.22 -14.55
CA GLU D 76 9.35 91.04 -13.11
C GLU D 76 10.69 91.38 -12.45
N SER D 77 10.59 91.81 -11.20
CA SER D 77 11.78 92.17 -10.42
C SER D 77 12.55 90.96 -9.92
N LYS D 78 11.85 89.87 -9.62
CA LYS D 78 12.43 88.69 -8.99
C LYS D 78 11.59 87.48 -9.38
N ASP D 79 12.09 86.30 -9.01
CA ASP D 79 11.44 85.07 -9.43
C ASP D 79 10.08 84.89 -8.76
N LEU D 80 9.16 84.27 -9.49
CA LEU D 80 7.88 83.80 -8.98
C LEU D 80 7.90 82.28 -8.86
N LEU D 81 7.00 81.74 -8.04
CA LEU D 81 6.96 80.31 -7.74
C LEU D 81 5.68 79.69 -8.27
N PHE D 82 5.82 78.62 -9.04
CA PHE D 82 4.68 77.83 -9.50
C PHE D 82 4.57 76.54 -8.71
N ILE D 83 3.35 76.20 -8.26
CA ILE D 83 3.10 74.95 -7.55
C ILE D 83 1.80 74.34 -8.05
N LEU D 84 1.84 73.01 -8.26
CA LEU D 84 0.68 72.21 -8.62
C LEU D 84 0.57 71.05 -7.65
N THR D 85 -0.62 70.85 -7.09
CA THR D 85 -0.82 69.76 -6.13
C THR D 85 -1.33 68.48 -6.81
N ALA D 86 -1.30 67.38 -6.04
CA ALA D 86 -1.75 66.09 -6.54
C ALA D 86 -3.25 66.06 -6.81
N LYS D 87 -4.01 66.96 -6.20
CA LYS D 87 -5.42 67.13 -6.54
C LYS D 87 -5.62 68.14 -7.65
N TYR D 88 -4.53 68.55 -8.31
CA TYR D 88 -4.57 69.41 -9.48
C TYR D 88 -4.90 70.86 -9.12
N ASN D 89 -4.52 71.29 -7.93
CA ASN D 89 -4.61 72.71 -7.56
C ASN D 89 -3.34 73.41 -8.02
N ALA D 90 -3.51 74.37 -8.93
CA ALA D 90 -2.40 75.15 -9.47
C ALA D 90 -2.43 76.56 -8.89
N CYS D 91 -1.25 77.15 -8.76
CA CYS D 91 -1.15 78.52 -8.27
C CYS D 91 0.23 79.06 -8.61
N ILE D 92 0.31 80.39 -8.72
CA ILE D 92 1.56 81.11 -8.84
C ILE D 92 1.71 81.99 -7.61
N LEU D 93 2.87 81.92 -6.95
CA LEU D 93 3.07 82.56 -5.66
C LEU D 93 4.17 83.62 -5.74
N GLU D 94 4.02 84.64 -4.91
CA GLU D 94 4.98 85.72 -4.77
C GLU D 94 5.35 85.92 -3.31
N TYR D 95 6.64 86.11 -3.05
CA TYR D 95 7.13 86.47 -1.73
C TYR D 95 7.05 87.98 -1.59
N LYS D 96 6.42 88.45 -0.52
CA LYS D 96 6.29 89.88 -0.26
C LYS D 96 6.51 90.15 1.22
N GLN D 97 7.44 91.05 1.53
CA GLN D 97 7.81 91.33 2.91
C GLN D 97 7.91 92.83 3.14
N SER D 98 7.25 93.31 4.20
CA SER D 98 7.27 94.71 4.60
C SER D 98 7.69 94.77 6.07
N GLY D 99 8.97 95.02 6.30
CA GLY D 99 9.51 94.96 7.64
C GLY D 99 9.49 93.53 8.13
N GLU D 100 8.85 93.27 9.27
CA GLU D 100 8.77 91.93 9.82
C GLU D 100 7.56 91.14 9.33
N SER D 101 6.63 91.76 8.60
CA SER D 101 5.41 91.07 8.21
C SER D 101 5.69 90.31 6.91
N ILE D 102 5.64 88.99 6.97
CA ILE D 102 5.90 88.14 5.81
C ILE D 102 4.59 87.49 5.39
N ASP D 103 4.28 87.60 4.10
CA ASP D 103 3.10 86.99 3.51
C ASP D 103 3.50 86.34 2.20
N ILE D 104 2.74 85.33 1.80
CA ILE D 104 2.90 84.68 0.50
C ILE D 104 1.62 84.96 -0.29
N ILE D 105 1.76 85.65 -1.41
CA ILE D 105 0.62 86.17 -2.17
C ILE D 105 0.26 85.22 -3.29
N THR D 106 -1.05 84.99 -3.47
CA THR D 106 -1.56 84.16 -4.55
C THR D 106 -1.81 85.05 -5.76
N ARG D 107 -0.90 84.99 -6.74
CA ARG D 107 -1.04 85.82 -7.93
C ARG D 107 -2.00 85.20 -8.94
N ALA D 108 -2.05 83.88 -9.03
CA ALA D 108 -2.93 83.17 -9.93
C ALA D 108 -3.28 81.83 -9.29
N HIS D 109 -4.48 81.35 -9.55
CA HIS D 109 -4.87 80.06 -8.99
C HIS D 109 -6.07 79.47 -9.70
N GLY D 110 -6.15 78.14 -9.66
CA GLY D 110 -7.24 77.40 -10.26
C GLY D 110 -6.92 75.92 -10.22
N ASN D 111 -7.93 75.12 -10.57
CA ASN D 111 -7.79 73.68 -10.64
C ASN D 111 -7.75 73.23 -12.10
N VAL D 112 -6.72 72.49 -12.46
CA VAL D 112 -6.41 72.18 -13.86
C VAL D 112 -6.85 70.78 -14.25
N GLN D 113 -7.68 70.13 -13.45
CA GLN D 113 -8.11 68.78 -13.74
C GLN D 113 -9.02 68.74 -14.96
N ASP D 114 -8.85 67.71 -15.79
CA ASP D 114 -9.69 67.49 -16.95
C ASP D 114 -10.82 66.54 -16.58
N ARG D 115 -12.00 66.76 -17.17
CA ARG D 115 -13.08 65.83 -16.90
C ARG D 115 -12.70 64.43 -17.32
N ILE D 116 -12.05 64.28 -18.47
CA ILE D 116 -11.70 62.99 -19.04
C ILE D 116 -10.21 62.96 -19.39
N GLY D 117 -9.50 61.99 -18.83
CA GLY D 117 -8.11 61.75 -19.12
C GLY D 117 -7.62 60.59 -18.29
N ARG D 118 -6.57 59.94 -18.80
CA ARG D 118 -5.98 58.84 -18.07
C ARG D 118 -4.71 59.32 -17.36
N PRO D 119 -4.65 59.29 -16.02
CA PRO D 119 -3.42 59.69 -15.34
C PRO D 119 -2.23 58.88 -15.83
N SER D 120 -1.11 59.57 -16.08
CA SER D 120 0.04 58.93 -16.71
C SER D 120 0.80 58.06 -15.72
N GLU D 121 1.50 57.06 -16.27
CA GLU D 121 2.17 56.08 -15.43
C GLU D 121 3.30 56.71 -14.63
N THR D 122 4.09 57.58 -15.25
CA THR D 122 5.23 58.21 -14.57
C THR D 122 4.84 59.49 -13.84
N GLY D 123 3.56 59.73 -13.60
CA GLY D 123 3.13 60.80 -12.71
C GLY D 123 3.11 62.17 -13.35
N ILE D 124 2.67 63.15 -12.56
CA ILE D 124 2.60 64.52 -13.04
C ILE D 124 3.99 65.04 -13.35
N ILE D 125 4.13 65.70 -14.50
CA ILE D 125 5.35 66.42 -14.86
C ILE D 125 4.98 67.88 -15.14
N GLY D 126 5.82 68.79 -14.65
CA GLY D 126 5.64 70.20 -14.91
C GLY D 126 6.88 70.88 -15.44
N ILE D 127 6.74 71.65 -16.52
CA ILE D 127 7.84 72.34 -17.17
C ILE D 127 7.42 73.77 -17.51
N ILE D 128 8.40 74.66 -17.57
CA ILE D 128 8.18 76.05 -17.92
C ILE D 128 9.16 76.47 -19.02
N ASP D 129 8.66 77.25 -19.97
CA ASP D 129 9.45 77.70 -21.11
C ASP D 129 10.66 78.50 -20.62
N PRO D 130 11.82 78.40 -21.29
CA PRO D 130 12.97 79.21 -20.86
C PRO D 130 12.69 80.70 -20.90
N GLU D 131 11.87 81.14 -21.86
CA GLU D 131 11.42 82.52 -21.99
C GLU D 131 10.17 82.76 -21.17
N CYS D 132 9.80 81.83 -20.30
CA CYS D 132 8.66 81.96 -19.41
C CYS D 132 7.41 82.39 -20.17
N ARG D 133 7.19 81.74 -21.30
CA ARG D 133 5.98 82.00 -22.08
C ARG D 133 4.81 81.13 -21.67
N MET D 134 5.05 79.94 -21.14
CA MET D 134 3.95 79.04 -20.85
C MET D 134 4.42 78.02 -19.82
N ILE D 135 3.44 77.39 -19.18
CA ILE D 135 3.67 76.27 -18.28
C ILE D 135 3.17 75.01 -19.00
N GLY D 136 4.05 74.03 -19.14
CA GLY D 136 3.67 72.76 -19.71
C GLY D 136 3.33 71.77 -18.61
N LEU D 137 2.21 71.08 -18.78
CA LEU D 137 1.79 70.07 -17.81
C LEU D 137 1.51 68.78 -18.54
N ARG D 138 2.07 67.68 -18.03
CA ARG D 138 1.75 66.34 -18.51
C ARG D 138 0.94 65.70 -17.39
N LEU D 139 -0.37 65.78 -17.50
CA LEU D 139 -1.25 65.20 -16.49
C LEU D 139 -1.82 63.86 -16.91
N TYR D 140 -2.15 63.70 -18.19
CA TYR D 140 -2.82 62.51 -18.68
C TYR D 140 -2.09 61.94 -19.88
N ASP D 141 -2.16 60.62 -20.04
CA ASP D 141 -1.60 59.99 -21.23
C ASP D 141 -2.26 60.58 -22.46
N GLY D 142 -1.46 60.97 -23.43
CA GLY D 142 -1.99 61.42 -24.69
C GLY D 142 -2.49 62.85 -24.74
N LEU D 143 -2.39 63.58 -23.64
CA LEU D 143 -2.81 64.97 -23.62
C LEU D 143 -1.72 65.79 -22.97
N PHE D 144 -1.42 66.93 -23.57
CA PHE D 144 -0.44 67.89 -23.08
C PHE D 144 -1.20 69.17 -22.79
N LYS D 145 -1.10 69.66 -21.56
CA LYS D 145 -1.84 70.83 -21.12
C LYS D 145 -0.92 72.05 -21.06
N VAL D 146 -1.37 73.17 -21.63
CA VAL D 146 -0.58 74.38 -21.70
C VAL D 146 -1.29 75.48 -20.93
N ILE D 147 -0.61 76.03 -19.94
CA ILE D 147 -1.04 77.27 -19.28
C ILE D 147 -0.18 78.40 -19.85
N PRO D 148 -0.74 79.32 -20.63
CA PRO D 148 0.07 80.44 -21.11
C PRO D 148 0.38 81.43 -19.99
N LEU D 149 1.62 81.92 -19.96
CA LEU D 149 2.05 82.86 -18.92
C LEU D 149 1.74 84.28 -19.36
N ASP D 150 0.43 84.56 -19.43
CA ASP D 150 -0.09 85.88 -19.71
C ASP D 150 -0.22 86.69 -18.43
N ARG D 151 -0.15 88.02 -18.56
CA ARG D 151 -0.28 88.88 -17.39
C ARG D 151 -1.66 88.75 -16.78
N ASP D 152 -2.69 88.55 -17.61
CA ASP D 152 -4.08 88.53 -17.18
C ASP D 152 -4.60 87.13 -16.83
N ASN D 153 -3.82 86.07 -17.09
CA ASN D 153 -4.33 84.71 -16.90
C ASN D 153 -4.33 84.36 -15.41
N LYS D 154 -5.15 85.13 -14.67
CA LYS D 154 -5.21 85.00 -13.22
C LYS D 154 -5.93 83.74 -12.77
N GLU D 155 -6.69 83.10 -13.67
CA GLU D 155 -7.36 81.84 -13.37
C GLU D 155 -6.56 80.63 -13.86
N LEU D 156 -5.38 80.84 -14.44
CA LEU D 156 -4.57 79.73 -14.96
C LEU D 156 -5.39 78.87 -15.91
N LYS D 157 -6.07 79.52 -16.85
CA LYS D 157 -6.79 78.82 -17.90
C LYS D 157 -5.82 78.09 -18.82
N ALA D 158 -6.25 76.95 -19.35
CA ALA D 158 -5.34 76.13 -20.12
C ALA D 158 -6.09 75.38 -21.22
N PHE D 159 -5.32 74.88 -22.19
CA PHE D 159 -5.82 74.09 -23.30
C PHE D 159 -4.94 72.86 -23.44
N ASN D 160 -5.49 71.82 -24.06
CA ASN D 160 -4.82 70.55 -24.27
C ASN D 160 -4.44 70.40 -25.73
N ILE D 161 -3.22 69.93 -25.99
CA ILE D 161 -2.76 69.61 -27.34
C ILE D 161 -2.71 68.09 -27.43
N ARG D 162 -3.39 67.52 -28.44
CA ARG D 162 -3.42 66.07 -28.55
C ARG D 162 -2.01 65.55 -28.82
N LEU D 163 -1.64 64.50 -28.08
CA LEU D 163 -0.32 63.87 -28.20
C LEU D 163 -0.45 62.43 -28.68
N GLU D 164 0.22 62.12 -29.80
CA GLU D 164 0.17 60.75 -30.31
C GLU D 164 0.88 59.77 -29.37
N GLU D 165 2.03 60.17 -28.82
CA GLU D 165 2.84 59.27 -28.00
C GLU D 165 2.16 59.16 -26.64
N LEU D 166 1.47 58.04 -26.41
CA LEU D 166 0.62 57.95 -25.23
C LEU D 166 1.45 57.75 -23.97
N HIS D 167 2.52 57.00 -24.06
CA HIS D 167 3.35 56.66 -22.90
C HIS D 167 4.65 57.47 -22.95
N VAL D 168 4.68 58.57 -22.19
CA VAL D 168 5.81 59.48 -22.16
C VAL D 168 6.60 59.24 -20.89
N ILE D 169 7.91 59.07 -20.99
CA ILE D 169 8.72 58.83 -19.81
C ILE D 169 9.07 60.15 -19.13
N ASP D 170 9.66 61.08 -19.89
CA ASP D 170 10.01 62.39 -19.36
C ASP D 170 9.95 63.42 -20.48
N VAL D 171 9.63 64.67 -20.13
CA VAL D 171 9.54 65.76 -21.09
C VAL D 171 10.13 67.01 -20.46
N LYS D 172 10.87 67.77 -21.25
CA LYS D 172 11.47 69.02 -20.82
C LYS D 172 11.39 70.03 -21.96
N PHE D 173 11.34 71.31 -21.60
CA PHE D 173 11.49 72.39 -22.57
C PHE D 173 12.96 72.62 -22.93
N LEU D 174 13.24 72.76 -24.22
CA LEU D 174 14.62 72.88 -24.65
C LEU D 174 15.07 74.33 -24.72
N TYR D 175 16.40 74.51 -24.73
CA TYR D 175 17.04 75.81 -24.73
C TYR D 175 17.61 76.10 -26.11
N GLY D 176 17.69 77.38 -26.45
CA GLY D 176 18.30 77.80 -27.70
C GLY D 176 17.48 77.53 -28.93
N CYS D 177 16.17 77.52 -28.80
CA CYS D 177 15.25 77.31 -29.89
C CYS D 177 14.47 78.60 -30.13
N GLN D 178 14.16 78.88 -31.40
CA GLN D 178 13.41 80.11 -31.66
C GLN D 178 11.95 79.98 -31.23
N ALA D 179 11.37 78.81 -31.40
CA ALA D 179 10.02 78.55 -30.95
C ALA D 179 10.10 77.64 -29.74
N PRO D 180 9.07 77.66 -28.89
CA PRO D 180 9.07 76.72 -27.76
C PRO D 180 9.20 75.29 -28.24
N THR D 181 10.16 74.57 -27.68
CA THR D 181 10.42 73.20 -28.10
C THR D 181 10.41 72.31 -26.86
N ILE D 182 9.68 71.19 -26.97
CA ILE D 182 9.66 70.17 -25.93
C ILE D 182 10.44 68.99 -26.47
N CYS D 183 11.26 68.39 -25.62
CA CYS D 183 12.02 67.19 -25.96
C CYS D 183 11.59 66.12 -24.97
N PHE D 184 11.16 64.96 -25.47
CA PHE D 184 10.65 63.94 -24.59
C PHE D 184 11.07 62.56 -25.05
N VAL D 185 11.28 61.69 -24.06
CA VAL D 185 11.48 60.27 -24.26
C VAL D 185 10.14 59.59 -24.05
N TYR D 186 9.73 58.77 -25.01
CA TYR D 186 8.46 58.06 -24.95
C TYR D 186 8.71 56.59 -25.21
N GLN D 187 7.74 55.77 -24.84
CA GLN D 187 7.83 54.33 -25.02
C GLN D 187 6.67 53.86 -25.88
N ASP D 188 6.98 53.05 -26.88
CA ASP D 188 5.98 52.39 -27.72
C ASP D 188 6.44 50.95 -27.84
N PRO D 189 5.73 50.10 -28.59
CA PRO D 189 6.16 48.69 -28.69
C PRO D 189 7.54 48.52 -29.32
N GLN D 190 8.07 49.54 -30.01
CA GLN D 190 9.34 49.41 -30.72
C GLN D 190 10.55 49.78 -29.87
N GLY D 191 10.37 50.09 -28.59
CA GLY D 191 11.45 50.49 -27.71
C GLY D 191 11.23 51.88 -27.13
N ARG D 192 12.28 52.54 -26.66
CA ARG D 192 12.17 53.91 -26.18
C ARG D 192 12.91 54.82 -27.14
N HIS D 193 12.32 55.99 -27.40
CA HIS D 193 12.79 56.90 -28.41
C HIS D 193 12.72 58.31 -27.86
N VAL D 194 13.49 59.21 -28.47
CA VAL D 194 13.47 60.62 -28.10
C VAL D 194 12.96 61.42 -29.29
N LYS D 195 12.10 62.39 -29.02
CA LYS D 195 11.41 63.15 -30.06
C LYS D 195 11.25 64.60 -29.59
N THR D 196 11.10 65.50 -30.56
CA THR D 196 10.90 66.91 -30.28
C THR D 196 9.60 67.38 -30.94
N TYR D 197 8.93 68.32 -30.29
CA TYR D 197 7.80 69.01 -30.87
C TYR D 197 7.96 70.50 -30.58
N GLU D 198 7.34 71.34 -31.42
CA GLU D 198 7.25 72.76 -31.17
C GLU D 198 5.82 73.13 -30.80
N VAL D 199 5.69 74.03 -29.82
CA VAL D 199 4.40 74.42 -29.26
C VAL D 199 4.05 75.82 -29.76
N SER D 200 2.91 75.95 -30.42
CA SER D 200 2.39 77.23 -30.89
C SER D 200 1.18 77.60 -30.03
N LEU D 201 1.33 78.65 -29.22
CA LEU D 201 0.22 79.15 -28.41
C LEU D 201 -0.89 79.73 -29.28
N ARG D 202 -0.51 80.38 -30.38
CA ARG D 202 -1.50 81.00 -31.26
C ARG D 202 -2.35 79.94 -31.94
N GLU D 203 -1.69 78.89 -32.46
CA GLU D 203 -2.39 77.80 -33.13
C GLU D 203 -2.92 76.76 -32.17
N LYS D 204 -2.49 76.81 -30.90
CA LYS D 204 -2.91 75.86 -29.88
C LYS D 204 -2.70 74.43 -30.36
N GLU D 205 -1.51 74.16 -30.90
CA GLU D 205 -1.18 72.81 -31.37
C GLU D 205 0.33 72.67 -31.52
N PHE D 206 0.74 71.43 -31.80
CA PHE D 206 2.14 71.13 -32.05
C PHE D 206 2.48 71.35 -33.52
N ASN D 207 3.70 71.82 -33.77
CA ASN D 207 4.29 71.85 -35.11
C ASN D 207 5.52 70.96 -35.11
N LYS D 208 6.00 70.68 -36.33
CA LYS D 208 7.15 69.80 -36.53
C LYS D 208 8.30 70.26 -35.64
N GLY D 209 9.00 69.29 -35.06
CA GLY D 209 10.05 69.60 -34.12
C GLY D 209 11.36 69.89 -34.80
N PRO D 210 12.29 70.52 -34.09
CA PRO D 210 13.57 70.89 -34.73
C PRO D 210 14.42 69.68 -35.15
N TRP D 211 14.44 68.58 -34.41
CA TRP D 211 15.24 67.43 -34.83
C TRP D 211 14.48 66.11 -34.73
N LYS D 212 15.02 65.12 -35.45
CA LYS D 212 14.36 63.86 -35.74
C LYS D 212 14.34 62.94 -34.52
N GLN D 213 13.42 61.98 -34.59
CA GLN D 213 13.34 60.96 -33.55
C GLN D 213 14.61 60.11 -33.59
N GLU D 214 15.09 59.69 -32.41
CA GLU D 214 16.23 58.79 -32.34
C GLU D 214 15.88 57.66 -31.38
N ASN D 215 16.22 56.43 -31.74
CA ASN D 215 16.00 55.29 -30.84
C ASN D 215 17.07 55.31 -29.74
N VAL D 216 16.62 55.27 -28.48
CA VAL D 216 17.54 55.41 -27.34
C VAL D 216 17.47 54.18 -26.43
N GLU D 217 18.28 54.22 -25.37
CA GLU D 217 18.35 53.10 -24.43
C GLU D 217 16.96 52.76 -23.90
N ALA D 218 16.71 51.47 -23.71
CA ALA D 218 15.40 51.01 -23.25
C ALA D 218 15.06 51.53 -21.86
N GLU D 219 16.05 51.72 -20.99
CA GLU D 219 15.80 52.20 -19.64
C GLU D 219 16.21 53.65 -19.46
N ALA D 220 16.11 54.44 -20.53
CA ALA D 220 16.27 55.87 -20.44
C ALA D 220 15.17 56.48 -19.57
N SER D 221 15.56 57.20 -18.53
CA SER D 221 14.59 57.70 -17.54
C SER D 221 14.52 59.22 -17.47
N MET D 222 15.61 59.96 -17.69
CA MET D 222 15.61 61.40 -17.48
C MET D 222 16.13 62.17 -18.70
N VAL D 223 15.50 63.31 -18.94
CA VAL D 223 15.87 64.24 -20.01
C VAL D 223 16.40 65.50 -19.36
N ILE D 224 17.56 65.95 -19.78
CA ILE D 224 18.15 67.18 -19.25
C ILE D 224 18.22 68.19 -20.37
N ALA D 225 17.70 69.38 -20.13
CA ALA D 225 17.72 70.48 -21.11
C ALA D 225 19.04 71.24 -20.96
N VAL D 226 19.94 71.09 -21.92
CA VAL D 226 21.26 71.70 -21.85
C VAL D 226 21.17 73.19 -22.17
N PRO D 227 21.93 74.03 -21.45
CA PRO D 227 21.78 75.49 -21.61
C PRO D 227 22.29 76.02 -22.94
N GLU D 228 22.10 77.31 -23.14
CA GLU D 228 22.28 77.90 -24.46
C GLU D 228 23.68 77.76 -25.03
N PRO D 229 24.77 77.78 -24.24
CA PRO D 229 26.09 77.64 -24.88
C PRO D 229 26.20 76.40 -25.77
N PHE D 230 25.68 75.26 -25.31
CA PHE D 230 25.63 74.04 -26.10
C PHE D 230 24.27 73.82 -26.76
N GLY D 231 23.19 73.88 -25.97
CA GLY D 231 21.87 73.57 -26.47
C GLY D 231 21.62 72.08 -26.54
N GLY D 232 20.39 71.74 -26.90
CA GLY D 232 20.02 70.35 -27.07
C GLY D 232 19.68 69.68 -25.75
N ALA D 233 19.83 68.35 -25.70
CA ALA D 233 19.41 67.58 -24.54
C ALA D 233 20.37 66.44 -24.27
N ILE D 234 20.43 66.04 -22.98
CA ILE D 234 21.15 64.86 -22.54
C ILE D 234 20.15 63.89 -21.97
N ILE D 235 20.29 62.62 -22.32
CA ILE D 235 19.36 61.57 -21.90
C ILE D 235 20.13 60.62 -21.00
N ILE D 236 19.64 60.42 -19.79
CA ILE D 236 20.29 59.58 -18.80
C ILE D 236 19.55 58.26 -18.72
N GLY D 237 20.28 57.15 -18.84
CA GLY D 237 19.69 55.84 -18.70
C GLY D 237 20.33 55.06 -17.57
N GLN D 238 20.20 53.74 -17.58
CA GLN D 238 20.82 52.93 -16.53
C GLN D 238 22.26 52.60 -16.90
N GLU D 239 22.54 52.40 -18.19
CA GLU D 239 23.87 52.02 -18.65
C GLU D 239 24.58 53.07 -19.49
N SER D 240 23.85 53.99 -20.12
CA SER D 240 24.44 54.92 -21.07
C SER D 240 23.88 56.33 -20.87
N ILE D 241 24.71 57.31 -21.23
CA ILE D 241 24.33 58.71 -21.28
C ILE D 241 24.56 59.23 -22.69
N THR D 242 23.56 59.89 -23.26
CA THR D 242 23.61 60.34 -24.64
C THR D 242 23.27 61.82 -24.74
N TYR D 243 23.87 62.49 -25.72
CA TYR D 243 23.56 63.88 -26.04
C TYR D 243 22.97 63.95 -27.45
N HIS D 244 21.88 64.69 -27.60
CA HIS D 244 21.21 64.87 -28.88
C HIS D 244 21.02 66.35 -29.17
N ASN D 245 21.35 66.77 -30.39
CA ASN D 245 21.00 68.12 -30.83
C ASN D 245 21.14 68.13 -32.36
N GLY D 246 20.01 68.05 -33.04
CA GLY D 246 20.00 68.00 -34.49
C GLY D 246 20.94 66.97 -35.09
N ASP D 247 22.02 67.44 -35.72
CA ASP D 247 22.98 66.55 -36.36
C ASP D 247 24.00 65.97 -35.39
N LYS D 248 24.19 66.58 -34.23
CA LYS D 248 25.18 66.11 -33.28
C LYS D 248 24.62 64.94 -32.46
N TYR D 249 25.44 63.91 -32.29
CA TYR D 249 25.10 62.74 -31.48
C TYR D 249 26.33 62.25 -30.75
N LEU D 250 26.25 62.15 -29.43
CA LEU D 250 27.30 61.57 -28.61
C LEU D 250 26.68 60.52 -27.69
N ALA D 251 27.50 59.54 -27.32
CA ALA D 251 27.07 58.50 -26.37
C ALA D 251 28.27 58.03 -25.59
N ILE D 252 28.19 58.13 -24.26
CA ILE D 252 29.18 57.57 -23.36
C ILE D 252 28.50 56.52 -22.51
N ALA D 253 29.14 55.36 -22.36
CA ALA D 253 28.58 54.23 -21.62
C ALA D 253 29.64 53.70 -20.68
N PRO D 254 29.99 54.47 -19.65
CA PRO D 254 31.04 54.03 -18.70
C PRO D 254 30.54 52.90 -17.84
N PRO D 255 31.37 51.88 -17.58
CA PRO D 255 30.89 50.71 -16.82
C PRO D 255 30.43 51.04 -15.41
N ILE D 256 30.73 52.24 -14.91
CA ILE D 256 30.51 52.55 -13.49
C ILE D 256 29.04 52.76 -13.19
N ILE D 257 28.31 53.41 -14.09
CA ILE D 257 26.93 53.76 -13.80
C ILE D 257 25.98 52.57 -13.91
N LYS D 258 26.34 51.56 -14.68
CA LYS D 258 25.51 50.36 -14.79
C LYS D 258 25.31 49.71 -13.43
N GLN D 259 26.23 49.94 -12.48
CA GLN D 259 26.14 49.24 -11.21
C GLN D 259 24.87 49.61 -10.45
N SER D 260 24.56 50.90 -10.36
CA SER D 260 23.33 51.33 -9.68
C SER D 260 22.66 52.42 -10.51
N THR D 261 21.32 52.36 -10.52
CA THR D 261 20.55 53.29 -11.33
C THR D 261 20.71 54.72 -10.84
N ILE D 262 20.89 55.64 -11.77
CA ILE D 262 20.97 57.06 -11.47
C ILE D 262 19.55 57.60 -11.42
N VAL D 263 19.21 58.29 -10.34
CA VAL D 263 17.84 58.73 -10.11
C VAL D 263 17.66 60.24 -10.17
N CYS D 264 18.70 61.03 -9.97
CA CYS D 264 18.55 62.48 -9.91
C CYS D 264 19.64 63.17 -10.73
N HIS D 265 19.34 64.42 -11.12
CA HIS D 265 20.30 65.25 -11.83
C HIS D 265 20.11 66.71 -11.45
N ASN D 266 21.21 67.47 -11.52
CA ASN D 266 21.18 68.91 -11.29
C ASN D 266 22.27 69.57 -12.11
N ARG D 267 21.98 70.81 -12.54
CA ARG D 267 22.93 71.60 -13.30
C ARG D 267 23.80 72.39 -12.32
N VAL D 268 25.11 72.34 -12.54
CA VAL D 268 26.05 73.03 -11.67
C VAL D 268 26.41 74.39 -12.28
N ASP D 269 27.00 74.36 -13.45
CA ASP D 269 27.47 75.55 -14.16
C ASP D 269 26.38 76.09 -15.06
N PRO D 270 25.98 77.36 -14.95
CA PRO D 270 24.92 77.84 -15.85
C PRO D 270 25.24 77.67 -17.33
N ASN D 271 26.51 77.69 -17.73
CA ASN D 271 26.83 77.44 -19.13
C ASN D 271 26.57 75.99 -19.54
N GLY D 272 26.35 75.08 -18.59
CA GLY D 272 26.08 73.70 -18.89
C GLY D 272 27.30 72.81 -18.97
N SER D 273 28.47 73.28 -18.54
CA SER D 273 29.68 72.48 -18.62
C SER D 273 29.68 71.31 -17.65
N ARG D 274 29.06 71.45 -16.48
CA ARG D 274 29.12 70.42 -15.45
C ARG D 274 27.74 70.19 -14.85
N TYR D 275 27.40 68.92 -14.66
CA TYR D 275 26.14 68.50 -14.05
C TYR D 275 26.43 67.52 -12.92
N LEU D 276 25.50 67.45 -11.97
CA LEU D 276 25.55 66.47 -10.88
C LEU D 276 24.57 65.33 -11.12
N LEU D 277 25.03 64.12 -10.84
CA LEU D 277 24.24 62.90 -10.97
C LEU D 277 24.35 62.08 -9.69
N GLY D 278 23.23 61.49 -9.28
CA GLY D 278 23.22 60.65 -8.09
C GLY D 278 22.49 59.35 -8.35
N ASP D 279 22.93 58.30 -7.65
CA ASP D 279 22.40 56.96 -7.88
C ASP D 279 21.89 56.36 -6.58
N MET D 280 21.20 55.23 -6.72
CA MET D 280 20.49 54.64 -5.59
C MET D 280 21.44 54.17 -4.50
N GLU D 281 22.69 53.86 -4.84
CA GLU D 281 23.67 53.49 -3.82
C GLU D 281 24.32 54.70 -3.16
N GLY D 282 23.83 55.90 -3.47
CA GLY D 282 24.30 57.10 -2.82
C GLY D 282 25.47 57.75 -3.51
N ARG D 283 25.99 57.14 -4.56
CA ARG D 283 27.21 57.66 -5.19
C ARG D 283 26.89 58.93 -5.96
N LEU D 284 27.74 59.94 -5.79
CA LEU D 284 27.57 61.22 -6.46
C LEU D 284 28.61 61.36 -7.56
N PHE D 285 28.14 61.64 -8.78
CA PHE D 285 29.00 61.72 -9.94
C PHE D 285 28.98 63.15 -10.49
N MET D 286 30.02 63.52 -11.23
CA MET D 286 30.06 64.78 -11.96
C MET D 286 30.05 64.47 -13.46
N LEU D 287 29.06 65.00 -14.16
CA LEU D 287 28.97 64.85 -15.61
C LEU D 287 29.58 66.09 -16.26
N LEU D 288 30.56 65.88 -17.13
CA LEU D 288 31.35 66.96 -17.71
C LEU D 288 31.08 67.04 -19.20
N LEU D 289 30.77 68.24 -19.68
CA LEU D 289 30.58 68.50 -21.10
C LEU D 289 31.83 69.22 -21.62
N GLU D 290 32.63 68.53 -22.42
CA GLU D 290 33.90 69.08 -22.90
C GLU D 290 33.64 69.84 -24.21
N LYS D 291 33.82 71.16 -24.14
CA LYS D 291 33.53 72.04 -25.26
C LYS D 291 34.65 72.01 -26.30
N GLU D 292 34.28 72.38 -27.53
CA GLU D 292 35.24 72.59 -28.62
C GLU D 292 34.83 73.84 -29.39
N GLU D 293 35.71 74.84 -29.41
CA GLU D 293 35.40 76.07 -30.14
C GLU D 293 35.75 75.83 -31.62
N GLN D 294 34.86 76.28 -32.50
CA GLN D 294 35.06 76.12 -33.94
C GLN D 294 35.71 77.38 -34.49
N MET D 295 36.41 77.24 -35.62
CA MET D 295 36.99 78.42 -36.24
C MET D 295 35.93 79.49 -36.49
N ASP D 296 34.65 79.10 -36.50
CA ASP D 296 33.57 80.06 -36.61
C ASP D 296 33.48 81.01 -35.42
N GLY D 297 33.98 80.59 -34.26
CA GLY D 297 33.70 81.23 -33.00
C GLY D 297 32.54 80.60 -32.25
N THR D 298 31.87 79.64 -32.87
CA THR D 298 30.81 78.84 -32.26
C THR D 298 31.39 77.62 -31.56
N VAL D 299 30.84 77.29 -30.39
CA VAL D 299 31.29 76.17 -29.58
C VAL D 299 30.36 74.97 -29.78
N THR D 300 30.96 73.80 -30.04
CA THR D 300 30.24 72.54 -30.13
C THR D 300 30.67 71.63 -28.98
N LEU D 301 29.86 70.59 -28.75
CA LEU D 301 30.18 69.60 -27.72
C LEU D 301 31.08 68.52 -28.29
N LYS D 302 32.30 68.41 -27.77
CA LYS D 302 33.26 67.43 -28.26
C LYS D 302 33.05 66.05 -27.62
N ASP D 303 32.84 66.00 -26.30
CA ASP D 303 32.79 64.71 -25.62
C ASP D 303 32.14 64.86 -24.24
N LEU D 304 31.80 63.70 -23.66
CA LEU D 304 31.22 63.59 -22.34
C LEU D 304 32.16 62.80 -21.44
N ARG D 305 32.19 63.16 -20.15
CA ARG D 305 33.00 62.48 -19.16
C ARG D 305 32.21 62.40 -17.86
N VAL D 306 32.41 61.30 -17.13
CA VAL D 306 31.79 61.10 -15.83
C VAL D 306 32.89 60.85 -14.79
N GLU D 307 32.80 61.53 -13.66
CA GLU D 307 33.78 61.39 -12.58
C GLU D 307 33.04 61.11 -11.28
N LEU D 308 33.49 60.10 -10.55
CA LEU D 308 32.92 59.77 -9.25
C LEU D 308 33.43 60.74 -8.19
N LEU D 309 32.51 61.41 -7.51
CA LEU D 309 32.89 62.38 -6.48
C LEU D 309 32.93 61.75 -5.10
N GLY D 310 31.96 60.91 -4.76
CA GLY D 310 31.92 60.33 -3.43
C GLY D 310 30.55 59.72 -3.15
N GLU D 311 30.18 59.75 -1.88
CA GLU D 311 28.95 59.14 -1.41
C GLU D 311 28.15 60.16 -0.62
N THR D 312 26.85 60.21 -0.89
CA THR D 312 25.90 61.02 -0.16
C THR D 312 24.77 60.12 0.31
N SER D 313 23.77 60.72 0.96
CA SER D 313 22.54 60.00 1.23
C SER D 313 21.80 59.75 -0.08
N ILE D 314 21.10 58.61 -0.16
CA ILE D 314 20.28 58.34 -1.33
C ILE D 314 19.43 59.57 -1.64
N ALA D 315 19.48 60.03 -2.89
CA ALA D 315 18.98 61.35 -3.24
C ALA D 315 17.74 61.26 -4.12
N GLU D 316 16.66 61.89 -3.66
CA GLU D 316 15.51 62.14 -4.53
C GLU D 316 15.78 63.34 -5.45
N CYS D 317 16.42 64.36 -4.91
CA CYS D 317 16.78 65.57 -5.62
C CYS D 317 18.13 66.08 -5.11
N LEU D 318 18.89 66.66 -6.04
CA LEU D 318 20.18 67.26 -5.77
C LEU D 318 20.09 68.71 -6.22
N THR D 319 20.68 69.63 -5.46
CA THR D 319 20.75 71.00 -5.95
C THR D 319 22.07 71.62 -5.53
N TYR D 320 22.76 72.21 -6.51
CA TYR D 320 24.04 72.85 -6.24
C TYR D 320 23.71 74.26 -5.76
N LEU D 321 24.25 74.65 -4.61
CA LEU D 321 24.03 76.01 -4.12
C LEU D 321 25.16 76.91 -4.62
N ASP D 322 26.31 76.89 -3.95
CA ASP D 322 27.39 77.75 -4.42
C ASP D 322 28.64 77.46 -3.59
N ASN D 323 29.79 77.73 -4.19
CA ASN D 323 31.08 77.58 -3.50
C ASN D 323 31.30 76.13 -3.07
N GLY D 324 30.90 75.20 -3.93
CA GLY D 324 31.11 73.79 -3.72
C GLY D 324 30.12 73.12 -2.79
N VAL D 325 29.13 73.84 -2.30
CA VAL D 325 28.12 73.30 -1.39
C VAL D 325 26.94 72.77 -2.20
N VAL D 326 26.48 71.57 -1.83
CA VAL D 326 25.37 70.91 -2.51
C VAL D 326 24.37 70.43 -1.46
N PHE D 327 23.09 70.68 -1.72
CA PHE D 327 22.01 70.17 -0.86
C PHE D 327 21.54 68.82 -1.39
N VAL D 328 21.61 67.79 -0.55
CA VAL D 328 21.19 66.44 -0.90
C VAL D 328 19.80 66.22 -0.30
N GLY D 329 18.77 66.21 -1.15
CA GLY D 329 17.41 66.01 -0.70
C GLY D 329 16.99 64.56 -0.76
N SER D 330 16.84 63.93 0.41
CA SER D 330 16.60 62.49 0.51
C SER D 330 15.20 62.19 1.02
N ARG D 331 14.56 61.17 0.44
CA ARG D 331 13.29 60.66 0.91
C ARG D 331 13.44 59.38 1.75
N LEU D 332 14.52 58.62 1.54
CA LEU D 332 14.77 57.39 2.28
C LEU D 332 15.69 57.56 3.48
N GLY D 333 16.52 58.61 3.50
CA GLY D 333 17.45 58.82 4.60
C GLY D 333 17.59 60.28 4.97
N ASP D 334 18.60 60.59 5.78
CA ASP D 334 18.82 61.98 6.20
C ASP D 334 19.23 62.85 5.02
N SER D 335 18.65 64.05 4.94
CA SER D 335 19.08 65.03 3.95
C SER D 335 20.38 65.68 4.39
N GLN D 336 21.04 66.35 3.46
CA GLN D 336 22.41 66.79 3.73
C GLN D 336 22.76 68.12 3.07
N LEU D 337 23.76 68.78 3.67
CA LEU D 337 24.60 69.78 3.02
C LEU D 337 26.00 69.17 2.88
N VAL D 338 26.56 69.16 1.68
CA VAL D 338 27.89 68.59 1.48
C VAL D 338 28.79 69.57 0.74
N LYS D 339 30.09 69.44 0.99
CA LYS D 339 31.11 70.26 0.36
C LYS D 339 31.85 69.44 -0.68
N LEU D 340 31.92 69.98 -1.90
CA LEU D 340 32.68 69.39 -2.98
C LEU D 340 34.05 70.05 -3.05
N ASN D 341 35.10 69.26 -2.88
CA ASN D 341 36.47 69.76 -2.88
C ASN D 341 37.16 69.49 -4.21
N VAL D 342 38.12 70.36 -4.54
CA VAL D 342 38.90 70.14 -5.76
C VAL D 342 39.89 69.00 -5.60
N ASP D 343 40.51 68.88 -4.44
CA ASP D 343 41.41 67.78 -4.13
C ASP D 343 40.67 66.73 -3.32
N SER D 344 40.93 65.46 -3.63
CA SER D 344 40.33 64.35 -2.90
C SER D 344 41.00 64.19 -1.54
N ASN D 345 40.28 63.55 -0.60
CA ASN D 345 40.83 63.28 0.71
C ASN D 345 41.62 61.96 0.66
N GLU D 346 42.04 61.48 1.83
CA GLU D 346 42.88 60.29 1.88
C GLU D 346 42.16 59.03 1.44
N GLN D 347 40.84 59.06 1.35
CA GLN D 347 40.05 57.90 0.95
C GLN D 347 39.71 57.91 -0.54
N GLY D 348 40.09 58.97 -1.26
CA GLY D 348 39.74 59.11 -2.64
C GLY D 348 38.47 59.89 -2.87
N SER D 349 37.85 60.41 -1.81
CA SER D 349 36.57 61.09 -1.90
C SER D 349 36.78 62.60 -2.02
N TYR D 350 35.96 63.21 -2.87
CA TYR D 350 35.92 64.66 -3.01
C TYR D 350 34.75 65.29 -2.25
N VAL D 351 34.00 64.48 -1.49
CA VAL D 351 32.77 64.91 -0.85
C VAL D 351 32.96 64.85 0.66
N VAL D 352 32.61 65.94 1.34
CA VAL D 352 32.66 66.00 2.79
C VAL D 352 31.33 66.56 3.28
N ALA D 353 30.70 65.84 4.21
CA ALA D 353 29.43 66.28 4.75
C ALA D 353 29.63 67.51 5.62
N MET D 354 28.71 68.47 5.50
CA MET D 354 28.68 69.64 6.35
C MET D 354 27.62 69.50 7.43
N GLU D 355 26.37 69.31 7.03
CA GLU D 355 25.25 69.22 7.97
C GLU D 355 24.34 68.06 7.61
N THR D 356 23.63 67.54 8.62
CA THR D 356 22.70 66.44 8.47
C THR D 356 21.31 66.87 8.97
N PHE D 357 20.30 66.75 8.12
CA PHE D 357 18.93 67.12 8.45
C PHE D 357 18.12 65.86 8.75
N THR D 358 17.54 65.81 9.95
CA THR D 358 16.82 64.61 10.36
C THR D 358 15.67 64.33 9.39
N ASN D 359 15.62 63.10 8.89
CA ASN D 359 14.50 62.63 8.08
C ASN D 359 14.06 61.29 8.64
N LEU D 360 12.86 61.26 9.23
CA LEU D 360 12.35 59.99 9.72
C LEU D 360 12.07 59.00 8.60
N GLY D 361 12.17 59.44 7.34
CA GLY D 361 12.14 58.53 6.22
C GLY D 361 10.90 57.69 6.22
N PRO D 362 10.89 56.65 5.38
CA PRO D 362 9.80 55.67 5.46
C PRO D 362 9.76 55.04 6.85
N ILE D 363 8.61 55.14 7.51
CA ILE D 363 8.40 54.51 8.80
C ILE D 363 7.68 53.19 8.50
N VAL D 364 8.45 52.10 8.42
CA VAL D 364 7.86 50.83 8.03
C VAL D 364 7.03 50.24 9.18
N ASP D 365 7.54 50.34 10.41
CA ASP D 365 6.86 49.86 11.61
C ASP D 365 7.33 50.72 12.77
N MET D 366 6.63 50.63 13.90
CA MET D 366 7.05 51.35 15.08
C MET D 366 6.37 50.79 16.33
N CYS D 367 6.99 51.02 17.48
CA CYS D 367 6.47 50.59 18.77
C CYS D 367 6.66 51.68 19.82
N VAL D 368 5.73 51.73 20.76
CA VAL D 368 5.77 52.67 21.88
C VAL D 368 6.18 51.94 23.14
N VAL D 369 7.23 52.42 23.80
CA VAL D 369 7.77 51.80 25.00
C VAL D 369 8.20 52.90 25.97
N ASP D 370 7.86 52.71 27.24
CA ASP D 370 8.30 53.62 28.30
C ASP D 370 9.64 53.10 28.80
N LEU D 371 10.72 53.57 28.15
CA LEU D 371 12.05 53.06 28.49
C LEU D 371 12.43 53.46 29.90
N GLU D 372 12.07 54.68 30.32
CA GLU D 372 12.38 55.12 31.68
C GLU D 372 11.36 54.62 32.71
N ARG D 373 10.37 53.83 32.29
CA ARG D 373 9.30 53.32 33.14
C ARG D 373 8.50 54.43 33.80
N GLN D 374 8.65 55.67 33.35
CA GLN D 374 7.86 56.81 33.77
C GLN D 374 6.66 56.87 32.84
N GLY D 375 5.71 57.76 33.12
CA GLY D 375 4.57 57.85 32.23
C GLY D 375 4.97 58.25 30.83
N GLN D 376 6.16 58.81 30.67
CA GLN D 376 6.64 59.28 29.38
C GLN D 376 6.75 58.10 28.42
N GLY D 377 6.16 58.23 27.24
CA GLY D 377 6.26 57.21 26.20
C GLY D 377 7.30 57.61 25.17
N GLN D 378 8.08 56.63 24.72
CA GLN D 378 9.08 56.82 23.68
C GLN D 378 8.73 55.97 22.46
N LEU D 379 8.87 56.54 21.27
CA LEU D 379 8.53 55.89 20.01
C LEU D 379 9.82 55.47 19.29
N VAL D 380 10.03 54.17 19.14
CA VAL D 380 11.14 53.62 18.38
C VAL D 380 10.61 53.15 17.02
N THR D 381 11.15 53.69 15.94
CA THR D 381 10.63 53.43 14.59
C THR D 381 11.63 52.71 13.72
N CYS D 382 11.10 51.82 12.86
CA CYS D 382 11.87 51.22 11.77
C CYS D 382 11.81 52.18 10.59
N SER D 383 12.89 52.94 10.37
CA SER D 383 12.87 54.02 9.41
C SER D 383 13.99 53.90 8.39
N GLY D 384 13.72 54.40 7.18
CA GLY D 384 14.70 54.41 6.11
C GLY D 384 14.71 53.13 5.31
N ALA D 385 15.58 53.12 4.30
CA ALA D 385 15.77 51.95 3.46
C ALA D 385 17.23 51.85 3.02
N PHE D 386 17.66 50.63 2.76
CA PHE D 386 18.99 50.31 2.23
C PHE D 386 20.06 50.84 3.20
N LYS D 387 21.09 51.54 2.71
CA LYS D 387 22.15 51.97 3.60
C LYS D 387 21.68 53.05 4.58
N GLU D 388 20.51 53.63 4.35
CA GLU D 388 19.93 54.63 5.22
C GLU D 388 19.09 54.00 6.32
N GLY D 389 18.98 52.67 6.34
CA GLY D 389 18.20 52.01 7.36
C GLY D 389 18.64 52.43 8.74
N SER D 390 17.68 52.81 9.58
CA SER D 390 17.98 53.32 10.90
C SER D 390 16.83 52.94 11.82
N LEU D 391 17.13 52.89 13.11
CA LEU D 391 16.14 52.81 14.17
C LEU D 391 16.15 54.17 14.85
N ARG D 392 14.99 54.81 14.96
CA ARG D 392 14.89 56.18 15.45
C ARG D 392 14.03 56.18 16.71
N ILE D 393 14.59 56.68 17.80
CA ILE D 393 13.88 56.79 19.07
C ILE D 393 13.46 58.25 19.24
N ILE D 394 12.17 58.48 19.36
CA ILE D 394 11.60 59.82 19.45
C ILE D 394 10.91 59.91 20.79
N ARG D 395 11.23 60.95 21.54
CA ARG D 395 10.66 61.18 22.86
C ARG D 395 10.22 62.63 22.91
N ASN D 396 9.09 62.88 23.56
CA ASN D 396 8.64 64.25 23.71
C ASN D 396 9.49 64.87 24.80
N GLY D 397 10.04 66.05 24.53
CA GLY D 397 11.02 66.61 25.41
C GLY D 397 10.40 67.54 26.42
N ILE D 398 11.24 68.07 27.29
CA ILE D 398 10.79 68.98 28.33
C ILE D 398 11.85 70.08 28.48
N GLN D 408 9.87 74.07 22.17
CA GLN D 408 9.21 72.77 22.15
C GLN D 408 9.63 72.03 20.87
N LYS D 409 10.16 70.82 21.06
CA LYS D 409 10.63 69.97 19.96
C LYS D 409 10.60 68.52 20.45
N LEU D 410 10.71 67.58 19.52
CA LEU D 410 10.87 66.16 19.81
C LEU D 410 12.35 65.82 19.74
N HIS D 411 12.86 65.13 20.75
CA HIS D 411 14.26 64.71 20.76
C HIS D 411 14.37 63.35 20.09
N ILE D 412 15.21 63.27 19.07
CA ILE D 412 15.33 62.10 18.22
C ILE D 412 16.76 61.62 18.27
N ARG D 413 16.93 60.33 18.60
CA ARG D 413 18.21 59.64 18.56
C ARG D 413 18.16 58.68 17.39
N THR D 414 19.23 58.63 16.60
CA THR D 414 19.29 57.80 15.40
C THR D 414 20.27 56.66 15.62
N VAL D 415 19.83 55.44 15.31
CA VAL D 415 20.63 54.23 15.41
C VAL D 415 20.80 53.64 14.03
N PRO D 416 21.97 53.79 13.42
CA PRO D 416 22.16 53.33 12.03
C PRO D 416 22.21 51.80 11.96
N LEU D 417 21.49 51.26 10.98
CA LEU D 417 21.52 49.84 10.68
C LEU D 417 22.25 49.50 9.39
N TYR D 418 22.29 50.44 8.45
CA TYR D 418 22.94 50.27 7.15
C TYR D 418 22.34 49.14 6.32
N GLU D 419 21.17 48.65 6.72
CA GLU D 419 20.37 47.69 5.97
C GLU D 419 18.92 48.04 6.24
N SER D 420 18.03 47.46 5.44
CA SER D 420 16.63 47.91 5.47
C SER D 420 15.89 47.37 6.68
N PRO D 421 15.31 48.24 7.54
CA PRO D 421 14.45 47.77 8.64
C PRO D 421 13.01 47.55 8.18
N ARG D 422 12.37 46.51 8.73
CA ARG D 422 11.01 46.22 8.30
C ARG D 422 9.96 46.08 9.41
N LYS D 423 10.27 45.34 10.48
CA LYS D 423 9.34 45.18 11.59
C LYS D 423 10.12 45.24 12.89
N ILE D 424 9.52 45.84 13.92
CA ILE D 424 10.14 45.96 15.24
C ILE D 424 9.13 45.60 16.32
N CYS D 425 9.58 44.87 17.33
CA CYS D 425 8.77 44.53 18.49
C CYS D 425 9.66 44.57 19.73
N TYR D 426 9.05 44.82 20.87
CA TYR D 426 9.75 45.01 22.13
C TYR D 426 9.48 43.87 23.08
N GLN D 427 10.55 43.32 23.65
CA GLN D 427 10.46 42.24 24.63
C GLN D 427 11.01 42.81 25.94
N GLU D 428 10.14 43.14 26.88
CA GLU D 428 10.63 43.71 28.14
C GLU D 428 11.44 42.69 28.94
N VAL D 429 11.02 41.43 28.94
CA VAL D 429 11.68 40.41 29.75
C VAL D 429 13.18 40.39 29.48
N SER D 430 13.56 40.61 28.22
CA SER D 430 14.97 40.57 27.81
C SER D 430 15.57 41.96 27.67
N GLN D 431 14.83 43.01 28.01
CA GLN D 431 15.29 44.39 27.88
C GLN D 431 15.90 44.63 26.50
N CYS D 432 15.26 44.08 25.47
CA CYS D 432 15.79 44.15 24.11
C CYS D 432 14.64 44.34 23.12
N PHE D 433 15.01 44.75 21.91
CA PHE D 433 14.08 44.90 20.80
C PHE D 433 14.37 43.84 19.74
N GLY D 434 13.33 43.33 19.12
CA GLY D 434 13.48 42.46 17.97
C GLY D 434 13.14 43.21 16.69
N VAL D 435 14.08 43.23 15.75
CA VAL D 435 13.91 43.95 14.50
C VAL D 435 14.18 42.99 13.34
N LEU D 436 13.24 42.93 12.40
CA LEU D 436 13.41 42.19 11.16
C LEU D 436 14.04 43.12 10.13
N SER D 437 15.03 42.61 9.41
CA SER D 437 15.83 43.46 8.52
C SER D 437 16.10 42.74 7.20
N SER D 438 16.40 43.54 6.17
CA SER D 438 16.75 43.02 4.87
C SER D 438 17.95 43.78 4.32
N ARG D 439 18.94 43.04 3.83
CA ARG D 439 20.11 43.60 3.17
C ARG D 439 20.21 43.03 1.77
N ILE D 440 20.77 43.81 0.85
CA ILE D 440 20.92 43.39 -0.53
C ILE D 440 22.30 42.77 -0.73
N GLU D 441 22.34 41.55 -1.23
CA GLU D 441 23.57 40.94 -1.72
C GLU D 441 23.42 40.73 -3.22
N VAL D 442 24.54 40.51 -3.90
CA VAL D 442 24.56 40.41 -5.34
C VAL D 442 25.25 39.13 -5.79
N GLN D 443 24.69 38.51 -6.82
CA GLN D 443 25.26 37.29 -7.38
C GLN D 443 26.66 37.54 -7.91
N ASP D 444 27.61 36.74 -7.43
CA ASP D 444 29.01 36.91 -7.76
C ASP D 444 29.57 35.67 -8.46
N THR D 445 30.86 35.77 -8.81
CA THR D 445 31.52 34.70 -9.55
C THR D 445 31.66 33.43 -8.73
N SER D 446 31.46 33.51 -7.42
CA SER D 446 31.56 32.33 -6.57
C SER D 446 30.37 31.40 -6.74
N GLY D 447 29.26 31.90 -7.25
CA GLY D 447 27.99 31.22 -7.24
C GLY D 447 27.10 31.66 -6.10
N GLY D 448 27.70 32.11 -5.00
CA GLY D 448 26.96 32.71 -3.90
C GLY D 448 26.71 34.18 -4.14
N THR D 449 26.54 34.93 -3.06
CA THR D 449 26.30 36.36 -3.15
C THR D 449 27.21 37.08 -2.19
N THR D 450 27.36 38.38 -2.43
CA THR D 450 28.26 39.24 -1.68
C THR D 450 27.52 40.50 -1.27
N ALA D 451 27.71 40.90 -0.02
CA ALA D 451 27.08 42.10 0.49
C ALA D 451 27.80 43.33 -0.04
N LEU D 452 27.02 44.35 -0.43
CA LEU D 452 27.62 45.55 -1.01
C LEU D 452 28.35 46.38 0.05
N ARG D 453 28.03 46.18 1.33
CA ARG D 453 28.66 46.92 2.41
C ARG D 453 28.36 46.19 3.70
N PRO D 454 29.20 46.37 4.72
CA PRO D 454 28.87 45.79 6.03
C PRO D 454 27.68 46.50 6.63
N SER D 455 26.89 45.76 7.41
CA SER D 455 25.69 46.31 8.00
C SER D 455 25.34 45.51 9.25
N ALA D 456 24.26 45.93 9.91
CA ALA D 456 23.95 45.44 11.25
C ALA D 456 23.96 43.91 11.32
N SER D 457 23.39 43.25 10.32
CA SER D 457 23.28 41.79 10.38
C SER D 457 24.63 41.11 10.14
N THR D 458 25.57 41.79 9.49
CA THR D 458 26.87 41.22 9.19
C THR D 458 27.93 41.57 10.23
N GLN D 459 27.67 42.59 11.05
CA GLN D 459 28.62 43.04 12.05
C GLN D 459 28.12 42.70 13.45
N ALA D 460 27.14 41.80 13.53
CA ALA D 460 26.59 41.43 14.82
C ALA D 460 27.59 40.63 15.65
N LEU D 461 27.49 40.80 16.97
CA LEU D 461 28.37 40.13 17.91
C LEU D 461 28.19 38.60 17.85
N SER D 462 26.97 38.13 18.05
CA SER D 462 26.64 36.72 17.89
C SER D 462 25.77 36.59 16.66
N SER D 463 25.92 35.49 15.93
CA SER D 463 25.20 35.31 14.68
C SER D 463 24.82 33.86 14.50
N SER D 464 23.83 33.64 13.64
CA SER D 464 23.35 32.29 13.35
C SER D 464 22.67 32.29 11.99
N VAL D 465 22.59 31.09 11.41
CA VAL D 465 21.92 30.88 10.13
C VAL D 465 20.96 29.73 10.29
N SER D 466 19.76 29.87 9.72
CA SER D 466 18.74 28.85 9.85
C SER D 466 19.18 27.57 9.15
N SER D 467 19.00 26.44 9.83
CA SER D 467 19.32 25.13 9.28
C SER D 467 18.07 24.32 8.92
N SER D 468 16.90 24.97 8.90
CA SER D 468 15.66 24.25 8.63
C SER D 468 15.70 23.56 7.27
N LYS D 469 15.19 22.33 7.23
CA LYS D 469 15.13 21.58 6.00
C LYS D 469 13.68 21.34 5.55
N LEU D 470 12.73 22.09 6.10
CA LEU D 470 11.32 21.88 5.79
C LEU D 470 11.07 21.95 4.29
N PHE D 471 11.64 22.96 3.62
CA PHE D 471 11.52 23.06 2.18
C PHE D 471 12.60 22.26 1.47
N SER D 472 13.57 21.74 2.23
CA SER D 472 14.56 20.80 1.70
C SER D 472 15.01 21.24 0.33
N SER D 473 15.13 20.26 -0.58
CA SER D 473 15.39 20.55 -1.99
C SER D 473 14.17 20.24 -2.83
N SER D 474 13.05 19.97 -2.17
CA SER D 474 11.77 19.75 -2.84
C SER D 474 11.55 20.78 -3.93
N THR D 475 11.70 22.06 -3.60
CA THR D 475 11.56 23.12 -4.58
C THR D 475 12.75 23.08 -5.55
N ALA D 476 12.47 23.09 -6.84
CA ALA D 476 13.53 23.11 -7.83
C ALA D 476 14.31 24.42 -7.78
N PRO D 477 15.63 24.38 -7.94
CA PRO D 477 16.43 25.61 -7.86
C PRO D 477 16.25 26.44 -9.13
N HIS D 478 16.22 27.75 -8.96
CA HIS D 478 16.00 28.68 -10.05
C HIS D 478 17.31 29.25 -10.55
N GLU D 479 17.30 29.66 -11.81
CA GLU D 479 18.55 30.06 -12.46
C GLU D 479 19.00 31.38 -11.84
N THR D 480 20.30 31.48 -11.58
CA THR D 480 20.91 32.69 -11.04
C THR D 480 21.94 33.22 -12.02
N SER D 481 21.86 34.52 -12.30
CA SER D 481 22.78 35.19 -13.21
C SER D 481 23.64 36.16 -12.43
N PHE D 482 24.92 36.24 -12.79
CA PHE D 482 25.83 37.14 -12.09
C PHE D 482 25.32 38.57 -12.17
N GLY D 483 25.36 39.28 -11.03
CA GLY D 483 24.97 40.66 -10.96
C GLY D 483 23.55 40.91 -10.47
N GLU D 484 22.71 39.89 -10.40
CA GLU D 484 21.36 40.09 -9.92
C GLU D 484 21.35 40.33 -8.41
N GLU D 485 20.38 41.15 -7.98
CA GLU D 485 20.21 41.43 -6.56
C GLU D 485 19.27 40.41 -5.93
N VAL D 486 19.51 40.14 -4.65
CA VAL D 486 18.64 39.30 -3.84
C VAL D 486 18.57 39.91 -2.45
N GLU D 487 17.48 39.65 -1.74
CA GLU D 487 17.31 40.10 -0.38
C GLU D 487 17.64 38.98 0.59
N VAL D 488 18.38 39.32 1.65
CA VAL D 488 18.71 38.40 2.72
C VAL D 488 18.07 38.96 3.98
N HIS D 489 17.19 38.17 4.60
CA HIS D 489 16.42 38.62 5.75
C HIS D 489 16.98 38.04 7.04
N ASN D 490 16.99 38.86 8.09
CA ASN D 490 17.57 38.49 9.37
C ASN D 490 16.65 38.97 10.48
N LEU D 491 16.82 38.36 11.65
CA LEU D 491 16.22 38.85 12.88
C LEU D 491 17.34 39.43 13.74
N LEU D 492 17.19 40.68 14.16
CA LEU D 492 18.19 41.36 14.96
C LEU D 492 17.68 41.56 16.39
N ILE D 493 18.50 41.16 17.36
CA ILE D 493 18.26 41.44 18.76
C ILE D 493 19.09 42.66 19.14
N ILE D 494 18.44 43.72 19.61
CA ILE D 494 19.08 45.01 19.86
C ILE D 494 18.77 45.44 21.29
N ASP D 495 19.81 45.85 22.03
CA ASP D 495 19.64 46.23 23.42
C ASP D 495 18.84 47.53 23.55
N GLN D 496 17.98 47.59 24.57
CA GLN D 496 17.03 48.69 24.69
C GLN D 496 17.67 50.00 25.12
N HIS D 497 18.84 49.95 25.74
CA HIS D 497 19.53 51.17 26.15
C HIS D 497 20.71 51.52 25.26
N THR D 498 21.59 50.56 25.00
CA THR D 498 22.75 50.82 24.17
C THR D 498 22.40 50.77 22.69
N PHE D 499 21.37 50.00 22.33
CA PHE D 499 21.02 49.79 20.93
C PHE D 499 22.21 49.18 20.19
N GLU D 500 22.83 48.21 20.83
CA GLU D 500 23.90 47.42 20.25
C GLU D 500 23.30 46.12 19.75
N VAL D 501 23.75 45.67 18.58
CA VAL D 501 23.22 44.43 18.02
C VAL D 501 23.85 43.26 18.76
N LEU D 502 23.03 42.54 19.52
CA LEU D 502 23.47 41.45 20.36
C LEU D 502 23.55 40.14 19.59
N HIS D 503 22.63 39.93 18.67
CA HIS D 503 22.58 38.71 17.90
C HIS D 503 21.90 39.00 16.56
N ALA D 504 22.33 38.28 15.53
CA ALA D 504 21.69 38.35 14.21
C ALA D 504 21.50 36.94 13.69
N HIS D 505 20.27 36.64 13.28
CA HIS D 505 19.90 35.33 12.72
C HIS D 505 19.54 35.53 11.26
N GLN D 506 20.22 34.79 10.38
CA GLN D 506 19.95 34.86 8.95
C GLN D 506 18.97 33.75 8.59
N PHE D 507 17.88 34.13 7.91
CA PHE D 507 16.86 33.18 7.52
C PHE D 507 17.27 32.45 6.24
N LEU D 508 16.45 31.49 5.84
CA LEU D 508 16.78 30.66 4.70
C LEU D 508 16.96 31.49 3.43
N GLN D 509 17.68 30.92 2.48
CA GLN D 509 17.84 31.54 1.18
C GLN D 509 16.49 31.72 0.53
N ASN D 510 16.21 32.95 0.09
CA ASN D 510 14.95 33.34 -0.54
C ASN D 510 13.77 33.35 0.44
N GLU D 511 14.05 33.38 1.74
CA GLU D 511 13.00 33.48 2.75
C GLU D 511 12.88 34.93 3.20
N TYR D 512 11.66 35.48 3.12
CA TYR D 512 11.38 36.84 3.56
C TYR D 512 10.74 36.82 4.94
N ALA D 513 11.19 37.73 5.80
CA ALA D 513 10.60 37.92 7.11
C ALA D 513 9.54 39.00 7.01
N LEU D 514 8.29 38.63 7.27
CA LEU D 514 7.17 39.54 7.09
C LEU D 514 6.48 39.93 8.39
N SER D 515 6.52 39.09 9.42
CA SER D 515 5.80 39.34 10.66
C SER D 515 6.64 38.95 11.87
N LEU D 516 6.44 39.70 12.96
CA LEU D 516 7.18 39.49 14.19
C LEU D 516 6.28 39.83 15.36
N VAL D 517 6.31 38.98 16.39
CA VAL D 517 5.55 39.23 17.61
C VAL D 517 6.42 38.81 18.80
N SER D 518 6.21 39.48 19.92
CA SER D 518 6.83 39.11 21.19
C SER D 518 5.69 38.75 22.13
N CYS D 519 5.69 37.52 22.63
CA CYS D 519 4.53 37.10 23.41
C CYS D 519 4.87 35.88 24.26
N LYS D 520 4.01 35.66 25.25
CA LYS D 520 3.95 34.42 25.98
C LYS D 520 2.74 33.64 25.46
N LEU D 521 2.88 32.32 25.33
CA LEU D 521 1.78 31.52 24.82
C LEU D 521 1.41 30.38 25.76
N GLY D 522 0.12 30.03 25.75
CA GLY D 522 -0.36 28.87 26.47
C GLY D 522 0.02 28.91 27.93
N LYS D 523 0.48 27.76 28.43
CA LYS D 523 0.95 27.62 29.79
C LYS D 523 2.47 27.69 29.88
N ASP D 524 3.12 28.17 28.82
CA ASP D 524 4.57 28.34 28.80
C ASP D 524 4.94 29.70 29.36
N PRO D 525 5.68 29.78 30.48
CA PRO D 525 6.05 31.10 31.01
C PRO D 525 7.15 31.78 30.23
N ASN D 526 7.83 31.09 29.33
CA ASN D 526 8.92 31.69 28.58
C ASN D 526 8.35 32.68 27.56
N THR D 527 8.99 33.84 27.46
CA THR D 527 8.58 34.86 26.50
C THR D 527 9.43 34.73 25.24
N TYR D 528 8.76 34.60 24.10
CA TYR D 528 9.42 34.26 22.85
C TYR D 528 9.30 35.38 21.81
N PHE D 529 10.23 35.32 20.84
CA PHE D 529 10.12 36.09 19.59
C PHE D 529 9.61 35.13 18.51
N ILE D 530 8.51 35.48 17.85
CA ILE D 530 7.98 34.63 16.78
C ILE D 530 7.98 35.41 15.48
N VAL D 531 8.51 34.79 14.43
CA VAL D 531 8.65 35.42 13.12
C VAL D 531 7.84 34.62 12.13
N GLY D 532 7.09 35.33 11.27
CA GLY D 532 6.34 34.72 10.19
C GLY D 532 7.00 35.08 8.85
N THR D 533 7.17 34.08 8.00
CA THR D 533 7.98 34.21 6.81
C THR D 533 7.22 33.77 5.56
N ALA D 534 7.83 34.05 4.41
CA ALA D 534 7.30 33.64 3.11
C ALA D 534 8.48 33.24 2.24
N MET D 535 8.33 32.15 1.48
CA MET D 535 9.32 31.74 0.50
C MET D 535 9.04 32.48 -0.80
N VAL D 536 9.96 33.35 -1.20
CA VAL D 536 9.76 34.25 -2.32
C VAL D 536 10.62 33.72 -3.46
N TYR D 537 9.98 33.18 -4.49
CA TYR D 537 10.65 32.79 -5.70
C TYR D 537 10.14 33.67 -6.83
N PRO D 538 11.02 34.22 -7.65
CA PRO D 538 10.58 35.21 -8.66
C PRO D 538 9.45 34.73 -9.55
N GLU D 539 9.37 33.43 -9.81
CA GLU D 539 8.36 32.93 -10.74
C GLU D 539 6.96 33.01 -10.17
N GLU D 540 6.82 32.91 -8.85
CA GLU D 540 5.50 32.72 -8.25
C GLU D 540 4.78 34.04 -8.09
N ALA D 541 3.51 34.07 -8.51
CA ALA D 541 2.70 35.28 -8.33
C ALA D 541 2.44 35.56 -6.87
N GLU D 542 2.24 34.52 -6.06
CA GLU D 542 1.96 34.60 -4.65
C GLU D 542 2.71 33.45 -4.01
N PRO D 543 3.41 33.68 -2.91
CA PRO D 543 4.18 32.58 -2.29
C PRO D 543 3.27 31.42 -1.94
N LYS D 544 3.79 30.21 -2.12
CA LYS D 544 3.06 28.99 -1.80
C LYS D 544 3.70 28.24 -0.64
N GLN D 545 4.77 28.78 -0.06
CA GLN D 545 5.43 28.17 1.07
C GLN D 545 5.78 29.24 2.11
N GLY D 546 5.89 28.80 3.36
CA GLY D 546 6.23 29.71 4.44
C GLY D 546 6.50 28.98 5.73
N ARG D 547 7.05 29.73 6.68
CA ARG D 547 7.34 29.21 8.01
C ARG D 547 6.86 30.18 9.08
N ILE D 548 6.51 29.61 10.23
CA ILE D 548 6.36 30.34 11.49
C ILE D 548 7.43 29.82 12.43
N VAL D 549 8.30 30.71 12.90
CA VAL D 549 9.46 30.32 13.68
C VAL D 549 9.38 30.95 15.07
N VAL D 550 9.61 30.14 16.10
CA VAL D 550 9.64 30.58 17.49
C VAL D 550 11.09 30.61 17.95
N PHE D 551 11.52 31.74 18.50
CA PHE D 551 12.86 31.90 19.03
C PHE D 551 12.77 32.24 20.52
N GLN D 552 13.78 31.85 21.28
CA GLN D 552 13.94 32.35 22.65
C GLN D 552 15.31 32.99 22.80
N TYR D 553 15.33 34.25 23.20
CA TYR D 553 16.57 34.92 23.54
C TYR D 553 16.77 34.86 25.06
N SER D 554 17.74 34.07 25.50
CA SER D 554 18.02 33.90 26.93
C SER D 554 19.51 33.70 27.14
N ASP D 555 20.08 34.41 28.12
CA ASP D 555 21.50 34.31 28.45
C ASP D 555 22.37 34.59 27.24
N GLY D 556 22.05 35.65 26.52
CA GLY D 556 22.90 36.10 25.45
C GLY D 556 22.85 35.28 24.18
N LYS D 557 22.02 34.25 24.11
CA LYS D 557 22.00 33.36 22.98
C LYS D 557 20.57 33.16 22.51
N LEU D 558 20.39 33.16 21.19
CA LEU D 558 19.09 32.92 20.57
C LEU D 558 18.98 31.45 20.22
N GLN D 559 17.94 30.79 20.71
CA GLN D 559 17.66 29.40 20.39
C GLN D 559 16.36 29.32 19.63
N THR D 560 16.31 28.44 18.64
CA THR D 560 15.09 28.21 17.87
C THR D 560 14.30 27.13 18.59
N VAL D 561 13.13 27.50 19.08
CA VAL D 561 12.33 26.59 19.88
C VAL D 561 11.45 25.71 19.01
N ALA D 562 10.90 26.27 17.92
CA ALA D 562 9.98 25.50 17.10
C ALA D 562 9.77 26.18 15.76
N GLU D 563 9.44 25.36 14.75
CA GLU D 563 9.06 25.84 13.42
C GLU D 563 7.79 25.14 12.99
N LYS D 564 6.90 25.90 12.35
CA LYS D 564 5.64 25.40 11.82
C LYS D 564 5.60 25.74 10.34
N GLU D 565 5.44 24.74 9.50
CA GLU D 565 5.35 24.98 8.07
C GLU D 565 3.94 25.43 7.69
N VAL D 566 3.86 26.42 6.80
CA VAL D 566 2.58 26.87 6.25
C VAL D 566 2.72 26.94 4.73
N LYS D 567 1.57 27.00 4.07
CA LYS D 567 1.50 26.96 2.61
C LYS D 567 1.27 28.36 2.03
N GLY D 568 2.04 29.35 2.50
CA GLY D 568 1.87 30.71 2.02
C GLY D 568 2.71 31.68 2.82
N ALA D 569 2.42 32.97 2.60
CA ALA D 569 3.16 34.04 3.25
C ALA D 569 2.46 34.44 4.54
N VAL D 570 3.22 34.49 5.63
CA VAL D 570 2.67 34.89 6.94
C VAL D 570 2.79 36.41 7.01
N TYR D 571 1.78 37.08 6.45
CA TYR D 571 1.81 38.54 6.41
C TYR D 571 1.67 39.15 7.80
N SER D 572 0.84 38.56 8.66
CA SER D 572 0.61 39.14 9.98
C SER D 572 0.41 38.10 11.07
N MET D 573 0.88 38.45 12.27
CA MET D 573 0.65 37.66 13.48
C MET D 573 0.36 38.61 14.63
N VAL D 574 -0.50 38.16 15.55
CA VAL D 574 -0.85 38.95 16.73
C VAL D 574 -1.22 37.97 17.83
N GLU D 575 -0.84 38.32 19.06
CA GLU D 575 -1.17 37.48 20.21
C GLU D 575 -2.64 37.58 20.55
N PHE D 576 -3.28 36.43 20.75
CA PHE D 576 -4.73 36.35 20.94
C PHE D 576 -5.00 35.47 22.15
N ASN D 577 -5.08 36.10 23.32
CA ASN D 577 -5.52 35.42 24.54
C ASN D 577 -4.75 34.12 24.74
N GLY D 578 -3.43 34.24 24.73
CA GLY D 578 -2.54 33.10 24.91
C GLY D 578 -2.37 32.22 23.70
N LYS D 579 -2.98 32.57 22.57
CA LYS D 579 -2.84 31.84 21.32
C LYS D 579 -2.20 32.75 20.28
N LEU D 580 -1.75 32.13 19.19
CA LEU D 580 -1.10 32.86 18.11
C LEU D 580 -2.08 32.98 16.95
N LEU D 581 -2.45 34.22 16.63
CA LEU D 581 -3.32 34.50 15.49
C LEU D 581 -2.44 34.94 14.33
N ALA D 582 -2.44 34.15 13.26
CA ALA D 582 -1.58 34.39 12.11
C ALA D 582 -2.40 34.35 10.83
N SER D 583 -1.98 35.17 9.88
CA SER D 583 -2.62 35.25 8.57
C SER D 583 -1.68 34.69 7.53
N ILE D 584 -2.10 33.62 6.86
CA ILE D 584 -1.35 32.99 5.78
C ILE D 584 -2.16 33.19 4.50
N ASN D 585 -1.72 34.14 3.63
CA ASN D 585 -2.42 34.45 2.40
C ASN D 585 -3.89 34.78 2.69
N SER D 586 -4.83 34.05 2.10
CA SER D 586 -6.23 34.32 2.39
C SER D 586 -6.65 33.85 3.79
N THR D 587 -6.04 32.79 4.30
CA THR D 587 -6.48 32.15 5.52
C THR D 587 -6.06 32.92 6.76
N VAL D 588 -6.95 32.96 7.75
CA VAL D 588 -6.65 33.46 9.09
C VAL D 588 -6.78 32.29 10.05
N ARG D 589 -5.70 31.98 10.78
CA ARG D 589 -5.65 30.79 11.61
C ARG D 589 -5.38 31.19 13.06
N LEU D 590 -5.91 30.38 13.99
CA LEU D 590 -5.61 30.50 15.40
C LEU D 590 -4.83 29.26 15.82
N TYR D 591 -3.62 29.45 16.31
CA TYR D 591 -2.76 28.36 16.75
C TYR D 591 -2.74 28.29 18.28
N GLU D 592 -2.72 27.07 18.80
CA GLU D 592 -2.50 26.84 20.22
C GLU D 592 -1.08 26.34 20.42
N TRP D 593 -0.54 26.62 21.61
CA TRP D 593 0.83 26.26 21.98
C TRP D 593 0.74 25.07 22.91
N THR D 594 1.20 23.91 22.43
CA THR D 594 1.02 22.68 23.18
C THR D 594 2.04 22.59 24.33
N THR D 595 1.84 21.61 25.21
CA THR D 595 2.82 21.33 26.25
C THR D 595 4.10 20.70 25.71
N GLU D 596 4.10 20.24 24.45
CA GLU D 596 5.32 19.81 23.79
C GLU D 596 6.01 20.94 23.01
N LYS D 597 5.60 22.18 23.27
CA LYS D 597 6.23 23.37 22.67
C LYS D 597 6.18 23.36 21.14
N GLU D 598 5.00 23.12 20.59
CA GLU D 598 4.78 23.24 19.14
C GLU D 598 3.41 23.83 18.88
N LEU D 599 3.26 24.46 17.71
CA LEU D 599 2.01 25.12 17.36
C LEU D 599 1.03 24.13 16.76
N ARG D 600 -0.23 24.22 17.20
CA ARG D 600 -1.31 23.36 16.72
C ARG D 600 -2.47 24.23 16.30
N THR D 601 -2.98 23.97 15.09
CA THR D 601 -4.08 24.77 14.55
C THR D 601 -5.38 24.44 15.29
N GLU D 602 -6.07 25.48 15.76
CA GLU D 602 -7.38 25.30 16.37
C GLU D 602 -8.51 25.50 15.36
N CYS D 603 -8.48 26.61 14.63
CA CYS D 603 -9.56 26.92 13.69
C CYS D 603 -9.02 27.88 12.64
N ASN D 604 -9.74 27.96 11.52
CA ASN D 604 -9.32 28.77 10.38
C ASN D 604 -10.49 29.59 9.86
N HIS D 605 -10.15 30.64 9.11
CA HIS D 605 -11.11 31.43 8.37
C HIS D 605 -10.55 31.71 6.98
N TYR D 606 -11.35 31.46 5.95
CA TYR D 606 -10.83 31.52 4.59
C TYR D 606 -11.40 32.65 3.75
N ASN D 607 -12.39 33.40 4.22
CA ASN D 607 -13.05 34.39 3.37
C ASN D 607 -12.24 35.68 3.29
N ASN D 608 -11.08 35.57 2.64
CA ASN D 608 -10.23 36.73 2.40
C ASN D 608 -9.53 36.60 1.06
N ILE D 609 -9.26 37.74 0.44
CA ILE D 609 -8.40 37.74 -0.73
C ILE D 609 -6.92 37.70 -0.32
N MET D 610 -6.52 38.63 0.55
CA MET D 610 -5.17 38.66 1.11
C MET D 610 -5.25 39.33 2.48
N ALA D 611 -5.06 38.55 3.53
CA ALA D 611 -5.24 39.01 4.91
C ALA D 611 -3.96 39.69 5.38
N LEU D 612 -3.78 40.93 4.94
CA LEU D 612 -2.51 41.61 5.17
C LEU D 612 -2.35 42.08 6.61
N TYR D 613 -3.44 42.50 7.25
CA TYR D 613 -3.32 43.17 8.54
C TYR D 613 -4.27 42.58 9.58
N LEU D 614 -3.78 42.49 10.82
CA LEU D 614 -4.54 41.95 11.94
C LEU D 614 -4.41 42.85 13.15
N LYS D 615 -5.51 43.04 13.88
CA LYS D 615 -5.51 43.66 15.19
C LYS D 615 -6.57 42.96 16.03
N THR D 616 -6.39 42.98 17.35
CA THR D 616 -7.33 42.28 18.23
C THR D 616 -7.75 43.15 19.41
N LYS D 617 -8.90 42.76 19.98
CA LYS D 617 -9.40 43.35 21.24
C LYS D 617 -10.35 42.32 21.83
N GLY D 618 -9.94 41.68 22.92
CA GLY D 618 -10.76 40.63 23.53
C GLY D 618 -10.77 39.38 22.68
N ASP D 619 -11.98 38.86 22.45
CA ASP D 619 -12.18 37.72 21.56
C ASP D 619 -12.56 38.16 20.15
N PHE D 620 -12.40 39.44 19.85
CA PHE D 620 -12.69 40.06 18.57
C PHE D 620 -11.42 40.30 17.76
N ILE D 621 -11.51 40.05 16.45
CA ILE D 621 -10.38 40.15 15.52
C ILE D 621 -10.77 41.07 14.37
N LEU D 622 -9.88 42.00 14.01
CA LEU D 622 -10.06 42.85 12.85
C LEU D 622 -9.08 42.43 11.76
N VAL D 623 -9.59 42.17 10.56
CA VAL D 623 -8.80 41.72 9.43
C VAL D 623 -8.73 42.84 8.39
N GLY D 624 -7.55 43.08 7.85
CA GLY D 624 -7.43 44.07 6.80
C GLY D 624 -7.05 43.40 5.50
N ASP D 625 -7.95 43.46 4.53
CA ASP D 625 -7.76 42.76 3.29
C ASP D 625 -7.08 43.68 2.27
N LEU D 626 -6.57 43.06 1.22
CA LEU D 626 -5.91 43.82 0.15
C LEU D 626 -6.87 44.72 -0.59
N MET D 627 -8.11 44.28 -0.78
CA MET D 627 -9.09 45.09 -1.49
C MET D 627 -10.49 45.07 -0.89
N ARG D 628 -10.90 44.03 -0.18
CA ARG D 628 -12.23 43.97 0.41
C ARG D 628 -12.29 44.69 1.76
N SER D 629 -11.37 45.65 1.99
CA SER D 629 -11.42 46.57 3.11
C SER D 629 -11.22 45.82 4.43
N VAL D 630 -12.12 45.99 5.40
CA VAL D 630 -11.91 45.46 6.73
C VAL D 630 -13.09 44.59 7.11
N LEU D 631 -12.78 43.51 7.84
CA LEU D 631 -13.75 42.55 8.34
C LEU D 631 -13.52 42.39 9.83
N LEU D 632 -14.61 42.31 10.59
CA LEU D 632 -14.55 42.06 12.02
C LEU D 632 -14.85 40.58 12.24
N LEU D 633 -13.83 39.83 12.65
CA LEU D 633 -13.99 38.43 12.99
C LEU D 633 -14.11 38.29 14.50
N ALA D 634 -14.80 37.24 14.94
CA ALA D 634 -14.95 36.97 16.35
C ALA D 634 -14.71 35.49 16.65
N TYR D 635 -14.01 35.23 17.75
CA TYR D 635 -13.77 33.87 18.22
C TYR D 635 -14.89 33.47 19.17
N LYS D 636 -15.62 32.41 18.82
CA LYS D 636 -16.64 31.87 19.71
C LYS D 636 -15.99 30.76 20.52
N PRO D 637 -15.55 31.04 21.75
CA PRO D 637 -14.80 30.01 22.50
C PRO D 637 -15.62 28.78 22.82
N MET D 638 -16.95 28.91 22.91
CA MET D 638 -17.75 27.72 23.19
C MET D 638 -17.66 26.71 22.05
N GLU D 639 -17.48 27.18 20.81
CA GLU D 639 -17.40 26.25 19.69
C GLU D 639 -15.98 26.01 19.19
N GLY D 640 -15.04 26.91 19.45
CA GLY D 640 -13.69 26.72 18.99
C GLY D 640 -13.50 27.04 17.52
N ASN D 641 -14.18 28.07 17.03
CA ASN D 641 -14.16 28.44 15.62
C ASN D 641 -14.28 29.95 15.51
N PHE D 642 -14.27 30.46 14.28
CA PHE D 642 -14.48 31.87 14.01
C PHE D 642 -15.92 32.11 13.53
N GLU D 643 -16.45 33.30 13.82
CA GLU D 643 -17.75 33.74 13.31
C GLU D 643 -17.60 35.16 12.78
N GLU D 644 -18.17 35.40 11.61
CA GLU D 644 -18.07 36.69 10.93
C GLU D 644 -19.10 37.67 11.50
N ILE D 645 -18.63 38.68 12.24
CA ILE D 645 -19.58 39.63 12.80
C ILE D 645 -20.03 40.66 11.77
N ALA D 646 -19.08 41.33 11.10
CA ALA D 646 -19.49 42.36 10.15
C ALA D 646 -18.32 42.74 9.23
N ARG D 647 -18.62 42.89 7.94
CA ARG D 647 -17.60 43.24 6.95
C ARG D 647 -17.96 44.57 6.29
N ASP D 648 -16.93 45.38 6.02
CA ASP D 648 -17.10 46.59 5.22
C ASP D 648 -17.16 46.12 3.77
N PHE D 649 -18.31 46.29 3.12
CA PHE D 649 -18.44 45.85 1.73
C PHE D 649 -17.95 46.90 0.76
N ASN D 650 -17.49 48.03 1.28
CA ASN D 650 -16.85 49.06 0.46
C ASN D 650 -15.44 48.62 0.11
N PRO D 651 -15.03 48.69 -1.15
CA PRO D 651 -13.70 48.20 -1.52
C PRO D 651 -12.62 49.25 -1.36
N ASN D 652 -11.63 48.98 -0.52
CA ASN D 652 -10.52 49.90 -0.31
C ASN D 652 -9.23 49.11 -0.31
N TRP D 653 -8.17 49.70 -0.85
CA TRP D 653 -6.85 49.10 -0.78
C TRP D 653 -6.21 49.54 0.54
N MET D 654 -6.11 48.62 1.48
CA MET D 654 -5.75 48.98 2.84
C MET D 654 -4.24 49.07 2.99
N SER D 655 -3.78 50.04 3.79
CA SER D 655 -2.38 50.17 4.16
C SER D 655 -2.14 49.86 5.63
N ALA D 656 -3.17 49.99 6.48
CA ALA D 656 -3.09 49.68 7.89
C ALA D 656 -4.50 49.71 8.46
N VAL D 657 -4.69 48.98 9.56
CA VAL D 657 -5.97 48.95 10.27
C VAL D 657 -5.68 49.13 11.74
N GLU D 658 -6.67 49.64 12.47
CA GLU D 658 -6.57 49.74 13.91
C GLU D 658 -7.97 49.66 14.51
N ILE D 659 -8.05 49.11 15.72
CA ILE D 659 -9.29 49.07 16.48
C ILE D 659 -9.28 50.27 17.42
N LEU D 660 -10.32 51.10 17.35
CA LEU D 660 -10.42 52.26 18.24
C LEU D 660 -11.14 51.91 19.54
N ASP D 661 -12.36 51.37 19.43
CA ASP D 661 -13.12 50.90 20.56
C ASP D 661 -13.89 49.67 20.09
N ASP D 662 -14.72 49.10 20.95
CA ASP D 662 -15.32 47.82 20.58
C ASP D 662 -16.29 47.96 19.40
N ASP D 663 -16.73 49.17 19.07
CA ASP D 663 -17.67 49.37 17.98
C ASP D 663 -17.15 50.25 16.86
N ASN D 664 -15.99 50.90 17.02
CA ASN D 664 -15.40 51.72 15.95
C ASN D 664 -14.04 51.16 15.56
N PHE D 665 -13.77 51.14 14.25
CA PHE D 665 -12.56 50.58 13.67
C PHE D 665 -11.98 51.54 12.64
N LEU D 666 -10.66 51.69 12.66
CA LEU D 666 -9.97 52.70 11.84
C LEU D 666 -9.18 52.06 10.71
N GLY D 667 -9.17 52.73 9.55
CA GLY D 667 -8.47 52.21 8.39
C GLY D 667 -7.74 53.29 7.62
N ALA D 668 -6.72 52.85 6.87
CA ALA D 668 -5.90 53.72 6.04
C ALA D 668 -5.77 53.11 4.64
N GLU D 669 -6.08 53.91 3.62
CA GLU D 669 -6.13 53.48 2.24
C GLU D 669 -4.88 53.91 1.47
N ASN D 670 -4.65 53.24 0.33
CA ASN D 670 -3.55 53.63 -0.55
C ASN D 670 -3.82 54.94 -1.28
N ALA D 671 -5.00 55.52 -1.07
CA ALA D 671 -5.35 56.82 -1.65
C ALA D 671 -5.03 57.96 -0.70
N PHE D 672 -4.26 57.66 0.35
CA PHE D 672 -3.91 58.65 1.37
C PHE D 672 -5.15 59.09 2.13
N ASN D 673 -6.08 58.16 2.35
CA ASN D 673 -7.32 58.51 3.04
C ASN D 673 -7.43 57.68 4.32
N LEU D 674 -8.11 58.24 5.33
CA LEU D 674 -8.39 57.55 6.57
C LEU D 674 -9.90 57.39 6.65
N PHE D 675 -10.39 56.25 7.15
CA PHE D 675 -11.82 56.08 7.31
C PHE D 675 -12.08 55.27 8.58
N VAL D 676 -13.30 55.43 9.10
CA VAL D 676 -13.74 54.71 10.28
C VAL D 676 -15.06 54.03 9.93
N CYS D 677 -15.14 52.72 10.21
CA CYS D 677 -16.36 51.95 9.99
C CYS D 677 -16.87 51.51 11.36
N GLN D 678 -18.18 51.65 11.57
CA GLN D 678 -18.82 51.35 12.84
C GLN D 678 -19.85 50.25 12.70
N LYS D 679 -19.83 49.33 13.67
CA LYS D 679 -20.89 48.34 13.80
C LYS D 679 -22.23 49.01 14.07
N ASP D 680 -23.27 48.63 13.32
CA ASP D 680 -24.60 49.13 13.67
C ASP D 680 -25.15 48.43 14.92
N SER D 681 -24.36 47.55 15.53
CA SER D 681 -24.72 46.75 16.72
C SER D 681 -25.99 45.97 16.37
N ALA D 682 -27.06 46.09 17.13
CA ALA D 682 -28.32 45.45 16.78
C ALA D 682 -29.21 46.49 16.14
N ALA D 683 -29.49 46.29 14.85
CA ALA D 683 -30.32 47.17 14.05
C ALA D 683 -31.65 46.51 13.74
N THR D 684 -31.95 45.37 14.36
CA THR D 684 -33.16 44.56 14.22
C THR D 684 -33.08 43.66 12.99
N THR D 685 -32.21 43.92 12.02
CA THR D 685 -31.97 43.05 10.88
C THR D 685 -30.61 42.37 10.99
N ASP D 686 -30.55 41.06 10.70
CA ASP D 686 -29.25 40.39 10.73
C ASP D 686 -28.32 40.96 9.66
N GLU D 687 -28.89 41.29 8.50
CA GLU D 687 -28.10 41.87 7.42
C GLU D 687 -27.53 43.22 7.80
N GLU D 688 -28.29 44.03 8.55
CA GLU D 688 -27.81 45.34 8.96
C GLU D 688 -26.69 45.23 9.99
N ARG D 689 -26.80 44.26 10.90
CA ARG D 689 -25.75 44.05 11.88
C ARG D 689 -24.43 43.72 11.21
N GLN D 690 -24.48 42.88 10.19
CA GLN D 690 -23.30 42.41 9.47
C GLN D 690 -22.68 43.48 8.57
N HIS D 691 -23.36 44.60 8.32
CA HIS D 691 -22.83 45.65 7.46
C HIS D 691 -22.13 46.68 8.33
N LEU D 692 -20.81 46.80 8.12
CA LEU D 692 -20.04 47.85 8.77
C LEU D 692 -20.22 49.11 7.93
N GLN D 693 -20.71 50.17 8.56
CA GLN D 693 -20.98 51.42 7.86
C GLN D 693 -19.76 52.33 8.00
N GLU D 694 -19.22 52.77 6.87
CA GLU D 694 -18.20 53.80 6.86
C GLU D 694 -18.82 55.10 7.33
N VAL D 695 -18.46 55.53 8.53
CA VAL D 695 -19.03 56.72 9.15
C VAL D 695 -18.06 57.90 9.17
N GLY D 696 -16.77 57.67 8.98
CA GLY D 696 -15.79 58.73 8.90
C GLY D 696 -14.93 58.62 7.67
N LEU D 697 -14.73 59.74 6.99
CA LEU D 697 -13.91 59.79 5.79
C LEU D 697 -13.04 61.05 5.86
N PHE D 698 -11.75 60.90 5.61
CA PHE D 698 -10.80 62.00 5.78
C PHE D 698 -9.63 61.77 4.85
N HIS D 699 -9.27 62.80 4.09
CA HIS D 699 -8.08 62.74 3.24
C HIS D 699 -6.89 63.18 4.08
N LEU D 700 -6.03 62.22 4.45
CA LEU D 700 -4.89 62.54 5.29
C LEU D 700 -3.83 63.28 4.49
N GLY D 701 -3.53 62.79 3.30
CA GLY D 701 -2.44 63.33 2.51
C GLY D 701 -1.13 62.63 2.75
N GLU D 702 -1.10 61.65 3.64
CA GLU D 702 0.10 60.88 3.95
C GLU D 702 -0.25 59.41 3.78
N PHE D 703 0.77 58.60 3.61
CA PHE D 703 0.61 57.16 3.44
C PHE D 703 0.92 56.50 4.78
N VAL D 704 -0.08 55.88 5.39
CA VAL D 704 0.05 55.31 6.73
C VAL D 704 0.49 53.86 6.62
N ASN D 705 1.66 53.55 7.17
CA ASN D 705 2.12 52.16 7.22
C ASN D 705 1.71 51.45 8.50
N VAL D 706 1.69 52.14 9.64
CA VAL D 706 1.56 51.48 10.94
C VAL D 706 0.66 52.31 11.86
N PHE D 707 -0.37 51.67 12.43
CA PHE D 707 -1.12 52.24 13.54
C PHE D 707 -0.62 51.66 14.85
N CYS D 708 -0.57 52.50 15.90
CA CYS D 708 0.01 52.11 17.18
C CYS D 708 -0.66 52.89 18.31
N HIS D 709 -1.24 52.16 19.26
CA HIS D 709 -1.84 52.76 20.45
C HIS D 709 -0.75 53.31 21.37
N GLY D 710 -0.94 54.53 21.87
CA GLY D 710 0.02 55.12 22.78
C GLY D 710 0.05 56.63 22.64
N SER D 711 0.76 57.27 23.57
CA SER D 711 0.95 58.72 23.54
C SER D 711 2.34 59.09 24.00
N LEU D 712 2.95 60.05 23.31
CA LEU D 712 4.29 60.48 23.69
C LEU D 712 4.28 61.46 24.87
N VAL D 713 3.18 62.13 25.13
CA VAL D 713 3.09 63.07 26.23
C VAL D 713 2.96 62.28 27.53
N MET D 714 3.34 62.92 28.65
CA MET D 714 3.37 62.21 29.92
C MET D 714 1.96 61.99 30.46
N GLN D 715 1.69 60.74 30.81
CA GLN D 715 0.43 60.34 31.43
C GLN D 715 0.60 60.31 32.95
N ASN D 716 -0.14 61.17 33.66
CA ASN D 716 -0.14 61.18 35.12
C ASN D 716 -1.27 60.28 35.62
N LEU D 717 -0.95 59.34 36.52
CA LEU D 717 -1.97 58.42 36.99
C LEU D 717 -3.18 59.15 37.56
N GLY D 718 -2.99 60.39 37.99
CA GLY D 718 -4.10 61.18 38.48
C GLY D 718 -5.11 61.41 37.37
N GLU D 719 -6.41 61.25 37.68
CA GLU D 719 -7.42 61.33 36.64
C GLU D 719 -7.59 62.78 36.20
N THR D 720 -7.51 63.01 34.90
CA THR D 720 -7.70 64.31 34.28
C THR D 720 -8.80 64.17 33.24
N SER D 721 -9.72 65.13 33.21
CA SER D 721 -10.87 65.02 32.30
C SER D 721 -10.47 65.71 31.01
N THR D 722 -9.77 64.96 30.16
CA THR D 722 -9.39 65.49 28.86
C THR D 722 -10.62 65.46 27.95
N PRO D 723 -10.70 66.39 27.00
CA PRO D 723 -11.80 66.30 26.02
C PRO D 723 -11.63 65.12 25.08
N THR D 724 -10.39 64.84 24.73
CA THR D 724 -10.06 63.74 23.85
C THR D 724 -10.10 62.44 24.62
N GLN D 725 -10.58 61.40 23.95
CA GLN D 725 -10.62 60.04 24.47
C GLN D 725 -9.85 59.14 23.51
N GLY D 726 -8.87 58.41 24.03
CA GLY D 726 -8.09 57.52 23.20
C GLY D 726 -6.89 58.19 22.55
N SER D 727 -5.92 57.36 22.15
CA SER D 727 -4.72 57.88 21.51
C SER D 727 -4.14 56.83 20.56
N VAL D 728 -4.13 57.11 19.27
CA VAL D 728 -3.48 56.25 18.27
C VAL D 728 -2.44 57.08 17.51
N LEU D 729 -1.20 56.62 17.52
CA LEU D 729 -0.12 57.20 16.71
C LEU D 729 -0.01 56.46 15.39
N PHE D 730 0.42 57.16 14.35
CA PHE D 730 0.65 56.50 13.08
C PHE D 730 1.89 57.07 12.39
N GLY D 731 2.61 56.19 11.72
CA GLY D 731 3.84 56.54 11.02
C GLY D 731 3.61 56.41 9.52
N THR D 732 4.25 57.29 8.76
CA THR D 732 3.98 57.41 7.35
C THR D 732 5.26 57.36 6.52
N VAL D 733 5.07 57.34 5.21
CA VAL D 733 6.16 57.21 4.27
C VAL D 733 7.06 58.43 4.26
N ASN D 734 6.50 59.60 4.52
CA ASN D 734 7.27 60.84 4.47
C ASN D 734 7.85 61.24 5.83
N GLY D 735 7.81 60.34 6.81
CA GLY D 735 8.32 60.64 8.13
C GLY D 735 7.32 61.30 9.04
N MET D 736 6.19 61.77 8.50
CA MET D 736 5.15 62.38 9.31
C MET D 736 4.62 61.40 10.34
N ILE D 737 4.53 61.86 11.58
CA ILE D 737 3.92 61.12 12.67
C ILE D 737 2.67 61.88 13.09
N GLY D 738 1.54 61.17 13.14
CA GLY D 738 0.27 61.79 13.48
C GLY D 738 -0.42 61.02 14.60
N LEU D 739 -1.54 61.57 15.06
CA LEU D 739 -2.26 61.01 16.19
C LEU D 739 -3.75 61.12 15.94
N VAL D 740 -4.46 60.02 16.19
CA VAL D 740 -5.90 59.95 16.04
C VAL D 740 -6.53 59.77 17.42
N THR D 741 -7.58 60.52 17.70
CA THR D 741 -8.32 60.41 18.95
C THR D 741 -9.79 60.66 18.63
N SER D 742 -10.65 60.17 19.51
CA SER D 742 -12.09 60.28 19.35
C SER D 742 -12.65 61.42 20.22
N LEU D 743 -13.83 61.90 19.85
CA LEU D 743 -14.47 63.00 20.55
C LEU D 743 -15.87 62.61 21.01
N SER D 744 -16.36 63.36 22.00
CA SER D 744 -17.78 63.27 22.33
C SER D 744 -18.57 64.09 21.30
N GLU D 745 -19.84 63.74 21.15
CA GLU D 745 -20.66 64.49 20.21
C GLU D 745 -20.66 65.98 20.54
N SER D 746 -20.66 66.31 21.83
CA SER D 746 -20.62 67.71 22.22
C SER D 746 -19.38 68.39 21.65
N TRP D 747 -18.25 67.68 21.65
CA TRP D 747 -16.99 68.28 21.23
C TRP D 747 -16.83 68.34 19.72
N TYR D 748 -17.25 67.30 19.00
CA TYR D 748 -17.17 67.32 17.55
C TYR D 748 -17.86 68.57 16.99
N ASN D 749 -19.12 68.77 17.36
CA ASN D 749 -19.88 69.90 16.84
C ASN D 749 -19.21 71.25 17.13
N LEU D 750 -18.67 71.46 18.33
CA LEU D 750 -17.97 72.71 18.57
C LEU D 750 -16.79 72.86 17.60
N LEU D 751 -15.96 71.82 17.51
CA LEU D 751 -14.74 71.92 16.72
C LEU D 751 -15.05 71.98 15.23
N LEU D 752 -16.10 71.29 14.79
CA LEU D 752 -16.52 71.40 13.41
C LEU D 752 -16.98 72.82 13.09
N ASP D 753 -17.80 73.40 13.97
CA ASP D 753 -18.27 74.78 13.78
C ASP D 753 -17.09 75.75 13.66
N MET D 754 -16.04 75.55 14.45
CA MET D 754 -14.89 76.44 14.38
C MET D 754 -14.14 76.29 13.06
N GLN D 755 -14.03 75.06 12.55
CA GLN D 755 -13.38 74.86 11.27
C GLN D 755 -14.05 75.71 10.19
N ASN D 756 -15.38 75.64 10.10
CA ASN D 756 -16.10 76.47 9.14
C ASN D 756 -15.88 77.96 9.38
N ARG D 757 -15.70 78.36 10.65
CA ARG D 757 -15.39 79.75 10.95
C ARG D 757 -13.95 80.11 10.62
N LEU D 758 -13.02 79.23 10.96
CA LEU D 758 -11.62 79.49 10.70
C LEU D 758 -11.35 79.58 9.20
N ASN D 759 -12.05 78.76 8.41
CA ASN D 759 -11.81 78.74 6.97
C ASN D 759 -12.19 80.05 6.30
N LYS D 760 -13.18 80.76 6.84
CA LYS D 760 -13.51 82.07 6.29
C LYS D 760 -12.45 83.11 6.62
N VAL D 761 -11.72 82.89 7.71
CA VAL D 761 -10.80 83.87 8.25
C VAL D 761 -9.39 83.69 7.70
N ILE D 762 -8.93 82.45 7.59
CA ILE D 762 -7.53 82.17 7.27
C ILE D 762 -7.34 82.17 5.77
N LYS D 763 -6.29 82.84 5.31
CA LYS D 763 -5.94 82.89 3.90
C LYS D 763 -4.99 81.73 3.63
N SER D 764 -5.35 80.85 2.70
CA SER D 764 -4.52 79.70 2.38
C SER D 764 -3.59 80.02 1.21
N VAL D 765 -2.42 79.37 1.22
CA VAL D 765 -1.48 79.54 0.11
C VAL D 765 -2.11 78.96 -1.15
N GLY D 766 -2.10 79.74 -2.22
CA GLY D 766 -2.75 79.35 -3.45
C GLY D 766 -4.25 79.46 -3.44
N LYS D 767 -4.83 79.90 -2.33
CA LYS D 767 -6.29 80.03 -2.18
C LYS D 767 -6.99 78.71 -2.49
N ILE D 768 -6.50 77.65 -1.86
CA ILE D 768 -7.11 76.32 -1.98
C ILE D 768 -8.15 76.16 -0.87
N GLU D 769 -9.38 75.83 -1.26
CA GLU D 769 -10.45 75.61 -0.30
C GLU D 769 -10.12 74.43 0.62
N HIS D 770 -10.18 74.67 1.93
CA HIS D 770 -9.85 73.61 2.87
C HIS D 770 -10.78 72.42 2.75
N SER D 771 -12.08 72.67 2.59
CA SER D 771 -13.04 71.57 2.50
C SER D 771 -12.70 70.64 1.35
N PHE D 772 -12.20 71.20 0.23
CA PHE D 772 -11.77 70.38 -0.90
C PHE D 772 -10.57 69.53 -0.54
N TRP D 773 -9.54 70.14 0.07
CA TRP D 773 -8.31 69.44 0.39
C TRP D 773 -8.55 68.19 1.22
N ARG D 774 -9.33 68.30 2.28
CA ARG D 774 -9.54 67.17 3.18
C ARG D 774 -10.64 66.22 2.71
N SER D 775 -11.26 66.45 1.56
CA SER D 775 -12.27 65.54 1.04
C SER D 775 -11.66 64.22 0.58
N PHE D 776 -12.33 63.12 0.93
CA PHE D 776 -11.95 61.78 0.48
C PHE D 776 -11.75 61.73 -1.03
N HIS D 777 -10.64 61.12 -1.45
CA HIS D 777 -10.31 61.10 -2.87
C HIS D 777 -9.62 59.80 -3.25
N THR D 778 -10.28 59.07 -4.15
CA THR D 778 -9.70 58.02 -4.97
C THR D 778 -9.86 58.49 -6.42
N GLU D 779 -9.10 57.91 -7.34
CA GLU D 779 -9.21 58.38 -8.71
C GLU D 779 -10.66 58.32 -9.18
N ARG D 780 -11.43 57.39 -8.63
CA ARG D 780 -12.79 57.12 -9.05
C ARG D 780 -13.81 57.88 -8.21
N LYS D 781 -13.57 58.01 -6.92
CA LYS D 781 -14.55 58.62 -6.02
C LYS D 781 -13.93 59.79 -5.27
N THR D 782 -14.73 60.84 -5.14
CA THR D 782 -14.43 61.99 -4.30
C THR D 782 -15.70 62.26 -3.51
N GLU D 783 -15.62 62.22 -2.19
CA GLU D 783 -16.75 62.41 -1.29
C GLU D 783 -16.34 63.36 -0.19
N PRO D 784 -17.30 64.11 0.35
CA PRO D 784 -16.95 65.06 1.42
C PRO D 784 -16.51 64.37 2.69
N ALA D 785 -15.55 65.01 3.37
CA ALA D 785 -15.06 64.48 4.63
C ALA D 785 -16.17 64.49 5.66
N THR D 786 -16.12 63.52 6.59
CA THR D 786 -17.14 63.42 7.62
C THR D 786 -16.54 62.70 8.82
N GLY D 787 -16.95 63.12 10.02
CA GLY D 787 -16.53 62.45 11.23
C GLY D 787 -15.13 62.72 11.70
N PHE D 788 -14.43 63.68 11.10
CA PHE D 788 -13.03 63.94 11.44
C PHE D 788 -12.81 65.44 11.62
N ILE D 789 -12.07 65.80 12.67
CA ILE D 789 -11.69 67.18 12.91
C ILE D 789 -10.24 67.35 12.52
N ASP D 790 -9.96 68.30 11.63
CA ASP D 790 -8.59 68.60 11.22
C ASP D 790 -7.92 69.30 12.38
N GLY D 791 -7.27 68.53 13.26
CA GLY D 791 -6.68 69.11 14.45
C GLY D 791 -5.65 70.18 14.13
N ASP D 792 -4.95 70.04 13.01
CA ASP D 792 -3.97 71.06 12.64
C ASP D 792 -4.62 72.39 12.30
N LEU D 793 -5.88 72.37 11.86
CA LEU D 793 -6.62 73.60 11.64
C LEU D 793 -7.07 74.22 12.95
N ILE D 794 -7.63 73.40 13.84
CA ILE D 794 -8.04 73.90 15.15
C ILE D 794 -6.86 74.56 15.86
N GLU D 795 -5.69 73.93 15.80
CA GLU D 795 -4.51 74.44 16.49
C GLU D 795 -3.95 75.71 15.86
N SER D 796 -4.40 76.09 14.67
CA SER D 796 -3.94 77.36 14.08
C SER D 796 -4.71 78.55 14.65
N PHE D 797 -5.86 78.33 15.29
CA PHE D 797 -6.59 79.41 15.96
C PHE D 797 -5.68 80.19 16.90
N LEU D 798 -4.76 79.49 17.56
CA LEU D 798 -3.85 80.14 18.50
C LEU D 798 -2.83 81.03 17.82
N ASP D 799 -2.67 80.93 16.50
CA ASP D 799 -1.66 81.70 15.78
C ASP D 799 -2.21 82.85 14.94
N ILE D 800 -3.52 83.00 14.83
CA ILE D 800 -4.11 84.13 14.12
C ILE D 800 -4.19 85.33 15.07
N SER D 801 -4.16 86.54 14.51
CA SER D 801 -4.11 87.74 15.32
C SER D 801 -5.38 87.91 16.14
N ARG D 802 -5.28 88.68 17.22
CA ARG D 802 -6.43 88.89 18.09
C ARG D 802 -7.65 89.37 17.32
N PRO D 803 -7.53 90.32 16.38
CA PRO D 803 -8.72 90.72 15.61
C PRO D 803 -9.43 89.57 14.92
N LYS D 804 -8.68 88.63 14.34
CA LYS D 804 -9.31 87.52 13.63
C LYS D 804 -9.95 86.53 14.58
N MET D 805 -9.33 86.31 15.75
CA MET D 805 -9.95 85.46 16.75
C MET D 805 -11.32 85.98 17.13
N GLN D 806 -11.43 87.28 17.35
CA GLN D 806 -12.72 87.89 17.71
C GLN D 806 -13.71 87.72 16.57
N GLU D 807 -13.23 87.79 15.33
CA GLU D 807 -14.09 87.49 14.18
C GLU D 807 -14.58 86.05 14.19
N VAL D 808 -13.74 85.12 14.65
CA VAL D 808 -14.11 83.71 14.58
C VAL D 808 -15.26 83.41 15.52
N VAL D 809 -15.25 84.02 16.71
CA VAL D 809 -16.23 83.70 17.73
C VAL D 809 -17.53 84.47 17.60
N ALA D 810 -17.65 85.36 16.61
CA ALA D 810 -18.85 86.15 16.45
C ALA D 810 -20.07 85.24 16.30
N ASN D 811 -21.11 85.51 17.11
CA ASN D 811 -22.35 84.73 17.11
C ASN D 811 -22.11 83.27 17.43
N LEU D 812 -21.10 83.00 18.26
CA LEU D 812 -20.77 81.65 18.69
C LEU D 812 -21.21 81.58 20.15
N GLN D 813 -22.04 80.61 20.47
CA GLN D 813 -22.50 80.44 21.83
C GLN D 813 -21.61 79.34 22.38
N TYR D 814 -20.87 79.65 23.43
CA TYR D 814 -19.89 78.72 23.96
C TYR D 814 -20.62 77.91 25.00
N ASP D 815 -20.54 76.59 24.88
CA ASP D 815 -21.20 75.69 25.82
C ASP D 815 -20.16 75.45 26.90
N ASP D 816 -20.20 76.28 27.94
CA ASP D 816 -19.25 76.16 29.04
C ASP D 816 -19.17 74.74 29.60
N GLY D 817 -20.21 73.93 29.42
CA GLY D 817 -20.30 72.71 30.16
C GLY D 817 -20.69 72.95 31.60
N SER D 818 -20.73 74.20 32.03
CA SER D 818 -21.27 74.59 33.32
C SER D 818 -22.78 74.67 33.28
N GLY D 819 -23.39 73.94 32.35
CA GLY D 819 -24.82 74.01 32.15
C GLY D 819 -25.32 75.23 31.43
N MET D 820 -24.43 76.15 31.05
CA MET D 820 -24.81 77.42 30.42
C MET D 820 -24.06 77.63 29.11
N LYS D 821 -24.79 78.11 28.10
CA LYS D 821 -24.25 78.42 26.78
C LYS D 821 -24.44 79.91 26.50
N ARG D 822 -23.35 80.66 26.61
CA ARG D 822 -23.30 82.11 26.42
C ARG D 822 -22.41 82.46 25.23
N GLU D 823 -22.50 83.73 24.80
CA GLU D 823 -21.63 84.18 23.73
C GLU D 823 -20.19 83.83 24.07
N ALA D 824 -19.48 83.30 23.08
CA ALA D 824 -18.13 82.80 23.32
C ALA D 824 -17.16 83.96 23.21
N THR D 825 -16.14 83.96 24.05
CA THR D 825 -15.06 84.92 23.97
C THR D 825 -13.83 84.23 23.40
N ALA D 826 -12.92 85.06 22.86
CA ALA D 826 -11.66 84.52 22.35
C ALA D 826 -10.91 83.78 23.44
N ASP D 827 -11.04 84.22 24.69
CA ASP D 827 -10.37 83.55 25.80
C ASP D 827 -10.96 82.18 26.07
N ASP D 828 -12.26 81.99 25.84
CA ASP D 828 -12.88 80.69 26.06
C ASP D 828 -12.33 79.65 25.08
N LEU D 829 -12.19 80.00 23.81
CA LEU D 829 -11.70 79.06 22.81
C LEU D 829 -10.20 78.85 22.96
N ILE D 830 -9.47 79.90 23.33
CA ILE D 830 -8.03 79.76 23.54
C ILE D 830 -7.75 78.73 24.63
N LYS D 831 -8.57 78.71 25.69
CA LYS D 831 -8.39 77.70 26.72
C LYS D 831 -8.66 76.31 26.14
N VAL D 832 -9.68 76.19 25.29
CA VAL D 832 -10.04 74.90 24.70
C VAL D 832 -8.94 74.40 23.78
N VAL D 833 -8.48 75.26 22.86
CA VAL D 833 -7.49 74.82 21.87
C VAL D 833 -6.19 74.47 22.57
N GLU D 834 -5.81 75.26 23.58
CA GLU D 834 -4.57 74.96 24.30
C GLU D 834 -4.65 73.60 24.98
N GLU D 835 -5.85 73.21 25.44
CA GLU D 835 -6.03 71.86 25.97
C GLU D 835 -5.79 70.80 24.90
N LEU D 836 -6.20 71.08 23.67
CA LEU D 836 -6.00 70.11 22.60
C LEU D 836 -4.54 69.99 22.21
N THR D 837 -3.75 71.06 22.37
CA THR D 837 -2.34 70.96 22.03
C THR D 837 -1.55 70.06 22.98
N ARG D 838 -2.11 69.75 24.15
CA ARG D 838 -1.40 68.96 25.15
C ARG D 838 -1.47 67.47 24.88
N ILE D 839 -2.33 67.02 23.96
CA ILE D 839 -2.45 65.59 23.73
C ILE D 839 -1.22 65.02 23.02
N HIS D 840 -0.44 65.86 22.34
CA HIS D 840 0.74 65.39 21.63
C HIS D 840 2.02 66.15 21.95
N THR E 7 -31.26 12.77 -9.59
CA THR E 7 -30.56 13.14 -10.80
C THR E 7 -30.10 14.60 -10.72
N GLU E 8 -29.34 15.03 -11.71
CA GLU E 8 -28.81 16.39 -11.75
C GLU E 8 -29.90 17.45 -11.88
N SER E 9 -31.12 17.07 -12.25
CA SER E 9 -32.16 18.02 -12.59
C SER E 9 -33.13 18.35 -11.47
N ASP E 10 -33.13 17.56 -10.39
CA ASP E 10 -34.14 17.69 -9.34
C ASP E 10 -33.70 18.75 -8.33
N TRP E 11 -33.94 20.02 -8.70
CA TRP E 11 -33.56 21.15 -7.86
C TRP E 11 -34.57 21.37 -6.74
N GLY E 12 -34.13 22.12 -5.73
CA GLY E 12 -34.97 22.45 -4.60
C GLY E 12 -35.04 21.39 -3.51
N LYS E 13 -34.46 20.21 -3.75
CA LYS E 13 -34.55 19.09 -2.82
C LYS E 13 -33.29 18.94 -1.97
N ARG E 14 -32.12 19.01 -2.59
CA ARG E 14 -30.86 18.84 -1.87
C ARG E 14 -30.69 19.93 -0.83
N CYS E 15 -30.11 19.56 0.31
CA CYS E 15 -29.98 20.47 1.44
C CYS E 15 -28.70 21.29 1.35
N VAL E 16 -28.76 22.50 1.91
CA VAL E 16 -27.57 23.36 1.94
C VAL E 16 -26.51 22.83 2.91
N ASP E 17 -26.84 21.80 3.68
CA ASP E 17 -25.79 21.13 4.47
C ASP E 17 -24.66 20.64 3.58
N LYS E 18 -24.94 20.33 2.32
CA LYS E 18 -23.95 19.80 1.40
C LYS E 18 -22.92 20.83 0.98
N PHE E 19 -23.07 22.08 1.45
CA PHE E 19 -22.08 23.13 1.22
C PHE E 19 -21.52 23.58 2.56
N ASP E 20 -20.19 23.67 2.62
CA ASP E 20 -19.49 24.26 3.75
C ASP E 20 -19.39 25.76 3.51
N ILE E 21 -20.02 26.56 4.37
CA ILE E 21 -20.04 28.00 4.16
C ILE E 21 -18.69 28.61 4.52
N ILE E 22 -18.14 29.42 3.61
CA ILE E 22 -16.87 30.10 3.86
C ILE E 22 -17.08 31.50 4.42
N GLY E 23 -18.09 32.22 3.92
CA GLY E 23 -18.35 33.57 4.39
C GLY E 23 -19.35 34.28 3.50
N ILE E 24 -19.49 35.58 3.74
CA ILE E 24 -20.43 36.42 3.01
C ILE E 24 -19.65 37.30 2.04
N ILE E 25 -19.91 37.11 0.74
CA ILE E 25 -19.21 37.85 -0.30
C ILE E 25 -20.00 39.05 -0.82
N GLY E 26 -21.19 39.30 -0.29
CA GLY E 26 -21.96 40.45 -0.72
C GLY E 26 -23.40 40.33 -0.25
N GLU E 27 -24.13 41.44 -0.41
CA GLU E 27 -25.52 41.55 -0.02
C GLU E 27 -26.41 41.67 -1.26
N GLY E 28 -27.58 41.03 -1.20
CA GLY E 28 -28.49 40.99 -2.32
C GLY E 28 -29.86 41.50 -1.93
N THR E 29 -30.69 41.73 -2.96
CA THR E 29 -31.99 42.34 -2.74
C THR E 29 -32.84 41.50 -1.80
N TYR E 30 -32.98 40.22 -2.10
CA TYR E 30 -33.81 39.29 -1.37
C TYR E 30 -33.06 38.52 -0.29
N GLY E 31 -31.73 38.59 -0.29
CA GLY E 31 -30.94 37.88 0.69
C GLY E 31 -29.47 38.25 0.55
N GLN E 32 -28.64 37.54 1.29
CA GLN E 32 -27.19 37.72 1.23
C GLN E 32 -26.49 36.66 0.38
N VAL E 33 -25.41 37.07 -0.25
CA VAL E 33 -24.62 36.20 -1.12
C VAL E 33 -23.45 35.65 -0.30
N TYR E 34 -23.26 34.33 -0.35
CA TYR E 34 -22.24 33.64 0.44
C TYR E 34 -21.31 32.87 -0.48
N LYS E 35 -20.07 32.67 -0.02
CA LYS E 35 -19.10 31.81 -0.70
C LYS E 35 -19.02 30.49 0.04
N ALA E 36 -19.14 29.38 -0.69
CA ALA E 36 -19.19 28.06 -0.08
C ALA E 36 -18.43 27.04 -0.91
N LYS E 37 -17.96 25.99 -0.23
CA LYS E 37 -17.34 24.83 -0.89
C LYS E 37 -18.22 23.60 -0.79
N ASP E 38 -18.42 22.94 -1.93
CA ASP E 38 -19.19 21.70 -1.97
C ASP E 38 -18.42 20.59 -1.27
N LYS E 39 -19.07 19.93 -0.32
CA LYS E 39 -18.39 18.88 0.42
C LYS E 39 -18.04 17.70 -0.46
N ASP E 40 -18.88 17.40 -1.47
CA ASP E 40 -18.68 16.21 -2.28
C ASP E 40 -17.64 16.43 -3.36
N THR E 41 -17.69 17.56 -4.06
CA THR E 41 -16.80 17.82 -5.17
C THR E 41 -15.66 18.77 -4.81
N GLY E 42 -15.76 19.49 -3.70
CA GLY E 42 -14.71 20.40 -3.32
C GLY E 42 -14.63 21.67 -4.13
N GLU E 43 -15.63 21.94 -4.96
CA GLU E 43 -15.66 23.14 -5.79
C GLU E 43 -16.21 24.35 -5.04
N LEU E 44 -15.61 25.50 -5.31
CA LEU E 44 -16.07 26.74 -4.73
C LEU E 44 -17.28 27.27 -5.49
N VAL E 45 -18.31 27.67 -4.75
CA VAL E 45 -19.56 28.15 -5.33
C VAL E 45 -19.95 29.46 -4.65
N ALA E 46 -21.06 30.03 -5.11
CA ALA E 46 -21.65 31.23 -4.52
C ALA E 46 -23.12 30.97 -4.30
N LEU E 47 -23.60 31.24 -3.08
CA LEU E 47 -24.97 30.96 -2.69
C LEU E 47 -25.68 32.29 -2.48
N LYS E 48 -26.78 32.50 -3.19
CA LYS E 48 -27.64 33.66 -2.99
C LYS E 48 -28.84 33.22 -2.17
N LYS E 49 -28.96 33.76 -0.95
CA LYS E 49 -30.04 33.35 -0.07
C LYS E 49 -31.34 34.02 -0.51
N VAL E 50 -32.38 33.23 -0.72
CA VAL E 50 -33.70 33.74 -1.04
C VAL E 50 -34.58 33.54 0.19
N ARG E 51 -34.99 34.65 0.80
CA ARG E 51 -35.79 34.64 2.02
C ARG E 51 -37.27 34.71 1.66
N LEU E 52 -37.98 33.61 1.93
CA LEU E 52 -39.43 33.56 1.82
C LEU E 52 -40.12 33.93 3.14
N ASP E 53 -39.35 34.27 4.17
CA ASP E 53 -39.93 34.51 5.49
C ASP E 53 -40.73 35.81 5.51
N ASN E 54 -40.40 36.78 4.66
CA ASN E 54 -41.24 37.98 4.58
C ASN E 54 -42.68 37.61 4.26
N GLU E 55 -42.89 36.70 3.30
CA GLU E 55 -44.23 36.22 2.94
C GLU E 55 -45.15 37.38 2.57
N LYS E 56 -44.58 38.55 2.31
CA LYS E 56 -45.38 39.66 1.78
C LYS E 56 -46.07 39.22 0.49
N GLU E 57 -45.27 38.75 -0.48
CA GLU E 57 -45.77 38.17 -1.71
C GLU E 57 -45.09 36.85 -2.01
N GLY E 58 -44.55 36.19 -0.98
CA GLY E 58 -43.93 34.89 -1.18
C GLY E 58 -42.55 35.00 -1.81
N PHE E 59 -42.19 33.97 -2.58
CA PHE E 59 -40.89 33.91 -3.25
C PHE E 59 -40.69 35.17 -4.09
N PRO E 60 -39.56 35.88 -3.94
CA PRO E 60 -39.41 37.15 -4.65
C PRO E 60 -39.35 36.95 -6.16
N ILE E 61 -40.01 37.85 -6.90
CA ILE E 61 -39.98 37.75 -8.35
C ILE E 61 -38.57 37.97 -8.88
N THR E 62 -37.78 38.80 -8.19
CA THR E 62 -36.39 38.99 -8.60
C THR E 62 -35.68 37.66 -8.75
N ALA E 63 -35.91 36.75 -7.79
CA ALA E 63 -35.32 35.42 -7.85
C ALA E 63 -35.98 34.58 -8.94
N ILE E 64 -37.32 34.66 -9.05
CA ILE E 64 -38.03 33.92 -10.09
C ILE E 64 -37.48 34.29 -11.46
N ARG E 65 -37.20 35.57 -11.69
CA ARG E 65 -36.63 35.96 -12.97
C ARG E 65 -35.26 35.34 -13.17
N GLU E 66 -34.40 35.41 -12.15
CA GLU E 66 -33.04 34.89 -12.29
C GLU E 66 -33.04 33.39 -12.45
N ILE E 67 -34.02 32.69 -11.88
CA ILE E 67 -34.09 31.24 -12.03
C ILE E 67 -34.69 30.85 -13.37
N LYS E 68 -35.70 31.60 -13.80
CA LYS E 68 -36.34 31.34 -15.09
C LYS E 68 -35.39 31.62 -16.24
N ILE E 69 -34.63 32.71 -16.14
CA ILE E 69 -33.82 33.14 -17.27
C ILE E 69 -32.50 32.38 -17.33
N LEU E 70 -31.85 32.18 -16.19
CA LEU E 70 -30.53 31.55 -16.21
C LEU E 70 -30.60 30.03 -16.38
N ARG E 71 -31.76 29.39 -16.22
CA ARG E 71 -31.87 28.01 -16.67
C ARG E 71 -32.12 27.92 -18.18
N GLN E 72 -32.37 29.06 -18.83
CA GLN E 72 -32.47 29.08 -20.29
C GLN E 72 -31.14 29.46 -20.95
N LEU E 73 -30.37 30.34 -20.32
CA LEU E 73 -29.17 30.90 -20.93
C LEU E 73 -27.97 30.02 -20.61
N ILE E 74 -27.32 29.54 -21.67
CA ILE E 74 -26.09 28.77 -21.59
C ILE E 74 -25.07 29.50 -22.45
N HIS E 75 -24.11 30.17 -21.81
CA HIS E 75 -23.06 30.85 -22.55
C HIS E 75 -21.86 30.99 -21.62
N ARG E 76 -20.66 30.95 -22.22
CA ARG E 76 -19.45 31.08 -21.43
C ARG E 76 -19.40 32.41 -20.71
N SER E 77 -19.97 33.45 -21.30
CA SER E 77 -19.97 34.79 -20.73
C SER E 77 -21.25 35.08 -19.94
N VAL E 78 -22.01 34.05 -19.57
CA VAL E 78 -23.22 34.20 -18.77
C VAL E 78 -23.12 33.26 -17.58
N VAL E 79 -23.35 33.81 -16.38
CA VAL E 79 -23.17 33.03 -15.17
C VAL E 79 -24.10 31.83 -15.16
N ASN E 80 -23.59 30.70 -14.68
CA ASN E 80 -24.33 29.44 -14.69
C ASN E 80 -24.81 29.13 -13.28
N MET E 81 -26.12 29.00 -13.13
CA MET E 81 -26.71 28.50 -11.89
C MET E 81 -26.56 26.98 -11.84
N LYS E 82 -25.82 26.47 -10.86
CA LYS E 82 -25.58 25.04 -10.80
C LYS E 82 -26.82 24.31 -10.28
N GLU E 83 -27.44 24.84 -9.23
CA GLU E 83 -28.64 24.21 -8.66
C GLU E 83 -29.25 25.15 -7.62
N ILE E 84 -30.33 24.69 -7.00
CA ILE E 84 -31.02 25.41 -5.92
C ILE E 84 -31.19 24.45 -4.76
N VAL E 85 -30.76 24.88 -3.56
CA VAL E 85 -30.80 24.06 -2.37
C VAL E 85 -31.54 24.80 -1.26
N THR E 86 -31.93 24.06 -0.22
CA THR E 86 -32.81 24.58 0.82
C THR E 86 -32.23 24.29 2.21
N ASP E 87 -32.69 25.08 3.18
CA ASP E 87 -32.39 24.82 4.58
C ASP E 87 -33.04 23.49 5.01
N LYS E 88 -32.43 22.82 5.99
CA LYS E 88 -33.01 21.54 6.39
C LYS E 88 -34.46 21.73 6.80
N GLN E 89 -35.37 21.18 6.00
CA GLN E 89 -36.81 21.26 6.28
C GLN E 89 -37.22 20.15 7.26
N ASP E 90 -36.66 20.23 8.47
CA ASP E 90 -36.96 19.25 9.51
C ASP E 90 -38.40 19.35 10.01
N ALA E 91 -39.18 20.32 9.52
CA ALA E 91 -40.58 20.44 9.89
C ALA E 91 -41.38 19.27 9.30
N LEU E 92 -42.14 18.59 10.15
CA LEU E 92 -42.97 17.51 9.63
C LEU E 92 -44.14 18.00 8.81
N ASP E 93 -44.48 19.29 8.89
CA ASP E 93 -45.63 19.85 8.23
C ASP E 93 -45.12 21.05 7.45
N PHE E 94 -45.30 21.02 6.13
CA PHE E 94 -44.85 22.12 5.29
C PHE E 94 -45.37 23.47 5.78
N LYS E 95 -46.54 23.48 6.43
CA LYS E 95 -47.06 24.74 6.96
C LYS E 95 -46.07 25.36 7.95
N LYS E 96 -45.43 24.52 8.77
CA LYS E 96 -44.43 24.97 9.74
C LYS E 96 -43.19 25.53 9.06
N ASP E 97 -42.81 24.98 7.90
CA ASP E 97 -41.53 25.33 7.27
C ASP E 97 -41.43 26.82 6.99
N LYS E 98 -40.37 27.45 7.53
CA LYS E 98 -40.02 28.82 7.18
C LYS E 98 -38.59 28.94 6.62
N GLY E 99 -37.95 27.81 6.31
CA GLY E 99 -36.58 27.84 5.85
C GLY E 99 -36.46 28.48 4.48
N ALA E 100 -35.23 28.89 4.15
CA ALA E 100 -34.96 29.63 2.92
C ALA E 100 -34.36 28.73 1.85
N PHE E 101 -34.30 29.28 0.64
CA PHE E 101 -33.68 28.67 -0.51
C PHE E 101 -32.42 29.44 -0.91
N TYR E 102 -31.43 28.71 -1.43
CA TYR E 102 -30.17 29.28 -1.85
C TYR E 102 -29.93 28.94 -3.31
N LEU E 103 -29.52 29.93 -4.08
CA LEU E 103 -29.21 29.76 -5.49
C LEU E 103 -27.72 29.52 -5.65
N VAL E 104 -27.36 28.35 -6.17
CA VAL E 104 -25.96 27.96 -6.32
C VAL E 104 -25.43 28.49 -7.65
N PHE E 105 -24.24 29.11 -7.60
CA PHE E 105 -23.57 29.66 -8.77
C PHE E 105 -22.10 29.26 -8.73
N GLU E 106 -21.46 29.27 -9.90
CA GLU E 106 -20.01 29.10 -9.97
C GLU E 106 -19.30 30.30 -9.34
N TYR E 107 -18.35 30.06 -8.44
CA TYR E 107 -17.63 31.17 -7.82
C TYR E 107 -16.67 31.80 -8.81
N MET E 108 -16.62 33.13 -8.81
CA MET E 108 -15.73 33.91 -9.67
C MET E 108 -14.74 34.66 -8.79
N ASP E 109 -13.48 34.71 -9.23
CA ASP E 109 -12.44 35.23 -8.35
C ASP E 109 -12.68 36.70 -8.00
N HIS E 110 -13.01 37.53 -8.98
CA HIS E 110 -13.12 38.95 -8.71
C HIS E 110 -14.30 39.55 -9.46
N ASP E 111 -14.70 40.75 -9.04
CA ASP E 111 -15.69 41.54 -9.76
C ASP E 111 -15.01 42.82 -10.22
N LEU E 112 -15.43 43.34 -11.38
CA LEU E 112 -14.70 44.45 -11.98
C LEU E 112 -14.67 45.66 -11.04
N MET E 113 -15.81 45.98 -10.42
CA MET E 113 -15.87 47.16 -9.57
C MET E 113 -14.87 47.05 -8.42
N GLY E 114 -14.73 45.87 -7.85
CA GLY E 114 -13.75 45.69 -6.77
C GLY E 114 -12.33 45.99 -7.20
N LEU E 115 -11.92 45.44 -8.35
CA LEU E 115 -10.55 45.61 -8.82
C LEU E 115 -10.25 47.06 -9.16
N LEU E 116 -11.21 47.73 -9.79
CA LEU E 116 -10.98 49.11 -10.21
C LEU E 116 -11.07 50.07 -9.03
N GLU E 117 -12.02 49.88 -8.13
CA GLU E 117 -12.15 50.78 -6.99
C GLU E 117 -10.90 50.75 -6.11
N SER E 118 -10.35 49.57 -5.88
CA SER E 118 -9.13 49.43 -5.09
C SER E 118 -7.90 49.81 -5.89
N GLY E 119 -8.06 50.27 -7.14
CA GLY E 119 -6.91 50.68 -7.92
C GLY E 119 -5.91 49.56 -8.15
N LEU E 120 -6.37 48.31 -8.07
CA LEU E 120 -5.52 47.15 -8.10
C LEU E 120 -5.43 46.44 -9.45
N VAL E 121 -5.95 47.04 -10.52
CA VAL E 121 -5.90 46.41 -11.83
C VAL E 121 -5.51 47.44 -12.88
N HIS E 122 -4.78 46.98 -13.89
CA HIS E 122 -4.43 47.75 -15.08
C HIS E 122 -4.76 46.96 -16.33
N PHE E 123 -5.44 47.61 -17.27
CA PHE E 123 -5.83 46.99 -18.53
C PHE E 123 -5.06 47.62 -19.69
N SER E 124 -4.41 46.75 -20.49
CA SER E 124 -3.80 47.15 -21.75
C SER E 124 -4.81 46.98 -22.88
N GLU E 125 -4.46 47.50 -24.06
CA GLU E 125 -5.38 47.41 -25.18
C GLU E 125 -5.83 45.97 -25.41
N ASP E 126 -4.88 45.04 -25.47
CA ASP E 126 -5.23 43.64 -25.70
C ASP E 126 -6.15 43.11 -24.61
N HIS E 127 -5.93 43.53 -23.36
CA HIS E 127 -6.81 43.09 -22.28
C HIS E 127 -8.23 43.58 -22.49
N ILE E 128 -8.39 44.84 -22.87
CA ILE E 128 -9.72 45.37 -23.11
C ILE E 128 -10.38 44.66 -24.28
N LYS E 129 -9.62 44.36 -25.33
CA LYS E 129 -10.18 43.61 -26.45
C LYS E 129 -10.77 42.28 -25.98
N SER E 130 -10.00 41.51 -25.22
CA SER E 130 -10.50 40.23 -24.75
C SER E 130 -11.73 40.43 -23.86
N PHE E 131 -11.65 41.38 -22.93
CA PHE E 131 -12.77 41.65 -22.04
C PHE E 131 -14.02 42.01 -22.83
N MET E 132 -13.92 43.03 -23.68
CA MET E 132 -15.12 43.51 -24.36
C MET E 132 -15.69 42.45 -25.28
N LYS E 133 -14.85 41.71 -25.99
CA LYS E 133 -15.39 40.71 -26.90
C LYS E 133 -16.23 39.69 -26.15
N GLN E 134 -15.76 39.26 -24.98
CA GLN E 134 -16.55 38.34 -24.16
C GLN E 134 -17.84 39.00 -23.70
N LEU E 135 -17.74 40.22 -23.15
CA LEU E 135 -18.93 40.91 -22.67
C LEU E 135 -19.96 41.07 -23.79
N MET E 136 -19.52 41.54 -24.95
CA MET E 136 -20.44 41.75 -26.05
C MET E 136 -20.95 40.44 -26.62
N GLU E 137 -20.11 39.41 -26.69
CA GLU E 137 -20.60 38.11 -27.13
C GLU E 137 -21.68 37.60 -26.19
N GLY E 138 -21.48 37.77 -24.89
CA GLY E 138 -22.51 37.40 -23.95
C GLY E 138 -23.76 38.25 -24.11
N LEU E 139 -23.59 39.57 -24.30
CA LEU E 139 -24.73 40.44 -24.48
C LEU E 139 -25.51 40.13 -25.76
N GLU E 140 -24.81 39.88 -26.87
CA GLU E 140 -25.55 39.53 -28.08
C GLU E 140 -26.35 38.26 -27.87
N TYR E 141 -25.74 37.26 -27.22
CA TYR E 141 -26.46 36.02 -26.93
C TYR E 141 -27.76 36.30 -26.22
N CYS E 142 -27.72 37.13 -25.18
CA CYS E 142 -28.95 37.47 -24.47
C CYS E 142 -29.92 38.21 -25.39
N HIS E 143 -29.42 39.15 -26.19
CA HIS E 143 -30.28 39.90 -27.09
C HIS E 143 -30.87 39.04 -28.20
N LYS E 144 -30.15 38.02 -28.69
CA LYS E 144 -30.73 37.13 -29.69
C LYS E 144 -31.83 36.27 -29.06
N LYS E 145 -31.70 35.95 -27.77
CA LYS E 145 -32.76 35.28 -27.02
C LYS E 145 -33.85 36.25 -26.55
N ASN E 146 -33.78 37.52 -26.97
CA ASN E 146 -34.80 38.52 -26.68
C ASN E 146 -34.93 38.78 -25.19
N PHE E 147 -33.78 38.86 -24.50
CA PHE E 147 -33.74 39.22 -23.09
C PHE E 147 -32.95 40.51 -22.91
N LEU E 148 -33.44 41.37 -22.01
CA LEU E 148 -32.77 42.61 -21.67
C LEU E 148 -32.28 42.52 -20.23
N HIS E 149 -31.01 42.82 -20.01
CA HIS E 149 -30.45 42.71 -18.67
C HIS E 149 -30.96 43.85 -17.77
N ARG E 150 -30.75 45.09 -18.19
CA ARG E 150 -31.32 46.28 -17.58
C ARG E 150 -30.60 46.69 -16.30
N ASP E 151 -29.52 46.02 -15.91
CA ASP E 151 -28.72 46.47 -14.78
C ASP E 151 -27.24 46.22 -15.04
N ILE E 152 -26.73 46.72 -16.17
CA ILE E 152 -25.33 46.51 -16.53
C ILE E 152 -24.48 47.55 -15.81
N LYS E 153 -23.75 47.11 -14.79
CA LYS E 153 -22.82 47.94 -14.03
C LYS E 153 -21.55 47.14 -13.84
N CYS E 154 -20.47 47.82 -13.45
CA CYS E 154 -19.21 47.11 -13.22
C CYS E 154 -19.36 46.03 -12.15
N SER E 155 -20.19 46.28 -11.14
CA SER E 155 -20.35 45.29 -10.07
C SER E 155 -20.97 43.99 -10.58
N ASN E 156 -21.78 44.05 -11.65
CA ASN E 156 -22.40 42.84 -12.15
C ASN E 156 -21.57 42.13 -13.22
N ILE E 157 -20.35 42.60 -13.48
CA ILE E 157 -19.39 41.93 -14.35
C ILE E 157 -18.38 41.19 -13.49
N LEU E 158 -18.39 39.86 -13.57
CA LEU E 158 -17.47 39.02 -12.82
C LEU E 158 -16.26 38.66 -13.68
N LEU E 159 -15.09 38.65 -13.07
CA LEU E 159 -13.83 38.37 -13.74
C LEU E 159 -13.08 37.28 -12.97
N ASN E 160 -12.79 36.19 -13.66
CA ASN E 160 -11.95 35.11 -13.15
C ASN E 160 -10.49 35.36 -13.53
N ASN E 161 -9.58 34.74 -12.78
CA ASN E 161 -8.16 34.98 -13.03
C ASN E 161 -7.73 34.42 -14.37
N SER E 162 -8.47 33.47 -14.93
CA SER E 162 -8.16 32.95 -16.26
C SER E 162 -8.31 34.02 -17.33
N GLY E 163 -9.06 35.08 -17.05
CA GLY E 163 -9.39 36.07 -18.04
C GLY E 163 -10.81 35.94 -18.57
N GLN E 164 -11.57 34.99 -18.04
CA GLN E 164 -12.95 34.80 -18.42
C GLN E 164 -13.83 35.83 -17.76
N ILE E 165 -14.79 36.35 -18.53
CA ILE E 165 -15.72 37.35 -18.07
C ILE E 165 -17.10 36.70 -18.04
N LYS E 166 -17.87 36.96 -16.99
CA LYS E 166 -19.25 36.49 -16.94
C LYS E 166 -20.17 37.60 -16.45
N LEU E 167 -21.28 37.80 -17.16
CA LEU E 167 -22.33 38.72 -16.73
C LEU E 167 -23.26 38.06 -15.72
N ALA E 168 -23.71 38.84 -14.74
CA ALA E 168 -24.45 38.30 -13.62
C ALA E 168 -25.59 39.23 -13.20
N ASP E 169 -26.25 38.84 -12.11
CA ASP E 169 -27.42 39.50 -11.55
C ASP E 169 -28.47 39.81 -12.63
N PHE E 170 -29.12 38.74 -13.06
CA PHE E 170 -30.21 38.87 -14.03
C PHE E 170 -31.52 39.04 -13.30
N GLY E 171 -31.48 39.78 -12.19
CA GLY E 171 -32.67 39.93 -11.37
C GLY E 171 -33.68 40.91 -11.91
N LEU E 172 -33.23 41.84 -12.74
CA LEU E 172 -34.12 42.81 -13.36
C LEU E 172 -34.34 42.55 -14.85
N ALA E 173 -34.10 41.32 -15.29
CA ALA E 173 -34.13 40.97 -16.71
C ALA E 173 -35.55 40.66 -17.17
N ARG E 174 -35.84 41.04 -18.41
CA ARG E 174 -37.16 40.88 -18.99
C ARG E 174 -37.07 40.48 -20.46
N LEU E 175 -38.09 39.74 -20.92
CA LEU E 175 -38.20 39.42 -22.33
C LEU E 175 -38.64 40.68 -23.09
N TYR E 176 -38.09 40.86 -24.29
CA TYR E 176 -38.39 42.02 -25.11
C TYR E 176 -39.13 41.59 -26.37
N ASN E 177 -40.29 42.20 -26.61
CA ASN E 177 -41.06 42.00 -27.83
C ASN E 177 -41.16 43.34 -28.54
N SER E 178 -40.61 43.42 -29.76
CA SER E 178 -40.75 44.66 -30.52
C SER E 178 -42.23 44.93 -30.85
N GLU E 179 -42.93 43.91 -31.35
CA GLU E 179 -44.35 44.05 -31.61
C GLU E 179 -45.10 44.10 -30.28
N GLU E 180 -46.34 44.60 -30.33
CA GLU E 180 -47.19 44.72 -29.14
C GLU E 180 -46.35 45.24 -27.97
N SER E 181 -45.76 46.42 -28.17
CA SER E 181 -44.91 47.03 -27.16
C SER E 181 -45.78 47.59 -26.05
N ARG E 182 -45.54 47.12 -24.83
CA ARG E 182 -46.22 47.47 -23.59
C ARG E 182 -45.25 48.09 -22.60
N PRO E 183 -45.74 48.93 -21.70
CA PRO E 183 -44.84 49.66 -20.80
C PRO E 183 -44.09 48.72 -19.84
N TYR E 184 -42.76 48.90 -19.79
CA TYR E 184 -41.89 48.16 -18.89
C TYR E 184 -41.61 49.17 -17.74
N ASN E 186 -39.59 51.93 -15.79
CA ASN E 186 -38.65 52.91 -16.31
C ASN E 186 -37.56 53.18 -15.27
N LYS E 187 -36.48 53.81 -15.71
CA LYS E 187 -35.31 54.10 -14.89
C LYS E 187 -34.85 52.83 -14.16
N VAL E 188 -34.39 51.88 -14.96
CA VAL E 188 -34.10 50.54 -14.46
C VAL E 188 -32.60 50.31 -14.23
N ILE E 189 -31.73 51.03 -14.95
CA ILE E 189 -30.30 50.80 -14.79
C ILE E 189 -29.77 51.84 -13.81
N THR E 190 -28.68 51.51 -13.12
CA THR E 190 -28.09 52.45 -12.18
C THR E 190 -27.68 53.75 -12.89
N LEU E 191 -27.78 54.86 -12.16
CA LEU E 191 -27.66 56.16 -12.82
C LEU E 191 -26.38 56.29 -13.62
N TRP E 192 -25.26 55.81 -13.08
CA TRP E 192 -23.98 56.08 -13.75
C TRP E 192 -23.91 55.42 -15.12
N TYR E 193 -24.60 54.29 -15.32
CA TYR E 193 -24.57 53.59 -16.60
C TYR E 193 -25.91 53.67 -17.33
N ARG E 194 -26.76 54.64 -17.01
CA ARG E 194 -28.07 54.73 -17.63
C ARG E 194 -28.04 55.57 -18.92
N PRO E 195 -28.79 55.12 -19.94
CA PRO E 195 -28.81 55.84 -21.23
C PRO E 195 -29.68 57.08 -21.18
N PRO E 196 -29.52 57.99 -22.13
CA PRO E 196 -30.37 59.21 -22.12
C PRO E 196 -31.86 58.91 -22.29
N GLU E 197 -32.24 57.90 -23.08
CA GLU E 197 -33.65 57.61 -23.27
C GLU E 197 -34.36 57.35 -21.94
N LEU E 198 -33.77 56.51 -21.09
CA LEU E 198 -34.42 56.22 -19.82
C LEU E 198 -34.39 57.41 -18.85
N LEU E 199 -33.46 58.34 -19.02
CA LEU E 199 -33.47 59.55 -18.20
C LEU E 199 -34.62 60.48 -18.62
N LEU E 200 -34.89 60.55 -19.92
CA LEU E 200 -35.94 61.37 -20.50
C LEU E 200 -37.30 60.69 -20.49
N GLY E 201 -37.42 59.54 -19.81
CA GLY E 201 -38.70 58.93 -19.54
C GLY E 201 -39.26 57.98 -20.58
N GLU E 202 -38.42 57.28 -21.32
CA GLU E 202 -38.89 56.29 -22.30
C GLU E 202 -39.39 55.05 -21.55
N GLU E 203 -40.72 54.86 -21.54
CA GLU E 203 -41.31 53.72 -20.84
C GLU E 203 -41.23 52.41 -21.63
N ARG E 204 -41.07 52.49 -22.94
CA ARG E 204 -40.97 51.33 -23.84
C ARG E 204 -39.63 51.39 -24.56
N TYR E 205 -38.60 50.81 -23.96
CA TYR E 205 -37.22 50.94 -24.44
C TYR E 205 -36.74 49.74 -25.24
N THR E 206 -35.64 49.98 -25.95
CA THR E 206 -34.95 49.00 -26.78
C THR E 206 -33.89 48.24 -26.00
N PRO E 207 -33.36 47.16 -26.59
CA PRO E 207 -32.16 46.51 -26.00
C PRO E 207 -30.92 47.41 -26.01
N ALA E 208 -30.98 48.54 -26.70
CA ALA E 208 -29.83 49.44 -26.77
C ALA E 208 -29.51 50.07 -25.43
N ILE E 209 -30.36 49.89 -24.42
CA ILE E 209 -30.03 50.35 -23.08
C ILE E 209 -28.80 49.60 -22.56
N ASP E 210 -28.73 48.29 -22.82
CA ASP E 210 -27.59 47.51 -22.36
C ASP E 210 -26.33 47.86 -23.14
N VAL E 211 -26.48 48.26 -24.40
CA VAL E 211 -25.31 48.67 -25.18
C VAL E 211 -24.72 49.95 -24.59
N TRP E 212 -25.56 50.93 -24.29
CA TRP E 212 -25.07 52.17 -23.70
C TRP E 212 -24.25 51.87 -22.44
N SER E 213 -24.75 50.98 -21.59
CA SER E 213 -24.03 50.63 -20.37
C SER E 213 -22.65 50.09 -20.71
N CYS E 214 -22.57 49.15 -21.64
CA CYS E 214 -21.29 48.57 -22.00
C CYS E 214 -20.38 49.61 -22.64
N GLY E 215 -20.94 50.63 -23.27
CA GLY E 215 -20.10 51.70 -23.78
C GLY E 215 -19.48 52.53 -22.67
N CYS E 216 -20.28 52.84 -21.65
CA CYS E 216 -19.72 53.51 -20.47
C CYS E 216 -18.60 52.69 -19.84
N ILE E 217 -18.76 51.37 -19.80
CA ILE E 217 -17.73 50.50 -19.27
C ILE E 217 -16.50 50.54 -20.15
N LEU E 218 -16.70 50.50 -21.46
CA LEU E 218 -15.57 50.58 -22.38
C LEU E 218 -14.73 51.82 -22.10
N GLY E 219 -15.37 52.98 -22.01
CA GLY E 219 -14.64 54.19 -21.69
C GLY E 219 -13.96 54.13 -20.34
N GLU E 220 -14.67 53.62 -19.34
CA GLU E 220 -14.10 53.55 -18.01
C GLU E 220 -12.85 52.68 -17.98
N LEU E 221 -12.77 51.67 -18.83
CA LEU E 221 -11.58 50.82 -18.84
C LEU E 221 -10.36 51.52 -19.40
N PHE E 222 -10.54 52.51 -20.28
CA PHE E 222 -9.41 53.28 -20.77
C PHE E 222 -9.04 54.40 -19.82
N THR E 223 -10.01 54.97 -19.11
CA THR E 223 -9.71 56.07 -18.19
C THR E 223 -9.40 55.61 -16.78
N LYS E 224 -9.89 54.44 -16.38
CA LYS E 224 -9.81 53.92 -15.02
C LYS E 224 -10.75 54.65 -14.07
N LYS E 225 -11.60 55.56 -14.58
CA LYS E 225 -12.52 56.37 -13.80
C LYS E 225 -13.84 56.40 -14.58
N PRO E 226 -14.98 56.22 -13.90
CA PRO E 226 -16.26 56.24 -14.61
C PRO E 226 -16.47 57.54 -15.37
N ILE E 227 -17.21 57.43 -16.48
CA ILE E 227 -17.35 58.58 -17.38
C ILE E 227 -18.38 59.57 -16.86
N PHE E 228 -19.56 59.08 -16.48
CA PHE E 228 -20.67 59.93 -16.04
C PHE E 228 -20.95 59.64 -14.57
N GLN E 229 -20.46 60.50 -13.69
CA GLN E 229 -20.62 60.40 -12.24
C GLN E 229 -21.54 61.54 -11.81
N ALA E 230 -22.77 61.17 -11.42
CA ALA E 230 -23.78 62.16 -11.03
C ALA E 230 -24.67 61.56 -9.95
N ASN E 231 -25.43 62.44 -9.31
CA ASN E 231 -26.28 62.09 -8.19
C ASN E 231 -27.78 62.14 -8.49
N LEU E 232 -28.19 62.98 -9.43
CA LEU E 232 -29.60 63.14 -9.80
C LEU E 232 -29.71 63.07 -11.31
N GLU E 233 -30.89 62.66 -11.79
CA GLU E 233 -31.04 62.44 -13.23
C GLU E 233 -30.68 63.67 -14.05
N LEU E 234 -31.01 64.87 -13.58
CA LEU E 234 -30.69 66.05 -14.38
C LEU E 234 -29.18 66.25 -14.49
N ALA E 235 -28.44 66.08 -13.40
CA ALA E 235 -27.00 66.25 -13.45
C ALA E 235 -26.36 65.23 -14.40
N GLN E 236 -26.90 64.02 -14.44
CA GLN E 236 -26.38 62.98 -15.32
C GLN E 236 -26.62 63.33 -16.78
N LEU E 237 -27.83 63.76 -17.13
CA LEU E 237 -28.11 64.17 -18.50
C LEU E 237 -27.19 65.31 -18.94
N GLU E 238 -26.87 66.21 -18.02
CA GLU E 238 -25.96 67.31 -18.34
C GLU E 238 -24.56 66.80 -18.68
N LEU E 239 -24.03 65.86 -17.90
CA LEU E 239 -22.72 65.29 -18.21
C LEU E 239 -22.73 64.60 -19.58
N ILE E 240 -23.76 63.79 -19.83
CA ILE E 240 -23.88 63.13 -21.13
C ILE E 240 -23.87 64.17 -22.24
N SER E 241 -24.61 65.26 -22.06
CA SER E 241 -24.73 66.27 -23.11
C SER E 241 -23.39 66.95 -23.41
N ARG E 242 -22.60 67.22 -22.37
CA ARG E 242 -21.31 67.86 -22.59
C ARG E 242 -20.44 67.04 -23.52
N LEU E 243 -20.53 65.72 -23.41
CA LEU E 243 -19.68 64.81 -24.17
C LEU E 243 -20.33 64.38 -25.48
N CYS E 244 -21.56 63.88 -25.41
CA CYS E 244 -22.22 63.28 -26.57
C CYS E 244 -23.01 64.28 -27.41
N GLY E 245 -23.18 65.50 -26.93
CA GLY E 245 -24.08 66.44 -27.56
C GLY E 245 -25.44 66.44 -26.89
N SER E 246 -26.11 67.60 -26.91
CA SER E 246 -27.39 67.67 -26.23
C SER E 246 -28.44 66.91 -27.02
N PRO E 247 -29.31 66.14 -26.36
CA PRO E 247 -30.42 65.52 -27.08
C PRO E 247 -31.26 66.58 -27.78
N CYS E 248 -31.41 66.42 -29.08
CA CYS E 248 -32.18 67.34 -29.91
C CYS E 248 -32.66 66.59 -31.13
N PRO E 249 -33.78 67.01 -31.73
CA PRO E 249 -34.28 66.33 -32.93
C PRO E 249 -33.24 66.27 -34.04
N ALA E 250 -32.27 67.19 -34.05
CA ALA E 250 -31.29 67.22 -35.14
C ALA E 250 -30.59 65.88 -35.26
N VAL E 251 -30.21 65.28 -34.14
CA VAL E 251 -29.56 63.98 -34.12
C VAL E 251 -30.45 62.86 -33.62
N TRP E 252 -31.61 63.17 -33.05
CA TRP E 252 -32.48 62.19 -32.39
C TRP E 252 -33.91 62.57 -32.71
N PRO E 253 -34.41 62.18 -33.89
CA PRO E 253 -35.68 62.75 -34.37
C PRO E 253 -36.86 62.52 -33.44
N ASP E 254 -36.89 61.41 -32.70
CA ASP E 254 -38.03 61.07 -31.87
C ASP E 254 -37.86 61.53 -30.43
N VAL E 255 -36.82 62.31 -30.13
CA VAL E 255 -36.60 62.74 -28.76
C VAL E 255 -37.79 63.56 -28.27
N ILE E 256 -38.45 64.26 -29.18
CA ILE E 256 -39.58 65.10 -28.84
C ILE E 256 -40.75 64.31 -28.28
N ARG E 257 -40.80 63.00 -28.57
CA ARG E 257 -41.88 62.19 -28.02
C ARG E 257 -41.67 61.82 -26.55
N LEU E 258 -40.53 62.11 -25.99
CA LEU E 258 -40.22 61.63 -24.65
C LEU E 258 -40.83 62.54 -23.60
N PRO E 259 -41.38 61.98 -22.51
CA PRO E 259 -42.07 62.83 -21.53
C PRO E 259 -41.23 63.97 -20.97
N TYR E 260 -39.94 63.75 -20.69
CA TYR E 260 -39.12 64.76 -20.03
C TYR E 260 -38.20 65.49 -20.99
N PHE E 261 -38.46 65.43 -22.30
CA PHE E 261 -37.57 66.12 -23.22
C PHE E 261 -37.52 67.62 -22.92
N ASN E 262 -38.70 68.23 -22.77
CA ASN E 262 -38.76 69.63 -22.39
C ASN E 262 -38.42 69.84 -20.92
N THR E 263 -38.85 68.92 -20.05
CA THR E 263 -38.64 69.12 -18.62
C THR E 263 -37.15 69.15 -18.31
N MET E 264 -36.42 68.14 -18.76
CA MET E 264 -35.00 68.01 -18.46
C MET E 264 -34.17 68.57 -19.61
N LYS E 265 -34.22 69.88 -19.76
CA LYS E 265 -33.37 70.45 -20.79
C LYS E 265 -31.97 70.66 -20.23
N PRO E 266 -30.94 70.33 -21.00
CA PRO E 266 -29.57 70.60 -20.54
C PRO E 266 -29.30 72.10 -20.52
N LYS E 267 -28.27 72.47 -19.76
CA LYS E 267 -27.92 73.89 -19.60
C LYS E 267 -27.72 74.54 -20.95
N LYS E 268 -27.05 73.85 -21.88
CA LYS E 268 -26.83 74.35 -23.22
C LYS E 268 -27.21 73.26 -24.22
N GLN E 269 -27.23 73.66 -25.51
CA GLN E 269 -27.32 72.72 -26.62
C GLN E 269 -25.88 72.41 -27.05
N TYR E 270 -25.27 71.47 -26.34
CA TYR E 270 -23.87 71.16 -26.55
C TYR E 270 -23.66 70.40 -27.85
N ARG E 271 -22.54 70.66 -28.51
CA ARG E 271 -22.11 69.82 -29.61
C ARG E 271 -21.41 68.59 -29.05
N ARG E 272 -21.34 67.54 -29.88
CA ARG E 272 -20.65 66.33 -29.46
C ARG E 272 -19.16 66.57 -29.43
N ARG E 273 -18.51 66.17 -28.34
CA ARG E 273 -17.07 66.35 -28.20
C ARG E 273 -16.38 65.03 -27.89
N LEU E 274 -17.09 63.90 -28.05
CA LEU E 274 -16.57 62.62 -27.59
C LEU E 274 -15.22 62.31 -28.18
N ARG E 275 -15.10 62.39 -29.51
CA ARG E 275 -13.86 62.00 -30.15
C ARG E 275 -12.70 62.88 -29.72
N GLU E 276 -12.97 64.17 -29.49
CA GLU E 276 -11.92 65.06 -29.03
C GLU E 276 -11.48 64.69 -27.63
N GLU E 277 -12.44 64.41 -26.74
CA GLU E 277 -12.12 64.22 -25.33
C GLU E 277 -11.42 62.88 -25.08
N PHE E 278 -11.66 61.88 -25.93
CA PHE E 278 -11.04 60.56 -25.83
C PHE E 278 -9.93 60.36 -26.87
N SER E 279 -9.21 61.44 -27.22
CA SER E 279 -8.21 61.35 -28.28
C SER E 279 -7.14 60.32 -27.99
N PHE E 280 -6.91 59.99 -26.72
CA PHE E 280 -5.90 59.00 -26.35
C PHE E 280 -6.35 57.57 -26.60
N ILE E 281 -7.61 57.32 -26.90
CA ILE E 281 -8.07 55.94 -27.09
C ILE E 281 -7.66 55.54 -28.50
N PRO E 282 -7.26 54.30 -28.71
CA PRO E 282 -6.99 53.85 -30.08
C PRO E 282 -8.19 54.05 -30.99
N SER E 283 -7.90 54.31 -32.27
CA SER E 283 -8.96 54.68 -33.20
C SER E 283 -9.96 53.54 -33.36
N ALA E 284 -9.47 52.30 -33.50
CA ALA E 284 -10.39 51.18 -33.63
C ALA E 284 -11.34 51.11 -32.44
N ALA E 285 -10.84 51.38 -31.24
CA ALA E 285 -11.67 51.42 -30.04
C ALA E 285 -12.51 52.68 -29.98
N LEU E 286 -11.90 53.85 -30.26
CA LEU E 286 -12.65 55.09 -30.23
C LEU E 286 -13.88 55.03 -31.13
N ASP E 287 -13.73 54.43 -32.31
CA ASP E 287 -14.86 54.24 -33.21
C ASP E 287 -15.94 53.40 -32.54
N LEU E 288 -15.53 52.35 -31.82
CA LEU E 288 -16.51 51.55 -31.09
C LEU E 288 -17.20 52.36 -30.02
N LEU E 289 -16.45 53.15 -29.26
CA LEU E 289 -17.05 53.95 -28.21
C LEU E 289 -18.04 54.95 -28.78
N ASP E 290 -17.68 55.61 -29.88
CA ASP E 290 -18.55 56.62 -30.47
C ASP E 290 -19.91 56.03 -30.82
N HIS E 291 -19.92 54.78 -31.31
CA HIS E 291 -21.17 54.17 -31.76
C HIS E 291 -22.00 53.64 -30.59
N MET E 292 -21.33 53.14 -29.55
CA MET E 292 -22.06 52.64 -28.38
C MET E 292 -22.66 53.79 -27.59
N LEU E 293 -22.01 54.95 -27.59
CA LEU E 293 -22.51 56.14 -26.91
C LEU E 293 -23.13 57.11 -27.90
N THR E 294 -23.98 56.58 -28.78
CA THR E 294 -24.78 57.38 -29.70
C THR E 294 -26.09 57.68 -29.00
N LEU E 295 -26.51 58.94 -29.04
CA LEU E 295 -27.65 59.34 -28.21
C LEU E 295 -28.92 58.61 -28.59
N ASP E 296 -29.24 58.58 -29.87
CA ASP E 296 -30.50 58.00 -30.32
C ASP E 296 -30.44 56.47 -30.29
N PRO E 297 -31.27 55.80 -29.48
CA PRO E 297 -31.17 54.32 -29.42
C PRO E 297 -31.39 53.64 -30.76
N SER E 298 -32.11 54.28 -31.68
CA SER E 298 -32.31 53.71 -33.01
C SER E 298 -31.09 53.90 -33.90
N LYS E 299 -30.17 54.80 -33.55
CA LYS E 299 -28.91 54.95 -34.28
C LYS E 299 -27.72 54.32 -33.55
N ARG E 300 -27.88 53.93 -32.29
CA ARG E 300 -26.81 53.28 -31.56
C ARG E 300 -26.61 51.85 -32.04
N CYS E 301 -25.36 51.45 -32.16
CA CYS E 301 -25.02 50.12 -32.65
C CYS E 301 -25.54 49.05 -31.70
N THR E 302 -25.73 47.84 -32.25
CA THR E 302 -26.18 46.69 -31.51
C THR E 302 -24.99 45.91 -30.93
N ALA E 303 -25.29 44.88 -30.15
CA ALA E 303 -24.22 43.99 -29.68
C ALA E 303 -23.56 43.29 -30.85
N GLU E 304 -24.36 42.77 -31.79
CA GLU E 304 -23.78 42.10 -32.94
C GLU E 304 -22.85 43.02 -33.72
N GLN E 305 -23.25 44.27 -33.90
CA GLN E 305 -22.43 45.20 -34.68
C GLN E 305 -21.08 45.48 -34.02
N THR E 306 -21.03 45.53 -32.68
CA THR E 306 -19.76 45.76 -32.00
C THR E 306 -18.80 44.60 -32.26
N LEU E 307 -19.32 43.38 -32.33
CA LEU E 307 -18.49 42.23 -32.65
C LEU E 307 -17.98 42.31 -34.07
N GLN E 308 -18.62 43.11 -34.92
CA GLN E 308 -18.16 43.35 -36.28
C GLN E 308 -17.52 44.73 -36.38
N SER E 309 -16.62 45.04 -35.45
CA SER E 309 -15.88 46.29 -35.45
C SER E 309 -14.41 46.00 -35.68
N ASP E 310 -13.68 46.97 -36.22
CA ASP E 310 -12.23 46.78 -36.37
C ASP E 310 -11.59 46.44 -35.03
N PHE E 311 -12.20 46.88 -33.93
CA PHE E 311 -11.60 46.67 -32.61
C PHE E 311 -11.74 45.23 -32.16
N LEU E 312 -12.93 44.64 -32.32
CA LEU E 312 -13.20 43.32 -31.77
C LEU E 312 -13.30 42.21 -32.82
N LYS E 313 -13.35 42.56 -34.10
CA LYS E 313 -13.68 41.60 -35.13
C LYS E 313 -12.68 40.45 -35.17
N ASP E 314 -11.39 40.77 -35.12
CA ASP E 314 -10.34 39.75 -35.21
C ASP E 314 -9.76 39.34 -33.86
N VAL E 315 -10.39 39.71 -32.75
CA VAL E 315 -9.94 39.24 -31.44
C VAL E 315 -10.29 37.77 -31.31
N GLU E 316 -9.34 36.98 -30.85
CA GLU E 316 -9.50 35.54 -30.71
C GLU E 316 -9.64 35.18 -29.25
N LEU E 317 -10.75 34.53 -28.90
CA LEU E 317 -10.95 34.14 -27.51
C LEU E 317 -10.08 32.96 -27.13
N SER E 318 -9.40 32.36 -28.10
CA SER E 318 -8.41 31.34 -27.81
C SER E 318 -7.31 31.89 -26.92
N LYS E 319 -6.81 33.08 -27.26
CA LYS E 319 -5.94 33.86 -26.40
C LYS E 319 -6.79 34.60 -25.36
N MET E 320 -6.74 34.14 -24.11
CA MET E 320 -7.58 34.77 -23.09
C MET E 320 -7.16 36.20 -22.77
N ALA E 321 -5.88 36.52 -22.96
CA ALA E 321 -5.34 37.82 -22.56
C ALA E 321 -5.84 38.18 -21.17
N PRO E 322 -5.20 37.64 -20.13
CA PRO E 322 -5.66 37.92 -18.74
C PRO E 322 -5.23 39.29 -18.26
N PRO E 323 -6.08 39.95 -17.47
CA PRO E 323 -5.72 41.30 -16.98
C PRO E 323 -4.50 41.27 -16.07
N ASP E 324 -3.85 42.42 -15.95
CA ASP E 324 -2.66 42.55 -15.09
C ASP E 324 -3.12 42.74 -13.65
N LEU E 325 -2.94 41.71 -12.82
CA LEU E 325 -3.36 41.72 -11.42
C LEU E 325 -2.14 41.62 -10.51
N PRO E 326 -1.66 42.74 -9.97
CA PRO E 326 -0.58 42.62 -8.99
C PRO E 326 -1.05 41.76 -7.81
N HIS E 327 -0.27 40.73 -7.47
CA HIS E 327 -0.54 39.92 -6.29
C HIS E 327 0.65 39.84 -5.33
N TRP E 328 1.84 40.21 -5.76
CA TRP E 328 3.01 40.32 -4.91
C TRP E 328 3.68 41.61 -5.32
N GLN E 329 4.43 42.21 -4.40
CA GLN E 329 5.04 43.53 -4.49
C GLN E 329 4.01 44.66 -4.32
N ASP E 330 2.71 44.36 -4.27
CA ASP E 330 1.70 45.33 -3.85
C ASP E 330 1.45 45.25 -2.36
N CYS E 331 1.57 44.06 -1.78
CA CYS E 331 1.44 43.83 -0.35
C CYS E 331 2.50 44.56 0.47
N THR F 24 -29.44 17.60 -17.74
CA THR F 24 -29.51 19.06 -17.58
C THR F 24 -30.91 19.44 -17.07
N LYS F 25 -31.91 19.37 -17.94
CA LYS F 25 -33.29 19.74 -17.64
C LYS F 25 -34.12 18.49 -17.40
N PRO F 26 -35.07 18.49 -16.48
CA PRO F 26 -35.79 17.25 -16.17
C PRO F 26 -36.79 16.91 -17.27
N CYS F 27 -37.20 15.65 -17.26
CA CYS F 27 -38.16 15.12 -18.23
C CYS F 27 -39.55 15.21 -17.62
N TRP F 28 -40.45 15.92 -18.30
CA TRP F 28 -41.80 16.16 -17.79
C TRP F 28 -42.86 15.40 -18.60
N TYR F 29 -42.48 14.27 -19.18
CA TYR F 29 -43.40 13.49 -20.00
C TYR F 29 -43.39 12.03 -19.58
N TRP F 30 -44.59 11.47 -19.45
CA TRP F 30 -44.87 10.09 -19.07
C TRP F 30 -45.65 9.41 -20.20
N ASP F 31 -45.75 8.09 -20.14
CA ASP F 31 -46.61 7.32 -21.04
C ASP F 31 -48.00 7.20 -20.42
N LYS F 32 -49.04 7.17 -21.26
CA LYS F 32 -50.39 7.03 -20.70
C LYS F 32 -50.47 5.86 -19.73
N LYS F 33 -49.88 4.72 -20.10
CA LYS F 33 -49.93 3.54 -19.23
C LYS F 33 -49.39 3.86 -17.84
N ASP F 34 -48.50 4.86 -17.74
CA ASP F 34 -47.96 5.21 -16.43
C ASP F 34 -48.96 5.96 -15.56
N LEU F 35 -50.03 6.51 -16.14
CA LEU F 35 -50.99 7.25 -15.34
C LEU F 35 -51.89 6.35 -14.49
N ALA F 36 -51.83 5.03 -14.71
CA ALA F 36 -52.52 4.09 -13.83
C ALA F 36 -51.79 3.89 -12.52
N HIS F 37 -50.61 4.49 -12.39
CA HIS F 37 -49.74 4.35 -11.21
C HIS F 37 -49.40 5.73 -10.66
N THR F 38 -50.30 6.69 -10.83
CA THR F 38 -50.10 7.99 -10.20
C THR F 38 -50.19 7.83 -8.69
N PRO F 39 -49.58 8.73 -7.93
CA PRO F 39 -49.70 8.64 -6.46
C PRO F 39 -51.15 8.56 -6.01
N SER F 40 -52.06 9.23 -6.73
CA SER F 40 -53.47 9.24 -6.36
C SER F 40 -54.12 7.89 -6.64
N GLN F 41 -53.89 7.33 -7.83
CA GLN F 41 -54.42 6.01 -8.14
C GLN F 41 -54.04 5.01 -7.06
N LEU F 42 -52.80 5.07 -6.58
CA LEU F 42 -52.31 4.09 -5.62
C LEU F 42 -52.85 4.33 -4.22
N GLU F 43 -53.48 5.46 -3.97
CA GLU F 43 -54.22 5.67 -2.74
C GLU F 43 -55.71 5.32 -2.90
N GLY F 44 -56.07 4.63 -3.97
CA GLY F 44 -57.41 4.12 -4.14
C GLY F 44 -58.34 4.97 -4.97
N LEU F 45 -57.87 6.09 -5.50
CA LEU F 45 -58.69 6.89 -6.41
C LEU F 45 -58.77 6.18 -7.76
N ASP F 46 -59.98 6.09 -8.30
CA ASP F 46 -60.16 5.36 -9.55
C ASP F 46 -59.86 6.26 -10.75
N PRO F 47 -59.64 5.66 -11.93
CA PRO F 47 -59.20 6.47 -13.07
C PRO F 47 -60.16 7.60 -13.41
N ALA F 48 -61.46 7.33 -13.39
CA ALA F 48 -62.41 8.38 -13.73
C ALA F 48 -62.33 9.55 -12.76
N THR F 49 -62.20 9.28 -11.47
CA THR F 49 -62.18 10.35 -10.47
C THR F 49 -60.93 11.20 -10.60
N GLU F 50 -59.76 10.56 -10.73
CA GLU F 50 -58.55 11.37 -10.84
C GLU F 50 -58.64 12.24 -12.09
N ALA F 51 -59.23 11.73 -13.16
CA ALA F 51 -59.42 12.53 -14.37
C ALA F 51 -60.38 13.68 -14.11
N ARG F 52 -61.51 13.40 -13.46
CA ARG F 52 -62.45 14.45 -13.10
C ARG F 52 -61.78 15.52 -12.24
N TYR F 53 -61.05 15.09 -11.20
CA TYR F 53 -60.36 16.06 -10.35
C TYR F 53 -59.41 16.91 -11.17
N ARG F 54 -58.77 16.33 -12.19
CA ARG F 54 -57.85 17.08 -13.03
C ARG F 54 -58.59 18.06 -13.92
N ARG F 55 -59.77 17.68 -14.41
CA ARG F 55 -60.54 18.58 -15.25
C ARG F 55 -61.08 19.74 -14.42
N GLU F 56 -61.60 19.45 -13.23
CA GLU F 56 -62.15 20.49 -12.36
C GLU F 56 -61.07 21.49 -11.98
N GLY F 57 -59.94 20.99 -11.48
CA GLY F 57 -58.86 21.89 -11.10
C GLY F 57 -58.37 22.72 -12.27
N ALA F 58 -58.25 22.09 -13.45
CA ALA F 58 -57.78 22.80 -14.62
C ALA F 58 -58.73 23.94 -14.99
N ARG F 59 -60.03 23.66 -15.02
CA ARG F 59 -61.01 24.68 -15.40
C ARG F 59 -61.10 25.78 -14.35
N PHE F 60 -60.98 25.41 -13.07
CA PHE F 60 -60.92 26.38 -11.97
C PHE F 60 -59.82 27.40 -12.20
N ILE F 61 -58.61 26.92 -12.52
CA ILE F 61 -57.52 27.85 -12.84
C ILE F 61 -57.90 28.73 -14.02
N PHE F 62 -58.48 28.11 -15.06
CA PHE F 62 -58.87 28.84 -16.26
C PHE F 62 -59.92 29.89 -15.93
N ASP F 63 -60.98 29.49 -15.24
CA ASP F 63 -62.05 30.44 -14.91
C ASP F 63 -61.56 31.51 -13.95
N VAL F 64 -60.80 31.13 -12.92
CA VAL F 64 -60.29 32.15 -11.98
C VAL F 64 -59.41 33.14 -12.72
N GLY F 65 -58.46 32.64 -13.51
CA GLY F 65 -57.55 33.53 -14.22
C GLY F 65 -58.25 34.37 -15.26
N THR F 66 -59.24 33.77 -15.94
CA THR F 66 -60.02 34.54 -16.92
C THR F 66 -60.74 35.69 -16.23
N ARG F 67 -61.36 35.42 -15.07
CA ARG F 67 -62.02 36.47 -14.30
C ARG F 67 -61.04 37.54 -13.86
N LEU F 68 -59.79 37.15 -13.56
CA LEU F 68 -58.77 38.13 -13.17
C LEU F 68 -58.14 38.86 -14.34
N GLY F 69 -58.51 38.52 -15.57
CA GLY F 69 -57.98 39.22 -16.73
C GLY F 69 -56.63 38.75 -17.18
N LEU F 70 -56.28 37.49 -16.95
CA LEU F 70 -54.95 37.00 -17.20
C LEU F 70 -54.76 36.52 -18.63
N HIS F 71 -53.53 36.70 -19.11
CA HIS F 71 -53.11 36.27 -20.44
C HIS F 71 -53.22 34.75 -20.59
N TYR F 72 -53.38 34.31 -21.84
CA TYR F 72 -53.60 32.89 -22.08
C TYR F 72 -52.40 32.05 -21.64
N ASP F 73 -51.19 32.57 -21.85
CA ASP F 73 -50.01 31.82 -21.41
C ASP F 73 -50.00 31.63 -19.90
N THR F 74 -50.43 32.65 -19.16
CA THR F 74 -50.42 32.54 -17.70
C THR F 74 -51.37 31.46 -17.21
N LEU F 75 -52.57 31.38 -17.79
CA LEU F 75 -53.52 30.35 -17.36
C LEU F 75 -52.92 28.96 -17.54
N ALA F 76 -52.29 28.73 -18.70
CA ALA F 76 -51.72 27.42 -19.00
C ALA F 76 -50.54 27.09 -18.10
N THR F 77 -49.64 28.04 -17.89
CA THR F 77 -48.46 27.74 -17.07
C THR F 77 -48.89 27.19 -15.71
N GLY F 78 -49.92 27.79 -15.11
CA GLY F 78 -50.48 27.22 -13.90
C GLY F 78 -51.04 25.83 -14.10
N ILE F 79 -51.76 25.62 -15.21
CA ILE F 79 -52.39 24.32 -15.40
C ILE F 79 -51.33 23.24 -15.58
N ILE F 80 -50.24 23.55 -16.27
CA ILE F 80 -49.19 22.55 -16.41
C ILE F 80 -48.53 22.30 -15.07
N TYR F 81 -48.26 23.37 -14.31
CA TYR F 81 -47.80 23.18 -12.93
C TYR F 81 -48.76 22.29 -12.16
N PHE F 82 -50.05 22.58 -12.27
CA PHE F 82 -51.07 21.78 -11.59
C PHE F 82 -50.95 20.32 -11.98
N HIS F 83 -50.95 20.03 -13.28
CA HIS F 83 -50.89 18.65 -13.72
C HIS F 83 -49.63 17.96 -13.23
N ARG F 84 -48.49 18.65 -13.32
CA ARG F 84 -47.24 18.05 -12.88
C ARG F 84 -47.25 17.79 -11.38
N PHE F 85 -47.80 18.71 -10.60
CA PHE F 85 -47.85 18.53 -9.16
C PHE F 85 -48.44 17.18 -8.79
N TYR F 86 -49.56 16.80 -9.41
CA TYR F 86 -50.27 15.59 -9.04
C TYR F 86 -49.73 14.35 -9.75
N MET F 87 -48.61 14.47 -10.45
CA MET F 87 -47.81 13.30 -10.82
C MET F 87 -46.82 12.92 -9.73
N PHE F 88 -46.60 13.81 -8.76
CA PHE F 88 -45.70 13.59 -7.65
C PHE F 88 -46.44 13.54 -6.33
N HIS F 89 -47.72 13.90 -6.31
CA HIS F 89 -48.50 13.97 -5.08
C HIS F 89 -49.90 13.43 -5.34
N SER F 90 -50.61 13.20 -4.24
CA SER F 90 -51.93 12.61 -4.31
C SER F 90 -53.01 13.66 -4.15
N PHE F 91 -54.10 13.48 -4.89
CA PHE F 91 -55.24 14.37 -4.74
C PHE F 91 -55.87 14.27 -3.36
N LYS F 92 -55.71 13.14 -2.69
CA LYS F 92 -56.33 13.00 -1.38
C LYS F 92 -55.59 13.78 -0.31
N GLN F 93 -54.28 13.93 -0.45
CA GLN F 93 -53.49 14.60 0.56
C GLN F 93 -53.34 16.09 0.30
N PHE F 94 -53.47 16.52 -0.95
CA PHE F 94 -53.36 17.93 -1.31
C PHE F 94 -54.64 18.36 -2.00
N PRO F 95 -55.49 19.17 -1.36
CA PRO F 95 -56.77 19.54 -1.98
C PRO F 95 -56.57 20.25 -3.31
N ARG F 96 -57.40 19.88 -4.28
CA ARG F 96 -57.11 20.25 -5.66
C ARG F 96 -57.26 21.77 -5.88
N TYR F 97 -58.32 22.38 -5.34
CA TYR F 97 -58.54 23.80 -5.64
C TYR F 97 -57.53 24.70 -4.93
N VAL F 98 -57.05 24.30 -3.76
CA VAL F 98 -55.99 25.05 -3.11
C VAL F 98 -54.73 25.00 -3.97
N THR F 99 -54.37 23.81 -4.41
CA THR F 99 -53.23 23.65 -5.31
C THR F 99 -53.39 24.52 -6.55
N GLY F 100 -54.57 24.50 -7.17
CA GLY F 100 -54.79 25.31 -8.34
C GLY F 100 -54.53 26.78 -8.12
N ALA F 101 -55.09 27.35 -7.05
CA ALA F 101 -54.86 28.75 -6.75
C ALA F 101 -53.37 29.04 -6.62
N CYS F 102 -52.63 28.14 -5.97
CA CYS F 102 -51.18 28.30 -5.83
C CYS F 102 -50.50 28.27 -7.19
N CYS F 103 -50.89 27.34 -8.06
CA CYS F 103 -50.29 27.27 -9.39
C CYS F 103 -50.50 28.58 -10.15
N LEU F 104 -51.73 29.10 -10.13
CA LEU F 104 -51.99 30.36 -10.82
C LEU F 104 -51.17 31.49 -10.21
N PHE F 105 -51.10 31.53 -8.88
CA PHE F 105 -50.34 32.57 -8.20
C PHE F 105 -48.88 32.56 -8.64
N LEU F 106 -48.26 31.39 -8.65
CA LEU F 106 -46.87 31.31 -9.10
C LEU F 106 -46.76 31.58 -10.59
N ALA F 107 -47.67 31.00 -11.39
CA ALA F 107 -47.66 31.23 -12.83
C ALA F 107 -47.63 32.72 -13.13
N GLY F 108 -48.41 33.50 -12.39
CA GLY F 108 -48.42 34.94 -12.59
C GLY F 108 -47.06 35.57 -12.37
N LYS F 109 -46.34 35.13 -11.34
CA LYS F 109 -45.01 35.66 -11.11
C LYS F 109 -44.03 35.19 -12.17
N VAL F 110 -44.18 33.95 -12.64
CA VAL F 110 -43.27 33.43 -13.66
C VAL F 110 -43.48 34.16 -14.97
N GLU F 111 -44.74 34.35 -15.37
CA GLU F 111 -45.06 34.90 -16.69
C GLU F 111 -45.16 36.42 -16.69
N GLU F 112 -44.83 37.09 -15.59
CA GLU F 112 -44.85 38.54 -15.51
C GLU F 112 -46.26 39.10 -15.71
N THR F 113 -47.26 38.38 -15.22
CA THR F 113 -48.63 38.89 -15.13
C THR F 113 -49.12 38.72 -13.70
N PRO F 114 -48.41 39.29 -12.73
CA PRO F 114 -48.66 38.95 -11.32
C PRO F 114 -49.98 39.49 -10.80
N LYS F 115 -50.54 38.75 -9.83
CA LYS F 115 -51.72 39.17 -9.09
C LYS F 115 -51.48 38.87 -7.61
N LYS F 116 -52.12 39.65 -6.75
CA LYS F 116 -51.99 39.45 -5.31
C LYS F 116 -52.76 38.22 -4.86
N CYS F 117 -52.19 37.48 -3.92
CA CYS F 117 -52.83 36.26 -3.46
C CYS F 117 -54.26 36.51 -2.99
N LYS F 118 -54.50 37.65 -2.34
CA LYS F 118 -55.85 37.93 -1.84
C LYS F 118 -56.86 38.01 -2.99
N ASP F 119 -56.45 38.54 -4.14
CA ASP F 119 -57.39 38.67 -5.25
C ASP F 119 -57.78 37.30 -5.80
N ILE F 120 -56.82 36.37 -5.85
CA ILE F 120 -57.10 35.01 -6.31
C ILE F 120 -58.10 34.35 -5.36
N ILE F 121 -57.91 34.52 -4.05
CA ILE F 121 -58.83 33.94 -3.09
C ILE F 121 -60.23 34.52 -3.28
N LYS F 122 -60.31 35.85 -3.42
CA LYS F 122 -61.61 36.49 -3.63
C LYS F 122 -62.32 35.88 -4.81
N THR F 123 -61.62 35.73 -5.94
CA THR F 123 -62.22 35.18 -7.13
C THR F 123 -62.61 33.72 -6.93
N ALA F 124 -61.75 32.95 -6.25
CA ALA F 124 -62.09 31.54 -5.99
C ALA F 124 -63.36 31.42 -5.16
N ARG F 125 -63.54 32.31 -4.19
CA ARG F 125 -64.77 32.27 -3.39
C ARG F 125 -65.97 32.54 -4.28
N SER F 126 -65.80 33.42 -5.27
CA SER F 126 -66.88 33.70 -6.21
C SER F 126 -67.29 32.44 -6.96
N LEU F 127 -66.31 31.64 -7.38
CA LEU F 127 -66.56 30.49 -8.25
C LEU F 127 -66.89 29.21 -7.49
N LEU F 128 -66.37 29.02 -6.28
CA LEU F 128 -66.60 27.79 -5.54
C LEU F 128 -67.80 27.89 -4.60
N ASN F 129 -68.51 26.77 -4.44
CA ASN F 129 -69.58 26.71 -3.46
C ASN F 129 -68.97 26.58 -2.06
N ASP F 130 -69.83 26.46 -1.04
CA ASP F 130 -69.31 26.39 0.33
C ASP F 130 -68.55 25.09 0.59
N VAL F 131 -69.04 23.97 0.08
CA VAL F 131 -68.32 22.71 0.26
C VAL F 131 -66.93 22.82 -0.35
N GLN F 132 -66.86 23.30 -1.58
CA GLN F 132 -65.58 23.38 -2.28
C GLN F 132 -64.63 24.34 -1.58
N PHE F 133 -65.13 25.51 -1.21
CA PHE F 133 -64.24 26.47 -0.54
C PHE F 133 -63.78 25.99 0.83
N GLY F 134 -64.46 25.00 1.41
CA GLY F 134 -64.00 24.43 2.66
C GLY F 134 -62.56 23.96 2.59
N GLN F 135 -62.12 23.58 1.39
CA GLN F 135 -60.74 23.11 1.23
C GLN F 135 -59.75 24.15 1.72
N PHE F 136 -60.07 25.44 1.58
CA PHE F 136 -59.16 26.50 1.97
C PHE F 136 -59.09 26.73 3.47
N GLY F 137 -59.96 26.10 4.25
CA GLY F 137 -59.86 26.20 5.68
C GLY F 137 -60.11 27.61 6.21
N ASP F 138 -59.56 27.85 7.41
CA ASP F 138 -59.84 29.08 8.13
C ASP F 138 -59.06 30.28 7.60
N ASP F 139 -57.87 30.05 7.03
CA ASP F 139 -57.06 31.13 6.47
C ASP F 139 -56.69 30.73 5.04
N PRO F 140 -57.55 31.04 4.07
CA PRO F 140 -57.26 30.64 2.68
C PRO F 140 -55.93 31.16 2.16
N LYS F 141 -55.62 32.43 2.36
CA LYS F 141 -54.36 32.95 1.85
C LYS F 141 -53.18 32.14 2.39
N GLU F 142 -53.20 31.84 3.68
CA GLU F 142 -52.11 31.07 4.28
C GLU F 142 -51.98 29.69 3.62
N GLU F 143 -53.09 28.99 3.44
CA GLU F 143 -52.99 27.66 2.84
C GLU F 143 -52.36 27.72 1.45
N VAL F 144 -52.63 28.79 0.70
CA VAL F 144 -52.04 28.92 -0.62
C VAL F 144 -50.57 29.30 -0.53
N MET F 145 -50.25 30.31 0.27
CA MET F 145 -48.87 30.77 0.37
C MET F 145 -47.97 29.65 0.91
N VAL F 146 -48.51 28.82 1.80
CA VAL F 146 -47.73 27.74 2.38
C VAL F 146 -47.37 26.70 1.34
N LEU F 147 -48.25 26.47 0.36
CA LEU F 147 -48.03 25.45 -0.66
C LEU F 147 -46.99 25.86 -1.68
N GLU F 148 -46.73 27.16 -1.85
CA GLU F 148 -45.78 27.60 -2.86
C GLU F 148 -44.44 26.90 -2.74
N ARG F 149 -43.96 26.69 -1.51
CA ARG F 149 -42.68 26.01 -1.33
C ARG F 149 -42.72 24.61 -1.92
N ILE F 150 -43.77 23.86 -1.62
CA ILE F 150 -43.87 22.49 -2.13
C ILE F 150 -44.05 22.52 -3.64
N LEU F 151 -44.79 23.50 -4.15
CA LEU F 151 -44.95 23.61 -5.60
C LEU F 151 -43.60 23.81 -6.28
N LEU F 152 -42.81 24.77 -5.80
CA LEU F 152 -41.50 25.00 -6.40
C LEU F 152 -40.62 23.77 -6.35
N GLN F 153 -40.59 23.09 -5.19
CA GLN F 153 -39.77 21.89 -5.11
C GLN F 153 -40.28 20.80 -6.05
N THR F 154 -41.61 20.65 -6.13
CA THR F 154 -42.16 19.59 -6.97
C THR F 154 -41.89 19.85 -8.45
N ILE F 155 -42.04 21.09 -8.92
CA ILE F 155 -41.78 21.37 -10.33
C ILE F 155 -40.29 21.55 -10.55
N LYS F 156 -39.49 21.25 -9.52
CA LYS F 156 -38.03 21.22 -9.65
C LYS F 156 -37.47 22.57 -10.11
N PHE F 157 -38.16 23.65 -9.78
CA PHE F 157 -37.74 25.00 -10.13
C PHE F 157 -37.51 25.17 -11.62
N ASP F 158 -38.07 24.28 -12.43
CA ASP F 158 -38.07 24.43 -13.89
C ASP F 158 -39.31 25.25 -14.22
N LEU F 159 -39.13 26.57 -14.19
CA LEU F 159 -40.27 27.47 -14.27
C LEU F 159 -40.67 27.85 -15.68
N GLN F 160 -39.77 27.76 -16.65
CA GLN F 160 -40.12 28.10 -18.01
C GLN F 160 -40.94 26.94 -18.58
N VAL F 161 -42.15 27.25 -19.06
CA VAL F 161 -43.01 26.27 -19.70
C VAL F 161 -43.42 26.90 -21.02
N GLU F 162 -43.39 26.13 -22.10
CA GLU F 162 -43.92 26.58 -23.38
C GLU F 162 -45.20 25.84 -23.72
N HIS F 163 -46.07 26.53 -24.45
CA HIS F 163 -47.42 26.06 -24.68
C HIS F 163 -47.76 25.94 -26.16
N PRO F 164 -48.71 25.07 -26.49
CA PRO F 164 -49.03 24.83 -27.92
C PRO F 164 -49.39 26.07 -28.72
N TYR F 165 -49.82 27.14 -28.05
CA TYR F 165 -50.30 28.31 -28.78
C TYR F 165 -49.22 28.87 -29.69
N GLN F 166 -48.01 29.03 -29.16
CA GLN F 166 -46.97 29.71 -29.94
C GLN F 166 -46.72 28.96 -31.24
N PHE F 167 -46.71 27.64 -31.17
CA PHE F 167 -46.38 26.81 -32.32
C PHE F 167 -47.53 26.73 -33.30
N LEU F 168 -48.77 26.70 -32.80
CA LEU F 168 -49.92 26.83 -33.68
C LEU F 168 -49.85 28.10 -34.53
N LEU F 169 -49.45 29.21 -33.92
CA LEU F 169 -49.41 30.48 -34.64
C LEU F 169 -48.20 30.59 -35.54
N LYS F 170 -47.04 30.14 -35.06
CA LYS F 170 -45.83 30.16 -35.87
C LYS F 170 -45.98 29.26 -37.09
N TYR F 171 -46.55 28.08 -36.91
CA TYR F 171 -46.73 27.15 -38.02
C TYR F 171 -47.77 27.69 -38.99
N ALA F 172 -48.86 28.25 -38.45
CA ALA F 172 -49.92 28.77 -39.31
C ALA F 172 -49.44 29.95 -40.14
N LYS F 173 -48.56 30.77 -39.57
CA LYS F 173 -48.12 31.94 -40.31
C LYS F 173 -47.46 31.55 -41.62
N GLN F 174 -46.80 30.40 -41.65
CA GLN F 174 -46.09 29.92 -42.82
C GLN F 174 -47.01 29.34 -43.87
N LEU F 175 -48.30 29.21 -43.56
CA LEU F 175 -49.29 28.78 -44.54
C LEU F 175 -49.75 29.96 -45.37
N LYS F 176 -49.90 29.72 -46.67
CA LYS F 176 -50.32 30.75 -47.62
C LYS F 176 -51.53 30.24 -48.37
N GLY F 177 -52.60 31.04 -48.37
CA GLY F 177 -53.83 30.61 -49.01
C GLY F 177 -54.98 31.52 -48.63
N ASP F 178 -56.19 30.98 -48.80
CA ASP F 178 -57.38 31.74 -48.43
C ASP F 178 -57.27 32.18 -46.97
N LYS F 179 -57.30 33.48 -46.74
CA LYS F 179 -57.12 33.99 -45.38
C LYS F 179 -58.25 33.55 -44.46
N ASN F 180 -59.46 33.40 -44.99
CA ASN F 180 -60.60 33.01 -44.15
C ASN F 180 -60.58 31.53 -43.83
N LYS F 181 -60.22 30.66 -44.78
CA LYS F 181 -60.15 29.25 -44.45
C LYS F 181 -59.04 28.98 -43.44
N ILE F 182 -57.90 29.65 -43.60
CA ILE F 182 -56.80 29.49 -42.65
C ILE F 182 -57.19 30.03 -41.29
N GLN F 183 -57.89 31.17 -41.25
CA GLN F 183 -58.33 31.70 -39.96
C GLN F 183 -59.28 30.73 -39.27
N LYS F 184 -60.19 30.12 -40.02
CA LYS F 184 -61.10 29.16 -39.41
C LYS F 184 -60.32 27.99 -38.82
N LEU F 185 -59.25 27.57 -39.49
CA LEU F 185 -58.41 26.52 -38.95
C LEU F 185 -57.84 26.89 -37.60
N VAL F 186 -57.23 28.08 -37.51
CA VAL F 186 -56.55 28.48 -36.29
C VAL F 186 -57.55 28.57 -35.13
N GLN F 187 -58.70 29.21 -35.37
CA GLN F 187 -59.64 29.41 -34.27
C GLN F 187 -60.12 28.08 -33.71
N MET F 188 -60.44 27.12 -34.58
CA MET F 188 -60.83 25.81 -34.10
C MET F 188 -59.69 25.14 -33.36
N ALA F 189 -58.46 25.24 -33.90
CA ALA F 189 -57.31 24.65 -33.24
C ALA F 189 -57.09 25.29 -31.88
N TRP F 190 -57.15 26.62 -31.81
CA TRP F 190 -57.01 27.31 -30.54
C TRP F 190 -58.02 26.80 -29.54
N THR F 191 -59.27 26.64 -29.97
CA THR F 191 -60.30 26.07 -29.11
C THR F 191 -59.92 24.65 -28.69
N PHE F 192 -59.31 23.89 -29.61
CA PHE F 192 -58.88 22.54 -29.24
C PHE F 192 -57.73 22.56 -28.24
N VAL F 193 -56.83 23.52 -28.36
CA VAL F 193 -55.75 23.63 -27.38
C VAL F 193 -56.33 23.93 -26.01
N ASN F 194 -57.25 24.90 -25.93
CA ASN F 194 -57.86 25.26 -24.66
C ASN F 194 -58.59 24.10 -24.02
N ASP F 195 -59.21 23.23 -24.81
CA ASP F 195 -59.85 22.04 -24.27
C ASP F 195 -58.85 20.96 -23.91
N SER F 196 -57.67 20.98 -24.54
CA SER F 196 -56.66 19.98 -24.22
C SER F 196 -56.03 20.20 -22.85
N LEU F 197 -56.19 21.39 -22.26
CA LEU F 197 -55.58 21.66 -20.97
C LEU F 197 -56.22 20.82 -19.86
N CYS F 198 -57.46 20.38 -20.06
CA CYS F 198 -58.15 19.53 -19.12
C CYS F 198 -57.68 18.09 -19.19
N THR F 199 -56.78 17.77 -20.12
CA THR F 199 -56.32 16.41 -20.32
C THR F 199 -54.87 16.29 -19.90
N THR F 200 -54.41 15.06 -19.85
CA THR F 200 -53.04 14.74 -19.52
C THR F 200 -52.14 14.76 -20.74
N LEU F 201 -52.66 15.20 -21.89
CA LEU F 201 -51.83 15.36 -23.07
C LEU F 201 -50.66 16.30 -22.82
N SER F 202 -50.85 17.33 -21.99
CA SER F 202 -49.75 18.23 -21.65
C SER F 202 -48.58 17.47 -21.02
N LEU F 203 -48.87 16.33 -20.39
CA LEU F 203 -47.86 15.51 -19.72
C LEU F 203 -47.41 14.33 -20.57
N GLN F 204 -47.98 14.15 -21.76
CA GLN F 204 -47.65 13.03 -22.63
C GLN F 204 -46.89 13.42 -23.90
N TRP F 205 -47.26 14.56 -24.49
CA TRP F 205 -46.71 14.99 -25.76
C TRP F 205 -46.24 16.42 -25.63
N GLU F 206 -45.13 16.70 -26.28
CA GLU F 206 -44.53 18.02 -26.27
C GLU F 206 -45.48 19.03 -26.91
N PRO F 207 -45.30 20.32 -26.61
CA PRO F 207 -46.26 21.31 -27.14
C PRO F 207 -46.36 21.34 -28.65
N GLU F 208 -45.21 21.27 -29.33
CA GLU F 208 -45.20 21.31 -30.78
C GLU F 208 -46.05 20.20 -31.38
N ILE F 209 -46.00 19.02 -30.77
CA ILE F 209 -46.79 17.89 -31.28
C ILE F 209 -48.28 18.15 -31.11
N ILE F 210 -48.65 18.71 -29.97
CA ILE F 210 -50.04 19.02 -29.71
C ILE F 210 -50.54 20.09 -30.67
N ALA F 211 -49.68 21.09 -30.97
CA ALA F 211 -50.06 22.14 -31.90
C ALA F 211 -50.37 21.56 -33.28
N VAL F 212 -49.50 20.65 -33.74
CA VAL F 212 -49.75 20.00 -35.02
C VAL F 212 -51.00 19.14 -34.95
N ALA F 213 -51.21 18.46 -33.82
CA ALA F 213 -52.39 17.62 -33.70
C ALA F 213 -53.68 18.44 -33.82
N VAL F 214 -53.74 19.60 -33.17
CA VAL F 214 -54.98 20.37 -33.20
C VAL F 214 -55.18 20.98 -34.58
N MET F 215 -54.11 21.36 -35.26
CA MET F 215 -54.23 21.74 -36.67
C MET F 215 -54.72 20.56 -37.49
N TYR F 216 -54.12 19.39 -37.26
CA TYR F 216 -54.51 18.17 -37.95
C TYR F 216 -55.99 17.88 -37.73
N LEU F 217 -56.45 18.00 -36.49
CA LEU F 217 -57.86 17.79 -36.21
C LEU F 217 -58.70 18.84 -36.90
N ALA F 218 -58.35 20.12 -36.71
CA ALA F 218 -59.12 21.20 -37.33
C ALA F 218 -59.19 21.02 -38.84
N GLY F 219 -58.10 20.55 -39.45
CA GLY F 219 -58.12 20.30 -40.88
C GLY F 219 -59.12 19.23 -41.28
N ARG F 220 -59.11 18.11 -40.57
CA ARG F 220 -60.05 17.04 -40.88
C ARG F 220 -61.50 17.52 -40.75
N LEU F 221 -61.82 18.22 -39.66
CA LEU F 221 -63.20 18.62 -39.43
C LEU F 221 -63.66 19.63 -40.47
N CYS F 222 -62.78 20.56 -40.85
CA CYS F 222 -63.13 21.57 -41.83
C CYS F 222 -62.97 21.09 -43.28
N LYS F 223 -62.65 19.81 -43.47
CA LYS F 223 -62.43 19.27 -44.81
C LYS F 223 -61.35 20.06 -45.54
N PHE F 224 -60.31 20.47 -44.83
CA PHE F 224 -59.21 21.21 -45.43
C PHE F 224 -58.03 20.28 -45.74
N GLU F 225 -57.32 20.62 -46.82
CA GLU F 225 -56.10 19.93 -47.21
C GLU F 225 -54.94 20.86 -46.85
N ILE F 226 -54.44 20.77 -45.60
CA ILE F 226 -53.48 21.78 -45.13
C ILE F 226 -52.24 21.80 -45.99
N GLN F 227 -51.89 20.67 -46.60
CA GLN F 227 -50.65 20.60 -47.38
C GLN F 227 -50.61 21.66 -48.46
N GLU F 228 -51.75 21.95 -49.08
CA GLU F 228 -51.76 22.86 -50.23
C GLU F 228 -51.25 24.24 -49.87
N TRP F 229 -51.45 24.67 -48.62
CA TRP F 229 -50.98 25.95 -48.15
C TRP F 229 -49.51 25.97 -47.76
N THR F 230 -48.87 24.81 -47.68
CA THR F 230 -47.48 24.72 -47.26
C THR F 230 -46.54 24.98 -48.45
N SER F 231 -45.27 25.18 -48.12
CA SER F 231 -44.25 25.37 -49.15
C SER F 231 -44.15 24.15 -50.06
N LYS F 232 -44.40 22.96 -49.53
CA LYS F 232 -44.46 21.74 -50.32
C LYS F 232 -45.92 21.33 -50.49
N PRO F 233 -46.57 21.67 -51.61
CA PRO F 233 -48.02 21.41 -51.72
C PRO F 233 -48.34 19.96 -52.02
N MET F 234 -47.37 19.18 -52.48
CA MET F 234 -47.56 17.78 -52.81
C MET F 234 -47.00 16.84 -51.76
N TYR F 235 -46.56 17.38 -50.63
CA TYR F 235 -46.08 16.59 -49.49
C TYR F 235 -47.27 16.29 -48.59
N ARG F 236 -47.82 15.09 -48.66
CA ARG F 236 -49.05 14.87 -47.90
C ARG F 236 -48.83 14.95 -46.40
N ARG F 237 -47.65 14.54 -45.92
CA ARG F 237 -47.31 14.67 -44.50
C ARG F 237 -46.76 16.06 -44.19
N TRP F 238 -47.70 17.02 -44.14
CA TRP F 238 -47.33 18.41 -43.95
C TRP F 238 -46.69 18.62 -42.59
N TRP F 239 -47.12 17.87 -41.58
CA TRP F 239 -46.59 18.11 -40.24
C TRP F 239 -45.11 17.81 -40.17
N GLU F 240 -44.60 16.99 -41.10
CA GLU F 240 -43.18 16.67 -41.07
C GLU F 240 -42.32 17.89 -41.31
N GLN F 241 -42.88 18.95 -41.90
CA GLN F 241 -42.10 20.16 -42.11
C GLN F 241 -42.07 21.06 -40.89
N PHE F 242 -43.04 20.93 -40.00
CA PHE F 242 -43.09 21.73 -38.79
C PHE F 242 -42.52 20.97 -37.60
N VAL F 243 -42.84 19.69 -37.47
CA VAL F 243 -42.34 18.88 -36.37
C VAL F 243 -41.87 17.55 -36.93
N GLN F 244 -40.57 17.26 -36.82
CA GLN F 244 -40.00 16.04 -37.35
C GLN F 244 -40.22 14.87 -36.40
N ASP F 245 -40.36 13.69 -36.98
CA ASP F 245 -40.45 12.42 -36.24
C ASP F 245 -41.79 12.27 -35.53
N VAL F 246 -42.86 12.76 -36.15
CA VAL F 246 -44.20 12.63 -35.59
C VAL F 246 -44.96 11.59 -36.40
N PRO F 247 -45.34 10.46 -35.79
CA PRO F 247 -46.15 9.47 -36.51
C PRO F 247 -47.61 9.90 -36.55
N VAL F 248 -48.32 9.35 -37.54
CA VAL F 248 -49.75 9.63 -37.64
C VAL F 248 -50.48 9.12 -36.41
N ASP F 249 -50.01 7.98 -35.86
CA ASP F 249 -50.63 7.39 -34.68
C ASP F 249 -50.75 8.42 -33.57
N VAL F 250 -49.65 9.15 -33.33
CA VAL F 250 -49.62 10.11 -32.25
C VAL F 250 -50.69 11.17 -32.47
N LEU F 251 -50.75 11.72 -33.68
CA LEU F 251 -51.76 12.72 -33.99
C LEU F 251 -53.16 12.16 -33.80
N GLU F 252 -53.38 10.89 -34.15
CA GLU F 252 -54.69 10.31 -33.97
C GLU F 252 -55.01 10.05 -32.50
N ASP F 253 -54.02 9.61 -31.73
CA ASP F 253 -54.25 9.43 -30.31
C ASP F 253 -54.64 10.75 -29.67
N ILE F 254 -53.91 11.81 -29.99
CA ILE F 254 -54.22 13.12 -29.43
C ILE F 254 -55.58 13.59 -29.91
N CYS F 255 -55.84 13.45 -31.20
CA CYS F 255 -57.16 13.81 -31.71
C CYS F 255 -58.25 13.03 -30.97
N HIS F 256 -58.05 11.72 -30.81
CA HIS F 256 -59.03 10.90 -30.11
C HIS F 256 -59.29 11.43 -28.71
N GLN F 257 -58.21 11.72 -27.96
CA GLN F 257 -58.36 12.21 -26.59
C GLN F 257 -59.08 13.55 -26.56
N ILE F 258 -58.82 14.41 -27.54
CA ILE F 258 -59.50 15.70 -27.57
C ILE F 258 -60.98 15.53 -27.85
N LEU F 259 -61.32 14.72 -28.86
CA LEU F 259 -62.73 14.52 -29.21
C LEU F 259 -63.51 13.81 -28.12
N ASP F 260 -62.84 13.07 -27.25
CA ASP F 260 -63.52 12.39 -26.16
C ASP F 260 -64.22 13.39 -25.22
N LEU F 261 -63.56 14.51 -24.93
CA LEU F 261 -64.17 15.52 -24.06
C LEU F 261 -65.50 16.00 -24.61
N TYR F 262 -65.57 16.20 -25.92
CA TYR F 262 -66.78 16.70 -26.56
C TYR F 262 -67.91 15.68 -26.45
N SER F 263 -67.60 14.39 -26.64
CA SER F 263 -68.63 13.37 -26.55
C SER F 263 -69.11 13.17 -25.11
N GLN F 264 -68.19 13.16 -24.15
CA GLN F 264 -68.57 12.99 -22.75
C GLN F 264 -69.35 14.21 -22.26
N GLY F 265 -68.87 15.42 -22.54
CA GLY F 265 -69.52 16.61 -22.03
C GLY F 265 -70.80 16.92 -22.77
N LYS F 266 -71.28 18.14 -22.55
CA LYS F 266 -72.47 18.59 -23.27
C LYS F 266 -72.09 19.32 -24.53
N GLN F 267 -70.91 19.93 -24.54
CA GLN F 267 -70.41 20.63 -25.71
C GLN F 267 -70.14 19.65 -26.84
N GLN F 268 -70.31 20.13 -28.07
CA GLN F 268 -70.11 19.37 -29.30
C GLN F 268 -69.00 20.07 -30.09
N MET F 269 -68.51 19.41 -31.13
CA MET F 269 -67.37 19.91 -31.87
C MET F 269 -67.60 21.36 -32.30
N PRO F 270 -66.58 22.22 -32.22
CA PRO F 270 -66.83 23.66 -32.45
C PRO F 270 -67.40 23.99 -33.83
N HIS F 271 -66.87 23.39 -34.87
CA HIS F 271 -67.27 23.68 -36.24
C HIS F 271 -67.75 25.12 -36.45
N MET G 5 -39.39 -44.74 23.26
CA MET G 5 -38.27 -44.18 24.08
C MET G 5 -38.60 -42.78 24.59
N SER G 6 -39.44 -42.04 23.87
CA SER G 6 -39.94 -40.75 24.34
C SER G 6 -41.47 -40.81 24.30
N TYR G 7 -42.12 -40.15 25.25
CA TYR G 7 -43.57 -40.22 25.40
C TYR G 7 -44.12 -38.81 25.54
N ASN G 8 -45.00 -38.42 24.62
CA ASN G 8 -45.53 -37.06 24.59
C ASN G 8 -47.02 -37.06 24.22
N TYR G 9 -47.65 -35.91 24.46
CA TYR G 9 -49.09 -35.71 24.36
C TYR G 9 -49.39 -34.42 23.63
N VAL G 10 -50.33 -34.47 22.67
CA VAL G 10 -50.72 -33.31 21.87
C VAL G 10 -52.24 -33.17 21.96
N VAL G 11 -52.69 -31.98 22.38
CA VAL G 11 -54.10 -31.66 22.48
C VAL G 11 -54.34 -30.34 21.79
N THR G 12 -55.53 -30.17 21.25
CA THR G 12 -55.91 -28.94 20.59
C THR G 12 -56.55 -28.01 21.62
N ALA G 13 -55.95 -26.83 21.79
CA ALA G 13 -56.51 -25.83 22.69
C ALA G 13 -57.55 -24.96 21.99
N GLN G 14 -57.28 -24.54 20.76
CA GLN G 14 -58.21 -23.79 19.94
C GLN G 14 -58.21 -24.43 18.56
N LYS G 15 -59.40 -24.71 18.06
CA LYS G 15 -59.56 -25.39 16.80
C LYS G 15 -59.21 -24.47 15.65
N PRO G 16 -59.00 -25.03 14.45
CA PRO G 16 -58.74 -24.18 13.28
C PRO G 16 -59.82 -23.12 13.08
N THR G 17 -59.36 -21.89 12.85
CA THR G 17 -60.26 -20.76 12.66
C THR G 17 -60.37 -20.29 11.21
N ALA G 18 -59.38 -20.59 10.38
CA ALA G 18 -59.37 -20.14 9.00
C ALA G 18 -60.29 -21.01 8.15
N VAL G 19 -60.95 -20.38 7.19
CA VAL G 19 -61.90 -21.06 6.31
C VAL G 19 -61.18 -21.47 5.04
N ASN G 20 -61.19 -22.77 4.75
CA ASN G 20 -60.60 -23.32 3.54
C ASN G 20 -61.59 -23.42 2.40
N GLY G 21 -62.88 -23.59 2.70
CA GLY G 21 -63.88 -23.73 1.67
C GLY G 21 -65.29 -23.62 2.24
N CYS G 22 -66.22 -23.29 1.35
CA CYS G 22 -67.61 -23.05 1.72
C CYS G 22 -68.56 -23.41 0.59
N VAL G 23 -69.64 -24.11 0.95
CA VAL G 23 -70.69 -24.47 -0.01
C VAL G 23 -72.06 -24.23 0.60
N THR G 24 -73.03 -23.96 -0.27
CA THR G 24 -74.44 -23.84 0.09
C THR G 24 -75.23 -24.89 -0.68
N GLY G 25 -76.23 -25.46 -0.03
CA GLY G 25 -77.06 -26.46 -0.65
C GLY G 25 -78.17 -26.88 0.27
N HIS G 26 -78.76 -28.04 -0.04
CA HIS G 26 -79.90 -28.57 0.71
C HIS G 26 -79.51 -29.92 1.28
N PHE G 27 -78.60 -29.90 2.26
CA PHE G 27 -77.97 -31.08 2.82
C PHE G 27 -78.76 -31.66 4.00
N THR G 28 -79.19 -30.82 4.94
CA THR G 28 -79.88 -31.32 6.12
C THR G 28 -81.33 -31.70 5.80
N SER G 29 -81.99 -30.94 4.92
CA SER G 29 -83.35 -31.24 4.50
C SER G 29 -83.55 -30.62 3.13
N ALA G 30 -84.44 -31.21 2.33
CA ALA G 30 -84.68 -30.67 0.99
C ALA G 30 -85.20 -29.25 1.03
N GLU G 31 -85.79 -28.82 2.15
CA GLU G 31 -86.34 -27.48 2.26
C GLU G 31 -85.35 -26.45 2.77
N ASP G 32 -84.53 -26.80 3.77
CA ASP G 32 -83.63 -25.82 4.37
C ASP G 32 -82.52 -25.44 3.39
N LEU G 33 -82.08 -24.20 3.49
CA LEU G 33 -80.89 -23.72 2.79
C LEU G 33 -79.73 -23.75 3.78
N ASN G 34 -78.70 -24.52 3.46
CA ASN G 34 -77.59 -24.78 4.37
C ASN G 34 -76.32 -24.09 3.87
N LEU G 35 -75.44 -23.79 4.82
CA LEU G 35 -74.08 -23.35 4.54
C LEU G 35 -73.12 -24.29 5.25
N LEU G 36 -72.32 -25.02 4.48
CA LEU G 36 -71.29 -25.90 5.03
C LEU G 36 -69.95 -25.19 4.93
N ILE G 37 -69.39 -24.81 6.09
CA ILE G 37 -68.09 -24.16 6.18
C ILE G 37 -67.05 -25.21 6.59
N ALA G 38 -65.93 -25.24 5.87
CA ALA G 38 -64.86 -26.19 6.13
C ALA G 38 -63.64 -25.45 6.65
N LYS G 39 -63.18 -25.82 7.84
CA LYS G 39 -61.88 -25.44 8.37
C LYS G 39 -61.06 -26.72 8.42
N ASN G 40 -59.74 -26.60 8.47
CA ASN G 40 -58.93 -27.80 8.33
C ASN G 40 -59.38 -28.82 9.37
N THR G 41 -59.87 -29.97 8.91
CA THR G 41 -60.29 -31.12 9.72
C THR G 41 -61.66 -30.93 10.36
N ARG G 42 -62.32 -29.78 10.20
CA ARG G 42 -63.60 -29.52 10.86
C ARG G 42 -64.65 -29.16 9.81
N LEU G 43 -65.82 -29.79 9.89
CA LEU G 43 -66.95 -29.47 9.02
C LEU G 43 -68.01 -28.82 9.87
N GLU G 44 -68.40 -27.59 9.52
CA GLU G 44 -69.41 -26.85 10.23
C GLU G 44 -70.64 -26.74 9.35
N ILE G 45 -71.80 -27.14 9.88
CA ILE G 45 -73.06 -27.13 9.17
C ILE G 45 -73.96 -26.05 9.79
N TYR G 46 -74.51 -25.20 8.94
CA TYR G 46 -75.40 -24.14 9.38
C TYR G 46 -76.70 -24.23 8.58
N VAL G 47 -77.72 -23.55 9.08
CA VAL G 47 -78.96 -23.36 8.33
C VAL G 47 -79.16 -21.86 8.12
N VAL G 48 -79.41 -21.48 6.87
CA VAL G 48 -79.55 -20.08 6.51
C VAL G 48 -80.94 -19.61 6.92
N THR G 49 -80.97 -18.58 7.75
CA THR G 49 -82.20 -17.95 8.19
C THR G 49 -82.27 -16.53 7.63
N ALA G 50 -83.35 -15.84 7.94
CA ALA G 50 -83.47 -14.45 7.55
C ALA G 50 -82.58 -13.55 8.40
N GLU G 51 -82.17 -14.01 9.58
CA GLU G 51 -81.36 -13.23 10.51
C GLU G 51 -79.86 -13.40 10.30
N GLY G 52 -79.44 -14.62 9.98
CA GLY G 52 -78.02 -14.94 9.87
C GLY G 52 -77.86 -16.44 9.69
N LEU G 53 -76.97 -17.05 10.46
CA LEU G 53 -76.70 -18.48 10.37
C LEU G 53 -77.07 -19.15 11.67
N ARG G 54 -77.73 -20.31 11.57
CA ARG G 54 -78.11 -21.10 12.73
C ARG G 54 -77.29 -22.38 12.75
N PRO G 55 -76.41 -22.59 13.74
CA PRO G 55 -75.61 -23.83 13.75
C PRO G 55 -76.47 -25.07 13.95
N VAL G 56 -76.02 -26.18 13.33
CA VAL G 56 -76.76 -27.44 13.35
C VAL G 56 -75.91 -28.57 13.93
N LYS G 57 -74.66 -28.70 13.50
CA LYS G 57 -73.80 -29.80 13.88
C LYS G 57 -72.39 -29.46 13.42
N GLU G 58 -71.42 -29.88 14.23
CA GLU G 58 -70.03 -29.81 13.83
C GLU G 58 -69.41 -31.19 14.07
N VAL G 59 -68.69 -31.68 13.08
CA VAL G 59 -68.00 -32.96 13.18
C VAL G 59 -66.53 -32.69 12.86
N GLY G 60 -65.67 -33.52 13.42
CA GLY G 60 -64.28 -33.57 13.02
C GLY G 60 -64.07 -34.73 12.08
N MET G 61 -63.08 -34.59 11.21
CA MET G 61 -62.68 -35.66 10.31
C MET G 61 -61.21 -35.96 10.53
N TYR G 62 -60.86 -37.23 10.36
CA TYR G 62 -59.48 -37.68 10.48
C TYR G 62 -58.74 -37.46 9.15
N GLY G 63 -58.61 -36.18 8.78
CA GLY G 63 -58.02 -35.80 7.51
C GLY G 63 -58.23 -34.32 7.20
N LYS G 64 -57.30 -33.72 6.46
CA LYS G 64 -57.46 -32.34 6.01
C LYS G 64 -58.44 -32.30 4.84
N ILE G 65 -59.45 -31.45 4.94
CA ILE G 65 -60.49 -31.40 3.91
C ILE G 65 -59.92 -30.68 2.69
N ALA G 66 -59.82 -31.40 1.57
CA ALA G 66 -59.30 -30.80 0.33
C ALA G 66 -60.42 -30.44 -0.65
N VAL G 67 -61.36 -31.35 -0.88
CA VAL G 67 -62.50 -31.12 -1.76
C VAL G 67 -63.77 -31.35 -0.95
N MET G 68 -64.67 -30.38 -1.00
CA MET G 68 -65.98 -30.47 -0.36
C MET G 68 -67.00 -29.95 -1.35
N GLU G 69 -67.91 -30.82 -1.79
CA GLU G 69 -68.91 -30.42 -2.77
C GLU G 69 -70.22 -31.13 -2.49
N LEU G 70 -71.31 -30.43 -2.79
CA LEU G 70 -72.65 -30.96 -2.58
C LEU G 70 -73.30 -31.34 -3.91
N PHE G 71 -73.94 -32.50 -3.94
CA PHE G 71 -74.57 -33.03 -5.13
C PHE G 71 -75.84 -33.80 -4.73
N ARG G 72 -76.74 -33.94 -5.70
CA ARG G 72 -78.02 -34.62 -5.50
C ARG G 72 -78.31 -35.59 -6.64
N PRO G 73 -77.99 -36.87 -6.47
CA PRO G 73 -78.27 -37.83 -7.55
C PRO G 73 -79.76 -38.12 -7.65
N LYS G 74 -80.19 -38.47 -8.85
CA LYS G 74 -81.59 -38.79 -9.10
C LYS G 74 -82.08 -39.83 -8.12
N GLY G 75 -83.21 -39.53 -7.46
CA GLY G 75 -83.80 -40.42 -6.49
C GLY G 75 -83.59 -40.03 -5.05
N GLU G 76 -82.66 -39.13 -4.77
CA GLU G 76 -82.41 -38.70 -3.40
C GLU G 76 -83.37 -37.57 -3.06
N SER G 77 -83.84 -37.56 -1.81
CA SER G 77 -84.74 -36.50 -1.36
C SER G 77 -83.99 -35.20 -1.13
N LYS G 78 -82.70 -35.28 -0.82
CA LYS G 78 -81.93 -34.11 -0.45
C LYS G 78 -80.48 -34.32 -0.86
N ASP G 79 -79.67 -33.27 -0.70
CA ASP G 79 -78.29 -33.27 -1.15
C ASP G 79 -77.42 -34.22 -0.32
N LEU G 80 -76.44 -34.80 -0.99
CA LEU G 80 -75.38 -35.56 -0.36
C LEU G 80 -74.08 -34.76 -0.42
N LEU G 81 -73.13 -35.12 0.45
CA LEU G 81 -71.87 -34.41 0.57
C LEU G 81 -70.71 -35.29 0.15
N PHE G 82 -69.87 -34.76 -0.75
CA PHE G 82 -68.64 -35.43 -1.13
C PHE G 82 -67.45 -34.72 -0.49
N ILE G 83 -66.54 -35.50 0.09
CA ILE G 83 -65.32 -34.96 0.68
C ILE G 83 -64.14 -35.86 0.31
N LEU G 84 -63.02 -35.23 -0.05
CA LEU G 84 -61.76 -35.91 -0.30
C LEU G 84 -60.69 -35.24 0.56
N THR G 85 -59.95 -36.04 1.32
CA THR G 85 -58.95 -35.47 2.20
C THR G 85 -57.59 -35.33 1.50
N ALA G 86 -56.69 -34.60 2.14
CA ALA G 86 -55.36 -34.38 1.58
C ALA G 86 -54.54 -35.65 1.46
N LYS G 87 -54.88 -36.69 2.22
CA LYS G 87 -54.28 -38.01 2.08
C LYS G 87 -55.08 -38.91 1.14
N TYR G 88 -56.06 -38.35 0.41
CA TYR G 88 -56.82 -39.06 -0.63
C TYR G 88 -57.87 -40.01 -0.05
N ASN G 89 -58.42 -39.67 1.12
CA ASN G 89 -59.57 -40.38 1.67
C ASN G 89 -60.84 -39.78 1.09
N ALA G 90 -61.60 -40.59 0.35
CA ALA G 90 -62.85 -40.14 -0.24
C ALA G 90 -64.04 -40.71 0.50
N CYS G 91 -65.14 -39.96 0.52
CA CYS G 91 -66.36 -40.44 1.15
C CYS G 91 -67.54 -39.62 0.65
N ILE G 92 -68.71 -40.24 0.65
CA ILE G 92 -69.98 -39.57 0.40
C ILE G 92 -70.79 -39.64 1.67
N LEU G 93 -71.26 -38.49 2.13
CA LEU G 93 -71.87 -38.36 3.45
C LEU G 93 -73.32 -37.96 3.29
N GLU G 94 -74.14 -38.43 4.23
CA GLU G 94 -75.54 -38.10 4.29
C GLU G 94 -75.82 -37.59 5.69
N TYR G 95 -76.57 -36.50 5.77
CA TYR G 95 -77.04 -36.00 7.05
C TYR G 95 -78.30 -36.77 7.44
N LYS G 96 -78.31 -37.32 8.65
CA LYS G 96 -79.47 -38.06 9.12
C LYS G 96 -79.72 -37.71 10.58
N GLN G 97 -80.93 -37.25 10.87
CA GLN G 97 -81.34 -36.81 12.20
C GLN G 97 -82.70 -37.39 12.54
N SER G 98 -82.78 -38.02 13.71
CA SER G 98 -84.03 -38.58 14.24
C SER G 98 -84.23 -38.04 15.65
N GLY G 99 -85.09 -37.03 15.78
CA GLY G 99 -85.25 -36.32 17.05
C GLY G 99 -84.05 -35.46 17.37
N GLU G 100 -83.46 -35.64 18.56
CA GLU G 100 -82.32 -34.83 18.96
C GLU G 100 -80.99 -35.44 18.53
N SER G 101 -81.00 -36.68 18.05
CA SER G 101 -79.78 -37.42 17.72
C SER G 101 -79.37 -37.11 16.29
N ILE G 102 -78.21 -36.49 16.13
CA ILE G 102 -77.70 -36.13 14.81
C ILE G 102 -76.53 -37.05 14.47
N ASP G 103 -76.58 -37.61 13.28
CA ASP G 103 -75.53 -38.47 12.77
C ASP G 103 -75.16 -37.99 11.38
N ILE G 104 -73.94 -38.28 10.94
CA ILE G 104 -73.54 -38.11 9.56
C ILE G 104 -73.15 -39.49 9.07
N ILE G 105 -73.91 -39.98 8.11
CA ILE G 105 -73.81 -41.38 7.67
C ILE G 105 -72.85 -41.42 6.49
N THR G 106 -71.93 -42.37 6.52
CA THR G 106 -70.98 -42.58 5.43
C THR G 106 -71.59 -43.61 4.48
N ARG G 107 -72.10 -43.15 3.34
CA ARG G 107 -72.73 -44.04 2.38
C ARG G 107 -71.71 -44.74 1.50
N ALA G 108 -70.59 -44.09 1.21
CA ALA G 108 -69.54 -44.68 0.40
C ALA G 108 -68.20 -44.14 0.90
N HIS G 109 -67.15 -44.96 0.79
CA HIS G 109 -65.85 -44.49 1.23
C HIS G 109 -64.77 -45.33 0.57
N GLY G 110 -63.59 -44.74 0.44
CA GLY G 110 -62.45 -45.42 -0.14
C GLY G 110 -61.31 -44.44 -0.30
N ASN G 111 -60.15 -44.99 -0.63
CA ASN G 111 -58.94 -44.21 -0.84
C ASN G 111 -58.58 -44.23 -2.32
N VAL G 112 -58.40 -43.06 -2.91
CA VAL G 112 -58.24 -42.94 -4.36
C VAL G 112 -56.78 -42.72 -4.76
N GLN G 113 -55.84 -42.95 -3.85
CA GLN G 113 -54.43 -42.71 -4.17
C GLN G 113 -53.96 -43.71 -5.22
N ASP G 114 -53.19 -43.22 -6.19
CA ASP G 114 -52.58 -44.06 -7.19
C ASP G 114 -51.16 -44.43 -6.79
N ARG G 115 -50.78 -45.67 -7.08
CA ARG G 115 -49.43 -46.10 -6.76
C ARG G 115 -48.39 -45.22 -7.43
N ILE G 116 -48.64 -44.82 -8.68
CA ILE G 116 -47.70 -44.03 -9.44
C ILE G 116 -48.41 -42.81 -9.98
N GLY G 117 -47.88 -41.64 -9.67
CA GLY G 117 -48.41 -40.39 -10.19
C GLY G 117 -47.60 -39.22 -9.67
N ARG G 118 -47.62 -38.13 -10.44
CA ARG G 118 -46.95 -36.90 -10.02
C ARG G 118 -48.00 -35.92 -9.50
N PRO G 119 -47.95 -35.55 -8.21
CA PRO G 119 -48.92 -34.56 -7.70
C PRO G 119 -48.86 -33.27 -8.51
N SER G 120 -50.05 -32.73 -8.82
CA SER G 120 -50.16 -31.59 -9.71
C SER G 120 -49.80 -30.29 -9.01
N GLU G 121 -49.37 -29.31 -9.81
CA GLU G 121 -48.91 -28.03 -9.27
C GLU G 121 -50.04 -27.24 -8.65
N THR G 122 -51.21 -27.17 -9.30
CA THR G 122 -52.31 -26.38 -8.77
C THR G 122 -53.22 -27.16 -7.81
N GLY G 123 -52.78 -28.33 -7.36
CA GLY G 123 -53.44 -29.05 -6.28
C GLY G 123 -54.65 -29.90 -6.68
N ILE G 124 -55.19 -30.59 -5.67
CA ILE G 124 -56.33 -31.48 -5.88
C ILE G 124 -57.50 -30.65 -6.36
N ILE G 125 -58.15 -31.11 -7.43
CA ILE G 125 -59.39 -30.49 -7.91
C ILE G 125 -60.47 -31.56 -7.93
N GLY G 126 -61.64 -31.20 -7.42
CA GLY G 126 -62.77 -32.09 -7.45
C GLY G 126 -63.99 -31.41 -8.02
N ILE G 127 -64.62 -32.05 -9.00
CA ILE G 127 -65.79 -31.52 -9.69
C ILE G 127 -66.78 -32.66 -9.84
N ILE G 128 -68.06 -32.32 -9.93
CA ILE G 128 -69.11 -33.32 -10.06
C ILE G 128 -69.98 -32.95 -11.25
N ASP G 129 -70.36 -33.96 -12.02
CA ASP G 129 -71.14 -33.76 -13.22
C ASP G 129 -72.49 -33.12 -12.87
N PRO G 130 -73.03 -32.26 -13.73
CA PRO G 130 -74.36 -31.69 -13.45
C PRO G 130 -75.44 -32.74 -13.31
N GLU G 131 -75.32 -33.87 -14.00
CA GLU G 131 -76.27 -34.96 -13.89
C GLU G 131 -75.93 -35.93 -12.76
N CYS G 132 -74.95 -35.61 -11.92
CA CYS G 132 -74.52 -36.49 -10.84
C CYS G 132 -74.28 -37.90 -11.40
N ARG G 133 -73.64 -37.95 -12.56
CA ARG G 133 -73.24 -39.20 -13.19
C ARG G 133 -71.87 -39.66 -12.73
N MET G 134 -71.01 -38.73 -12.35
CA MET G 134 -69.65 -39.07 -11.97
C MET G 134 -69.03 -37.94 -11.16
N ILE G 135 -67.96 -38.29 -10.45
CA ILE G 135 -67.09 -37.34 -9.77
C ILE G 135 -65.78 -37.31 -10.54
N GLY G 136 -65.36 -36.11 -10.97
CA GLY G 136 -64.07 -35.93 -11.61
C GLY G 136 -63.05 -35.44 -10.61
N LEU G 137 -61.87 -36.06 -10.63
CA LEU G 137 -60.77 -35.67 -9.76
C LEU G 137 -59.52 -35.42 -10.59
N ARG G 138 -58.85 -34.29 -10.38
CA ARG G 138 -57.54 -34.03 -10.97
C ARG G 138 -56.55 -34.13 -9.82
N LEU G 139 -55.95 -35.31 -9.68
CA LEU G 139 -54.99 -35.55 -8.61
C LEU G 139 -53.55 -35.49 -9.08
N TYR G 140 -53.25 -36.00 -10.26
CA TYR G 140 -51.88 -36.09 -10.77
C TYR G 140 -51.83 -35.48 -12.16
N ASP G 141 -50.69 -34.90 -12.49
CA ASP G 141 -50.47 -34.38 -13.83
C ASP G 141 -50.58 -35.51 -14.85
N GLY G 142 -51.32 -35.25 -15.92
CA GLY G 142 -51.44 -36.19 -17.02
C GLY G 142 -52.46 -37.30 -16.84
N LEU G 143 -53.18 -37.34 -15.73
CA LEU G 143 -54.18 -38.35 -15.47
C LEU G 143 -55.44 -37.72 -14.88
N PHE G 144 -56.58 -38.23 -15.34
CA PHE G 144 -57.90 -37.82 -14.87
C PHE G 144 -58.60 -39.02 -14.27
N LYS G 145 -59.05 -38.89 -13.03
CA LYS G 145 -59.69 -39.99 -12.31
C LYS G 145 -61.20 -39.79 -12.30
N VAL G 146 -61.95 -40.83 -12.63
CA VAL G 146 -63.41 -40.80 -12.66
C VAL G 146 -63.94 -41.81 -11.65
N ILE G 147 -64.70 -41.33 -10.68
CA ILE G 147 -65.50 -42.19 -9.82
C ILE G 147 -66.93 -42.18 -10.35
N PRO G 148 -67.41 -43.26 -10.97
CA PRO G 148 -68.80 -43.25 -11.46
C PRO G 148 -69.79 -43.32 -10.29
N LEU G 149 -70.85 -42.52 -10.39
CA LEU G 149 -71.84 -42.41 -9.33
C LEU G 149 -72.95 -43.45 -9.54
N ASP G 150 -72.57 -44.71 -9.39
CA ASP G 150 -73.53 -45.82 -9.34
C ASP G 150 -73.99 -45.99 -7.91
N ARG G 151 -75.24 -46.44 -7.75
CA ARG G 151 -75.77 -46.63 -6.41
C ARG G 151 -74.99 -47.69 -5.64
N ASP G 152 -74.42 -48.66 -6.34
CA ASP G 152 -73.71 -49.76 -5.70
C ASP G 152 -72.23 -49.47 -5.46
N ASN G 153 -71.71 -48.36 -5.96
CA ASN G 153 -70.27 -48.07 -5.85
C ASN G 153 -69.93 -47.53 -4.46
N LYS G 154 -70.19 -48.35 -3.44
CA LYS G 154 -69.96 -47.97 -2.05
C LYS G 154 -68.49 -47.97 -1.67
N GLU G 155 -67.61 -48.58 -2.48
CA GLU G 155 -66.17 -48.51 -2.24
C GLU G 155 -65.49 -47.41 -3.06
N LEU G 156 -66.25 -46.63 -3.82
CA LEU G 156 -65.71 -45.53 -4.64
C LEU G 156 -64.56 -46.02 -5.51
N LYS G 157 -64.79 -47.15 -6.19
CA LYS G 157 -63.82 -47.64 -7.17
C LYS G 157 -63.79 -46.67 -8.35
N ALA G 158 -62.60 -46.53 -8.95
CA ALA G 158 -62.42 -45.52 -9.98
C ALA G 158 -61.39 -45.98 -11.00
N PHE G 159 -61.41 -45.33 -12.16
CA PHE G 159 -60.50 -45.61 -13.25
C PHE G 159 -59.90 -44.28 -13.69
N ASN G 160 -58.72 -44.34 -14.30
CA ASN G 160 -58.04 -43.13 -14.76
C ASN G 160 -58.07 -43.06 -16.28
N ILE G 161 -58.35 -41.86 -16.78
CA ILE G 161 -58.32 -41.55 -18.20
C ILE G 161 -57.08 -40.71 -18.45
N ARG G 162 -56.28 -41.12 -19.42
CA ARG G 162 -55.05 -40.38 -19.72
C ARG G 162 -55.37 -38.97 -20.20
N LEU G 163 -54.62 -38.00 -19.67
CA LEU G 163 -54.79 -36.61 -20.03
C LEU G 163 -53.54 -36.21 -20.80
N GLU G 164 -53.72 -35.84 -22.06
CA GLU G 164 -52.58 -35.46 -22.87
C GLU G 164 -51.92 -34.20 -22.33
N GLU G 165 -52.74 -33.24 -21.91
CA GLU G 165 -52.27 -31.94 -21.41
C GLU G 165 -51.81 -32.10 -19.98
N LEU G 166 -50.49 -32.07 -19.78
CA LEU G 166 -49.93 -32.45 -18.50
C LEU G 166 -50.13 -31.38 -17.42
N HIS G 167 -50.00 -30.09 -17.78
CA HIS G 167 -50.06 -29.01 -16.80
C HIS G 167 -51.44 -28.35 -16.91
N VAL G 168 -52.35 -28.76 -16.02
CA VAL G 168 -53.72 -28.27 -16.01
C VAL G 168 -53.89 -27.27 -14.88
N ILE G 169 -54.44 -26.11 -15.21
CA ILE G 169 -54.63 -25.07 -14.19
C ILE G 169 -55.94 -25.26 -13.45
N ASP G 170 -57.05 -25.32 -14.19
CA ASP G 170 -58.35 -25.49 -13.54
C ASP G 170 -59.32 -26.21 -14.47
N VAL G 171 -60.27 -26.93 -13.87
CA VAL G 171 -61.26 -27.70 -14.64
C VAL G 171 -62.63 -27.66 -13.98
N LYS G 172 -63.67 -27.67 -14.82
CA LYS G 172 -65.06 -27.76 -14.39
C LYS G 172 -65.81 -28.68 -15.35
N PHE G 173 -66.89 -29.29 -14.86
CA PHE G 173 -67.83 -29.97 -15.76
C PHE G 173 -68.72 -28.90 -16.38
N LEU G 174 -68.93 -28.97 -17.69
CA LEU G 174 -69.71 -27.92 -18.32
C LEU G 174 -71.21 -28.24 -18.24
N TYR G 175 -72.03 -27.22 -18.48
CA TYR G 175 -73.48 -27.32 -18.37
C TYR G 175 -74.12 -27.35 -19.75
N GLY G 176 -75.27 -28.03 -19.82
CA GLY G 176 -76.05 -28.00 -21.04
C GLY G 176 -75.46 -28.78 -22.19
N CYS G 177 -74.75 -29.87 -21.89
CA CYS G 177 -74.09 -30.64 -22.92
C CYS G 177 -74.77 -31.97 -23.14
N GLN G 178 -74.67 -32.43 -24.39
CA GLN G 178 -75.31 -33.66 -24.80
C GLN G 178 -74.73 -34.87 -24.05
N ALA G 179 -73.46 -34.79 -23.68
CA ALA G 179 -72.76 -35.77 -22.84
C ALA G 179 -71.96 -35.04 -21.77
N PRO G 180 -71.52 -35.75 -20.74
CA PRO G 180 -70.61 -35.13 -19.76
C PRO G 180 -69.38 -34.52 -20.43
N THR G 181 -69.13 -33.24 -20.13
CA THR G 181 -68.04 -32.49 -20.73
C THR G 181 -67.21 -31.77 -19.67
N ILE G 182 -65.89 -31.81 -19.83
CA ILE G 182 -64.95 -31.09 -18.97
C ILE G 182 -64.36 -29.93 -19.75
N CYS G 183 -64.17 -28.79 -19.07
CA CYS G 183 -63.49 -27.63 -19.63
C CYS G 183 -62.30 -27.28 -18.76
N PHE G 184 -61.12 -27.13 -19.36
CA PHE G 184 -59.93 -26.84 -18.57
C PHE G 184 -59.03 -25.83 -19.26
N VAL G 185 -58.36 -25.02 -18.43
CA VAL G 185 -57.26 -24.18 -18.86
C VAL G 185 -55.99 -24.96 -18.56
N TYR G 186 -55.14 -25.14 -19.56
CA TYR G 186 -53.90 -25.87 -19.40
C TYR G 186 -52.77 -25.01 -19.94
N GLN G 187 -51.56 -25.33 -19.53
CA GLN G 187 -50.40 -24.57 -19.95
C GLN G 187 -49.37 -25.50 -20.58
N ASP G 188 -48.85 -25.10 -21.71
CA ASP G 188 -47.76 -25.76 -22.41
C ASP G 188 -46.78 -24.69 -22.86
N PRO G 189 -45.71 -25.05 -23.56
CA PRO G 189 -44.72 -24.02 -23.94
C PRO G 189 -45.29 -22.93 -24.84
N GLN G 190 -46.41 -23.18 -25.50
CA GLN G 190 -46.98 -22.24 -26.45
C GLN G 190 -47.91 -21.21 -25.82
N GLY G 191 -48.04 -21.23 -24.48
CA GLY G 191 -48.94 -20.33 -23.80
C GLY G 191 -49.98 -21.11 -23.01
N ARG G 192 -51.10 -20.49 -22.70
CA ARG G 192 -52.21 -21.18 -22.06
C ARG G 192 -53.37 -21.28 -23.04
N HIS G 193 -54.10 -22.39 -22.94
CA HIS G 193 -55.21 -22.66 -23.84
C HIS G 193 -56.36 -23.28 -23.07
N VAL G 194 -57.54 -23.24 -23.68
CA VAL G 194 -58.73 -23.88 -23.15
C VAL G 194 -59.18 -24.97 -24.13
N LYS G 195 -59.55 -26.13 -23.58
CA LYS G 195 -59.88 -27.30 -24.37
C LYS G 195 -61.04 -28.02 -23.69
N THR G 196 -61.79 -28.79 -24.47
CA THR G 196 -62.90 -29.57 -23.96
C THR G 196 -62.72 -31.04 -24.33
N TYR G 197 -63.18 -31.89 -23.42
CA TYR G 197 -63.26 -33.33 -23.68
C TYR G 197 -64.62 -33.81 -23.21
N GLU G 198 -65.07 -34.92 -23.77
CA GLU G 198 -66.28 -35.60 -23.32
C GLU G 198 -65.88 -36.91 -22.63
N VAL G 199 -66.53 -37.20 -21.52
CA VAL G 199 -66.15 -38.33 -20.68
C VAL G 199 -67.13 -39.47 -20.96
N SER G 200 -66.60 -40.61 -21.37
CA SER G 200 -67.39 -41.80 -21.65
C SER G 200 -67.15 -42.78 -20.52
N LEU G 201 -68.16 -42.95 -19.66
CA LEU G 201 -68.06 -43.97 -18.61
C LEU G 201 -68.02 -45.37 -19.22
N ARG G 202 -68.71 -45.58 -20.33
CA ARG G 202 -68.76 -46.90 -20.96
C ARG G 202 -67.41 -47.26 -21.57
N GLU G 203 -66.82 -46.35 -22.33
CA GLU G 203 -65.54 -46.60 -22.99
C GLU G 203 -64.36 -46.31 -22.08
N LYS G 204 -64.57 -45.62 -20.96
CA LYS G 204 -63.50 -45.24 -20.04
C LYS G 204 -62.40 -44.50 -20.80
N GLU G 205 -62.79 -43.50 -21.59
CA GLU G 205 -61.84 -42.71 -22.35
C GLU G 205 -62.46 -41.36 -22.68
N PHE G 206 -61.61 -40.43 -23.14
CA PHE G 206 -62.09 -39.13 -23.60
C PHE G 206 -62.39 -39.19 -25.10
N ASN G 207 -63.43 -38.46 -25.53
CA ASN G 207 -63.71 -38.22 -26.94
C ASN G 207 -63.58 -36.73 -27.20
N LYS G 208 -63.46 -36.34 -28.47
CA LYS G 208 -63.28 -34.93 -28.81
C LYS G 208 -64.38 -34.08 -28.19
N GLY G 209 -64.00 -32.89 -27.71
CA GLY G 209 -64.91 -32.02 -26.98
C GLY G 209 -65.80 -31.21 -27.89
N PRO G 210 -66.82 -30.60 -27.27
CA PRO G 210 -67.83 -29.90 -28.08
C PRO G 210 -67.30 -28.71 -28.88
N TRP G 211 -66.38 -27.91 -28.33
CA TRP G 211 -65.94 -26.72 -29.05
C TRP G 211 -64.43 -26.59 -29.11
N LYS G 212 -63.98 -25.74 -30.03
CA LYS G 212 -62.59 -25.65 -30.41
C LYS G 212 -61.74 -24.99 -29.32
N GLN G 213 -60.45 -25.26 -29.37
CA GLN G 213 -59.50 -24.63 -28.47
C GLN G 213 -59.34 -23.15 -28.77
N GLU G 214 -59.09 -22.37 -27.72
CA GLU G 214 -58.83 -20.94 -27.83
C GLU G 214 -57.58 -20.59 -27.02
N ASN G 215 -56.73 -19.73 -27.58
CA ASN G 215 -55.59 -19.22 -26.84
C ASN G 215 -56.07 -18.22 -25.79
N VAL G 216 -55.66 -18.42 -24.54
CA VAL G 216 -56.20 -17.60 -23.45
C VAL G 216 -55.09 -16.76 -22.84
N GLU G 217 -55.44 -15.93 -21.86
CA GLU G 217 -54.48 -15.08 -21.18
C GLU G 217 -53.37 -15.92 -20.56
N ALA G 218 -52.15 -15.37 -20.57
CA ALA G 218 -51.00 -16.10 -20.06
C ALA G 218 -51.19 -16.49 -18.62
N GLU G 219 -51.92 -15.68 -17.85
CA GLU G 219 -52.21 -15.98 -16.45
C GLU G 219 -53.67 -16.34 -16.22
N ALA G 220 -54.30 -17.01 -17.18
CA ALA G 220 -55.66 -17.52 -16.97
C ALA G 220 -55.68 -18.47 -15.78
N SER G 221 -56.52 -18.18 -14.77
CA SER G 221 -56.42 -18.91 -13.51
C SER G 221 -57.67 -19.69 -13.14
N MET G 222 -58.87 -19.18 -13.40
CA MET G 222 -60.07 -19.85 -12.88
C MET G 222 -61.07 -20.13 -13.98
N VAL G 223 -61.77 -21.27 -13.87
CA VAL G 223 -62.79 -21.68 -14.82
C VAL G 223 -64.14 -21.66 -14.14
N ILE G 224 -65.10 -20.99 -14.78
CA ILE G 224 -66.47 -20.92 -14.29
C ILE G 224 -67.35 -21.64 -15.30
N ALA G 225 -68.12 -22.62 -14.83
CA ALA G 225 -69.08 -23.33 -15.67
C ALA G 225 -70.40 -22.56 -15.63
N VAL G 226 -70.71 -21.86 -16.73
CA VAL G 226 -71.91 -21.01 -16.74
C VAL G 226 -73.14 -21.90 -16.82
N PRO G 227 -74.22 -21.61 -16.10
CA PRO G 227 -75.36 -22.55 -16.06
C PRO G 227 -76.04 -22.63 -17.42
N GLU G 228 -76.98 -23.56 -17.52
CA GLU G 228 -77.52 -23.92 -18.83
C GLU G 228 -78.20 -22.77 -19.56
N PRO G 229 -78.87 -21.81 -18.92
CA PRO G 229 -79.51 -20.72 -19.69
C PRO G 229 -78.55 -20.01 -20.64
N PHE G 230 -77.32 -19.74 -20.17
CA PHE G 230 -76.29 -19.19 -21.04
C PHE G 230 -75.45 -20.31 -21.64
N GLY G 231 -74.97 -21.23 -20.79
CA GLY G 231 -74.10 -22.29 -21.21
C GLY G 231 -72.67 -21.81 -21.35
N GLY G 232 -71.80 -22.77 -21.61
CA GLY G 232 -70.40 -22.43 -21.83
C GLY G 232 -69.64 -22.19 -20.54
N ALA G 233 -68.56 -21.43 -20.66
CA ALA G 233 -67.65 -21.21 -19.53
C ALA G 233 -67.11 -19.79 -19.58
N ILE G 234 -66.74 -19.28 -18.40
CA ILE G 234 -66.05 -18.01 -18.25
C ILE G 234 -64.68 -18.28 -17.66
N ILE G 235 -63.65 -17.64 -18.22
CA ILE G 235 -62.26 -17.83 -17.79
C ILE G 235 -61.72 -16.50 -17.27
N ILE G 236 -61.23 -16.53 -16.02
CA ILE G 236 -60.77 -15.35 -15.30
C ILE G 236 -59.25 -15.33 -15.31
N GLY G 237 -58.69 -14.19 -15.68
CA GLY G 237 -57.25 -14.00 -15.62
C GLY G 237 -56.82 -12.84 -14.75
N GLN G 238 -55.62 -12.31 -15.01
CA GLN G 238 -55.14 -11.13 -14.31
C GLN G 238 -55.63 -9.85 -14.97
N GLU G 239 -55.68 -9.82 -16.30
CA GLU G 239 -56.08 -8.61 -17.01
C GLU G 239 -57.41 -8.72 -17.73
N SER G 240 -57.88 -9.93 -18.05
CA SER G 240 -59.06 -10.09 -18.89
C SER G 240 -59.99 -11.17 -18.36
N ILE G 241 -61.26 -11.03 -18.71
CA ILE G 241 -62.27 -12.05 -18.47
C ILE G 241 -62.89 -12.41 -19.81
N THR G 242 -62.95 -13.71 -20.11
CA THR G 242 -63.43 -14.19 -21.39
C THR G 242 -64.49 -15.25 -21.18
N TYR G 243 -65.46 -15.28 -22.10
CA TYR G 243 -66.50 -16.29 -22.16
C TYR G 243 -66.32 -17.09 -23.44
N HIS G 244 -66.33 -18.42 -23.32
CA HIS G 244 -66.15 -19.29 -24.47
C HIS G 244 -67.32 -20.25 -24.52
N ASN G 245 -67.96 -20.37 -25.68
CA ASN G 245 -68.96 -21.40 -25.93
C ASN G 245 -69.19 -21.49 -27.42
N GLY G 246 -69.27 -22.71 -27.94
CA GLY G 246 -69.47 -22.94 -29.35
C GLY G 246 -68.57 -22.06 -30.18
N ASP G 247 -69.15 -21.19 -31.01
CA ASP G 247 -68.40 -20.20 -31.77
C ASP G 247 -68.31 -18.89 -31.03
N LYS G 248 -69.15 -18.71 -30.01
CA LYS G 248 -69.27 -17.44 -29.31
C LYS G 248 -68.05 -17.20 -28.44
N TYR G 249 -67.54 -15.96 -28.51
CA TYR G 249 -66.39 -15.52 -27.75
C TYR G 249 -66.60 -14.06 -27.36
N LEU G 250 -66.48 -13.79 -26.07
CA LEU G 250 -66.52 -12.43 -25.54
C LEU G 250 -65.24 -12.23 -24.75
N ALA G 251 -64.77 -10.99 -24.68
CA ALA G 251 -63.60 -10.68 -23.88
C ALA G 251 -63.71 -9.25 -23.39
N ILE G 252 -63.73 -9.07 -22.07
CA ILE G 252 -63.69 -7.76 -21.44
C ILE G 252 -62.44 -7.72 -20.58
N ALA G 253 -61.71 -6.61 -20.66
CA ALA G 253 -60.44 -6.44 -19.98
C ALA G 253 -60.42 -5.09 -19.26
N PRO G 254 -61.22 -4.95 -18.20
CA PRO G 254 -61.31 -3.66 -17.49
C PRO G 254 -60.03 -3.38 -16.71
N PRO G 255 -59.54 -2.15 -16.73
CA PRO G 255 -58.23 -1.86 -16.09
C PRO G 255 -58.24 -2.07 -14.60
N ILE G 256 -59.42 -2.15 -13.99
CA ILE G 256 -59.51 -2.18 -12.53
C ILE G 256 -59.12 -3.53 -11.97
N ILE G 257 -59.41 -4.64 -12.66
CA ILE G 257 -59.06 -5.93 -12.11
C ILE G 257 -57.56 -6.17 -12.20
N LYS G 258 -56.87 -5.50 -13.13
CA LYS G 258 -55.42 -5.65 -13.25
C LYS G 258 -54.70 -5.24 -11.97
N GLN G 259 -55.30 -4.38 -11.16
CA GLN G 259 -54.62 -3.84 -9.98
C GLN G 259 -54.32 -4.92 -8.94
N SER G 260 -55.30 -5.79 -8.65
CA SER G 260 -55.11 -6.86 -7.69
C SER G 260 -55.67 -8.16 -8.24
N THR G 261 -54.95 -9.25 -7.99
CA THR G 261 -55.31 -10.56 -8.52
C THR G 261 -56.62 -11.07 -7.93
N ILE G 262 -57.46 -11.62 -8.80
CA ILE G 262 -58.74 -12.19 -8.39
C ILE G 262 -58.49 -13.64 -7.96
N VAL G 263 -58.94 -13.98 -6.75
CA VAL G 263 -58.64 -15.29 -6.20
C VAL G 263 -59.86 -16.19 -6.01
N CYS G 264 -61.07 -15.64 -5.86
CA CYS G 264 -62.26 -16.44 -5.58
C CYS G 264 -63.43 -15.96 -6.43
N HIS G 265 -64.38 -16.86 -6.66
CA HIS G 265 -65.59 -16.52 -7.39
C HIS G 265 -66.77 -17.34 -6.89
N ASN G 266 -67.98 -16.78 -7.03
CA ASN G 266 -69.19 -17.49 -6.67
C ASN G 266 -70.34 -17.03 -7.57
N ARG G 267 -71.30 -17.93 -7.79
CA ARG G 267 -72.49 -17.64 -8.60
C ARG G 267 -73.57 -17.03 -7.71
N VAL G 268 -74.15 -15.92 -8.16
CA VAL G 268 -75.23 -15.26 -7.42
C VAL G 268 -76.58 -15.71 -7.98
N ASP G 269 -76.80 -15.45 -9.29
CA ASP G 269 -78.08 -15.80 -9.92
C ASP G 269 -78.04 -17.22 -10.47
N PRO G 270 -79.02 -18.06 -10.12
CA PRO G 270 -78.99 -19.44 -10.65
C PRO G 270 -78.95 -19.51 -12.16
N ASN G 271 -79.58 -18.56 -12.86
CA ASN G 271 -79.49 -18.55 -14.32
C ASN G 271 -78.11 -18.19 -14.81
N GLY G 272 -77.24 -17.68 -13.94
CA GLY G 272 -75.90 -17.29 -14.31
C GLY G 272 -75.74 -15.85 -14.73
N SER G 273 -76.76 -15.03 -14.51
CA SER G 273 -76.68 -13.62 -14.91
C SER G 273 -75.66 -12.85 -14.09
N ARG G 274 -75.45 -13.24 -12.82
CA ARG G 274 -74.61 -12.47 -11.92
C ARG G 274 -73.68 -13.39 -11.15
N TYR G 275 -72.41 -13.00 -11.04
CA TYR G 275 -71.39 -13.71 -10.29
C TYR G 275 -70.67 -12.72 -9.38
N LEU G 276 -70.09 -13.23 -8.29
CA LEU G 276 -69.26 -12.43 -7.40
C LEU G 276 -67.78 -12.77 -7.64
N LEU G 277 -66.92 -11.75 -7.60
CA LEU G 277 -65.47 -11.91 -7.76
C LEU G 277 -64.75 -11.19 -6.62
N GLY G 278 -63.65 -11.78 -6.16
CA GLY G 278 -62.88 -11.20 -5.08
C GLY G 278 -61.38 -11.21 -5.39
N ASP G 279 -60.68 -10.22 -4.83
CA ASP G 279 -59.25 -10.03 -5.11
C ASP G 279 -58.44 -9.88 -3.83
N MET G 280 -57.11 -9.94 -4.00
CA MET G 280 -56.21 -10.00 -2.85
C MET G 280 -56.19 -8.73 -2.01
N GLU G 281 -56.50 -7.56 -2.58
CA GLU G 281 -56.56 -6.35 -1.78
C GLU G 281 -57.92 -6.17 -1.10
N GLY G 282 -58.78 -7.18 -1.17
CA GLY G 282 -60.05 -7.19 -0.48
C GLY G 282 -61.25 -6.68 -1.26
N ARG G 283 -61.06 -6.22 -2.49
CA ARG G 283 -62.16 -5.65 -3.26
C ARG G 283 -63.09 -6.74 -3.78
N LEU G 284 -64.39 -6.50 -3.65
CA LEU G 284 -65.42 -7.43 -4.10
C LEU G 284 -66.08 -6.87 -5.35
N PHE G 285 -66.10 -7.67 -6.42
CA PHE G 285 -66.68 -7.26 -7.69
C PHE G 285 -67.90 -8.11 -8.05
N MET G 286 -68.75 -7.54 -8.90
CA MET G 286 -69.89 -8.24 -9.48
C MET G 286 -69.65 -8.40 -10.98
N LEU G 287 -69.69 -9.64 -11.46
CA LEU G 287 -69.61 -9.93 -12.89
C LEU G 287 -71.02 -10.14 -13.43
N LEU G 288 -71.40 -9.34 -14.43
CA LEU G 288 -72.74 -9.36 -14.98
C LEU G 288 -72.72 -9.89 -16.40
N LEU G 289 -73.59 -10.86 -16.67
CA LEU G 289 -73.77 -11.44 -18.00
C LEU G 289 -75.02 -10.82 -18.60
N GLU G 290 -74.84 -10.04 -19.67
CA GLU G 290 -75.92 -9.28 -20.28
C GLU G 290 -76.64 -10.17 -21.28
N LYS G 291 -77.89 -10.51 -20.98
CA LYS G 291 -78.60 -11.42 -21.87
C LYS G 291 -78.99 -10.68 -23.15
N GLU G 292 -79.33 -11.45 -24.17
CA GLU G 292 -79.92 -10.92 -25.38
C GLU G 292 -81.29 -11.57 -25.49
N GLU G 293 -82.34 -10.75 -25.44
CA GLU G 293 -83.69 -11.28 -25.40
C GLU G 293 -84.01 -11.83 -26.79
N GLN G 294 -84.43 -13.08 -26.84
CA GLN G 294 -84.90 -13.67 -28.07
C GLN G 294 -86.29 -14.22 -27.85
N MET G 295 -87.15 -13.96 -28.83
CA MET G 295 -88.54 -14.40 -28.80
C MET G 295 -88.65 -15.92 -28.86
N ASP G 296 -87.77 -16.57 -29.62
CA ASP G 296 -87.67 -18.03 -29.62
C ASP G 296 -87.26 -18.55 -28.27
N GLY G 297 -86.59 -17.72 -27.46
CA GLY G 297 -85.99 -18.19 -26.24
C GLY G 297 -84.53 -18.57 -26.33
N THR G 298 -83.93 -18.56 -27.52
CA THR G 298 -82.53 -18.91 -27.62
C THR G 298 -81.71 -17.76 -27.03
N VAL G 299 -80.79 -18.07 -26.13
CA VAL G 299 -80.07 -17.04 -25.39
C VAL G 299 -78.68 -16.88 -25.98
N THR G 300 -78.35 -15.64 -26.32
CA THR G 300 -77.02 -15.21 -26.70
C THR G 300 -76.56 -14.18 -25.69
N LEU G 301 -75.24 -14.14 -25.46
CA LEU G 301 -74.68 -13.22 -24.47
C LEU G 301 -74.28 -11.92 -25.17
N LYS G 302 -74.88 -10.80 -24.74
CA LYS G 302 -74.61 -9.54 -25.40
C LYS G 302 -73.22 -9.03 -25.01
N ASP G 303 -72.92 -9.03 -23.72
CA ASP G 303 -71.62 -8.56 -23.28
C ASP G 303 -71.45 -8.92 -21.80
N LEU G 304 -70.25 -8.69 -21.28
CA LEU G 304 -69.93 -8.90 -19.88
C LEU G 304 -69.59 -7.58 -19.22
N ARG G 305 -69.90 -7.47 -17.93
CA ARG G 305 -69.60 -6.26 -17.19
C ARG G 305 -69.06 -6.60 -15.82
N VAL G 306 -68.14 -5.77 -15.34
CA VAL G 306 -67.56 -5.91 -14.01
C VAL G 306 -67.83 -4.61 -13.25
N GLU G 307 -68.32 -4.74 -12.02
CA GLU G 307 -68.66 -3.59 -11.19
C GLU G 307 -68.10 -3.80 -9.79
N LEU G 308 -67.41 -2.78 -9.29
CA LEU G 308 -66.85 -2.84 -7.94
C LEU G 308 -67.93 -2.55 -6.92
N LEU G 309 -68.08 -3.46 -5.95
CA LEU G 309 -69.08 -3.29 -4.91
C LEU G 309 -68.50 -2.63 -3.66
N GLY G 310 -67.30 -3.04 -3.25
CA GLY G 310 -66.70 -2.52 -2.03
C GLY G 310 -65.53 -3.38 -1.62
N GLU G 311 -65.32 -3.46 -0.30
CA GLU G 311 -64.22 -4.22 0.27
C GLU G 311 -64.71 -5.17 1.35
N THR G 312 -64.18 -6.39 1.33
CA THR G 312 -64.41 -7.39 2.35
C THR G 312 -63.05 -7.83 2.88
N SER G 313 -63.04 -8.73 3.86
CA SER G 313 -61.78 -9.35 4.25
C SER G 313 -61.28 -10.20 3.10
N ILE G 314 -59.96 -10.21 2.89
CA ILE G 314 -59.37 -10.99 1.81
C ILE G 314 -59.95 -12.40 1.94
N ALA G 315 -60.59 -12.90 0.89
CA ALA G 315 -61.42 -14.10 0.99
C ALA G 315 -60.83 -15.23 0.17
N GLU G 316 -60.63 -16.39 0.81
CA GLU G 316 -60.25 -17.58 0.07
C GLU G 316 -61.44 -18.15 -0.69
N CYS G 317 -62.65 -18.07 -0.12
CA CYS G 317 -63.85 -18.56 -0.77
C CYS G 317 -64.98 -17.56 -0.56
N LEU G 318 -65.90 -17.50 -1.53
CA LEU G 318 -67.09 -16.66 -1.42
C LEU G 318 -68.33 -17.51 -1.65
N THR G 319 -69.39 -17.24 -0.87
CA THR G 319 -70.68 -17.89 -1.09
C THR G 319 -71.82 -16.95 -0.80
N TYR G 320 -72.78 -16.90 -1.74
CA TYR G 320 -73.94 -16.04 -1.64
C TYR G 320 -75.14 -16.74 -1.00
N LEU G 321 -75.57 -16.25 0.16
CA LEU G 321 -76.78 -16.73 0.80
C LEU G 321 -77.95 -15.94 0.22
N ASP G 322 -79.17 -16.36 0.51
CA ASP G 322 -80.34 -15.65 -0.01
C ASP G 322 -80.60 -14.33 0.72
N ASN G 323 -81.29 -13.43 0.02
CA ASN G 323 -81.63 -12.08 0.50
C ASN G 323 -80.40 -11.18 0.63
N GLY G 324 -79.53 -11.19 -0.38
CA GLY G 324 -78.43 -10.27 -0.46
C GLY G 324 -77.28 -10.50 0.48
N VAL G 325 -77.30 -11.58 1.26
CA VAL G 325 -76.26 -11.88 2.24
C VAL G 325 -75.15 -12.71 1.58
N VAL G 326 -73.89 -12.39 1.89
CA VAL G 326 -72.75 -13.14 1.39
C VAL G 326 -71.87 -13.55 2.56
N PHE G 327 -71.46 -14.82 2.57
CA PHE G 327 -70.48 -15.29 3.53
C PHE G 327 -69.09 -15.18 2.90
N VAL G 328 -68.22 -14.41 3.55
CA VAL G 328 -66.84 -14.20 3.12
C VAL G 328 -65.95 -15.11 3.95
N GLY G 329 -65.42 -16.16 3.32
CA GLY G 329 -64.53 -17.07 3.99
C GLY G 329 -63.07 -16.72 3.81
N SER G 330 -62.41 -16.28 4.88
CA SER G 330 -61.05 -15.77 4.80
C SER G 330 -60.10 -16.73 5.49
N ARG G 331 -58.98 -17.02 4.81
CA ARG G 331 -57.89 -17.80 5.39
C ARG G 331 -56.85 -16.89 6.01
N LEU G 332 -56.74 -15.66 5.51
CA LEU G 332 -55.75 -14.72 6.00
C LEU G 332 -56.31 -13.78 7.07
N GLY G 333 -57.61 -13.52 7.07
CA GLY G 333 -58.18 -12.59 8.03
C GLY G 333 -59.51 -13.04 8.59
N ASP G 334 -60.19 -12.16 9.32
CA ASP G 334 -61.47 -12.53 9.90
C ASP G 334 -62.51 -12.76 8.81
N SER G 335 -63.24 -13.88 8.93
CA SER G 335 -64.37 -14.18 8.07
C SER G 335 -65.60 -13.39 8.48
N GLN G 336 -66.54 -13.26 7.56
CA GLN G 336 -67.67 -12.37 7.84
C GLN G 336 -68.90 -12.74 7.02
N LEU G 337 -70.03 -12.24 7.49
CA LEU G 337 -71.26 -12.10 6.71
C LEU G 337 -71.41 -10.63 6.35
N VAL G 338 -71.70 -10.35 5.08
CA VAL G 338 -71.85 -8.98 4.63
C VAL G 338 -73.19 -8.80 3.93
N LYS G 339 -73.68 -7.56 3.93
CA LYS G 339 -74.93 -7.19 3.29
C LYS G 339 -74.58 -6.51 1.98
N LEU G 340 -75.11 -7.03 0.88
CA LEU G 340 -74.95 -6.41 -0.42
C LEU G 340 -76.17 -5.54 -0.67
N ASN G 341 -75.95 -4.24 -0.77
CA ASN G 341 -77.05 -3.31 -0.94
C ASN G 341 -77.17 -2.81 -2.38
N VAL G 342 -78.41 -2.47 -2.75
CA VAL G 342 -78.65 -1.78 -4.00
C VAL G 342 -78.15 -0.35 -3.86
N ASP G 343 -78.20 0.18 -2.65
CA ASP G 343 -77.78 1.54 -2.35
C ASP G 343 -76.33 1.60 -1.90
N SER G 344 -75.60 2.57 -2.44
CA SER G 344 -74.24 2.88 -2.01
C SER G 344 -74.27 3.67 -0.72
N ASN G 345 -73.22 3.53 0.09
CA ASN G 345 -73.13 4.27 1.34
C ASN G 345 -72.41 5.61 1.14
N GLU G 346 -72.08 6.27 2.25
CA GLU G 346 -71.50 7.60 2.22
C GLU G 346 -70.11 7.61 1.60
N GLN G 347 -69.46 6.46 1.52
CA GLN G 347 -68.15 6.33 0.90
C GLN G 347 -68.22 5.81 -0.54
N GLY G 348 -69.42 5.47 -1.01
CA GLY G 348 -69.59 4.89 -2.33
C GLY G 348 -69.66 3.38 -2.39
N SER G 349 -69.67 2.71 -1.24
CA SER G 349 -69.63 1.25 -1.18
C SER G 349 -71.03 0.66 -1.07
N TYR G 350 -71.22 -0.49 -1.69
CA TYR G 350 -72.45 -1.25 -1.61
C TYR G 350 -72.37 -2.40 -0.60
N VAL G 351 -71.28 -2.49 0.16
CA VAL G 351 -71.01 -3.63 1.04
C VAL G 351 -71.01 -3.14 2.48
N VAL G 352 -71.77 -3.83 3.33
CA VAL G 352 -71.88 -3.51 4.75
C VAL G 352 -71.72 -4.78 5.57
N ALA G 353 -70.83 -4.74 6.55
CA ALA G 353 -70.60 -5.89 7.41
C ALA G 353 -71.80 -6.12 8.33
N MET G 354 -72.20 -7.39 8.45
CA MET G 354 -73.23 -7.78 9.42
C MET G 354 -72.60 -8.40 10.67
N GLU G 355 -71.82 -9.47 10.48
CA GLU G 355 -71.21 -10.21 11.57
C GLU G 355 -69.76 -10.47 11.22
N THR G 356 -68.91 -10.54 12.24
CA THR G 356 -67.49 -10.79 12.08
C THR G 356 -67.16 -12.06 12.85
N PHE G 357 -66.67 -13.06 12.14
CA PHE G 357 -66.32 -14.35 12.72
C PHE G 357 -64.82 -14.37 12.90
N THR G 358 -64.38 -14.50 14.15
CA THR G 358 -62.96 -14.40 14.44
C THR G 358 -62.18 -15.48 13.70
N ASN G 359 -61.10 -15.07 13.04
CA ASN G 359 -60.14 -15.97 12.44
C ASN G 359 -58.79 -15.57 13.00
N LEU G 360 -58.18 -16.45 13.79
CA LEU G 360 -56.87 -16.14 14.35
C LEU G 360 -55.82 -16.05 13.24
N GLY G 361 -56.25 -16.32 12.00
CA GLY G 361 -55.44 -16.10 10.81
C GLY G 361 -54.11 -16.84 10.86
N PRO G 362 -53.24 -16.57 9.89
CA PRO G 362 -51.87 -17.10 9.99
C PRO G 362 -51.21 -16.56 11.25
N ILE G 363 -50.74 -17.46 12.10
CA ILE G 363 -50.06 -17.07 13.32
C ILE G 363 -48.57 -17.06 12.99
N VAL G 364 -48.05 -15.88 12.67
CA VAL G 364 -46.66 -15.79 12.26
C VAL G 364 -45.73 -15.95 13.46
N ASP G 365 -46.09 -15.36 14.60
CA ASP G 365 -45.31 -15.46 15.83
C ASP G 365 -46.25 -15.31 17.02
N MET G 366 -45.73 -15.63 18.21
CA MET G 366 -46.49 -15.41 19.43
C MET G 366 -45.58 -15.47 20.65
N CYS G 367 -46.00 -14.78 21.73
CA CYS G 367 -45.30 -14.80 23.00
C CYS G 367 -46.31 -14.85 24.14
N VAL G 368 -45.88 -15.42 25.28
CA VAL G 368 -46.71 -15.54 26.47
C VAL G 368 -46.22 -14.54 27.52
N VAL G 369 -47.13 -13.72 28.03
CA VAL G 369 -46.84 -12.71 29.05
C VAL G 369 -48.02 -12.67 30.01
N ASP G 370 -47.74 -12.67 31.30
CA ASP G 370 -48.78 -12.54 32.33
C ASP G 370 -48.86 -11.07 32.76
N LEU G 371 -49.71 -10.31 32.05
CA LEU G 371 -49.86 -8.89 32.33
C LEU G 371 -50.46 -8.65 33.71
N GLU G 372 -51.40 -9.51 34.10
CA GLU G 372 -52.08 -9.37 35.39
C GLU G 372 -51.28 -9.95 36.54
N ARG G 373 -50.14 -10.60 36.26
CA ARG G 373 -49.33 -11.21 37.29
C ARG G 373 -50.15 -12.22 38.11
N GLN G 374 -51.20 -12.76 37.48
CA GLN G 374 -52.08 -13.73 38.10
C GLN G 374 -51.56 -15.16 38.08
N GLY G 375 -50.37 -15.42 37.59
CA GLY G 375 -49.95 -16.80 37.54
C GLY G 375 -50.55 -17.54 36.38
N GLN G 376 -51.36 -16.86 35.56
CA GLN G 376 -52.02 -17.46 34.42
C GLN G 376 -51.26 -17.41 33.10
N GLY G 377 -51.10 -16.20 32.56
CA GLY G 377 -50.39 -15.97 31.32
C GLY G 377 -51.40 -15.72 30.21
N GLN G 378 -51.14 -14.71 29.38
CA GLN G 378 -51.95 -14.38 28.22
C GLN G 378 -51.11 -14.58 26.96
N LEU G 379 -51.74 -15.02 25.87
CA LEU G 379 -51.03 -15.33 24.62
C LEU G 379 -51.23 -14.18 23.62
N VAL G 380 -50.14 -13.50 23.28
CA VAL G 380 -50.15 -12.42 22.31
C VAL G 380 -49.56 -12.93 21.00
N THR G 381 -50.35 -12.88 19.93
CA THR G 381 -49.98 -13.48 18.66
C THR G 381 -49.84 -12.42 17.56
N CYS G 382 -48.87 -12.62 16.67
CA CYS G 382 -48.78 -11.87 15.42
C CYS G 382 -49.62 -12.58 14.37
N SER G 383 -50.82 -12.08 14.08
CA SER G 383 -51.77 -12.81 13.27
C SER G 383 -52.26 -12.00 12.09
N GLY G 384 -52.63 -12.72 11.02
CA GLY G 384 -53.13 -12.12 9.81
C GLY G 384 -52.04 -11.73 8.84
N ALA G 385 -52.47 -11.22 7.69
CA ALA G 385 -51.54 -10.76 6.66
C ALA G 385 -52.14 -9.57 5.94
N PHE G 386 -51.25 -8.70 5.44
CA PHE G 386 -51.63 -7.54 4.62
C PHE G 386 -52.62 -6.68 5.42
N LYS G 387 -53.77 -6.31 4.85
CA LYS G 387 -54.71 -5.44 5.53
C LYS G 387 -55.42 -6.13 6.70
N GLU G 388 -55.35 -7.45 6.77
CA GLU G 388 -55.95 -8.21 7.86
C GLU G 388 -54.98 -8.39 9.03
N GLY G 389 -53.76 -7.86 8.93
CA GLY G 389 -52.78 -8.00 9.98
C GLY G 389 -53.33 -7.49 11.31
N SER G 390 -53.17 -8.31 12.35
CA SER G 390 -53.73 -7.99 13.65
C SER G 390 -52.86 -8.61 14.74
N LEU G 391 -52.98 -8.05 15.94
CA LEU G 391 -52.41 -8.59 17.17
C LEU G 391 -53.54 -9.12 18.02
N ARG G 392 -53.43 -10.37 18.47
CA ARG G 392 -54.52 -11.04 19.19
C ARG G 392 -54.09 -11.41 20.59
N ILE G 393 -54.86 -10.97 21.59
CA ILE G 393 -54.62 -11.25 23.00
C ILE G 393 -55.57 -12.37 23.43
N ILE G 394 -55.02 -13.49 23.92
CA ILE G 394 -55.82 -14.69 24.21
C ILE G 394 -55.60 -15.14 25.65
N ARG G 395 -56.71 -15.31 26.38
CA ARG G 395 -56.70 -15.80 27.77
C ARG G 395 -57.87 -16.73 28.02
N ASN G 396 -57.69 -17.70 28.93
CA ASN G 396 -58.78 -18.61 29.30
C ASN G 396 -59.74 -17.92 30.26
N GLY G 397 -61.03 -18.22 30.15
CA GLY G 397 -62.04 -17.55 30.94
C GLY G 397 -62.32 -18.32 32.21
N ILE G 398 -62.32 -17.61 33.33
CA ILE G 398 -62.33 -18.21 34.65
C ILE G 398 -63.44 -17.60 35.50
N LYS G 409 -64.39 -21.47 27.36
CA LYS G 409 -64.01 -20.78 26.13
C LYS G 409 -62.92 -19.73 26.37
N LEU G 410 -62.36 -19.24 25.26
CA LEU G 410 -61.31 -18.25 25.27
C LEU G 410 -61.82 -16.84 24.97
N HIS G 411 -61.32 -15.88 25.73
CA HIS G 411 -61.59 -14.47 25.48
C HIS G 411 -60.49 -13.93 24.58
N ILE G 412 -60.87 -13.34 23.45
CA ILE G 412 -59.92 -12.89 22.44
C ILE G 412 -60.14 -11.40 22.20
N ARG G 413 -59.08 -10.61 22.36
CA ARG G 413 -59.09 -9.18 22.06
C ARG G 413 -58.29 -8.96 20.78
N THR G 414 -58.83 -8.16 19.87
CA THR G 414 -58.22 -7.93 18.56
C THR G 414 -57.69 -6.50 18.47
N VAL G 415 -56.43 -6.38 18.08
CA VAL G 415 -55.78 -5.09 17.87
C VAL G 415 -55.36 -5.02 16.40
N PRO G 416 -56.16 -4.41 15.54
CA PRO G 416 -55.82 -4.40 14.11
C PRO G 416 -54.62 -3.52 13.80
N LEU G 417 -53.73 -4.04 12.96
CA LEU G 417 -52.56 -3.29 12.52
C LEU G 417 -52.68 -2.78 11.09
N TYR G 418 -53.48 -3.41 10.25
CA TYR G 418 -53.66 -3.02 8.84
C TYR G 418 -52.38 -3.16 8.03
N GLU G 419 -51.38 -3.83 8.59
CA GLU G 419 -50.19 -4.25 7.89
C GLU G 419 -49.78 -5.59 8.46
N SER G 420 -48.91 -6.28 7.76
CA SER G 420 -48.61 -7.67 8.09
C SER G 420 -47.72 -7.73 9.32
N PRO G 421 -48.12 -8.41 10.40
CA PRO G 421 -47.21 -8.62 11.53
C PRO G 421 -46.30 -9.80 11.27
N ARG G 422 -45.08 -9.70 11.80
CA ARG G 422 -44.07 -10.70 11.53
C ARG G 422 -43.48 -11.33 12.79
N LYS G 423 -43.02 -10.51 13.74
CA LYS G 423 -42.44 -11.02 14.99
C LYS G 423 -42.88 -10.13 16.13
N ILE G 424 -43.02 -10.73 17.31
CA ILE G 424 -43.41 -10.01 18.52
C ILE G 424 -42.49 -10.41 19.66
N CYS G 425 -42.13 -9.44 20.50
CA CYS G 425 -41.35 -9.68 21.71
C CYS G 425 -41.89 -8.73 22.78
N TYR G 426 -41.83 -9.18 24.04
CA TYR G 426 -42.38 -8.42 25.15
C TYR G 426 -41.24 -7.92 26.03
N GLN G 427 -41.27 -6.62 26.34
CA GLN G 427 -40.29 -5.96 27.19
C GLN G 427 -41.00 -5.41 28.42
N GLU G 428 -40.82 -6.08 29.55
CA GLU G 428 -41.46 -5.65 30.78
C GLU G 428 -40.91 -4.30 31.23
N VAL G 429 -39.61 -4.10 31.08
CA VAL G 429 -38.99 -2.86 31.54
C VAL G 429 -39.71 -1.65 30.97
N SER G 430 -40.16 -1.75 29.72
CA SER G 430 -40.83 -0.64 29.06
C SER G 430 -42.34 -0.77 29.02
N GLN G 431 -42.91 -1.80 29.66
CA GLN G 431 -44.34 -2.02 29.66
C GLN G 431 -44.89 -1.91 28.25
N CYS G 432 -44.14 -2.47 27.31
CA CYS G 432 -44.46 -2.38 25.89
C CYS G 432 -44.13 -3.71 25.22
N PHE G 433 -44.71 -3.90 24.03
CA PHE G 433 -44.44 -5.04 23.17
C PHE G 433 -43.70 -4.52 21.94
N GLY G 434 -42.73 -5.29 21.44
CA GLY G 434 -42.07 -4.97 20.19
C GLY G 434 -42.57 -5.88 19.08
N VAL G 435 -43.05 -5.27 18.00
CA VAL G 435 -43.62 -6.00 16.88
C VAL G 435 -42.96 -5.54 15.59
N LEU G 436 -42.48 -6.50 14.78
CA LEU G 436 -41.95 -6.24 13.45
C LEU G 436 -43.08 -6.39 12.42
N SER G 437 -43.12 -5.46 11.48
CA SER G 437 -44.23 -5.42 10.52
C SER G 437 -43.71 -5.10 9.12
N SER G 438 -44.52 -5.44 8.12
CA SER G 438 -44.23 -5.15 6.73
C SER G 438 -45.49 -4.58 6.07
N ARG G 439 -45.33 -3.46 5.36
CA ARG G 439 -46.43 -2.86 4.61
C ARG G 439 -46.03 -2.86 3.15
N ILE G 440 -47.00 -3.11 2.27
CA ILE G 440 -46.76 -3.14 0.84
C ILE G 440 -47.08 -1.77 0.27
N GLU G 441 -46.08 -1.16 -0.37
CA GLU G 441 -46.22 0.06 -1.16
C GLU G 441 -45.94 -0.25 -2.63
N VAL G 442 -46.30 0.68 -3.50
CA VAL G 442 -46.19 0.47 -4.93
C VAL G 442 -45.39 1.61 -5.56
N GLN G 443 -44.53 1.24 -6.51
CA GLN G 443 -43.72 2.21 -7.25
C GLN G 443 -44.63 3.16 -8.00
N ASP G 444 -44.44 4.46 -7.80
CA ASP G 444 -45.35 5.45 -8.37
C ASP G 444 -44.58 6.38 -9.31
N THR G 445 -45.34 7.28 -9.95
CA THR G 445 -44.81 8.11 -11.01
C THR G 445 -43.81 9.14 -10.52
N SER G 446 -43.73 9.39 -9.22
CA SER G 446 -42.74 10.32 -8.71
C SER G 446 -41.33 9.74 -8.72
N GLY G 447 -41.20 8.42 -8.85
CA GLY G 447 -39.97 7.73 -8.60
C GLY G 447 -39.91 7.07 -7.24
N GLY G 448 -40.66 7.60 -6.29
CA GLY G 448 -40.81 6.99 -4.98
C GLY G 448 -41.89 5.93 -4.97
N THR G 449 -42.46 5.70 -3.79
CA THR G 449 -43.50 4.71 -3.63
C THR G 449 -44.65 5.30 -2.84
N THR G 450 -45.80 4.64 -2.96
CA THR G 450 -47.02 5.10 -2.33
C THR G 450 -47.71 3.94 -1.62
N ALA G 451 -48.10 4.18 -0.37
CA ALA G 451 -48.80 3.17 0.42
C ALA G 451 -50.26 3.13 -0.01
N LEU G 452 -50.81 1.92 -0.11
CA LEU G 452 -52.17 1.72 -0.58
C LEU G 452 -53.21 2.13 0.46
N ARG G 453 -52.82 2.19 1.73
CA ARG G 453 -53.71 2.52 2.83
C ARG G 453 -52.83 2.85 4.03
N PRO G 454 -53.30 3.69 4.95
CA PRO G 454 -52.52 3.93 6.17
C PRO G 454 -52.52 2.70 7.06
N SER G 455 -51.44 2.53 7.83
CA SER G 455 -51.31 1.37 8.70
C SER G 455 -50.39 1.74 9.84
N ALA G 456 -50.18 0.77 10.75
CA ALA G 456 -49.53 1.04 12.02
C ALA G 456 -48.24 1.83 11.83
N SER G 457 -47.46 1.52 10.79
CA SER G 457 -46.18 2.17 10.63
C SER G 457 -46.34 3.64 10.25
N THR G 458 -47.45 4.02 9.64
CA THR G 458 -47.73 5.39 9.28
C THR G 458 -48.53 6.13 10.34
N GLN G 459 -49.13 5.43 11.30
CA GLN G 459 -49.99 6.02 12.30
C GLN G 459 -49.44 5.95 13.72
N ALA G 460 -48.13 5.77 13.88
CA ALA G 460 -47.53 5.77 15.20
C ALA G 460 -47.58 7.18 15.79
N LEU G 461 -47.59 7.26 17.12
CA LEU G 461 -47.54 8.59 17.74
C LEU G 461 -46.28 9.32 17.30
N SER G 462 -45.11 8.73 17.55
CA SER G 462 -43.83 9.19 17.02
C SER G 462 -43.25 8.14 16.08
N SER G 463 -42.39 8.56 15.16
CA SER G 463 -41.84 7.66 14.15
C SER G 463 -40.38 8.03 13.86
N SER G 464 -39.66 7.11 13.23
CA SER G 464 -38.27 7.33 12.88
C SER G 464 -37.91 6.48 11.66
N VAL G 465 -36.86 6.91 10.95
CA VAL G 465 -36.36 6.23 9.76
C VAL G 465 -34.86 6.03 9.88
N SER G 466 -34.39 4.85 9.45
CA SER G 466 -32.97 4.54 9.56
C SER G 466 -32.12 5.46 8.69
N SER G 467 -31.04 5.97 9.28
CA SER G 467 -30.07 6.77 8.55
C SER G 467 -28.78 6.00 8.30
N SER G 468 -28.77 4.70 8.55
CA SER G 468 -27.55 3.93 8.46
C SER G 468 -26.97 4.05 7.06
N LYS G 469 -25.65 4.24 7.01
CA LYS G 469 -24.89 4.28 5.77
C LYS G 469 -24.00 3.04 5.66
N LEU G 470 -24.31 2.01 6.46
CA LEU G 470 -23.47 0.82 6.51
C LEU G 470 -23.31 0.20 5.12
N PHE G 471 -24.40 0.06 4.38
CA PHE G 471 -24.30 -0.43 3.02
C PHE G 471 -23.98 0.69 2.05
N SER G 472 -23.98 1.91 2.56
CA SER G 472 -23.48 3.09 1.85
C SER G 472 -23.76 3.08 0.37
N SER G 473 -22.69 3.17 -0.43
CA SER G 473 -22.93 3.28 -1.86
C SER G 473 -23.36 1.93 -2.44
N SER G 474 -22.83 0.83 -1.90
CA SER G 474 -23.19 -0.50 -2.34
C SER G 474 -22.77 -0.71 -3.80
N THR G 475 -22.85 0.34 -4.61
CA THR G 475 -22.55 0.29 -6.04
C THR G 475 -23.25 -0.89 -6.71
N ALA G 476 -24.56 -0.99 -6.46
CA ALA G 476 -25.39 -2.04 -7.05
C ALA G 476 -26.72 -1.39 -7.37
N PRO G 477 -26.81 -0.67 -8.49
CA PRO G 477 -28.07 0.03 -8.81
C PRO G 477 -29.12 -0.97 -9.27
N HIS G 478 -30.32 -0.84 -8.74
CA HIS G 478 -31.44 -1.71 -9.09
C HIS G 478 -32.56 -0.93 -9.74
N GLU G 479 -33.01 -1.44 -10.88
CA GLU G 479 -34.04 -0.78 -11.66
C GLU G 479 -35.39 -0.88 -10.96
N THR G 480 -36.15 0.21 -11.00
CA THR G 480 -37.48 0.26 -10.41
C THR G 480 -38.45 0.58 -11.53
N SER G 481 -39.51 -0.22 -11.65
CA SER G 481 -40.53 -0.06 -12.67
C SER G 481 -41.87 0.28 -12.03
N PHE G 482 -42.60 1.20 -12.67
CA PHE G 482 -43.90 1.63 -12.15
C PHE G 482 -44.86 0.45 -12.03
N GLY G 483 -45.55 0.38 -10.90
CA GLY G 483 -46.51 -0.67 -10.65
C GLY G 483 -45.99 -1.82 -9.84
N GLU G 484 -44.67 -1.93 -9.68
CA GLU G 484 -44.09 -3.00 -8.90
C GLU G 484 -44.36 -2.77 -7.41
N GLU G 485 -44.50 -3.87 -6.67
CA GLU G 485 -44.68 -3.82 -5.24
C GLU G 485 -43.32 -3.86 -4.54
N VAL G 486 -43.26 -3.24 -3.36
CA VAL G 486 -42.10 -3.35 -2.47
C VAL G 486 -42.65 -3.50 -1.06
N GLU G 487 -41.89 -4.19 -0.20
CA GLU G 487 -42.22 -4.34 1.20
C GLU G 487 -41.35 -3.39 2.03
N VAL G 488 -41.99 -2.67 2.95
CA VAL G 488 -41.32 -1.74 3.85
C VAL G 488 -41.46 -2.28 5.26
N HIS G 489 -40.34 -2.52 5.92
CA HIS G 489 -40.32 -3.16 7.23
C HIS G 489 -40.05 -2.14 8.32
N ASN G 490 -40.76 -2.27 9.44
CA ASN G 490 -40.69 -1.32 10.53
C ASN G 490 -40.72 -2.10 11.84
N LEU G 491 -40.25 -1.47 12.91
CA LEU G 491 -40.44 -1.97 14.26
C LEU G 491 -41.43 -1.06 14.99
N LEU G 492 -42.47 -1.67 15.54
CA LEU G 492 -43.55 -0.94 16.20
C LEU G 492 -43.47 -1.18 17.70
N ILE G 493 -43.47 -0.10 18.48
CA ILE G 493 -43.59 -0.20 19.93
C ILE G 493 -45.06 -0.03 20.28
N ILE G 494 -45.60 -0.98 21.04
CA ILE G 494 -47.03 -1.04 21.33
C ILE G 494 -47.20 -1.12 22.84
N ASP G 495 -48.05 -0.27 23.40
CA ASP G 495 -48.25 -0.25 24.85
C ASP G 495 -49.00 -1.51 25.32
N GLN G 496 -48.64 -2.01 26.51
CA GLN G 496 -49.19 -3.29 26.95
C GLN G 496 -50.63 -3.17 27.42
N HIS G 497 -51.10 -1.98 27.77
CA HIS G 497 -52.50 -1.79 28.15
C HIS G 497 -53.32 -1.12 27.06
N THR G 498 -52.81 -0.01 26.51
CA THR G 498 -53.57 0.71 25.50
C THR G 498 -53.52 0.00 24.15
N PHE G 499 -52.44 -0.74 23.90
CA PHE G 499 -52.21 -1.40 22.61
C PHE G 499 -52.26 -0.39 21.46
N GLU G 500 -51.67 0.77 21.71
CA GLU G 500 -51.49 1.86 20.75
C GLU G 500 -50.04 1.90 20.30
N VAL G 501 -49.84 2.23 19.02
CA VAL G 501 -48.49 2.29 18.47
C VAL G 501 -47.82 3.55 19.03
N LEU G 502 -46.80 3.36 19.87
CA LEU G 502 -46.14 4.51 20.47
C LEU G 502 -45.04 5.06 19.56
N HIS G 503 -44.31 4.19 18.87
CA HIS G 503 -43.21 4.58 18.01
C HIS G 503 -43.05 3.52 16.93
N ALA G 504 -42.65 3.96 15.74
CA ALA G 504 -42.38 3.08 14.63
C ALA G 504 -41.06 3.48 13.97
N HIS G 505 -40.20 2.51 13.73
CA HIS G 505 -38.92 2.72 13.08
C HIS G 505 -38.97 2.01 11.74
N GLN G 506 -38.74 2.75 10.65
CA GLN G 506 -38.72 2.20 9.31
C GLN G 506 -37.29 1.79 8.95
N PHE G 507 -37.11 0.55 8.51
CA PHE G 507 -35.77 0.08 8.18
C PHE G 507 -35.37 0.52 6.78
N LEU G 508 -34.10 0.28 6.46
CA LEU G 508 -33.51 0.81 5.23
C LEU G 508 -34.28 0.30 4.02
N GLN G 509 -34.16 1.05 2.92
CA GLN G 509 -34.80 0.67 1.67
C GLN G 509 -34.35 -0.72 1.24
N ASN G 510 -35.32 -1.58 0.95
CA ASN G 510 -35.10 -2.97 0.55
C ASN G 510 -34.56 -3.83 1.67
N GLU G 511 -34.67 -3.40 2.92
CA GLU G 511 -34.23 -4.18 4.06
C GLU G 511 -35.40 -4.88 4.73
N TYR G 512 -35.26 -6.18 4.94
CA TYR G 512 -36.25 -6.97 5.65
C TYR G 512 -35.83 -7.18 7.09
N ALA G 513 -36.78 -7.07 8.02
CA ALA G 513 -36.58 -7.39 9.42
C ALA G 513 -37.03 -8.82 9.64
N LEU G 514 -36.11 -9.68 10.10
CA LEU G 514 -36.39 -11.10 10.22
C LEU G 514 -36.42 -11.62 11.65
N SER G 515 -35.70 -11.02 12.58
CA SER G 515 -35.57 -11.56 13.93
C SER G 515 -35.63 -10.43 14.95
N LEU G 516 -36.18 -10.76 16.12
CA LEU G 516 -36.39 -9.78 17.17
C LEU G 516 -36.22 -10.41 18.54
N VAL G 517 -35.51 -9.71 19.43
CA VAL G 517 -35.35 -10.12 20.81
C VAL G 517 -35.37 -8.90 21.73
N SER G 518 -35.80 -9.11 22.97
CA SER G 518 -35.73 -8.12 24.04
C SER G 518 -34.89 -8.70 25.17
N CYS G 519 -33.77 -8.05 25.49
CA CYS G 519 -32.88 -8.63 26.50
C CYS G 519 -31.84 -7.63 26.97
N LYS G 520 -31.18 -8.00 28.08
CA LYS G 520 -29.99 -7.33 28.59
C LYS G 520 -28.77 -8.16 28.17
N LEU G 521 -27.68 -7.47 27.83
CA LEU G 521 -26.47 -8.14 27.37
C LEU G 521 -25.27 -7.71 28.21
N GLY G 522 -24.31 -8.64 28.35
CA GLY G 522 -23.08 -8.33 29.06
C GLY G 522 -23.42 -7.85 30.46
N LYS G 523 -22.70 -6.82 30.91
CA LYS G 523 -23.01 -6.16 32.18
C LYS G 523 -23.78 -4.86 31.97
N ASP G 524 -24.36 -4.65 30.79
CA ASP G 524 -25.09 -3.43 30.51
C ASP G 524 -26.50 -3.55 31.09
N PRO G 525 -26.89 -2.70 32.05
CA PRO G 525 -28.19 -2.86 32.71
C PRO G 525 -29.38 -2.48 31.85
N ASN G 526 -29.15 -1.80 30.73
CA ASN G 526 -30.26 -1.36 29.89
C ASN G 526 -30.86 -2.55 29.14
N THR G 527 -32.18 -2.55 29.05
CA THR G 527 -32.89 -3.58 28.28
C THR G 527 -33.11 -3.06 26.86
N TYR G 528 -32.65 -3.83 25.88
CA TYR G 528 -32.64 -3.38 24.50
C TYR G 528 -33.58 -4.24 23.67
N PHE G 529 -34.04 -3.66 22.56
CA PHE G 529 -34.66 -4.38 21.45
C PHE G 529 -33.59 -4.57 20.38
N ILE G 530 -33.34 -5.82 19.98
CA ILE G 530 -32.33 -6.12 18.98
C ILE G 530 -33.02 -6.76 17.79
N VAL G 531 -32.73 -6.26 16.59
CA VAL G 531 -33.40 -6.68 15.37
C VAL G 531 -32.36 -7.24 14.41
N GLY G 532 -32.72 -8.34 13.74
CA GLY G 532 -31.90 -8.92 12.69
C GLY G 532 -32.58 -8.73 11.34
N THR G 533 -31.80 -8.28 10.36
CA THR G 533 -32.33 -7.86 9.07
C THR G 533 -31.58 -8.54 7.92
N ALA G 534 -32.13 -8.38 6.72
CA ALA G 534 -31.51 -8.86 5.49
C ALA G 534 -31.77 -7.87 4.37
N MET G 535 -30.75 -7.63 3.54
CA MET G 535 -30.88 -6.80 2.36
C MET G 535 -31.39 -7.66 1.21
N VAL G 536 -32.60 -7.38 0.75
CA VAL G 536 -33.35 -8.25 -0.17
C VAL G 536 -33.49 -7.59 -1.54
N TYR G 537 -32.86 -8.18 -2.56
CA TYR G 537 -33.03 -7.79 -3.94
C TYR G 537 -33.47 -8.99 -4.77
N PRO G 538 -34.43 -8.83 -5.69
CA PRO G 538 -34.86 -9.98 -6.49
C PRO G 538 -33.71 -10.70 -7.17
N GLU G 539 -32.60 -9.98 -7.43
CA GLU G 539 -31.49 -10.56 -8.17
C GLU G 539 -30.76 -11.63 -7.35
N GLU G 540 -30.74 -11.52 -6.04
CA GLU G 540 -29.97 -12.44 -5.21
C GLU G 540 -30.80 -13.66 -4.86
N ALA G 541 -30.23 -14.85 -5.11
CA ALA G 541 -30.89 -16.07 -4.67
C ALA G 541 -30.90 -16.17 -3.16
N GLU G 542 -29.85 -15.66 -2.51
CA GLU G 542 -29.71 -15.70 -1.07
C GLU G 542 -29.12 -14.36 -0.68
N PRO G 543 -29.65 -13.69 0.34
CA PRO G 543 -29.10 -12.38 0.72
C PRO G 543 -27.64 -12.48 1.12
N LYS G 544 -26.86 -11.48 0.72
CA LYS G 544 -25.45 -11.44 1.00
C LYS G 544 -25.05 -10.29 1.93
N GLN G 545 -26.02 -9.50 2.39
CA GLN G 545 -25.73 -8.40 3.30
C GLN G 545 -26.80 -8.39 4.39
N GLY G 546 -26.44 -7.84 5.54
CA GLY G 546 -27.41 -7.78 6.62
C GLY G 546 -26.90 -6.94 7.77
N ARG G 547 -27.83 -6.67 8.69
CA ARG G 547 -27.52 -5.89 9.86
C ARG G 547 -28.07 -6.60 11.09
N ILE G 548 -27.36 -6.47 12.21
CA ILE G 548 -27.91 -6.71 13.52
C ILE G 548 -27.84 -5.36 14.21
N VAL G 549 -29.01 -4.77 14.52
CA VAL G 549 -29.08 -3.40 15.00
C VAL G 549 -29.75 -3.41 16.37
N VAL G 550 -29.16 -2.68 17.32
CA VAL G 550 -29.59 -2.65 18.71
C VAL G 550 -30.32 -1.34 18.98
N PHE G 551 -31.50 -1.42 19.59
CA PHE G 551 -32.28 -0.24 19.95
C PHE G 551 -32.54 -0.20 21.46
N GLN G 552 -32.67 1.02 22.00
CA GLN G 552 -33.19 1.24 23.35
C GLN G 552 -34.42 2.14 23.24
N TYR G 553 -35.54 1.68 23.77
CA TYR G 553 -36.75 2.49 23.86
C TYR G 553 -36.68 3.31 25.15
N SER G 554 -36.59 4.63 25.02
CA SER G 554 -36.45 5.48 26.19
C SER G 554 -37.24 6.77 25.98
N ASP G 555 -38.11 7.08 26.95
CA ASP G 555 -38.88 8.32 26.95
C ASP G 555 -39.64 8.50 25.64
N GLY G 556 -40.37 7.45 25.26
CA GLY G 556 -41.28 7.47 24.14
C GLY G 556 -40.66 7.32 22.77
N LYS G 557 -39.33 7.22 22.66
CA LYS G 557 -38.67 7.07 21.37
C LYS G 557 -37.50 6.10 21.52
N LEU G 558 -37.32 5.23 20.52
CA LEU G 558 -36.22 4.29 20.52
C LEU G 558 -35.05 4.84 19.71
N GLN G 559 -33.86 4.72 20.29
CA GLN G 559 -32.60 5.19 19.73
C GLN G 559 -31.74 4.01 19.30
N THR G 560 -30.89 4.25 18.30
CA THR G 560 -29.98 3.22 17.81
C THR G 560 -28.69 3.23 18.64
N VAL G 561 -28.45 2.14 19.36
CA VAL G 561 -27.28 2.07 20.25
C VAL G 561 -26.06 1.61 19.47
N ALA G 562 -26.22 0.64 18.58
CA ALA G 562 -25.12 0.10 17.80
C ALA G 562 -25.69 -0.77 16.69
N GLU G 563 -24.93 -0.88 15.61
CA GLU G 563 -25.29 -1.74 14.48
C GLU G 563 -24.09 -2.60 14.13
N LYS G 564 -24.36 -3.85 13.73
CA LYS G 564 -23.31 -4.78 13.32
C LYS G 564 -23.62 -5.29 11.93
N GLU G 565 -22.68 -5.12 11.01
CA GLU G 565 -22.86 -5.60 9.66
C GLU G 565 -22.56 -7.08 9.58
N VAL G 566 -23.40 -7.81 8.83
CA VAL G 566 -23.19 -9.22 8.56
C VAL G 566 -23.34 -9.46 7.07
N LYS G 567 -22.84 -10.61 6.62
CA LYS G 567 -22.82 -10.92 5.19
C LYS G 567 -23.94 -11.90 4.83
N GLY G 568 -25.15 -11.63 5.29
CA GLY G 568 -26.26 -12.54 5.03
C GLY G 568 -27.49 -12.12 5.81
N ALA G 569 -28.46 -13.03 5.85
CA ALA G 569 -29.72 -12.77 6.53
C ALA G 569 -29.64 -13.28 7.96
N VAL G 570 -30.02 -12.43 8.91
CA VAL G 570 -30.03 -12.80 10.33
C VAL G 570 -31.40 -13.42 10.58
N TYR G 571 -31.51 -14.71 10.25
CA TYR G 571 -32.81 -15.36 10.35
C TYR G 571 -33.29 -15.46 11.79
N SER G 572 -32.38 -15.74 12.73
CA SER G 572 -32.82 -15.95 14.11
C SER G 572 -31.79 -15.42 15.10
N MET G 573 -32.30 -14.93 16.25
CA MET G 573 -31.51 -14.45 17.37
C MET G 573 -32.14 -14.91 18.67
N VAL G 574 -31.31 -15.12 19.70
CA VAL G 574 -31.79 -15.54 21.00
C VAL G 574 -30.79 -15.12 22.07
N GLU G 575 -31.31 -14.76 23.25
CA GLU G 575 -30.43 -14.37 24.34
C GLU G 575 -29.73 -15.62 24.87
N PHE G 576 -28.41 -15.54 25.04
CA PHE G 576 -27.61 -16.70 25.42
C PHE G 576 -26.62 -16.28 26.51
N ASN G 577 -27.05 -16.40 27.77
CA ASN G 577 -26.17 -16.21 28.92
C ASN G 577 -25.42 -14.90 28.81
N GLY G 578 -26.17 -13.82 28.60
CA GLY G 578 -25.58 -12.49 28.50
C GLY G 578 -24.91 -12.20 27.18
N LYS G 579 -24.93 -13.13 26.25
CA LYS G 579 -24.38 -12.97 24.91
C LYS G 579 -25.51 -13.08 23.90
N LEU G 580 -25.23 -12.66 22.67
CA LEU G 580 -26.21 -12.68 21.59
C LEU G 580 -25.89 -13.82 20.64
N LEU G 581 -26.81 -14.77 20.52
CA LEU G 581 -26.68 -15.89 19.59
C LEU G 581 -27.53 -15.59 18.36
N ALA G 582 -26.88 -15.48 17.20
CA ALA G 582 -27.55 -15.13 15.96
C ALA G 582 -27.15 -16.08 14.85
N SER G 583 -28.08 -16.35 13.95
CA SER G 583 -27.86 -17.21 12.79
C SER G 583 -27.83 -16.34 11.54
N ILE G 584 -26.70 -16.34 10.85
CA ILE G 584 -26.52 -15.57 9.62
C ILE G 584 -26.32 -16.59 8.50
N ASN G 585 -27.35 -16.78 7.68
CA ASN G 585 -27.33 -17.77 6.59
C ASN G 585 -26.93 -19.14 7.13
N SER G 586 -25.85 -19.73 6.60
CA SER G 586 -25.40 -21.01 7.13
C SER G 586 -24.78 -20.89 8.51
N THR G 587 -24.19 -19.74 8.81
CA THR G 587 -23.41 -19.56 10.03
C THR G 587 -24.32 -19.37 11.24
N VAL G 588 -23.91 -19.98 12.35
CA VAL G 588 -24.48 -19.74 13.68
C VAL G 588 -23.38 -19.06 14.49
N ARG G 589 -23.64 -17.86 14.98
CA ARG G 589 -22.63 -17.04 15.61
C ARG G 589 -23.05 -16.61 17.00
N LEU G 590 -22.06 -16.51 17.89
CA LEU G 590 -22.23 -16.01 19.24
C LEU G 590 -21.46 -14.70 19.38
N TYR G 591 -22.18 -13.62 19.69
CA TYR G 591 -21.63 -12.29 19.86
C TYR G 591 -21.54 -11.96 21.35
N GLU G 592 -20.50 -11.23 21.74
CA GLU G 592 -20.37 -10.67 23.07
C GLU G 592 -20.73 -9.19 23.03
N TRP G 593 -21.24 -8.67 24.15
CA TRP G 593 -21.63 -7.26 24.25
C TRP G 593 -20.55 -6.54 25.05
N THR G 594 -19.78 -5.69 24.36
CA THR G 594 -18.61 -5.12 24.98
C THR G 594 -18.98 -3.95 25.90
N THR G 595 -17.98 -3.51 26.66
CA THR G 595 -18.11 -2.32 27.48
C THR G 595 -18.22 -1.05 26.65
N GLU G 596 -17.94 -1.14 25.35
CA GLU G 596 -18.08 -0.05 24.41
C GLU G 596 -19.43 -0.03 23.73
N LYS G 597 -20.38 -0.82 24.20
CA LYS G 597 -21.72 -0.90 23.63
C LYS G 597 -21.66 -1.26 22.13
N GLU G 598 -20.88 -2.29 21.82
CA GLU G 598 -20.85 -2.84 20.47
C GLU G 598 -20.67 -4.35 20.52
N LEU G 599 -21.15 -5.03 19.50
CA LEU G 599 -21.11 -6.48 19.42
C LEU G 599 -19.78 -6.97 18.88
N ARG G 600 -19.24 -8.00 19.54
CA ARG G 600 -17.98 -8.63 19.16
C ARG G 600 -18.20 -10.13 19.03
N THR G 601 -17.76 -10.68 17.91
CA THR G 601 -17.95 -12.11 17.63
C THR G 601 -17.03 -12.94 18.52
N GLU G 602 -17.59 -13.94 19.18
CA GLU G 602 -16.77 -14.85 19.97
C GLU G 602 -16.39 -16.12 19.21
N CYS G 603 -17.38 -16.84 18.65
CA CYS G 603 -17.13 -18.11 18.00
C CYS G 603 -18.26 -18.40 17.02
N ASN G 604 -18.00 -19.36 16.11
CA ASN G 604 -18.93 -19.62 15.02
C ASN G 604 -19.12 -21.12 14.79
N HIS G 605 -20.22 -21.44 14.11
CA HIS G 605 -20.50 -22.78 13.61
C HIS G 605 -21.05 -22.64 12.18
N TYR G 606 -20.48 -23.40 11.24
CA TYR G 606 -20.85 -23.24 9.84
C TYR G 606 -21.54 -24.46 9.22
N ASN G 607 -21.62 -25.59 9.93
CA ASN G 607 -22.08 -26.83 9.32
C ASN G 607 -23.61 -26.83 9.24
N ASN G 608 -24.12 -25.92 8.43
CA ASN G 608 -25.56 -25.84 8.21
C ASN G 608 -25.78 -25.47 6.74
N ILE G 609 -26.89 -25.96 6.18
CA ILE G 609 -27.31 -25.47 4.87
C ILE G 609 -27.97 -24.10 5.01
N MET G 610 -28.92 -23.98 5.94
CA MET G 610 -29.55 -22.70 6.25
C MET G 610 -30.06 -22.74 7.68
N ALA G 611 -29.47 -21.88 8.54
CA ALA G 611 -29.75 -21.88 9.97
C ALA G 611 -31.00 -21.05 10.28
N LEU G 612 -32.15 -21.64 10.00
CA LEU G 612 -33.38 -20.85 10.08
C LEU G 612 -33.86 -20.61 11.51
N TYR G 613 -33.70 -21.59 12.42
CA TYR G 613 -34.34 -21.51 13.73
C TYR G 613 -33.35 -21.84 14.85
N LEU G 614 -33.46 -21.08 15.94
CA LEU G 614 -32.61 -21.26 17.10
C LEU G 614 -33.41 -21.28 18.40
N LYS G 615 -33.02 -22.16 19.31
CA LYS G 615 -33.51 -22.19 20.69
C LYS G 615 -32.36 -22.60 21.58
N THR G 616 -32.41 -22.19 22.86
CA THR G 616 -31.32 -22.50 23.79
C THR G 616 -31.85 -22.99 25.13
N LYS G 617 -30.98 -23.69 25.87
CA LYS G 617 -31.26 -24.12 27.23
C LYS G 617 -29.91 -24.33 27.90
N GLY G 618 -29.54 -23.44 28.81
CA GLY G 618 -28.22 -23.53 29.43
C GLY G 618 -27.17 -23.15 28.40
N ASP G 619 -26.14 -23.99 28.26
CA ASP G 619 -25.15 -23.83 27.21
C ASP G 619 -25.47 -24.66 25.98
N PHE G 620 -26.68 -25.20 25.88
CA PHE G 620 -27.09 -26.05 24.77
C PHE G 620 -27.87 -25.20 23.76
N ILE G 621 -27.62 -25.46 22.48
CA ILE G 621 -28.27 -24.73 21.40
C ILE G 621 -28.91 -25.74 20.46
N LEU G 622 -30.17 -25.52 20.12
CA LEU G 622 -30.86 -26.32 19.10
C LEU G 622 -30.97 -25.51 17.82
N VAL G 623 -30.52 -26.08 16.71
CA VAL G 623 -30.55 -25.43 15.41
C VAL G 623 -31.48 -26.21 14.51
N GLY G 624 -32.33 -25.48 13.78
CA GLY G 624 -33.25 -26.08 12.83
C GLY G 624 -32.93 -25.65 11.42
N ASP G 625 -32.58 -26.60 10.56
CA ASP G 625 -32.10 -26.31 9.22
C ASP G 625 -33.24 -26.31 8.20
N LEU G 626 -32.94 -25.76 7.01
CA LEU G 626 -33.91 -25.78 5.93
C LEU G 626 -34.18 -27.17 5.41
N MET G 627 -33.17 -28.05 5.40
CA MET G 627 -33.37 -29.39 4.88
C MET G 627 -32.72 -30.49 5.70
N ARG G 628 -31.91 -30.17 6.70
CA ARG G 628 -31.18 -31.19 7.46
C ARG G 628 -31.73 -31.37 8.88
N SER G 629 -33.01 -31.07 9.10
CA SER G 629 -33.65 -31.39 10.37
C SER G 629 -33.00 -30.55 11.47
N VAL G 630 -32.55 -31.16 12.57
CA VAL G 630 -32.07 -30.43 13.73
C VAL G 630 -30.71 -30.95 14.19
N LEU G 631 -29.92 -30.03 14.74
CA LEU G 631 -28.61 -30.30 15.30
C LEU G 631 -28.54 -29.76 16.71
N LEU G 632 -27.93 -30.52 17.62
CA LEU G 632 -27.71 -30.09 19.00
C LEU G 632 -26.27 -29.59 19.13
N LEU G 633 -26.13 -28.28 19.34
CA LEU G 633 -24.83 -27.65 19.55
C LEU G 633 -24.62 -27.36 21.03
N ALA G 634 -23.36 -27.34 21.45
CA ALA G 634 -23.02 -27.01 22.82
C ALA G 634 -21.89 -26.00 22.79
N TYR G 635 -21.97 -25.03 23.68
CA TYR G 635 -20.93 -24.04 23.87
C TYR G 635 -19.96 -24.56 24.93
N LYS G 636 -18.69 -24.68 24.56
CA LYS G 636 -17.66 -25.14 25.47
C LYS G 636 -17.06 -23.93 26.17
N PRO G 637 -17.42 -23.67 27.43
CA PRO G 637 -17.01 -22.39 28.03
C PRO G 637 -15.51 -22.28 28.21
N MET G 638 -14.81 -23.40 28.40
CA MET G 638 -13.38 -23.36 28.66
C MET G 638 -12.58 -22.92 27.43
N GLU G 639 -13.01 -23.34 26.25
CA GLU G 639 -12.26 -23.17 25.01
C GLU G 639 -12.78 -22.02 24.20
N GLY G 640 -14.02 -21.61 24.45
CA GLY G 640 -14.60 -20.51 23.72
C GLY G 640 -15.10 -20.85 22.34
N ASN G 641 -15.64 -22.04 22.13
CA ASN G 641 -16.08 -22.50 20.82
C ASN G 641 -17.29 -23.39 20.98
N PHE G 642 -17.89 -23.75 19.85
CA PHE G 642 -19.07 -24.60 19.81
C PHE G 642 -18.61 -26.04 19.55
N GLU G 643 -19.40 -26.99 20.02
CA GLU G 643 -19.17 -28.41 19.73
C GLU G 643 -20.47 -29.06 19.30
N GLU G 644 -20.38 -29.89 18.25
CA GLU G 644 -21.54 -30.60 17.74
C GLU G 644 -21.81 -31.82 18.61
N ILE G 645 -22.86 -31.77 19.42
CA ILE G 645 -23.18 -32.90 20.28
C ILE G 645 -23.83 -34.02 19.48
N ALA G 646 -24.85 -33.70 18.69
CA ALA G 646 -25.57 -34.74 17.96
C ALA G 646 -26.42 -34.12 16.88
N ARG G 647 -26.40 -34.73 15.70
CA ARG G 647 -27.15 -34.26 14.55
C ARG G 647 -28.13 -35.33 14.10
N ASP G 648 -29.34 -34.89 13.77
CA ASP G 648 -30.34 -35.76 13.15
C ASP G 648 -30.05 -35.84 11.66
N PHE G 649 -29.80 -37.05 11.17
CA PHE G 649 -29.47 -37.25 9.77
C PHE G 649 -30.68 -37.51 8.89
N ASN G 650 -31.88 -37.53 9.45
CA ASN G 650 -33.08 -37.64 8.64
C ASN G 650 -33.39 -36.30 7.99
N PRO G 651 -33.71 -36.26 6.69
CA PRO G 651 -33.93 -34.96 6.03
C PRO G 651 -35.36 -34.47 6.20
N ASN G 652 -35.53 -33.32 6.84
CA ASN G 652 -36.83 -32.72 7.05
C ASN G 652 -36.74 -31.24 6.75
N TRP G 653 -37.79 -30.70 6.13
CA TRP G 653 -37.91 -29.27 5.90
C TRP G 653 -38.58 -28.67 7.13
N MET G 654 -37.81 -27.92 7.92
CA MET G 654 -38.26 -27.49 9.23
C MET G 654 -39.09 -26.21 9.13
N SER G 655 -40.13 -26.13 9.97
CA SER G 655 -40.92 -24.91 10.10
C SER G 655 -40.76 -24.24 11.46
N ALA G 656 -40.37 -24.99 12.49
CA ALA G 656 -40.10 -24.46 13.83
C ALA G 656 -39.51 -25.57 14.67
N VAL G 657 -38.72 -25.20 15.68
CA VAL G 657 -38.09 -26.15 16.59
C VAL G 657 -38.32 -25.69 18.02
N GLU G 658 -38.29 -26.63 18.94
CA GLU G 658 -38.38 -26.30 20.36
C GLU G 658 -37.61 -27.34 21.18
N ILE G 659 -37.08 -26.89 22.31
CA ILE G 659 -36.42 -27.77 23.26
C ILE G 659 -37.43 -28.15 24.34
N LEU G 660 -37.62 -29.45 24.55
CA LEU G 660 -38.51 -29.93 25.61
C LEU G 660 -37.77 -30.07 26.94
N ASP G 661 -36.69 -30.84 26.95
CA ASP G 661 -35.81 -30.97 28.10
C ASP G 661 -34.40 -31.22 27.59
N ASP G 662 -33.46 -31.51 28.51
CA ASP G 662 -32.06 -31.63 28.10
C ASP G 662 -31.81 -32.79 27.15
N ASP G 663 -32.75 -33.74 27.02
CA ASP G 663 -32.54 -34.88 26.11
C ASP G 663 -33.56 -34.99 24.98
N ASN G 664 -34.67 -34.27 25.03
CA ASN G 664 -35.74 -34.40 24.04
C ASN G 664 -35.93 -33.11 23.28
N PHE G 665 -36.13 -33.21 21.96
CA PHE G 665 -36.25 -32.06 21.08
C PHE G 665 -37.42 -32.23 20.12
N LEU G 666 -38.20 -31.16 19.96
CA LEU G 666 -39.44 -31.18 19.20
C LEU G 666 -39.29 -30.40 17.90
N GLY G 667 -39.88 -30.94 16.83
CA GLY G 667 -39.78 -30.30 15.53
C GLY G 667 -41.09 -30.38 14.76
N ALA G 668 -41.25 -29.43 13.84
CA ALA G 668 -42.40 -29.33 12.95
C ALA G 668 -41.91 -29.10 11.53
N GLU G 669 -42.34 -29.95 10.60
CA GLU G 669 -41.91 -29.90 9.21
C GLU G 669 -43.00 -29.31 8.31
N ASN G 670 -42.59 -28.96 7.09
CA ASN G 670 -43.52 -28.37 6.11
C ASN G 670 -44.53 -29.37 5.59
N ALA G 671 -44.47 -30.63 6.05
CA ALA G 671 -45.42 -31.66 5.66
C ALA G 671 -46.57 -31.83 6.66
N PHE G 672 -46.73 -30.90 7.59
CA PHE G 672 -47.75 -30.96 8.63
C PHE G 672 -47.47 -32.11 9.60
N ASN G 673 -46.19 -32.36 9.89
CA ASN G 673 -45.77 -33.43 10.78
C ASN G 673 -44.93 -32.91 11.94
N LEU G 674 -45.04 -33.60 13.07
CA LEU G 674 -44.30 -33.33 14.30
C LEU G 674 -43.42 -34.53 14.62
N PHE G 675 -42.21 -34.27 15.10
CA PHE G 675 -41.31 -35.34 15.50
C PHE G 675 -40.47 -34.90 16.70
N VAL G 676 -39.96 -35.90 17.43
CA VAL G 676 -39.15 -35.67 18.62
C VAL G 676 -37.88 -36.49 18.50
N CYS G 677 -36.74 -35.84 18.70
CA CYS G 677 -35.43 -36.49 18.67
C CYS G 677 -34.81 -36.52 20.06
N GLN G 678 -34.24 -37.67 20.43
CA GLN G 678 -33.61 -37.85 21.73
C GLN G 678 -32.13 -38.18 21.55
N LYS G 679 -31.30 -37.58 22.40
CA LYS G 679 -29.89 -37.96 22.46
C LYS G 679 -29.78 -39.45 22.81
N ASP G 680 -28.88 -40.17 22.13
CA ASP G 680 -28.74 -41.59 22.44
C ASP G 680 -28.13 -41.79 23.83
N SER G 681 -28.76 -41.20 24.84
CA SER G 681 -28.35 -41.38 26.24
C SER G 681 -26.89 -40.96 26.35
N ALA G 682 -26.11 -41.62 27.19
CA ALA G 682 -24.66 -41.45 27.26
C ALA G 682 -23.96 -42.72 26.78
N ALA G 683 -24.04 -43.01 25.48
CA ALA G 683 -23.47 -44.24 24.99
C ALA G 683 -21.95 -44.21 25.05
N THR G 684 -21.35 -45.41 24.95
CA THR G 684 -19.91 -45.57 24.94
C THR G 684 -19.32 -45.30 23.57
N THR G 685 -20.14 -45.29 22.52
CA THR G 685 -19.68 -45.07 21.15
C THR G 685 -19.93 -43.62 20.78
N ASP G 686 -18.89 -42.97 20.27
CA ASP G 686 -19.04 -41.57 19.84
C ASP G 686 -19.95 -41.47 18.64
N GLU G 687 -19.96 -42.49 17.77
CA GLU G 687 -20.88 -42.46 16.64
C GLU G 687 -22.34 -42.46 17.11
N GLU G 688 -22.63 -43.19 18.19
CA GLU G 688 -24.01 -43.19 18.70
C GLU G 688 -24.34 -41.89 19.42
N ARG G 689 -23.40 -41.32 20.19
CA ARG G 689 -23.70 -40.06 20.87
C ARG G 689 -24.03 -38.96 19.86
N GLN G 690 -23.29 -38.89 18.76
CA GLN G 690 -23.48 -37.87 17.74
C GLN G 690 -24.79 -38.06 16.97
N HIS G 691 -25.49 -39.17 17.16
CA HIS G 691 -26.74 -39.45 16.48
C HIS G 691 -27.97 -39.11 17.32
N LEU G 692 -28.81 -38.25 16.78
CA LEU G 692 -30.14 -38.02 17.34
C LEU G 692 -31.15 -39.00 16.72
N GLN G 693 -31.85 -39.75 17.55
CA GLN G 693 -32.83 -40.72 17.07
C GLN G 693 -34.22 -40.10 17.10
N GLU G 694 -34.88 -40.08 15.93
CA GLU G 694 -36.28 -39.68 15.85
C GLU G 694 -37.12 -40.71 16.60
N VAL G 695 -37.60 -40.31 17.78
CA VAL G 695 -38.28 -41.24 18.67
C VAL G 695 -39.78 -41.00 18.73
N GLY G 696 -40.27 -39.83 18.31
CA GLY G 696 -41.69 -39.55 18.27
C GLY G 696 -42.09 -39.03 16.90
N LEU G 697 -43.18 -39.53 16.35
CA LEU G 697 -43.64 -39.16 15.02
C LEU G 697 -45.15 -38.98 15.05
N PHE G 698 -45.64 -37.85 14.53
CA PHE G 698 -47.06 -37.54 14.62
C PHE G 698 -47.45 -36.61 13.48
N HIS G 699 -48.55 -36.93 12.81
CA HIS G 699 -49.11 -36.06 11.77
C HIS G 699 -50.12 -35.11 12.42
N LEU G 700 -49.75 -33.83 12.54
CA LEU G 700 -50.66 -32.86 13.14
C LEU G 700 -51.75 -32.45 12.15
N GLY G 701 -51.37 -32.20 10.91
CA GLY G 701 -52.30 -31.64 9.94
C GLY G 701 -52.28 -30.13 9.84
N GLU G 702 -51.43 -29.47 10.62
CA GLU G 702 -51.28 -28.02 10.60
C GLU G 702 -49.80 -27.70 10.44
N PHE G 703 -49.55 -26.48 9.96
CA PHE G 703 -48.21 -25.95 9.74
C PHE G 703 -47.87 -25.10 10.95
N VAL G 704 -46.92 -25.56 11.76
CA VAL G 704 -46.56 -24.90 13.00
C VAL G 704 -45.47 -23.89 12.72
N ASN G 705 -45.77 -22.61 12.93
CA ASN G 705 -44.80 -21.55 12.69
C ASN G 705 -43.97 -21.26 13.95
N VAL G 706 -44.57 -21.35 15.12
CA VAL G 706 -43.96 -20.89 16.36
C VAL G 706 -44.24 -21.87 17.49
N PHE G 707 -43.18 -22.35 18.14
CA PHE G 707 -43.24 -23.07 19.41
C PHE G 707 -42.93 -22.11 20.55
N CYS G 708 -43.62 -22.28 21.68
CA CYS G 708 -43.49 -21.35 22.80
C CYS G 708 -43.79 -22.02 24.13
N HIS G 709 -42.84 -21.94 25.07
CA HIS G 709 -43.06 -22.47 26.41
C HIS G 709 -44.03 -21.58 27.18
N GLY G 710 -44.99 -22.20 27.84
CA GLY G 710 -45.96 -21.50 28.67
C GLY G 710 -47.28 -22.23 28.67
N SER G 711 -48.17 -21.78 29.54
CA SER G 711 -49.52 -22.32 29.60
C SER G 711 -50.50 -21.20 29.93
N LEU G 712 -51.65 -21.22 29.26
CA LEU G 712 -52.66 -20.20 29.50
C LEU G 712 -53.50 -20.47 30.76
N VAL G 713 -53.44 -21.69 31.30
CA VAL G 713 -54.15 -22.10 32.52
C VAL G 713 -53.43 -21.58 33.77
N MET G 714 -54.10 -21.65 34.91
CA MET G 714 -53.56 -21.07 36.15
C MET G 714 -52.47 -21.97 36.74
N GLN G 715 -51.32 -21.37 37.06
CA GLN G 715 -50.18 -22.08 37.62
C GLN G 715 -50.15 -22.00 39.16
N ASN G 716 -50.16 -23.18 39.81
CA ASN G 716 -50.05 -23.26 41.25
C ASN G 716 -48.60 -23.38 41.75
N LEU G 717 -48.27 -22.58 42.78
CA LEU G 717 -46.96 -22.68 43.40
C LEU G 717 -46.78 -24.03 44.09
N GLY G 718 -47.83 -24.52 44.74
CA GLY G 718 -47.74 -25.80 45.40
C GLY G 718 -47.49 -26.91 44.38
N GLU G 719 -46.75 -27.92 44.81
CA GLU G 719 -46.32 -28.99 43.92
C GLU G 719 -47.35 -30.12 43.97
N THR G 720 -47.87 -30.46 42.80
CA THR G 720 -48.82 -31.53 42.61
C THR G 720 -48.29 -32.46 41.52
N SER G 721 -48.36 -33.76 41.77
CA SER G 721 -47.78 -34.71 40.82
C SER G 721 -48.81 -34.89 39.70
N THR G 722 -48.76 -33.97 38.74
CA THR G 722 -49.63 -34.07 37.59
C THR G 722 -49.10 -35.13 36.64
N PRO G 723 -49.97 -35.75 35.85
CA PRO G 723 -49.44 -36.73 34.86
C PRO G 723 -48.64 -36.07 33.75
N THR G 724 -49.11 -34.94 33.25
CA THR G 724 -48.40 -34.19 32.23
C THR G 724 -47.30 -33.35 32.85
N GLN G 725 -46.16 -33.31 32.18
CA GLN G 725 -45.02 -32.50 32.60
C GLN G 725 -44.61 -31.58 31.46
N GLY G 726 -44.54 -30.29 31.75
CA GLY G 726 -44.16 -29.31 30.75
C GLY G 726 -45.34 -28.78 29.95
N SER G 727 -45.15 -27.61 29.36
CA SER G 727 -46.21 -26.99 28.55
C SER G 727 -45.55 -26.21 27.43
N VAL G 728 -45.76 -26.66 26.20
CA VAL G 728 -45.31 -25.97 25.00
C VAL G 728 -46.55 -25.67 24.17
N LEU G 729 -46.80 -24.39 23.92
CA LEU G 729 -47.87 -23.96 23.03
C LEU G 729 -47.30 -23.74 21.63
N PHE G 730 -48.12 -24.01 20.62
CA PHE G 730 -47.68 -23.82 19.24
C PHE G 730 -48.81 -23.21 18.41
N GLY G 731 -48.41 -22.38 17.45
CA GLY G 731 -49.34 -21.70 16.57
C GLY G 731 -49.21 -22.15 15.13
N THR G 732 -50.33 -22.14 14.41
CA THR G 732 -50.39 -22.70 13.07
C THR G 732 -50.94 -21.69 12.07
N VAL G 733 -50.86 -22.05 10.79
CA VAL G 733 -51.28 -21.13 9.73
C VAL G 733 -52.80 -21.01 9.67
N ASN G 734 -53.52 -22.05 10.09
CA ASN G 734 -54.98 -22.07 10.02
C ASN G 734 -55.64 -21.55 11.30
N GLY G 735 -54.86 -20.94 12.19
CA GLY G 735 -55.36 -20.40 13.42
C GLY G 735 -55.39 -21.35 14.60
N MET G 736 -55.20 -22.65 14.37
CA MET G 736 -55.18 -23.63 15.44
C MET G 736 -54.03 -23.34 16.41
N ILE G 737 -54.35 -23.34 17.71
CA ILE G 737 -53.36 -23.24 18.77
C ILE G 737 -53.37 -24.54 19.56
N GLY G 738 -52.19 -25.14 19.76
CA GLY G 738 -52.06 -26.44 20.38
C GLY G 738 -51.04 -26.47 21.50
N LEU G 739 -50.97 -27.64 22.16
CA LEU G 739 -50.13 -27.89 23.31
C LEU G 739 -49.44 -29.25 23.20
N VAL G 740 -48.14 -29.25 23.47
CA VAL G 740 -47.33 -30.45 23.53
C VAL G 740 -46.85 -30.60 24.97
N THR G 741 -47.00 -31.80 25.52
CA THR G 741 -46.58 -32.07 26.89
C THR G 741 -46.01 -33.47 26.99
N SER G 742 -45.25 -33.70 28.05
CA SER G 742 -44.56 -34.97 28.26
C SER G 742 -45.34 -35.84 29.24
N LEU G 743 -45.16 -37.15 29.12
CA LEU G 743 -45.83 -38.11 29.99
C LEU G 743 -44.77 -39.03 30.60
N SER G 744 -45.15 -39.70 31.69
CA SER G 744 -44.36 -40.82 32.18
C SER G 744 -44.69 -42.06 31.35
N GLU G 745 -43.74 -43.00 31.31
CA GLU G 745 -43.97 -44.22 30.56
C GLU G 745 -45.27 -44.89 31.01
N SER G 746 -45.53 -44.87 32.33
CA SER G 746 -46.74 -45.48 32.85
C SER G 746 -47.99 -44.84 32.26
N TRP G 747 -48.00 -43.51 32.11
CA TRP G 747 -49.18 -42.80 31.64
C TRP G 747 -49.35 -42.94 30.14
N TYR G 748 -48.24 -42.92 29.40
CA TYR G 748 -48.30 -43.17 27.96
C TYR G 748 -48.99 -44.49 27.67
N ASN G 749 -48.45 -45.58 28.22
CA ASN G 749 -48.99 -46.89 27.91
C ASN G 749 -50.47 -46.96 28.24
N LEU G 750 -50.85 -46.38 29.39
CA LEU G 750 -52.25 -46.38 29.78
C LEU G 750 -53.10 -45.68 28.73
N LEU G 751 -52.65 -44.50 28.29
CA LEU G 751 -53.44 -43.70 27.35
C LEU G 751 -53.41 -44.29 25.94
N LEU G 752 -52.27 -44.87 25.55
CA LEU G 752 -52.19 -45.52 24.24
C LEU G 752 -53.18 -46.68 24.19
N ASP G 753 -53.19 -47.51 25.22
CA ASP G 753 -54.15 -48.61 25.28
C ASP G 753 -55.57 -48.09 25.16
N MET G 754 -55.84 -46.92 25.75
CA MET G 754 -57.18 -46.35 25.64
C MET G 754 -57.47 -45.89 24.22
N GLN G 755 -56.48 -45.30 23.55
CA GLN G 755 -56.70 -44.86 22.18
C GLN G 755 -57.10 -46.04 21.29
N ASN G 756 -56.27 -47.10 21.27
CA ASN G 756 -56.57 -48.28 20.47
C ASN G 756 -57.90 -48.88 20.87
N ARG G 757 -58.30 -48.73 22.13
CA ARG G 757 -59.65 -49.12 22.54
C ARG G 757 -60.68 -48.12 22.04
N LEU G 758 -60.37 -46.82 22.16
CA LEU G 758 -61.32 -45.81 21.73
C LEU G 758 -61.59 -45.89 20.23
N ASN G 759 -60.56 -46.22 19.45
CA ASN G 759 -60.73 -46.27 18.00
C ASN G 759 -61.67 -47.37 17.55
N LYS G 760 -61.72 -48.48 18.29
CA LYS G 760 -62.65 -49.56 17.94
C LYS G 760 -64.09 -49.12 18.22
N VAL G 761 -64.27 -48.18 19.12
CA VAL G 761 -65.60 -47.74 19.56
C VAL G 761 -66.14 -46.59 18.72
N ILE G 762 -65.28 -45.62 18.41
CA ILE G 762 -65.73 -44.35 17.87
C ILE G 762 -65.85 -44.45 16.36
N LYS G 763 -66.96 -43.93 15.82
CA LYS G 763 -67.17 -43.86 14.39
C LYS G 763 -66.72 -42.49 13.86
N SER G 764 -65.81 -42.51 12.89
CA SER G 764 -65.29 -41.30 12.27
C SER G 764 -66.10 -40.99 11.01
N VAL G 765 -66.19 -39.70 10.68
CA VAL G 765 -66.82 -39.31 9.42
C VAL G 765 -65.95 -39.79 8.26
N GLY G 766 -66.59 -40.44 7.28
CA GLY G 766 -65.89 -41.02 6.17
C GLY G 766 -65.26 -42.37 6.44
N LYS G 767 -65.42 -42.92 7.65
CA LYS G 767 -64.85 -44.22 8.01
C LYS G 767 -63.33 -44.22 7.79
N ILE G 768 -62.67 -43.18 8.29
CA ILE G 768 -61.22 -43.04 8.19
C ILE G 768 -60.56 -43.60 9.45
N GLU G 769 -59.63 -44.54 9.26
CA GLU G 769 -58.86 -45.11 10.37
C GLU G 769 -58.00 -44.05 11.04
N HIS G 770 -58.13 -43.95 12.37
CA HIS G 770 -57.35 -42.98 13.11
C HIS G 770 -55.85 -43.22 12.96
N SER G 771 -55.43 -44.48 13.01
CA SER G 771 -54.01 -44.79 12.87
C SER G 771 -53.45 -44.27 11.55
N PHE G 772 -54.27 -44.31 10.48
CA PHE G 772 -53.86 -43.78 9.18
C PHE G 772 -53.68 -42.26 9.23
N TRP G 773 -54.69 -41.55 9.72
CA TRP G 773 -54.65 -40.08 9.73
C TRP G 773 -53.44 -39.56 10.47
N ARG G 774 -53.17 -40.08 11.66
CA ARG G 774 -52.06 -39.57 12.46
C ARG G 774 -50.72 -40.19 12.05
N SER G 775 -50.69 -41.06 11.05
CA SER G 775 -49.42 -41.60 10.59
C SER G 775 -48.59 -40.52 9.93
N PHE G 776 -47.30 -40.50 10.24
CA PHE G 776 -46.35 -39.58 9.62
C PHE G 776 -46.44 -39.67 8.11
N HIS G 777 -46.51 -38.52 7.43
CA HIS G 777 -46.75 -38.56 5.99
C HIS G 777 -46.04 -37.42 5.26
N THR G 778 -45.14 -37.81 4.35
CA THR G 778 -44.61 -36.95 3.29
C THR G 778 -44.94 -37.61 1.95
N GLU G 779 -44.82 -36.85 0.85
CA GLU G 779 -45.12 -37.44 -0.45
C GLU G 779 -44.32 -38.71 -0.70
N ARG G 780 -43.13 -38.80 -0.09
CA ARG G 780 -42.24 -39.94 -0.32
C ARG G 780 -42.38 -41.05 0.72
N LYS G 781 -42.57 -40.74 2.01
CA LYS G 781 -42.64 -41.78 3.03
C LYS G 781 -43.86 -41.61 3.93
N THR G 782 -44.41 -42.74 4.37
CA THR G 782 -45.46 -42.82 5.37
C THR G 782 -45.10 -43.84 6.44
N GLU G 783 -45.15 -43.43 7.71
CA GLU G 783 -44.84 -44.30 8.84
C GLU G 783 -45.89 -44.12 9.92
N PRO G 784 -46.18 -45.17 10.69
CA PRO G 784 -47.16 -45.03 11.77
C PRO G 784 -46.65 -44.13 12.89
N ALA G 785 -47.58 -43.40 13.52
CA ALA G 785 -47.21 -42.50 14.59
C ALA G 785 -46.61 -43.27 15.77
N THR G 786 -45.73 -42.59 16.50
CA THR G 786 -45.09 -43.20 17.65
C THR G 786 -44.67 -42.11 18.62
N GLY G 787 -44.75 -42.42 19.91
CA GLY G 787 -44.31 -41.50 20.94
C GLY G 787 -45.25 -40.34 21.19
N PHE G 788 -46.44 -40.37 20.60
CA PHE G 788 -47.40 -39.27 20.68
C PHE G 788 -48.80 -39.81 20.95
N ILE G 789 -49.50 -39.18 21.89
CA ILE G 789 -50.88 -39.47 22.22
C ILE G 789 -51.77 -38.32 21.76
N ASP G 790 -52.79 -38.63 20.97
CA ASP G 790 -53.74 -37.64 20.45
C ASP G 790 -54.70 -37.23 21.57
N GLY G 791 -54.39 -36.10 22.24
CA GLY G 791 -55.20 -35.68 23.37
C GLY G 791 -56.66 -35.46 23.02
N ASP G 792 -56.95 -35.00 21.79
CA ASP G 792 -58.33 -34.81 21.37
C ASP G 792 -59.08 -36.13 21.27
N LEU G 793 -58.37 -37.24 21.08
CA LEU G 793 -59.01 -38.55 21.14
C LEU G 793 -59.26 -38.98 22.58
N ILE G 794 -58.23 -38.86 23.42
CA ILE G 794 -58.39 -39.16 24.86
C ILE G 794 -59.51 -38.31 25.43
N GLU G 795 -59.55 -37.02 25.09
CA GLU G 795 -60.58 -36.14 25.63
C GLU G 795 -61.96 -36.45 25.11
N SER G 796 -62.09 -37.28 24.07
CA SER G 796 -63.41 -37.66 23.58
C SER G 796 -64.08 -38.73 24.42
N PHE G 797 -63.32 -39.43 25.27
CA PHE G 797 -63.88 -40.43 26.18
C PHE G 797 -65.01 -39.86 27.03
N LEU G 798 -64.90 -38.59 27.43
CA LEU G 798 -65.91 -37.99 28.28
C LEU G 798 -67.24 -37.77 27.58
N ASP G 799 -67.28 -37.88 26.25
CA ASP G 799 -68.50 -37.62 25.49
C ASP G 799 -69.13 -38.90 24.96
N ILE G 800 -68.48 -40.06 25.13
CA ILE G 800 -69.03 -41.29 24.57
C ILE G 800 -70.07 -41.86 25.53
N SER G 801 -71.01 -42.62 24.99
CA SER G 801 -72.07 -43.16 25.81
C SER G 801 -71.52 -44.16 26.82
N ARG G 802 -72.28 -44.36 27.89
CA ARG G 802 -71.86 -45.30 28.92
C ARG G 802 -71.64 -46.71 28.41
N PRO G 803 -72.51 -47.30 27.58
CA PRO G 803 -72.20 -48.64 27.05
C PRO G 803 -70.81 -48.69 26.41
N LYS G 804 -70.45 -47.62 25.70
CA LYS G 804 -69.14 -47.59 25.05
C LYS G 804 -68.04 -47.41 26.08
N MET G 805 -68.29 -46.63 27.14
CA MET G 805 -67.29 -46.52 28.20
C MET G 805 -66.92 -47.88 28.75
N GLN G 806 -67.92 -48.74 28.98
CA GLN G 806 -67.66 -50.10 29.46
C GLN G 806 -66.85 -50.89 28.44
N GLU G 807 -67.14 -50.75 27.15
CA GLU G 807 -66.34 -51.42 26.15
C GLU G 807 -64.87 -51.03 26.29
N VAL G 808 -64.61 -49.79 26.70
CA VAL G 808 -63.23 -49.31 26.82
C VAL G 808 -62.55 -49.89 28.04
N VAL G 809 -63.24 -49.94 29.19
CA VAL G 809 -62.56 -50.35 30.42
C VAL G 809 -62.51 -51.86 30.62
N ALA G 810 -63.18 -52.64 29.77
CA ALA G 810 -63.15 -54.09 29.87
C ALA G 810 -61.72 -54.59 29.72
N ASN G 811 -61.29 -55.46 30.64
CA ASN G 811 -59.97 -56.08 30.56
C ASN G 811 -58.86 -55.04 30.74
N LEU G 812 -59.10 -54.04 31.58
CA LEU G 812 -58.19 -52.93 31.77
C LEU G 812 -57.66 -52.86 33.19
N GLN G 813 -56.34 -52.73 33.31
CA GLN G 813 -55.69 -52.59 34.60
C GLN G 813 -55.08 -51.19 34.77
N TYR G 814 -55.43 -50.53 35.88
CA TYR G 814 -54.90 -49.23 36.24
C TYR G 814 -54.35 -49.34 37.65
N ASP G 815 -53.21 -48.69 37.91
CA ASP G 815 -52.53 -48.78 39.19
C ASP G 815 -52.87 -47.48 39.92
N ASP G 816 -53.82 -47.56 40.87
CA ASP G 816 -54.26 -46.39 41.63
C ASP G 816 -53.56 -46.37 42.97
N GLY G 817 -52.25 -46.21 42.91
CA GLY G 817 -51.38 -46.29 44.06
C GLY G 817 -50.06 -46.92 43.68
N SER G 818 -49.30 -47.34 44.68
CA SER G 818 -48.11 -48.15 44.47
C SER G 818 -48.46 -49.63 44.54
N GLY G 819 -48.48 -50.31 43.38
CA GLY G 819 -48.76 -51.74 43.37
C GLY G 819 -50.21 -52.13 43.48
N MET G 820 -51.14 -51.17 43.57
CA MET G 820 -52.54 -51.52 43.71
C MET G 820 -53.00 -52.41 42.56
N LYS G 821 -52.61 -52.09 41.33
CA LYS G 821 -52.91 -52.90 40.16
C LYS G 821 -54.37 -53.36 40.17
N ARG G 822 -55.28 -52.40 40.21
CA ARG G 822 -56.69 -52.72 40.27
C ARG G 822 -57.36 -52.44 38.94
N GLU G 823 -58.27 -53.33 38.56
CA GLU G 823 -59.04 -53.14 37.35
C GLU G 823 -59.65 -51.75 37.39
N ALA G 824 -59.66 -51.08 36.25
CA ALA G 824 -60.11 -49.71 36.23
C ALA G 824 -61.61 -49.71 36.00
N THR G 825 -62.27 -48.75 36.64
CA THR G 825 -63.69 -48.52 36.47
C THR G 825 -63.86 -47.32 35.53
N ALA G 826 -65.05 -47.20 34.96
CA ALA G 826 -65.33 -46.03 34.12
C ALA G 826 -65.07 -44.75 34.90
N ASP G 827 -65.35 -44.76 36.22
CA ASP G 827 -65.07 -43.60 37.04
C ASP G 827 -63.58 -43.38 37.20
N ASP G 828 -62.80 -44.46 37.24
CA ASP G 828 -61.35 -44.30 37.35
C ASP G 828 -60.79 -43.57 36.13
N LEU G 829 -61.28 -43.93 34.94
CA LEU G 829 -60.78 -43.30 33.72
C LEU G 829 -61.34 -41.89 33.52
N ILE G 830 -62.63 -41.68 33.86
CA ILE G 830 -63.18 -40.32 33.79
C ILE G 830 -62.36 -39.40 34.67
N LYS G 831 -61.86 -39.92 35.81
CA LYS G 831 -60.96 -39.13 36.64
C LYS G 831 -59.67 -38.81 35.88
N VAL G 832 -59.16 -39.80 35.12
CA VAL G 832 -57.91 -39.61 34.38
C VAL G 832 -58.10 -38.59 33.27
N VAL G 833 -59.14 -38.74 32.47
CA VAL G 833 -59.34 -37.83 31.33
C VAL G 833 -59.64 -36.42 31.81
N GLU G 834 -60.48 -36.28 32.82
CA GLU G 834 -60.85 -34.95 33.30
C GLU G 834 -59.64 -34.21 33.87
N GLU G 835 -58.70 -34.92 34.49
CA GLU G 835 -57.48 -34.26 34.95
C GLU G 835 -56.68 -33.72 33.77
N LEU G 836 -56.70 -34.42 32.63
CA LEU G 836 -55.95 -33.97 31.47
C LEU G 836 -56.54 -32.72 30.84
N THR G 837 -57.85 -32.52 30.97
CA THR G 837 -58.46 -31.33 30.36
C THR G 837 -57.99 -30.04 31.01
N ARG G 838 -57.29 -30.11 32.14
CA ARG G 838 -56.96 -28.86 32.83
C ARG G 838 -55.79 -28.14 32.20
N ILE G 839 -54.92 -28.86 31.49
CA ILE G 839 -53.76 -28.23 30.86
C ILE G 839 -54.15 -27.48 29.59
N HIS G 840 -55.25 -27.87 28.95
CA HIS G 840 -55.68 -27.30 27.68
C HIS G 840 -56.45 -26.03 27.97
N THR H 7 5.61 -35.83 -2.39
CA THR H 7 5.10 -35.71 -3.75
C THR H 7 3.57 -35.86 -3.78
N GLU H 8 3.00 -35.68 -4.97
CA GLU H 8 1.55 -35.77 -5.12
C GLU H 8 1.02 -37.16 -4.84
N SER H 9 1.88 -38.19 -4.85
CA SER H 9 1.44 -39.57 -4.79
C SER H 9 1.54 -40.20 -3.41
N ASP H 10 2.28 -39.59 -2.49
CA ASP H 10 2.58 -40.24 -1.20
C ASP H 10 1.40 -40.03 -0.25
N TRP H 11 0.37 -40.86 -0.45
CA TRP H 11 -0.83 -40.78 0.36
C TRP H 11 -0.62 -41.43 1.71
N GLY H 12 -1.52 -41.13 2.63
CA GLY H 12 -1.48 -41.72 3.94
C GLY H 12 -0.49 -41.10 4.89
N LYS H 13 0.37 -40.21 4.43
CA LYS H 13 1.40 -39.61 5.28
C LYS H 13 0.98 -38.26 5.82
N ARG H 14 0.44 -37.38 4.97
CA ARG H 14 0.00 -36.07 5.43
C ARG H 14 -1.08 -36.20 6.49
N CYS H 15 -1.00 -35.32 7.49
CA CYS H 15 -1.86 -35.39 8.65
C CYS H 15 -3.15 -34.61 8.42
N VAL H 16 -4.22 -35.05 9.07
CA VAL H 16 -5.50 -34.36 8.97
C VAL H 16 -5.48 -32.99 9.65
N ASP H 17 -4.39 -32.65 10.34
CA ASP H 17 -4.27 -31.30 10.89
C ASP H 17 -4.44 -30.23 9.80
N LYS H 18 -4.09 -30.56 8.57
CA LYS H 18 -4.13 -29.63 7.45
C LYS H 18 -5.55 -29.25 7.04
N PHE H 19 -6.57 -29.82 7.68
CA PHE H 19 -7.95 -29.50 7.42
C PHE H 19 -8.63 -28.95 8.67
N ASP H 20 -9.40 -27.88 8.52
CA ASP H 20 -10.29 -27.41 9.58
C ASP H 20 -11.63 -28.14 9.47
N ILE H 21 -11.97 -28.92 10.49
CA ILE H 21 -13.23 -29.66 10.45
C ILE H 21 -14.38 -28.69 10.65
N ILE H 22 -15.35 -28.71 9.75
CA ILE H 22 -16.50 -27.82 9.83
C ILE H 22 -17.65 -28.46 10.59
N GLY H 23 -17.83 -29.76 10.42
CA GLY H 23 -18.89 -30.47 11.10
C GLY H 23 -19.02 -31.86 10.52
N ILE H 24 -20.07 -32.56 10.95
CA ILE H 24 -20.34 -33.93 10.50
C ILE H 24 -21.48 -33.86 9.49
N ILE H 25 -21.17 -34.23 8.24
CA ILE H 25 -22.17 -34.16 7.18
C ILE H 25 -22.86 -35.48 6.94
N GLY H 26 -22.57 -36.51 7.72
CA GLY H 26 -23.29 -37.76 7.58
C GLY H 26 -22.65 -38.91 8.32
N GLU H 27 -23.42 -40.00 8.39
CA GLU H 27 -23.01 -41.25 9.03
C GLU H 27 -22.64 -42.23 7.94
N GLY H 28 -21.55 -42.99 8.16
CA GLY H 28 -21.00 -43.87 7.14
C GLY H 28 -20.84 -45.30 7.63
N THR H 29 -20.63 -46.19 6.66
CA THR H 29 -20.56 -47.62 6.95
C THR H 29 -19.39 -47.93 7.88
N TYR H 30 -18.20 -47.44 7.54
CA TYR H 30 -17.00 -47.71 8.34
C TYR H 30 -16.66 -46.60 9.33
N GLY H 31 -17.21 -45.40 9.15
CA GLY H 31 -16.94 -44.27 10.02
C GLY H 31 -17.84 -43.12 9.65
N GLN H 32 -17.62 -41.98 10.30
CA GLN H 32 -18.46 -40.81 10.11
C GLN H 32 -17.85 -39.91 9.02
N VAL H 33 -18.72 -39.29 8.21
CA VAL H 33 -18.30 -38.41 7.14
C VAL H 33 -18.30 -36.97 7.65
N TYR H 34 -17.22 -36.23 7.40
CA TYR H 34 -17.06 -34.87 7.90
C TYR H 34 -16.86 -33.91 6.73
N LYS H 35 -17.28 -32.65 6.92
CA LYS H 35 -17.00 -31.58 5.97
C LYS H 35 -15.86 -30.73 6.51
N ALA H 36 -14.86 -30.47 5.67
CA ALA H 36 -13.66 -29.79 6.12
C ALA H 36 -13.18 -28.79 5.08
N LYS H 37 -12.47 -27.76 5.55
CA LYS H 37 -11.83 -26.77 4.69
C LYS H 37 -10.33 -27.00 4.74
N ASP H 38 -9.70 -27.04 3.57
CA ASP H 38 -8.25 -27.15 3.49
C ASP H 38 -7.59 -25.86 3.92
N LYS H 39 -6.63 -25.94 4.85
CA LYS H 39 -5.99 -24.75 5.38
C LYS H 39 -5.13 -24.04 4.33
N ASP H 40 -4.49 -24.79 3.44
CA ASP H 40 -3.58 -24.16 2.49
C ASP H 40 -4.31 -23.58 1.28
N THR H 41 -5.28 -24.32 0.75
CA THR H 41 -5.92 -23.94 -0.50
C THR H 41 -7.31 -23.35 -0.32
N GLY H 42 -7.95 -23.59 0.82
CA GLY H 42 -9.30 -23.13 1.06
C GLY H 42 -10.38 -23.96 0.39
N GLU H 43 -10.04 -25.12 -0.17
CA GLU H 43 -11.03 -25.93 -0.86
C GLU H 43 -11.86 -26.70 0.15
N LEU H 44 -13.17 -26.78 -0.11
CA LEU H 44 -14.02 -27.61 0.73
C LEU H 44 -13.89 -29.06 0.29
N VAL H 45 -13.76 -29.97 1.26
CA VAL H 45 -13.55 -31.37 1.00
C VAL H 45 -14.54 -32.18 1.83
N ALA H 46 -14.48 -33.50 1.68
CA ALA H 46 -15.28 -34.43 2.46
C ALA H 46 -14.37 -35.52 3.00
N LEU H 47 -14.45 -35.76 4.30
CA LEU H 47 -13.57 -36.73 4.97
C LEU H 47 -14.38 -37.92 5.46
N LYS H 48 -13.98 -39.12 5.05
CA LYS H 48 -14.53 -40.36 5.59
C LYS H 48 -13.54 -40.98 6.56
N LYS H 49 -13.91 -41.06 7.83
CA LYS H 49 -13.02 -41.60 8.84
C LYS H 49 -13.06 -43.12 8.74
N VAL H 50 -11.89 -43.73 8.52
CA VAL H 50 -11.77 -45.17 8.50
C VAL H 50 -11.16 -45.55 9.84
N ARG H 51 -11.97 -46.15 10.70
CA ARG H 51 -11.55 -46.49 12.05
C ARG H 51 -10.98 -47.89 12.03
N LEU H 52 -9.67 -48.00 12.20
CA LEU H 52 -9.04 -49.31 12.33
C LEU H 52 -9.00 -49.76 13.79
N ASP H 53 -9.53 -48.94 14.70
CA ASP H 53 -9.45 -49.24 16.13
C ASP H 53 -10.38 -50.37 16.54
N ASN H 54 -11.49 -50.58 15.82
CA ASN H 54 -12.27 -51.79 16.10
C ASN H 54 -11.34 -52.98 15.97
N GLU H 55 -10.48 -52.95 14.93
CA GLU H 55 -9.44 -53.96 14.75
C GLU H 55 -10.03 -55.36 14.71
N LYS H 56 -11.34 -55.45 14.47
CA LYS H 56 -11.97 -56.76 14.30
C LYS H 56 -11.26 -57.52 13.19
N GLU H 57 -11.17 -56.92 12.00
CA GLU H 57 -10.41 -57.44 10.89
C GLU H 57 -9.49 -56.37 10.31
N GLY H 58 -9.16 -55.35 11.10
CA GLY H 58 -8.27 -54.31 10.62
C GLY H 58 -8.97 -53.34 9.70
N PHE H 59 -8.21 -52.81 8.75
CA PHE H 59 -8.76 -51.85 7.79
C PHE H 59 -9.99 -52.45 7.10
N PRO H 60 -11.12 -51.74 7.08
CA PRO H 60 -12.35 -52.33 6.51
C PRO H 60 -12.23 -52.52 5.00
N ILE H 61 -12.78 -53.64 4.52
CA ILE H 61 -12.75 -53.88 3.09
C ILE H 61 -13.61 -52.87 2.35
N THR H 62 -14.72 -52.42 2.96
CA THR H 62 -15.56 -51.41 2.31
C THR H 62 -14.72 -50.23 1.86
N ALA H 63 -13.80 -49.78 2.72
CA ALA H 63 -12.89 -48.71 2.35
C ALA H 63 -11.83 -49.20 1.36
N ILE H 64 -11.28 -50.39 1.58
CA ILE H 64 -10.25 -50.90 0.68
C ILE H 64 -10.76 -50.91 -0.74
N ARG H 65 -12.01 -51.33 -0.93
CA ARG H 65 -12.59 -51.32 -2.26
C ARG H 65 -12.64 -49.91 -2.83
N GLU H 66 -13.10 -48.95 -2.02
CA GLU H 66 -13.26 -47.59 -2.51
C GLU H 66 -11.92 -46.94 -2.82
N ILE H 67 -10.85 -47.34 -2.12
CA ILE H 67 -9.53 -46.79 -2.39
C ILE H 67 -8.92 -47.47 -3.62
N LYS H 68 -9.15 -48.78 -3.73
CA LYS H 68 -8.66 -49.54 -4.87
C LYS H 68 -9.33 -49.10 -6.15
N ILE H 69 -10.63 -48.86 -6.09
CA ILE H 69 -11.39 -48.63 -7.32
C ILE H 69 -11.34 -47.18 -7.74
N LEU H 70 -11.47 -46.24 -6.80
CA LEU H 70 -11.55 -44.84 -7.20
C LEU H 70 -10.20 -44.24 -7.57
N ARG H 71 -9.09 -44.89 -7.24
CA ARG H 71 -7.80 -44.48 -7.79
C ARG H 71 -7.58 -45.02 -9.20
N GLN H 72 -8.49 -45.88 -9.67
CA GLN H 72 -8.50 -46.33 -11.06
C GLN H 72 -9.43 -45.49 -11.92
N LEU H 73 -10.53 -45.00 -11.35
CA LEU H 73 -11.58 -44.34 -12.11
C LEU H 73 -11.36 -42.83 -12.16
N ILE H 74 -11.32 -42.29 -13.37
CA ILE H 74 -11.24 -40.85 -13.62
C ILE H 74 -12.41 -40.49 -14.54
N HIS H 75 -13.42 -39.82 -13.99
CA HIS H 75 -14.54 -39.38 -14.82
C HIS H 75 -15.21 -38.20 -14.15
N ARG H 76 -15.79 -37.31 -14.97
CA ARG H 76 -16.44 -36.14 -14.42
C ARG H 76 -17.59 -36.53 -13.51
N SER H 77 -18.28 -37.63 -13.82
CA SER H 77 -19.44 -38.08 -13.08
C SER H 77 -19.10 -39.16 -12.05
N VAL H 78 -17.83 -39.31 -11.68
CA VAL H 78 -17.42 -40.26 -10.66
C VAL H 78 -16.64 -39.49 -9.61
N VAL H 79 -17.04 -39.61 -8.34
CA VAL H 79 -16.44 -38.80 -7.31
C VAL H 79 -14.95 -39.05 -7.25
N ASN H 80 -14.17 -38.00 -7.03
CA ASN H 80 -12.72 -38.08 -7.08
C ASN H 80 -12.17 -38.10 -5.67
N MET H 81 -11.47 -39.19 -5.33
CA MET H 81 -10.71 -39.28 -4.10
C MET H 81 -9.39 -38.51 -4.28
N LYS H 82 -9.21 -37.46 -3.48
CA LYS H 82 -8.09 -36.54 -3.62
C LYS H 82 -6.82 -37.07 -2.95
N GLU H 83 -6.92 -37.54 -1.72
CA GLU H 83 -5.77 -38.11 -1.03
C GLU H 83 -6.26 -38.86 0.20
N ILE H 84 -5.31 -39.39 0.98
CA ILE H 84 -5.60 -40.05 2.25
C ILE H 84 -4.68 -39.46 3.31
N VAL H 85 -5.27 -39.04 4.43
CA VAL H 85 -4.55 -38.42 5.52
C VAL H 85 -4.82 -39.22 6.78
N THR H 86 -4.01 -38.97 7.80
CA THR H 86 -4.01 -39.79 8.99
C THR H 86 -4.19 -38.95 10.24
N ASP H 87 -4.68 -39.60 11.31
CA ASP H 87 -4.66 -38.98 12.62
C ASP H 87 -3.22 -38.81 13.07
N LYS H 88 -3.00 -37.81 13.92
CA LYS H 88 -1.66 -37.49 14.37
C LYS H 88 -1.00 -38.74 14.94
N GLN H 89 0.12 -39.14 14.34
CA GLN H 89 0.84 -40.32 14.78
C GLN H 89 1.63 -39.95 16.03
N ASP H 90 0.95 -39.38 17.02
CA ASP H 90 1.62 -38.95 18.24
C ASP H 90 2.18 -40.12 19.04
N ALA H 91 1.71 -41.34 18.77
CA ALA H 91 2.19 -42.50 19.52
C ALA H 91 3.67 -42.73 19.23
N LEU H 92 4.46 -42.80 20.31
CA LEU H 92 5.89 -43.00 20.17
C LEU H 92 6.26 -44.27 19.41
N ASP H 93 5.45 -45.31 19.46
CA ASP H 93 5.73 -46.58 18.81
C ASP H 93 4.55 -46.89 17.90
N PHE H 94 4.85 -47.35 16.68
CA PHE H 94 3.77 -47.57 15.73
C PHE H 94 2.75 -48.56 16.26
N LYS H 95 3.19 -49.55 17.05
CA LYS H 95 2.27 -50.54 17.62
C LYS H 95 1.24 -49.87 18.51
N LYS H 96 1.61 -48.80 19.20
CA LYS H 96 0.68 -48.08 20.07
C LYS H 96 -0.43 -47.40 19.27
N ASP H 97 -0.10 -46.90 18.08
CA ASP H 97 -1.03 -46.06 17.34
C ASP H 97 -2.35 -46.78 17.09
N LYS H 98 -3.45 -46.16 17.54
CA LYS H 98 -4.81 -46.62 17.29
C LYS H 98 -5.56 -45.60 16.44
N GLY H 99 -4.83 -44.69 15.83
CA GLY H 99 -5.44 -43.62 15.05
C GLY H 99 -6.13 -44.11 13.79
N ALA H 100 -6.96 -43.22 13.26
CA ALA H 100 -7.75 -43.50 12.07
C ALA H 100 -7.12 -42.86 10.83
N PHE H 101 -7.61 -43.29 9.67
CA PHE H 101 -7.23 -42.72 8.39
C PHE H 101 -8.46 -42.01 7.81
N TYR H 102 -8.23 -40.96 7.02
CA TYR H 102 -9.32 -40.20 6.42
C TYR H 102 -9.18 -40.21 4.90
N LEU H 103 -10.28 -40.46 4.20
CA LEU H 103 -10.33 -40.42 2.75
C LEU H 103 -10.88 -39.06 2.33
N VAL H 104 -10.05 -38.29 1.60
CA VAL H 104 -10.44 -36.96 1.16
C VAL H 104 -11.18 -37.07 -0.17
N PHE H 105 -12.29 -36.35 -0.28
CA PHE H 105 -13.09 -36.31 -1.50
C PHE H 105 -13.42 -34.84 -1.80
N GLU H 106 -13.68 -34.56 -3.07
CA GLU H 106 -14.19 -33.24 -3.44
C GLU H 106 -15.60 -33.05 -2.87
N TYR H 107 -15.81 -31.93 -2.18
CA TYR H 107 -17.11 -31.68 -1.54
C TYR H 107 -18.16 -31.36 -2.59
N MET H 108 -19.35 -31.94 -2.39
CA MET H 108 -20.49 -31.72 -3.27
C MET H 108 -21.61 -31.05 -2.48
N ASP H 109 -22.28 -30.10 -3.12
CA ASP H 109 -23.22 -29.26 -2.39
C ASP H 109 -24.39 -30.06 -1.83
N HIS H 110 -24.97 -30.93 -2.65
CA HIS H 110 -26.18 -31.64 -2.23
C HIS H 110 -26.17 -33.10 -2.70
N ASP H 111 -27.05 -33.89 -2.09
CA ASP H 111 -27.35 -35.26 -2.51
C ASP H 111 -28.82 -35.36 -2.92
N LEU H 112 -29.11 -36.24 -3.87
CA LEU H 112 -30.46 -36.26 -4.45
C LEU H 112 -31.51 -36.53 -3.39
N MET H 113 -31.24 -37.48 -2.48
CA MET H 113 -32.23 -37.80 -1.44
C MET H 113 -32.52 -36.60 -0.55
N GLY H 114 -31.48 -35.87 -0.14
CA GLY H 114 -31.70 -34.68 0.66
C GLY H 114 -32.61 -33.68 -0.04
N LEU H 115 -32.33 -33.43 -1.32
CA LEU H 115 -33.12 -32.46 -2.07
C LEU H 115 -34.55 -32.95 -2.28
N LEU H 116 -34.71 -34.23 -2.60
CA LEU H 116 -36.04 -34.76 -2.89
C LEU H 116 -36.86 -34.97 -1.63
N GLU H 117 -36.23 -35.51 -0.57
CA GLU H 117 -36.96 -35.78 0.68
C GLU H 117 -37.51 -34.49 1.27
N SER H 118 -36.73 -33.41 1.22
CA SER H 118 -37.17 -32.11 1.72
C SER H 118 -38.08 -31.38 0.74
N GLY H 119 -38.42 -31.99 -0.40
CA GLY H 119 -39.31 -31.35 -1.35
C GLY H 119 -38.79 -30.05 -1.91
N LEU H 120 -37.48 -29.87 -1.92
CA LEU H 120 -36.85 -28.60 -2.26
C LEU H 120 -36.38 -28.57 -3.71
N VAL H 121 -36.87 -29.49 -4.55
CA VAL H 121 -36.42 -29.57 -5.94
C VAL H 121 -37.60 -29.68 -6.89
N HIS H 122 -37.43 -29.11 -8.08
CA HIS H 122 -38.30 -29.43 -9.21
C HIS H 122 -37.40 -29.75 -10.39
N PHE H 123 -37.69 -30.85 -11.09
CA PHE H 123 -36.93 -31.23 -12.27
C PHE H 123 -37.82 -31.09 -13.49
N SER H 124 -37.34 -30.33 -14.47
CA SER H 124 -37.97 -30.27 -15.78
C SER H 124 -37.38 -31.38 -16.63
N GLU H 125 -38.00 -31.62 -17.78
CA GLU H 125 -37.47 -32.62 -18.70
C GLU H 125 -36.00 -32.34 -18.99
N ASP H 126 -35.68 -31.08 -19.34
CA ASP H 126 -34.30 -30.74 -19.64
C ASP H 126 -33.38 -30.99 -18.44
N HIS H 127 -33.87 -30.76 -17.23
CA HIS H 127 -33.07 -31.06 -16.04
C HIS H 127 -32.80 -32.56 -15.94
N ILE H 128 -33.83 -33.38 -16.20
CA ILE H 128 -33.64 -34.82 -16.16
C ILE H 128 -32.70 -35.27 -17.28
N LYS H 129 -32.82 -34.67 -18.46
CA LYS H 129 -31.89 -35.00 -19.54
C LYS H 129 -30.45 -34.76 -19.10
N SER H 130 -30.16 -33.57 -18.57
CA SER H 130 -28.79 -33.29 -18.12
C SER H 130 -28.37 -34.26 -17.02
N PHE H 131 -29.25 -34.50 -16.05
CA PHE H 131 -28.96 -35.39 -14.93
C PHE H 131 -28.64 -36.80 -15.44
N MET H 132 -29.55 -37.39 -16.20
CA MET H 132 -29.38 -38.79 -16.59
C MET H 132 -28.16 -38.98 -17.48
N LYS H 133 -27.92 -38.07 -18.42
CA LYS H 133 -26.79 -38.27 -19.31
C LYS H 133 -25.49 -38.39 -18.52
N GLN H 134 -25.32 -37.53 -17.51
CA GLN H 134 -24.15 -37.63 -16.66
C GLN H 134 -24.13 -38.93 -15.89
N LEU H 135 -25.24 -39.27 -15.24
CA LEU H 135 -25.27 -40.50 -14.44
C LEU H 135 -24.90 -41.70 -15.29
N MET H 136 -25.54 -41.86 -16.45
CA MET H 136 -25.29 -43.03 -17.29
C MET H 136 -23.91 -42.99 -17.92
N GLU H 137 -23.42 -41.80 -18.27
CA GLU H 137 -22.04 -41.71 -18.73
C GLU H 137 -21.07 -42.19 -17.66
N GLY H 138 -21.36 -41.86 -16.40
CA GLY H 138 -20.54 -42.37 -15.31
C GLY H 138 -20.65 -43.88 -15.17
N LEU H 139 -21.86 -44.41 -15.24
CA LEU H 139 -22.02 -45.86 -15.11
C LEU H 139 -21.36 -46.57 -16.28
N GLU H 140 -21.46 -46.01 -17.49
CA GLU H 140 -20.81 -46.63 -18.64
C GLU H 140 -19.31 -46.69 -18.44
N TYR H 141 -18.71 -45.60 -17.94
CA TYR H 141 -17.28 -45.60 -17.68
C TYR H 141 -16.91 -46.74 -16.75
N CYS H 142 -17.62 -46.84 -15.61
CA CYS H 142 -17.36 -47.89 -14.64
C CYS H 142 -17.65 -49.27 -15.23
N HIS H 143 -18.77 -49.41 -15.94
CA HIS H 143 -19.09 -50.70 -16.53
C HIS H 143 -18.08 -51.07 -17.61
N LYS H 144 -17.48 -50.08 -18.26
CA LYS H 144 -16.42 -50.38 -19.22
C LYS H 144 -15.14 -50.84 -18.53
N LYS H 145 -14.85 -50.32 -17.34
CA LYS H 145 -13.72 -50.81 -16.55
C LYS H 145 -14.06 -52.08 -15.75
N ASN H 146 -15.25 -52.64 -15.98
CA ASN H 146 -15.70 -53.91 -15.40
C ASN H 146 -15.89 -53.83 -13.90
N PHE H 147 -16.50 -52.74 -13.43
CA PHE H 147 -16.83 -52.56 -12.02
C PHE H 147 -18.34 -52.44 -11.84
N LEU H 148 -18.86 -52.99 -10.75
CA LEU H 148 -20.28 -52.98 -10.46
C LEU H 148 -20.51 -52.10 -9.24
N HIS H 149 -21.43 -51.13 -9.33
CA HIS H 149 -21.63 -50.24 -8.19
C HIS H 149 -22.32 -50.98 -7.04
N ARG H 150 -23.50 -51.52 -7.30
CA ARG H 150 -24.25 -52.41 -6.43
C ARG H 150 -24.89 -51.66 -5.27
N ASP H 151 -24.76 -50.34 -5.17
CA ASP H 151 -25.39 -49.57 -4.12
C ASP H 151 -25.89 -48.26 -4.67
N ILE H 152 -26.69 -48.33 -5.73
CA ILE H 152 -27.21 -47.14 -6.38
C ILE H 152 -28.50 -46.73 -5.68
N LYS H 153 -28.44 -45.64 -4.91
CA LYS H 153 -29.60 -45.02 -4.28
C LYS H 153 -29.52 -43.52 -4.57
N CYS H 154 -30.64 -42.82 -4.40
CA CYS H 154 -30.60 -41.38 -4.56
C CYS H 154 -29.58 -40.77 -3.62
N SER H 155 -29.39 -41.41 -2.46
CA SER H 155 -28.45 -40.91 -1.46
C SER H 155 -27.01 -40.91 -1.94
N ASN H 156 -26.65 -41.84 -2.81
CA ASN H 156 -25.29 -41.93 -3.30
C ASN H 156 -25.04 -41.20 -4.61
N ILE H 157 -25.99 -40.41 -5.08
CA ILE H 157 -25.80 -39.54 -6.23
C ILE H 157 -25.60 -38.13 -5.68
N LEU H 158 -24.40 -37.59 -5.87
CA LEU H 158 -24.05 -36.29 -5.36
C LEU H 158 -24.30 -35.23 -6.43
N LEU H 159 -24.83 -34.09 -6.01
CA LEU H 159 -25.18 -33.01 -6.92
C LEU H 159 -24.67 -31.69 -6.35
N ASN H 160 -23.76 -31.04 -7.06
CA ASN H 160 -23.34 -29.69 -6.72
C ASN H 160 -24.19 -28.70 -7.51
N ASN H 161 -24.22 -27.45 -7.05
CA ASN H 161 -25.20 -26.48 -7.54
C ASN H 161 -25.06 -26.11 -9.02
N SER H 162 -23.89 -26.28 -9.62
CA SER H 162 -23.80 -25.97 -11.04
C SER H 162 -24.65 -26.91 -11.90
N GLY H 163 -25.01 -28.07 -11.36
CA GLY H 163 -25.66 -29.11 -12.13
C GLY H 163 -24.82 -30.32 -12.47
N GLN H 164 -23.58 -30.39 -11.97
CA GLN H 164 -22.76 -31.56 -12.17
C GLN H 164 -23.19 -32.67 -11.22
N ILE H 165 -23.22 -33.89 -11.73
CA ILE H 165 -23.59 -35.09 -10.99
C ILE H 165 -22.39 -36.01 -10.85
N LYS H 166 -22.23 -36.61 -9.66
CA LYS H 166 -21.17 -37.56 -9.39
C LYS H 166 -21.71 -38.73 -8.57
N LEU H 167 -21.36 -39.95 -8.98
CA LEU H 167 -21.67 -41.17 -8.25
C LEU H 167 -20.67 -41.35 -7.11
N ALA H 168 -21.15 -41.96 -6.00
CA ALA H 168 -20.31 -41.80 -4.82
C ALA H 168 -19.93 -42.91 -3.84
N ASP H 169 -20.76 -43.89 -3.61
CA ASP H 169 -20.43 -44.88 -2.58
C ASP H 169 -19.96 -46.19 -3.24
N PHE H 170 -18.67 -46.28 -3.51
CA PHE H 170 -18.04 -47.48 -4.08
C PHE H 170 -17.55 -48.47 -3.04
N GLY H 171 -18.32 -48.63 -1.95
CA GLY H 171 -17.95 -49.57 -0.91
C GLY H 171 -18.38 -50.99 -1.20
N LEU H 172 -19.43 -51.15 -2.01
CA LEU H 172 -19.90 -52.47 -2.41
C LEU H 172 -19.53 -52.80 -3.86
N ALA H 173 -18.51 -52.15 -4.40
CA ALA H 173 -18.14 -52.31 -5.80
C ALA H 173 -17.21 -53.50 -5.97
N ARG H 174 -17.39 -54.25 -7.06
CA ARG H 174 -16.57 -55.42 -7.31
C ARG H 174 -16.37 -55.56 -8.80
N LEU H 175 -15.27 -56.22 -9.18
CA LEU H 175 -14.99 -56.47 -10.59
C LEU H 175 -15.91 -57.55 -11.16
N TYR H 176 -16.28 -57.38 -12.43
CA TYR H 176 -17.15 -58.32 -13.12
C TYR H 176 -16.39 -58.97 -14.27
N ASN H 177 -16.40 -60.31 -14.28
CA ASN H 177 -15.86 -61.08 -15.41
C ASN H 177 -16.98 -61.92 -16.01
N SER H 178 -17.32 -61.65 -17.27
CA SER H 178 -18.31 -62.46 -17.96
C SER H 178 -17.80 -63.88 -18.19
N GLU H 179 -16.55 -64.02 -18.61
CA GLU H 179 -16.02 -65.34 -18.97
C GLU H 179 -15.94 -66.26 -17.74
N GLU H 180 -15.54 -65.72 -16.60
CA GLU H 180 -15.42 -66.45 -15.34
C GLU H 180 -16.48 -65.93 -14.37
N SER H 181 -17.58 -66.67 -14.24
CA SER H 181 -18.62 -66.33 -13.27
C SER H 181 -18.30 -66.83 -11.86
N ARG H 182 -18.26 -65.92 -10.90
CA ARG H 182 -18.02 -66.22 -9.49
C ARG H 182 -19.26 -65.83 -8.70
N PRO H 183 -19.66 -66.61 -7.69
CA PRO H 183 -20.89 -66.25 -6.95
C PRO H 183 -20.66 -65.01 -6.09
N TYR H 184 -21.53 -64.02 -6.25
CA TYR H 184 -21.42 -62.79 -5.46
C TYR H 184 -22.55 -62.82 -4.40
N ASN H 186 -25.89 -62.20 -2.65
CA ASN H 186 -27.21 -62.08 -3.25
C ASN H 186 -27.91 -60.75 -3.05
N LYS H 187 -27.86 -60.24 -1.83
CA LYS H 187 -28.53 -59.01 -1.44
C LYS H 187 -27.55 -57.82 -1.44
N VAL H 188 -27.57 -57.04 -2.51
CA VAL H 188 -26.60 -55.94 -2.56
C VAL H 188 -27.15 -54.52 -2.74
N ILE H 189 -28.27 -54.34 -3.44
CA ILE H 189 -28.77 -52.99 -3.69
C ILE H 189 -29.91 -52.76 -2.70
N THR H 190 -30.16 -51.50 -2.33
CA THR H 190 -31.27 -51.22 -1.42
C THR H 190 -32.57 -51.71 -2.05
N LEU H 191 -33.50 -52.16 -1.20
CA LEU H 191 -34.64 -52.90 -1.73
C LEU H 191 -35.40 -52.10 -2.79
N TRP H 192 -35.57 -50.79 -2.55
CA TRP H 192 -36.36 -49.97 -3.47
C TRP H 192 -35.74 -49.91 -4.86
N TYR H 193 -34.41 -49.96 -4.93
CA TYR H 193 -33.70 -49.91 -6.19
C TYR H 193 -33.06 -51.27 -6.55
N ARG H 194 -33.52 -52.35 -5.92
CA ARG H 194 -32.91 -53.64 -6.19
C ARG H 194 -33.62 -54.29 -7.38
N PRO H 195 -32.88 -54.92 -8.29
CA PRO H 195 -33.51 -55.52 -9.49
C PRO H 195 -34.22 -56.83 -9.15
N PRO H 196 -35.14 -57.24 -10.02
CA PRO H 196 -35.89 -58.48 -9.75
C PRO H 196 -35.01 -59.70 -9.70
N GLU H 197 -33.95 -59.75 -10.50
CA GLU H 197 -33.10 -60.93 -10.51
C GLU H 197 -32.54 -61.21 -9.13
N LEU H 198 -32.04 -60.18 -8.45
CA LEU H 198 -31.46 -60.36 -7.12
C LEU H 198 -32.53 -60.65 -6.08
N LEU H 199 -33.77 -60.27 -6.35
CA LEU H 199 -34.87 -60.64 -5.46
C LEU H 199 -35.19 -62.12 -5.60
N LEU H 200 -35.10 -62.65 -6.81
CA LEU H 200 -35.31 -64.06 -7.11
C LEU H 200 -34.07 -64.91 -6.86
N GLY H 201 -33.06 -64.33 -6.23
CA GLY H 201 -31.94 -65.07 -5.70
C GLY H 201 -30.80 -65.34 -6.67
N GLU H 202 -30.60 -64.48 -7.66
CA GLU H 202 -29.45 -64.63 -8.54
C GLU H 202 -28.17 -64.24 -7.79
N GLU H 203 -27.16 -65.11 -7.85
CA GLU H 203 -25.87 -64.87 -7.20
C GLU H 203 -24.76 -64.58 -8.19
N ARG H 204 -24.98 -64.80 -9.49
CA ARG H 204 -24.01 -64.45 -10.55
C ARG H 204 -24.64 -63.45 -11.52
N TYR H 205 -24.60 -62.18 -11.14
CA TYR H 205 -25.34 -61.16 -11.85
C TYR H 205 -24.52 -60.34 -12.84
N THR H 206 -25.23 -59.70 -13.75
CA THR H 206 -24.66 -58.82 -14.76
C THR H 206 -24.53 -57.41 -14.22
N PRO H 207 -23.81 -56.54 -14.92
CA PRO H 207 -23.84 -55.11 -14.56
C PRO H 207 -25.21 -54.50 -14.73
N ALA H 208 -26.14 -55.21 -15.36
CA ALA H 208 -27.47 -54.67 -15.57
C ALA H 208 -28.21 -54.47 -14.25
N ILE H 209 -27.67 -54.96 -13.13
CA ILE H 209 -28.28 -54.66 -11.84
C ILE H 209 -28.25 -53.15 -11.60
N ASP H 210 -27.13 -52.50 -11.95
CA ASP H 210 -27.00 -51.07 -11.73
C ASP H 210 -27.90 -50.29 -12.66
N VAL H 211 -28.13 -50.80 -13.87
CA VAL H 211 -29.03 -50.12 -14.80
C VAL H 211 -30.43 -50.08 -14.23
N TRP H 212 -30.90 -51.20 -13.69
CA TRP H 212 -32.22 -51.22 -13.06
C TRP H 212 -32.35 -50.13 -12.01
N SER H 213 -31.35 -50.01 -11.14
CA SER H 213 -31.38 -48.98 -10.10
C SER H 213 -31.49 -47.59 -10.70
N CYS H 214 -30.64 -47.29 -11.69
CA CYS H 214 -30.68 -45.96 -12.29
C CYS H 214 -32.00 -45.71 -12.99
N GLY H 215 -32.64 -46.77 -13.48
CA GLY H 215 -33.95 -46.62 -14.08
C GLY H 215 -35.01 -46.30 -13.04
N CYS H 216 -34.95 -46.94 -11.88
CA CYS H 216 -35.83 -46.55 -10.78
C CYS H 216 -35.67 -45.07 -10.48
N ILE H 217 -34.44 -44.56 -10.58
CA ILE H 217 -34.21 -43.13 -10.38
C ILE H 217 -34.83 -42.31 -11.51
N LEU H 218 -34.68 -42.76 -12.75
CA LEU H 218 -35.30 -42.03 -13.85
C LEU H 218 -36.77 -41.80 -13.58
N GLY H 219 -37.50 -42.86 -13.24
CA GLY H 219 -38.92 -42.71 -12.92
C GLY H 219 -39.16 -41.77 -11.74
N GLU H 220 -38.35 -41.92 -10.69
CA GLU H 220 -38.54 -41.11 -9.49
C GLU H 220 -38.41 -39.62 -9.79
N LEU H 221 -37.59 -39.25 -10.78
CA LEU H 221 -37.43 -37.83 -11.11
C LEU H 221 -38.69 -37.26 -11.75
N PHE H 222 -39.48 -38.11 -12.39
CA PHE H 222 -40.73 -37.65 -12.99
C PHE H 222 -41.85 -37.64 -11.96
N THR H 223 -41.81 -38.50 -10.96
CA THR H 223 -42.83 -38.48 -9.90
C THR H 223 -42.38 -37.78 -8.63
N LYS H 224 -41.07 -37.71 -8.35
CA LYS H 224 -40.50 -37.13 -7.13
C LYS H 224 -40.69 -38.11 -5.98
N LYS H 225 -41.14 -39.34 -6.26
CA LYS H 225 -41.38 -40.35 -5.23
C LYS H 225 -40.88 -41.70 -5.76
N PRO H 226 -40.17 -42.49 -4.96
CA PRO H 226 -39.68 -43.78 -5.45
C PRO H 226 -40.81 -44.63 -6.00
N ILE H 227 -40.47 -45.44 -7.01
CA ILE H 227 -41.49 -46.19 -7.74
C ILE H 227 -41.95 -47.41 -6.95
N PHE H 228 -41.00 -48.16 -6.40
CA PHE H 228 -41.29 -49.41 -5.69
C PHE H 228 -40.87 -49.25 -4.24
N GLN H 229 -41.84 -48.97 -3.37
CA GLN H 229 -41.58 -48.81 -1.95
C GLN H 229 -42.26 -49.95 -1.19
N ALA H 230 -41.44 -50.84 -0.66
CA ALA H 230 -41.90 -51.97 0.14
C ALA H 230 -40.81 -52.23 1.16
N ASN H 231 -41.16 -52.99 2.19
CA ASN H 231 -40.28 -53.28 3.29
C ASN H 231 -39.70 -54.69 3.22
N LEU H 232 -40.32 -55.57 2.44
CA LEU H 232 -39.89 -56.95 2.33
C LEU H 232 -39.68 -57.35 0.87
N GLU H 233 -38.76 -58.29 0.68
CA GLU H 233 -38.36 -58.71 -0.65
C GLU H 233 -39.53 -59.24 -1.45
N LEU H 234 -40.41 -60.03 -0.82
CA LEU H 234 -41.58 -60.51 -1.56
C LEU H 234 -42.52 -59.36 -1.90
N ALA H 235 -42.77 -58.47 -0.95
CA ALA H 235 -43.64 -57.32 -1.23
C ALA H 235 -43.05 -56.45 -2.33
N GLN H 236 -41.71 -56.37 -2.39
CA GLN H 236 -41.07 -55.59 -3.44
C GLN H 236 -41.30 -56.22 -4.81
N LEU H 237 -41.08 -57.54 -4.92
CA LEU H 237 -41.31 -58.23 -6.19
C LEU H 237 -42.75 -58.05 -6.66
N GLU H 238 -43.70 -58.05 -5.72
CA GLU H 238 -45.10 -57.85 -6.09
C GLU H 238 -45.31 -56.47 -6.71
N LEU H 239 -44.72 -55.44 -6.09
CA LEU H 239 -44.86 -54.09 -6.63
C LEU H 239 -44.25 -54.02 -8.02
N ILE H 240 -43.06 -54.58 -8.18
CA ILE H 240 -42.41 -54.63 -9.49
C ILE H 240 -43.32 -55.34 -10.48
N SER H 241 -43.92 -56.46 -10.07
CA SER H 241 -44.73 -57.26 -10.98
C SER H 241 -45.97 -56.51 -11.44
N ARG H 242 -46.62 -55.76 -10.54
CA ARG H 242 -47.83 -55.03 -10.92
C ARG H 242 -47.57 -54.08 -12.07
N LEU H 243 -46.39 -53.48 -12.07
CA LEU H 243 -46.03 -52.48 -13.06
C LEU H 243 -45.36 -53.10 -14.28
N CYS H 244 -44.34 -53.93 -14.06
CA CYS H 244 -43.52 -54.45 -15.14
C CYS H 244 -44.04 -55.75 -15.72
N GLY H 245 -45.00 -56.39 -15.07
CA GLY H 245 -45.38 -57.74 -15.45
C GLY H 245 -44.69 -58.75 -14.54
N SER H 246 -45.33 -59.86 -14.34
CA SER H 246 -44.75 -60.87 -13.44
C SER H 246 -43.60 -61.59 -14.11
N PRO H 247 -42.52 -61.91 -13.38
CA PRO H 247 -41.47 -62.77 -13.96
C PRO H 247 -42.05 -64.10 -14.39
N CYS H 248 -41.86 -64.43 -15.66
CA CYS H 248 -42.34 -65.69 -16.21
C CYS H 248 -41.49 -66.07 -17.41
N PRO H 249 -41.40 -67.35 -17.74
CA PRO H 249 -40.53 -67.74 -18.87
C PRO H 249 -40.90 -67.08 -20.18
N ALA H 250 -42.16 -66.69 -20.36
CA ALA H 250 -42.56 -66.10 -21.63
C ALA H 250 -41.74 -64.85 -21.96
N VAL H 251 -41.52 -63.99 -20.97
CA VAL H 251 -40.75 -62.76 -21.17
C VAL H 251 -39.31 -62.85 -20.67
N TRP H 252 -38.98 -63.87 -19.89
CA TRP H 252 -37.68 -64.00 -19.23
C TRP H 252 -37.33 -65.47 -19.28
N PRO H 253 -36.85 -65.96 -20.43
CA PRO H 253 -36.77 -67.42 -20.61
C PRO H 253 -35.95 -68.16 -19.57
N ASP H 254 -34.93 -67.54 -18.99
CA ASP H 254 -34.06 -68.22 -18.05
C ASP H 254 -34.46 -68.02 -16.59
N VAL H 255 -35.63 -67.42 -16.33
CA VAL H 255 -36.03 -67.19 -14.95
C VAL H 255 -36.19 -68.50 -14.19
N ILE H 256 -36.53 -69.58 -14.90
CA ILE H 256 -36.76 -70.87 -14.26
C ILE H 256 -35.51 -71.38 -13.58
N ARG H 257 -34.34 -70.91 -13.97
CA ARG H 257 -33.10 -71.30 -13.31
C ARG H 257 -32.89 -70.60 -11.97
N LEU H 258 -33.71 -69.66 -11.63
CA LEU H 258 -33.41 -68.89 -10.43
C LEU H 258 -33.89 -69.62 -9.19
N PRO H 259 -33.14 -69.52 -8.10
CA PRO H 259 -33.47 -70.32 -6.90
C PRO H 259 -34.90 -70.15 -6.42
N TYR H 260 -35.39 -68.92 -6.42
CA TYR H 260 -36.66 -68.59 -5.78
C TYR H 260 -37.78 -68.39 -6.79
N PHE H 261 -37.59 -68.83 -8.03
CA PHE H 261 -38.63 -68.59 -9.02
C PHE H 261 -39.94 -69.26 -8.62
N ASN H 262 -39.86 -70.53 -8.18
CA ASN H 262 -41.07 -71.18 -7.67
C ASN H 262 -41.48 -70.60 -6.32
N THR H 263 -40.49 -70.29 -5.47
CA THR H 263 -40.75 -69.86 -4.10
C THR H 263 -41.45 -68.50 -4.05
N MET H 264 -40.87 -67.49 -4.70
CA MET H 264 -41.39 -66.14 -4.61
C MET H 264 -42.31 -65.93 -5.81
N LYS H 265 -43.56 -66.29 -5.63
CA LYS H 265 -44.47 -66.05 -6.74
C LYS H 265 -45.33 -64.84 -6.42
N PRO H 266 -45.57 -63.97 -7.40
CA PRO H 266 -46.48 -62.84 -7.17
C PRO H 266 -47.91 -63.32 -6.99
N LYS H 267 -48.74 -62.41 -6.43
CA LYS H 267 -50.15 -62.71 -6.18
C LYS H 267 -50.80 -63.25 -7.45
N LYS H 268 -50.51 -62.63 -8.59
CA LYS H 268 -51.03 -63.04 -9.88
C LYS H 268 -49.90 -63.10 -10.90
N GLN H 269 -50.27 -63.53 -12.12
CA GLN H 269 -49.43 -63.36 -13.31
C GLN H 269 -49.85 -62.05 -14.00
N TYR H 270 -49.28 -60.96 -13.51
CA TYR H 270 -49.66 -59.63 -13.98
C TYR H 270 -49.14 -59.35 -15.40
N ARG H 271 -49.95 -58.58 -16.15
CA ARG H 271 -49.46 -58.04 -17.42
C ARG H 271 -48.65 -56.78 -17.16
N ARG H 272 -47.80 -56.43 -18.12
CA ARG H 272 -47.00 -55.22 -18.02
C ARG H 272 -47.88 -53.98 -18.21
N ARG H 273 -47.73 -53.01 -17.31
CA ARG H 273 -48.51 -51.78 -17.35
C ARG H 273 -47.63 -50.53 -17.28
N LEU H 274 -46.33 -50.68 -17.46
CA LEU H 274 -45.41 -49.57 -17.27
C LEU H 274 -45.78 -48.37 -18.14
N ARG H 275 -45.94 -48.58 -19.45
CA ARG H 275 -46.32 -47.48 -20.32
C ARG H 275 -47.68 -46.90 -19.94
N GLU H 276 -48.59 -47.75 -19.46
CA GLU H 276 -49.91 -47.25 -19.06
C GLU H 276 -49.82 -46.36 -17.83
N GLU H 277 -49.15 -46.83 -16.78
CA GLU H 277 -49.07 -46.12 -15.51
C GLU H 277 -48.13 -44.94 -15.56
N PHE H 278 -47.15 -44.94 -16.48
CA PHE H 278 -46.28 -43.78 -16.70
C PHE H 278 -46.65 -43.04 -17.99
N SER H 279 -47.92 -43.06 -18.38
CA SER H 279 -48.33 -42.42 -19.62
C SER H 279 -48.02 -40.92 -19.61
N PHE H 280 -47.88 -40.32 -18.43
CA PHE H 280 -47.65 -38.89 -18.31
C PHE H 280 -46.21 -38.49 -18.67
N ILE H 281 -45.32 -39.45 -18.87
CA ILE H 281 -43.91 -39.19 -19.23
C ILE H 281 -43.71 -38.98 -20.72
N PRO H 282 -42.78 -38.10 -21.11
CA PRO H 282 -42.47 -37.93 -22.53
C PRO H 282 -42.06 -39.22 -23.22
N SER H 283 -42.34 -39.30 -24.52
CA SER H 283 -42.17 -40.55 -25.25
C SER H 283 -40.71 -41.01 -25.25
N ALA H 284 -39.80 -40.09 -25.57
CA ALA H 284 -38.39 -40.46 -25.58
C ALA H 284 -37.97 -41.01 -24.22
N ALA H 285 -38.53 -40.45 -23.15
CA ALA H 285 -38.22 -40.92 -21.81
C ALA H 285 -38.91 -42.25 -21.50
N LEU H 286 -40.20 -42.35 -21.78
CA LEU H 286 -40.93 -43.57 -21.45
C LEU H 286 -40.26 -44.79 -22.09
N ASP H 287 -39.76 -44.65 -23.31
CA ASP H 287 -39.03 -45.74 -23.94
C ASP H 287 -37.79 -46.10 -23.12
N LEU H 288 -37.08 -45.09 -22.60
CA LEU H 288 -35.91 -45.38 -21.78
C LEU H 288 -36.31 -46.13 -20.51
N LEU H 289 -37.38 -45.68 -19.84
CA LEU H 289 -37.81 -46.32 -18.61
C LEU H 289 -38.24 -47.77 -18.86
N ASP H 290 -39.04 -47.97 -19.91
CA ASP H 290 -39.52 -49.32 -20.22
C ASP H 290 -38.35 -50.28 -20.46
N HIS H 291 -37.30 -49.80 -21.09
CA HIS H 291 -36.13 -50.61 -21.41
C HIS H 291 -35.21 -50.81 -20.22
N MET H 292 -35.07 -49.80 -19.35
CA MET H 292 -34.24 -49.98 -18.16
C MET H 292 -34.94 -50.87 -17.14
N LEU H 293 -36.26 -50.81 -17.07
CA LEU H 293 -37.06 -51.62 -16.15
C LEU H 293 -37.64 -52.83 -16.88
N THR H 294 -36.77 -53.49 -17.64
CA THR H 294 -37.07 -54.76 -18.29
C THR H 294 -36.67 -55.89 -17.36
N LEU H 295 -37.56 -56.86 -17.19
CA LEU H 295 -37.34 -57.88 -16.17
C LEU H 295 -36.10 -58.71 -16.43
N ASP H 296 -35.92 -59.20 -17.66
CA ASP H 296 -34.82 -60.10 -17.97
C ASP H 296 -33.53 -59.30 -18.12
N PRO H 297 -32.54 -59.49 -17.23
CA PRO H 297 -31.33 -58.67 -17.32
C PRO H 297 -30.58 -58.80 -18.65
N SER H 298 -30.73 -59.93 -19.33
CA SER H 298 -30.12 -60.09 -20.64
C SER H 298 -30.87 -59.33 -21.72
N LYS H 299 -32.11 -58.91 -21.45
CA LYS H 299 -32.86 -58.06 -22.35
C LYS H 299 -32.89 -56.61 -21.90
N ARG H 300 -32.43 -56.31 -20.68
CA ARG H 300 -32.36 -54.95 -20.19
C ARG H 300 -31.23 -54.19 -20.89
N CYS H 301 -31.51 -52.95 -21.26
CA CYS H 301 -30.51 -52.17 -21.98
C CYS H 301 -29.28 -51.94 -21.10
N THR H 302 -28.17 -51.68 -21.78
CA THR H 302 -26.90 -51.37 -21.12
C THR H 302 -26.80 -49.86 -20.89
N ALA H 303 -25.76 -49.45 -20.18
CA ALA H 303 -25.54 -48.02 -20.00
C ALA H 303 -25.28 -47.35 -21.34
N GLU H 304 -24.43 -47.95 -22.16
CA GLU H 304 -24.14 -47.35 -23.46
C GLU H 304 -25.40 -47.17 -24.29
N GLN H 305 -26.28 -48.16 -24.29
CA GLN H 305 -27.48 -48.07 -25.08
C GLN H 305 -28.35 -46.91 -24.62
N THR H 306 -28.36 -46.63 -23.33
CA THR H 306 -29.14 -45.51 -22.82
C THR H 306 -28.61 -44.18 -23.36
N LEU H 307 -27.28 -44.05 -23.42
CA LEU H 307 -26.67 -42.82 -23.96
C LEU H 307 -26.92 -42.68 -25.45
N GLN H 308 -27.22 -43.79 -26.13
CA GLN H 308 -27.61 -43.78 -27.54
C GLN H 308 -29.12 -43.98 -27.68
N SER H 309 -29.87 -43.20 -26.90
CA SER H 309 -31.31 -43.20 -26.90
C SER H 309 -31.82 -41.86 -27.42
N ASP H 310 -33.04 -41.84 -27.97
CA ASP H 310 -33.59 -40.57 -28.41
C ASP H 310 -33.61 -39.55 -27.28
N PHE H 311 -33.70 -40.02 -26.03
CA PHE H 311 -33.80 -39.11 -24.90
C PHE H 311 -32.47 -38.44 -24.60
N LEU H 312 -31.38 -39.22 -24.61
CA LEU H 312 -30.07 -38.72 -24.19
C LEU H 312 -29.07 -38.58 -25.32
N LYS H 313 -29.37 -39.10 -26.51
CA LYS H 313 -28.37 -39.19 -27.56
C LYS H 313 -27.83 -37.82 -27.92
N ASP H 314 -28.74 -36.86 -28.12
CA ASP H 314 -28.37 -35.52 -28.55
C ASP H 314 -28.38 -34.50 -27.42
N VAL H 315 -28.38 -34.94 -26.17
CA VAL H 315 -28.25 -34.00 -25.06
C VAL H 315 -26.82 -33.49 -24.97
N GLU H 316 -26.68 -32.17 -24.85
CA GLU H 316 -25.37 -31.51 -24.74
C GLU H 316 -25.21 -31.03 -23.31
N LEU H 317 -24.16 -31.52 -22.63
CA LEU H 317 -23.89 -31.17 -21.25
C LEU H 317 -23.25 -29.79 -21.10
N SER H 318 -22.91 -29.12 -22.21
CA SER H 318 -22.47 -27.73 -22.16
C SER H 318 -23.53 -26.84 -21.54
N LYS H 319 -24.80 -27.11 -21.82
CA LYS H 319 -25.87 -26.37 -21.17
C LYS H 319 -25.89 -26.65 -19.67
N MET H 320 -25.70 -27.91 -19.29
CA MET H 320 -25.69 -28.34 -17.90
C MET H 320 -26.82 -27.69 -17.11
N ALA H 321 -28.04 -27.85 -17.62
CA ALA H 321 -29.25 -27.29 -17.02
C ALA H 321 -29.35 -27.61 -15.55
N PRO H 322 -29.08 -26.66 -14.66
CA PRO H 322 -29.10 -26.97 -13.21
C PRO H 322 -30.52 -27.13 -12.73
N PRO H 323 -30.80 -28.07 -11.84
CA PRO H 323 -32.19 -28.24 -11.35
C PRO H 323 -32.67 -27.02 -10.57
N ASP H 324 -34.00 -26.92 -10.47
CA ASP H 324 -34.64 -25.80 -9.78
C ASP H 324 -34.61 -26.05 -8.27
N LEU H 325 -33.76 -25.30 -7.57
CA LEU H 325 -33.60 -25.40 -6.12
C LEU H 325 -34.01 -24.07 -5.48
N PRO H 326 -35.19 -23.99 -4.87
CA PRO H 326 -35.56 -22.74 -4.18
C PRO H 326 -34.47 -22.32 -3.18
N HIS H 327 -34.12 -21.03 -3.22
CA HIS H 327 -33.09 -20.53 -2.31
C HIS H 327 -33.54 -19.39 -1.39
N TRP H 328 -34.58 -18.62 -1.76
CA TRP H 328 -35.16 -17.58 -0.92
C TRP H 328 -36.67 -17.57 -1.14
N GLN H 329 -37.40 -17.06 -0.15
CA GLN H 329 -38.85 -17.11 -0.07
C GLN H 329 -39.30 -18.52 0.33
N ASP H 330 -38.37 -19.43 0.60
CA ASP H 330 -38.68 -20.73 1.17
C ASP H 330 -38.82 -20.67 2.69
N CYS H 331 -38.11 -19.75 3.35
CA CYS H 331 -38.27 -19.63 4.79
C CYS H 331 -39.66 -19.14 5.17
N HIS H 332 -40.14 -18.05 4.54
CA HIS H 332 -41.47 -17.52 4.82
C HIS H 332 -42.38 -17.71 3.62
N GLU H 333 -43.51 -18.38 3.84
CA GLU H 333 -44.46 -18.67 2.77
C GLU H 333 -45.07 -17.40 2.20
N LEU H 334 -45.28 -17.39 0.88
CA LEU H 334 -45.98 -16.31 0.22
C LEU H 334 -47.47 -16.44 0.53
N TRP H 335 -47.94 -15.69 1.52
CA TRP H 335 -49.31 -15.88 1.99
C TRP H 335 -50.33 -15.59 0.88
N THR I 24 0.10 -37.89 -9.85
CA THR I 24 -1.14 -38.64 -9.71
C THR I 24 -0.91 -39.92 -8.90
N LYS I 25 -0.40 -40.96 -9.57
CA LYS I 25 -0.09 -42.26 -8.95
C LYS I 25 1.42 -42.49 -8.94
N PRO I 26 1.93 -43.16 -7.92
CA PRO I 26 3.38 -43.22 -7.72
C PRO I 26 4.12 -44.16 -8.66
N CYS I 27 5.45 -43.99 -8.69
CA CYS I 27 6.36 -44.82 -9.47
C CYS I 27 6.93 -45.93 -8.60
N TRP I 28 6.73 -47.18 -9.03
CA TRP I 28 7.14 -48.34 -8.25
C TRP I 28 8.28 -49.14 -8.88
N TYR I 29 9.14 -48.49 -9.65
CA TYR I 29 10.23 -49.20 -10.31
C TYR I 29 11.56 -48.50 -10.09
N TRP I 30 12.58 -49.30 -9.78
CA TRP I 30 13.94 -48.86 -9.53
C TRP I 30 14.87 -49.50 -10.54
N ASP I 31 16.09 -48.97 -10.60
CA ASP I 31 17.15 -49.60 -11.36
C ASP I 31 17.90 -50.57 -10.46
N LYS I 32 18.42 -51.65 -11.06
CA LYS I 32 19.20 -52.63 -10.31
C LYS I 32 20.22 -51.95 -9.42
N LYS I 33 20.91 -50.95 -9.95
CA LYS I 33 21.95 -50.26 -9.18
C LYS I 33 21.40 -49.72 -7.87
N ASP I 34 20.11 -49.39 -7.84
CA ASP I 34 19.51 -48.75 -6.67
C ASP I 34 19.32 -49.71 -5.51
N LEU I 35 19.38 -51.01 -5.75
CA LEU I 35 19.19 -51.97 -4.66
C LEU I 35 20.40 -52.05 -3.75
N ALA I 36 21.51 -51.40 -4.12
CA ALA I 36 22.65 -51.30 -3.24
C ALA I 36 22.44 -50.28 -2.13
N HIS I 37 21.31 -49.56 -2.15
CA HIS I 37 21.03 -48.50 -1.20
C HIS I 37 19.66 -48.67 -0.53
N THR I 38 19.18 -49.89 -0.37
CA THR I 38 17.97 -50.09 0.41
C THR I 38 18.27 -49.82 1.88
N PRO I 39 17.23 -49.53 2.68
CA PRO I 39 17.46 -49.37 4.12
C PRO I 39 18.20 -50.54 4.72
N SER I 40 18.00 -51.75 4.19
CA SER I 40 18.66 -52.91 4.75
C SER I 40 20.16 -52.89 4.46
N GLN I 41 20.54 -52.63 3.21
CA GLN I 41 21.95 -52.49 2.89
C GLN I 41 22.62 -51.45 3.77
N LEU I 42 21.97 -50.32 3.98
CA LEU I 42 22.56 -49.21 4.71
C LEU I 42 22.59 -49.44 6.22
N GLU I 43 21.84 -50.43 6.72
CA GLU I 43 21.98 -50.84 8.11
C GLU I 43 22.96 -52.00 8.28
N GLY I 44 23.78 -52.27 7.27
CA GLY I 44 24.86 -53.24 7.39
C GLY I 44 24.55 -54.63 6.89
N LEU I 45 23.35 -54.86 6.37
CA LEU I 45 23.03 -56.14 5.75
C LEU I 45 23.72 -56.25 4.40
N ASP I 46 24.36 -57.39 4.13
CA ASP I 46 25.07 -57.54 2.87
C ASP I 46 24.13 -58.01 1.76
N PRO I 47 24.53 -57.84 0.50
CA PRO I 47 23.60 -58.13 -0.61
C PRO I 47 23.09 -59.57 -0.60
N ALA I 48 23.95 -60.54 -0.34
CA ALA I 48 23.49 -61.92 -0.34
C ALA I 48 22.41 -62.15 0.71
N THR I 49 22.57 -61.53 1.89
CA THR I 49 21.60 -61.74 2.96
C THR I 49 20.25 -61.13 2.61
N GLU I 50 20.24 -59.89 2.12
CA GLU I 50 18.96 -59.28 1.77
C GLU I 50 18.26 -60.06 0.65
N ALA I 51 19.02 -60.58 -0.30
CA ALA I 51 18.42 -61.42 -1.33
C ALA I 51 17.82 -62.68 -0.72
N ARG I 52 18.57 -63.33 0.18
CA ARG I 52 18.04 -64.51 0.86
C ARG I 52 16.76 -64.20 1.61
N TYR I 53 16.76 -63.12 2.40
CA TYR I 53 15.55 -62.74 3.13
C TYR I 53 14.37 -62.53 2.20
N ARG I 54 14.61 -61.96 1.01
CA ARG I 54 13.53 -61.71 0.08
C ARG I 54 12.97 -63.02 -0.46
N ARG I 55 13.84 -64.01 -0.68
CA ARG I 55 13.38 -65.31 -1.13
C ARG I 55 12.61 -66.01 -0.02
N GLU I 56 13.14 -65.97 1.20
CA GLU I 56 12.50 -66.61 2.34
C GLU I 56 11.13 -65.98 2.58
N GLY I 57 11.09 -64.64 2.62
CA GLY I 57 9.82 -63.96 2.78
C GLY I 57 8.86 -64.26 1.65
N ALA I 58 9.34 -64.20 0.42
CA ALA I 58 8.47 -64.46 -0.73
C ALA I 58 7.93 -65.89 -0.70
N ARG I 59 8.80 -66.87 -0.48
CA ARG I 59 8.34 -68.25 -0.46
C ARG I 59 7.43 -68.54 0.74
N PHE I 60 7.69 -67.90 1.88
CA PHE I 60 6.78 -68.00 3.02
C PHE I 60 5.37 -67.55 2.62
N ILE I 61 5.25 -66.38 2.00
CA ILE I 61 3.94 -65.90 1.55
C ILE I 61 3.32 -66.90 0.58
N PHE I 62 4.11 -67.41 -0.36
CA PHE I 62 3.59 -68.35 -1.35
C PHE I 62 3.07 -69.60 -0.67
N ASP I 63 3.87 -70.19 0.23
CA ASP I 63 3.49 -71.43 0.88
C ASP I 63 2.27 -71.24 1.77
N VAL I 64 2.26 -70.18 2.57
CA VAL I 64 1.15 -69.95 3.48
C VAL I 64 -0.15 -69.80 2.69
N GLY I 65 -0.12 -68.97 1.65
CA GLY I 65 -1.33 -68.75 0.88
C GLY I 65 -1.77 -69.97 0.10
N THR I 66 -0.80 -70.76 -0.39
CA THR I 66 -1.15 -71.98 -1.10
C THR I 66 -1.89 -72.96 -0.19
N ARG I 67 -1.43 -73.13 1.05
CA ARG I 67 -2.14 -73.99 1.97
C ARG I 67 -3.57 -73.50 2.20
N LEU I 68 -3.76 -72.19 2.19
CA LEU I 68 -5.09 -71.61 2.41
C LEU I 68 -5.97 -71.70 1.18
N GLY I 69 -5.44 -72.17 0.06
CA GLY I 69 -6.24 -72.32 -1.15
C GLY I 69 -6.42 -71.02 -1.89
N LEU I 70 -5.49 -70.08 -1.77
CA LEU I 70 -5.66 -68.76 -2.32
C LEU I 70 -5.32 -68.70 -3.80
N HIS I 71 -6.03 -67.83 -4.52
CA HIS I 71 -5.78 -67.60 -5.92
C HIS I 71 -4.35 -67.11 -6.13
N TYR I 72 -3.81 -67.38 -7.31
CA TYR I 72 -2.41 -67.04 -7.57
C TYR I 72 -2.19 -65.53 -7.53
N ASP I 73 -3.17 -64.74 -7.99
CA ASP I 73 -3.02 -63.30 -7.95
C ASP I 73 -2.87 -62.80 -6.52
N THR I 74 -3.61 -63.39 -5.59
CA THR I 74 -3.54 -62.98 -4.21
C THR I 74 -2.15 -63.18 -3.66
N LEU I 75 -1.53 -64.31 -3.98
CA LEU I 75 -0.17 -64.56 -3.54
C LEU I 75 0.79 -63.52 -4.11
N ALA I 76 0.70 -63.25 -5.40
CA ALA I 76 1.61 -62.30 -6.02
C ALA I 76 1.41 -60.91 -5.44
N THR I 77 0.15 -60.49 -5.26
CA THR I 77 -0.10 -59.18 -4.69
C THR I 77 0.57 -59.04 -3.33
N GLY I 78 0.41 -60.03 -2.47
CA GLY I 78 1.09 -59.98 -1.19
C GLY I 78 2.58 -59.86 -1.35
N ILE I 79 3.16 -60.64 -2.27
CA ILE I 79 4.60 -60.64 -2.44
C ILE I 79 5.11 -59.30 -2.95
N ILE I 80 4.39 -58.66 -3.88
CA ILE I 80 4.84 -57.34 -4.33
C ILE I 80 4.70 -56.32 -3.20
N TYR I 81 3.60 -56.38 -2.44
CA TYR I 81 3.55 -55.55 -1.23
C TYR I 81 4.79 -55.78 -0.39
N PHE I 82 5.15 -57.05 -0.19
CA PHE I 82 6.34 -57.42 0.57
C PHE I 82 7.60 -56.80 -0.03
N HIS I 83 7.85 -57.02 -1.32
CA HIS I 83 9.08 -56.52 -1.92
C HIS I 83 9.17 -55.00 -1.80
N ARG I 84 8.07 -54.30 -2.07
CA ARG I 84 8.08 -52.85 -1.98
C ARG I 84 8.35 -52.38 -0.56
N PHE I 85 7.77 -53.06 0.43
CA PHE I 85 7.94 -52.66 1.82
C PHE I 85 9.40 -52.48 2.17
N TYR I 86 10.26 -53.42 1.77
CA TYR I 86 11.66 -53.41 2.16
C TYR I 86 12.52 -52.56 1.23
N MET I 87 11.89 -51.82 0.33
CA MET I 87 12.50 -50.67 -0.32
C MET I 87 12.34 -49.42 0.53
N PHE I 88 11.48 -49.48 1.57
CA PHE I 88 11.21 -48.37 2.47
C PHE I 88 11.60 -48.66 3.92
N HIS I 89 11.93 -49.90 4.25
CA HIS I 89 12.24 -50.27 5.63
C HIS I 89 13.39 -51.26 5.59
N SER I 90 13.96 -51.50 6.77
CA SER I 90 15.09 -52.41 6.90
C SER I 90 14.60 -53.76 7.44
N PHE I 91 15.20 -54.83 6.94
CA PHE I 91 14.89 -56.15 7.46
C PHE I 91 15.26 -56.27 8.93
N LYS I 92 16.20 -55.44 9.40
CA LYS I 92 16.63 -55.50 10.79
C LYS I 92 15.57 -54.92 11.73
N GLN I 93 14.75 -54.01 11.23
CA GLN I 93 13.73 -53.39 12.08
C GLN I 93 12.36 -54.06 11.97
N PHE I 94 12.08 -54.74 10.87
CA PHE I 94 10.81 -55.45 10.68
C PHE I 94 11.04 -56.91 10.38
N PRO I 95 10.79 -57.85 11.30
CA PRO I 95 11.02 -59.26 11.00
C PRO I 95 10.20 -59.69 9.80
N ARG I 96 10.85 -60.45 8.90
CA ARG I 96 10.30 -60.64 7.57
C ARG I 96 9.00 -61.43 7.58
N TYR I 97 8.92 -62.48 8.39
CA TYR I 97 7.75 -63.35 8.32
C TYR I 97 6.51 -62.66 8.88
N VAL I 98 6.66 -61.76 9.84
CA VAL I 98 5.52 -60.96 10.28
C VAL I 98 5.05 -60.05 9.15
N THR I 99 5.99 -59.35 8.52
CA THR I 99 5.66 -58.51 7.36
C THR I 99 4.95 -59.34 6.30
N GLY I 100 5.51 -60.49 5.95
CA GLY I 100 4.88 -61.32 4.94
C GLY I 100 3.45 -61.67 5.29
N ALA I 101 3.23 -62.14 6.52
CA ALA I 101 1.88 -62.45 6.97
C ALA I 101 0.96 -61.24 6.84
N CYS I 102 1.45 -60.07 7.23
CA CYS I 102 0.65 -58.86 7.11
C CYS I 102 0.33 -58.56 5.66
N CYS I 103 1.31 -58.72 4.76
CA CYS I 103 1.07 -58.48 3.34
C CYS I 103 -0.04 -59.38 2.81
N LEU I 104 0.05 -60.69 3.08
CA LEU I 104 -0.96 -61.60 2.58
C LEU I 104 -2.33 -61.25 3.16
N PHE I 105 -2.36 -60.90 4.44
CA PHE I 105 -3.63 -60.51 5.05
C PHE I 105 -4.26 -59.35 4.29
N LEU I 106 -3.46 -58.32 4.00
CA LEU I 106 -3.99 -57.18 3.25
C LEU I 106 -4.31 -57.59 1.82
N ALA I 107 -3.42 -58.36 1.20
CA ALA I 107 -3.65 -58.80 -0.17
C ALA I 107 -4.99 -59.49 -0.32
N GLY I 108 -5.35 -60.35 0.64
CA GLY I 108 -6.61 -61.05 0.54
C GLY I 108 -7.81 -60.13 0.50
N LYS I 109 -7.79 -59.09 1.32
CA LYS I 109 -8.90 -58.13 1.28
C LYS I 109 -8.86 -57.32 0.00
N VAL I 110 -7.66 -57.01 -0.47
CA VAL I 110 -7.53 -56.24 -1.70
C VAL I 110 -8.07 -57.04 -2.89
N GLU I 111 -7.68 -58.32 -2.99
CA GLU I 111 -8.03 -59.14 -4.15
C GLU I 111 -9.37 -59.86 -4.00
N GLU I 112 -10.13 -59.57 -2.94
CA GLU I 112 -11.44 -60.20 -2.73
C GLU I 112 -11.30 -61.70 -2.51
N THR I 113 -10.22 -62.12 -1.85
CA THR I 113 -10.07 -63.50 -1.37
C THR I 113 -9.71 -63.47 0.10
N PRO I 114 -10.55 -62.85 0.94
CA PRO I 114 -10.11 -62.56 2.32
C PRO I 114 -9.97 -63.82 3.17
N LYS I 115 -9.05 -63.74 4.13
CA LYS I 115 -8.83 -64.77 5.13
C LYS I 115 -8.67 -64.09 6.47
N LYS I 116 -9.04 -64.81 7.53
CA LYS I 116 -8.94 -64.27 8.87
C LYS I 116 -7.50 -64.24 9.33
N CYS I 117 -7.14 -63.16 10.02
CA CYS I 117 -5.78 -63.07 10.54
C CYS I 117 -5.48 -64.32 11.36
N LYS I 118 -6.49 -64.84 12.06
CA LYS I 118 -6.35 -66.04 12.87
C LYS I 118 -5.93 -67.23 12.03
N ASP I 119 -6.46 -67.35 10.82
CA ASP I 119 -6.11 -68.48 9.98
C ASP I 119 -4.69 -68.38 9.43
N ILE I 120 -4.27 -67.16 9.08
CA ILE I 120 -2.91 -66.96 8.56
C ILE I 120 -1.87 -67.30 9.63
N ILE I 121 -2.09 -66.89 10.88
CA ILE I 121 -1.12 -67.22 11.92
C ILE I 121 -1.03 -68.72 12.10
N LYS I 122 -2.19 -69.39 12.18
CA LYS I 122 -2.19 -70.84 12.38
C LYS I 122 -1.40 -71.53 11.29
N THR I 123 -1.63 -71.15 10.03
CA THR I 123 -0.88 -71.74 8.93
C THR I 123 0.61 -71.39 9.02
N ALA I 124 0.92 -70.14 9.38
CA ALA I 124 2.32 -69.76 9.53
C ALA I 124 3.01 -70.64 10.58
N ARG I 125 2.27 -71.00 11.63
CA ARG I 125 2.84 -71.86 12.65
C ARG I 125 3.17 -73.25 12.10
N SER I 126 2.33 -73.77 11.19
CA SER I 126 2.60 -75.08 10.60
C SER I 126 3.91 -75.06 9.82
N LEU I 127 4.16 -74.00 9.07
CA LEU I 127 5.29 -73.94 8.15
C LEU I 127 6.58 -73.47 8.81
N LEU I 128 6.50 -72.63 9.83
CA LEU I 128 7.68 -72.07 10.46
C LEU I 128 8.08 -72.93 11.66
N ASN I 129 9.39 -73.05 11.88
CA ASN I 129 9.89 -73.73 13.07
C ASN I 129 9.80 -72.78 14.27
N ASP I 130 10.27 -73.25 15.43
CA ASP I 130 10.12 -72.45 16.65
C ASP I 130 10.97 -71.18 16.58
N VAL I 131 12.21 -71.30 16.09
CA VAL I 131 13.07 -70.13 15.99
C VAL I 131 12.43 -69.07 15.08
N GLN I 132 11.96 -69.50 13.92
CA GLN I 132 11.36 -68.57 12.96
C GLN I 132 10.11 -67.93 13.53
N PHE I 133 9.23 -68.73 14.12
CA PHE I 133 8.00 -68.21 14.69
C PHE I 133 8.25 -67.26 15.86
N GLY I 134 9.44 -67.29 16.44
CA GLY I 134 9.78 -66.33 17.47
C GLY I 134 9.54 -64.90 17.03
N GLN I 135 9.65 -64.63 15.73
CA GLN I 135 9.43 -63.29 15.22
C GLN I 135 8.05 -62.76 15.61
N PHE I 136 7.05 -63.63 15.68
CA PHE I 136 5.70 -63.18 16.00
C PHE I 136 5.51 -62.84 17.48
N GLY I 137 6.48 -63.14 18.33
CA GLY I 137 6.39 -62.69 19.69
C GLY I 137 5.25 -63.32 20.46
N ASP I 138 4.80 -62.59 21.47
CA ASP I 138 3.83 -63.12 22.42
C ASP I 138 2.43 -63.15 21.86
N ASP I 139 2.09 -62.22 20.97
CA ASP I 139 0.77 -62.13 20.38
C ASP I 139 0.94 -62.04 18.87
N PRO I 140 0.98 -63.18 18.18
CA PRO I 140 1.16 -63.12 16.71
C PRO I 140 0.13 -62.27 16.02
N LYS I 141 -1.15 -62.39 16.38
CA LYS I 141 -2.19 -61.65 15.67
C LYS I 141 -1.99 -60.15 15.75
N GLU I 142 -1.74 -59.61 16.94
CA GLU I 142 -1.62 -58.16 17.06
C GLU I 142 -0.44 -57.66 16.24
N GLU I 143 0.71 -58.35 16.33
CA GLU I 143 1.91 -57.94 15.61
C GLU I 143 1.65 -57.82 14.11
N VAL I 144 0.82 -58.70 13.58
CA VAL I 144 0.46 -58.60 12.17
C VAL I 144 -0.49 -57.42 11.94
N MET I 145 -1.52 -57.31 12.79
CA MET I 145 -2.52 -56.26 12.60
C MET I 145 -1.93 -54.86 12.73
N VAL I 146 -1.01 -54.65 13.68
CA VAL I 146 -0.48 -53.31 13.88
C VAL I 146 0.37 -52.89 12.67
N LEU I 147 0.97 -53.86 11.98
CA LEU I 147 1.78 -53.52 10.81
C LEU I 147 0.91 -53.09 9.64
N GLU I 148 -0.36 -53.49 9.63
CA GLU I 148 -1.24 -53.12 8.51
C GLU I 148 -1.26 -51.62 8.30
N ARG I 149 -1.26 -50.87 9.39
CA ARG I 149 -1.23 -49.42 9.28
C ARG I 149 0.02 -48.96 8.53
N ILE I 150 1.18 -49.51 8.91
CA ILE I 150 2.42 -49.10 8.27
C ILE I 150 2.50 -49.61 6.83
N LEU I 151 2.01 -50.83 6.59
CA LEU I 151 2.02 -51.34 5.21
C LEU I 151 1.21 -50.42 4.31
N LEU I 152 -0.02 -50.11 4.72
CA LEU I 152 -0.87 -49.23 3.93
C LEU I 152 -0.19 -47.89 3.69
N GLN I 153 0.42 -47.31 4.72
CA GLN I 153 1.14 -46.07 4.53
C GLN I 153 2.37 -46.28 3.64
N THR I 154 3.07 -47.39 3.82
CA THR I 154 4.30 -47.63 3.06
C THR I 154 4.02 -47.76 1.56
N ILE I 155 3.00 -48.54 1.21
CA ILE I 155 2.64 -48.74 -0.20
C ILE I 155 1.79 -47.58 -0.69
N LYS I 156 1.70 -46.53 0.13
CA LYS I 156 1.08 -45.27 -0.28
C LYS I 156 -0.38 -45.43 -0.69
N PHE I 157 -1.04 -46.42 -0.11
CA PHE I 157 -2.46 -46.70 -0.39
C PHE I 157 -2.70 -46.90 -1.88
N ASP I 158 -1.65 -47.21 -2.64
CA ASP I 158 -1.78 -47.62 -4.03
C ASP I 158 -1.94 -49.13 -4.04
N LEU I 159 -3.18 -49.59 -3.92
CA LEU I 159 -3.42 -51.00 -3.68
C LEU I 159 -3.57 -51.84 -4.94
N GLN I 160 -3.91 -51.22 -6.08
CA GLN I 160 -4.12 -51.98 -7.31
C GLN I 160 -2.77 -52.37 -7.91
N VAL I 161 -2.61 -53.66 -8.16
CA VAL I 161 -1.38 -54.23 -8.72
C VAL I 161 -1.73 -55.18 -9.86
N GLU I 162 -0.92 -55.12 -10.93
CA GLU I 162 -1.02 -56.03 -12.08
C GLU I 162 0.15 -57.01 -12.02
N HIS I 163 -0.07 -58.24 -12.51
CA HIS I 163 0.94 -59.28 -12.43
C HIS I 163 1.21 -59.89 -13.79
N PRO I 164 2.41 -60.46 -13.99
CA PRO I 164 2.74 -61.02 -15.31
C PRO I 164 1.78 -62.09 -15.80
N TYR I 165 1.06 -62.79 -14.90
CA TYR I 165 0.28 -63.93 -15.34
C TYR I 165 -0.75 -63.54 -16.39
N GLN I 166 -1.51 -62.47 -16.12
CA GLN I 166 -2.60 -62.09 -17.01
C GLN I 166 -2.07 -61.76 -18.39
N PHE I 167 -0.89 -61.14 -18.47
CA PHE I 167 -0.31 -60.78 -19.75
C PHE I 167 0.24 -62.02 -20.45
N LEU I 168 0.81 -62.95 -19.67
CA LEU I 168 1.22 -64.22 -20.23
C LEU I 168 0.05 -64.90 -20.93
N LEU I 169 -1.13 -64.80 -20.35
CA LEU I 169 -2.30 -65.41 -20.96
C LEU I 169 -2.85 -64.57 -22.11
N LYS I 170 -2.89 -63.24 -21.93
CA LYS I 170 -3.40 -62.37 -22.97
C LYS I 170 -2.55 -62.47 -24.23
N TYR I 171 -1.23 -62.51 -24.08
CA TYR I 171 -0.34 -62.60 -25.23
C TYR I 171 -0.37 -63.98 -25.87
N ALA I 172 -0.35 -65.04 -25.06
CA ALA I 172 -0.39 -66.38 -25.63
C ALA I 172 -1.68 -66.63 -26.38
N LYS I 173 -2.79 -66.04 -25.92
CA LYS I 173 -4.08 -66.24 -26.57
C LYS I 173 -4.06 -65.79 -28.03
N GLN I 174 -3.24 -64.80 -28.36
CA GLN I 174 -3.12 -64.34 -29.73
C GLN I 174 -2.19 -65.22 -30.55
N LEU I 175 -1.55 -66.22 -29.94
CA LEU I 175 -0.73 -67.16 -30.68
C LEU I 175 -1.60 -68.29 -31.25
N LYS I 176 -1.33 -68.65 -32.50
CA LYS I 176 -2.02 -69.73 -33.20
C LYS I 176 -0.98 -70.71 -33.75
N GLY I 177 -1.20 -72.00 -33.48
CA GLY I 177 -0.28 -73.02 -33.94
C GLY I 177 -0.61 -74.33 -33.26
N ASP I 178 0.37 -75.23 -33.22
CA ASP I 178 0.17 -76.47 -32.51
C ASP I 178 -0.21 -76.12 -31.08
N LYS I 179 -1.41 -76.54 -30.65
CA LYS I 179 -1.85 -76.14 -29.32
C LYS I 179 -0.94 -76.71 -28.23
N ASN I 180 -0.39 -77.90 -28.45
CA ASN I 180 0.43 -78.51 -27.42
C ASN I 180 1.76 -77.80 -27.28
N LYS I 181 2.34 -77.37 -28.40
CA LYS I 181 3.60 -76.63 -28.32
C LYS I 181 3.41 -75.29 -27.60
N ILE I 182 2.30 -74.60 -27.88
CA ILE I 182 2.05 -73.32 -27.22
C ILE I 182 1.82 -73.53 -25.72
N GLN I 183 1.06 -74.56 -25.37
CA GLN I 183 0.77 -74.82 -23.96
C GLN I 183 2.05 -75.08 -23.16
N LYS I 184 2.99 -75.82 -23.74
CA LYS I 184 4.25 -76.06 -23.06
C LYS I 184 4.97 -74.74 -22.79
N LEU I 185 4.91 -73.81 -23.75
CA LEU I 185 5.46 -72.47 -23.55
C LEU I 185 4.79 -71.80 -22.36
N VAL I 186 3.46 -71.78 -22.34
CA VAL I 186 2.74 -71.08 -21.29
C VAL I 186 3.10 -71.66 -19.93
N GLN I 187 3.11 -72.98 -19.84
CA GLN I 187 3.38 -73.63 -18.57
C GLN I 187 4.79 -73.32 -18.08
N MET I 188 5.77 -73.41 -18.97
CA MET I 188 7.14 -73.10 -18.58
C MET I 188 7.28 -71.63 -18.18
N ALA I 189 6.62 -70.74 -18.92
CA ALA I 189 6.62 -69.33 -18.55
C ALA I 189 5.93 -69.13 -17.20
N TRP I 190 4.79 -69.78 -17.00
CA TRP I 190 4.09 -69.68 -15.72
C TRP I 190 5.00 -70.09 -14.58
N THR I 191 5.75 -71.18 -14.78
CA THR I 191 6.72 -71.60 -13.77
C THR I 191 7.79 -70.54 -13.57
N PHE I 192 8.24 -69.90 -14.66
CA PHE I 192 9.24 -68.85 -14.52
C PHE I 192 8.69 -67.63 -13.80
N VAL I 193 7.42 -67.30 -14.04
CA VAL I 193 6.80 -66.19 -13.31
C VAL I 193 6.80 -66.48 -11.82
N ASN I 194 6.39 -67.70 -11.45
CA ASN I 194 6.36 -68.06 -10.04
C ASN I 194 7.73 -67.95 -9.41
N ASP I 195 8.79 -68.20 -10.20
CA ASP I 195 10.14 -68.13 -9.68
C ASP I 195 10.66 -66.69 -9.61
N SER I 196 10.18 -65.81 -10.50
CA SER I 196 10.63 -64.43 -10.50
C SER I 196 10.10 -63.67 -9.29
N LEU I 197 9.07 -64.20 -8.63
CA LEU I 197 8.53 -63.56 -7.44
C LEU I 197 9.51 -63.60 -6.28
N CYS I 198 10.47 -64.53 -6.29
CA CYS I 198 11.50 -64.56 -5.25
C CYS I 198 12.57 -63.50 -5.48
N THR I 199 12.49 -62.78 -6.59
CA THR I 199 13.50 -61.81 -6.98
C THR I 199 12.91 -60.41 -6.97
N THR I 200 13.78 -59.42 -7.16
CA THR I 200 13.40 -58.02 -7.23
C THR I 200 13.00 -57.59 -8.63
N LEU I 201 12.84 -58.53 -9.57
CA LEU I 201 12.32 -58.17 -10.87
C LEU I 201 10.97 -57.49 -10.75
N SER I 202 10.17 -57.88 -9.75
CA SER I 202 8.90 -57.20 -9.52
C SER I 202 9.10 -55.71 -9.31
N LEU I 203 10.28 -55.30 -8.88
CA LEU I 203 10.58 -53.91 -8.59
C LEU I 203 11.37 -53.21 -9.69
N GLN I 204 11.72 -53.92 -10.77
CA GLN I 204 12.54 -53.33 -11.81
C GLN I 204 11.79 -53.10 -13.11
N TRP I 205 10.88 -54.01 -13.48
CA TRP I 205 10.25 -53.99 -14.79
C TRP I 205 8.74 -54.16 -14.66
N GLU I 206 7.99 -53.47 -15.54
CA GLU I 206 6.55 -53.62 -15.53
C GLU I 206 6.18 -55.08 -15.79
N PRO I 207 5.02 -55.52 -15.30
CA PRO I 207 4.64 -56.93 -15.47
C PRO I 207 4.57 -57.34 -16.92
N GLU I 208 4.09 -56.46 -17.80
CA GLU I 208 4.00 -56.79 -19.21
C GLU I 208 5.37 -57.21 -19.73
N ILE I 209 6.43 -56.53 -19.29
CA ILE I 209 7.78 -56.87 -19.70
C ILE I 209 8.18 -58.21 -19.13
N ILE I 210 7.79 -58.50 -17.88
CA ILE I 210 8.14 -59.80 -17.31
C ILE I 210 7.44 -60.91 -18.08
N ALA I 211 6.17 -60.70 -18.45
CA ALA I 211 5.44 -61.72 -19.19
C ALA I 211 6.13 -62.04 -20.50
N VAL I 212 6.59 -61.01 -21.22
CA VAL I 212 7.30 -61.27 -22.47
C VAL I 212 8.61 -61.98 -22.21
N ALA I 213 9.34 -61.56 -21.16
CA ALA I 213 10.64 -62.17 -20.88
C ALA I 213 10.52 -63.66 -20.65
N VAL I 214 9.50 -64.09 -19.90
CA VAL I 214 9.37 -65.51 -19.62
C VAL I 214 8.91 -66.27 -20.85
N MET I 215 8.07 -65.66 -21.68
CA MET I 215 7.76 -66.27 -22.97
C MET I 215 9.02 -66.38 -23.81
N TYR I 216 9.82 -65.30 -23.84
CA TYR I 216 11.08 -65.28 -24.56
C TYR I 216 12.01 -66.39 -24.06
N LEU I 217 12.13 -66.54 -22.74
CA LEU I 217 12.97 -67.59 -22.19
C LEU I 217 12.44 -68.98 -22.54
N ALA I 218 11.16 -69.23 -22.27
CA ALA I 218 10.59 -70.55 -22.55
C ALA I 218 10.77 -70.89 -24.03
N GLY I 219 10.63 -69.90 -24.90
CA GLY I 219 10.85 -70.15 -26.31
C GLY I 219 12.27 -70.60 -26.59
N ARG I 220 13.25 -69.91 -25.99
CA ARG I 220 14.63 -70.32 -26.19
C ARG I 220 14.87 -71.75 -25.72
N LEU I 221 14.37 -72.08 -24.53
CA LEU I 221 14.61 -73.40 -23.97
C LEU I 221 13.93 -74.48 -24.80
N CYS I 222 12.71 -74.20 -25.26
CA CYS I 222 11.96 -75.18 -26.06
C CYS I 222 12.30 -75.13 -27.55
N LYS I 223 13.22 -74.28 -27.96
CA LYS I 223 13.62 -74.15 -29.36
C LYS I 223 12.40 -73.86 -30.24
N PHE I 224 11.53 -72.96 -29.79
CA PHE I 224 10.37 -72.50 -30.55
C PHE I 224 10.68 -71.17 -31.22
N GLU I 225 10.11 -70.96 -32.40
CA GLU I 225 10.21 -69.68 -33.11
C GLU I 225 8.85 -68.99 -32.94
N ILE I 226 8.73 -68.21 -31.86
CA ILE I 226 7.42 -67.69 -31.47
C ILE I 226 6.82 -66.80 -32.54
N GLN I 227 7.65 -66.12 -33.34
CA GLN I 227 7.08 -65.19 -34.31
C GLN I 227 6.10 -65.90 -35.22
N GLU I 228 6.33 -67.19 -35.50
CA GLU I 228 5.49 -67.91 -36.47
C GLU I 228 4.05 -68.00 -36.02
N TRP I 229 3.80 -68.05 -34.71
CA TRP I 229 2.43 -68.13 -34.22
C TRP I 229 1.72 -66.78 -34.17
N THR I 230 2.46 -65.68 -34.32
CA THR I 230 1.88 -64.35 -34.27
C THR I 230 1.22 -64.01 -35.62
N SER I 231 0.42 -62.94 -35.61
CA SER I 231 -0.23 -62.50 -36.84
C SER I 231 0.79 -62.08 -37.90
N LYS I 232 1.91 -61.49 -37.47
CA LYS I 232 2.97 -61.09 -38.37
C LYS I 232 4.10 -62.11 -38.23
N PRO I 233 4.16 -63.13 -39.08
CA PRO I 233 5.14 -64.21 -38.86
C PRO I 233 6.56 -63.91 -39.30
N MET I 234 6.80 -62.88 -40.11
CA MET I 234 8.15 -62.54 -40.56
C MET I 234 8.77 -61.39 -39.77
N TYR I 235 8.11 -60.96 -38.69
CA TYR I 235 8.63 -59.97 -37.75
C TYR I 235 9.34 -60.71 -36.62
N ARG I 236 10.65 -60.80 -36.72
CA ARG I 236 11.41 -61.66 -35.81
C ARG I 236 11.40 -61.16 -34.38
N ARG I 237 11.30 -59.86 -34.16
CA ARG I 237 11.11 -59.32 -32.81
C ARG I 237 9.62 -59.34 -32.52
N TRP I 238 9.13 -60.54 -32.24
CA TRP I 238 7.69 -60.79 -32.15
C TRP I 238 7.01 -59.98 -31.05
N TRP I 239 7.70 -59.77 -29.92
CA TRP I 239 7.03 -59.18 -28.76
C TRP I 239 6.67 -57.71 -28.94
N GLU I 240 7.33 -56.99 -29.85
CA GLU I 240 7.07 -55.56 -29.99
C GLU I 240 5.62 -55.27 -30.33
N GLN I 241 4.87 -56.30 -30.76
CA GLN I 241 3.45 -56.16 -31.05
C GLN I 241 2.59 -56.29 -29.80
N PHE I 242 3.15 -56.80 -28.70
CA PHE I 242 2.48 -56.84 -27.41
C PHE I 242 2.97 -55.76 -26.45
N VAL I 243 4.28 -55.53 -26.40
CA VAL I 243 4.91 -54.57 -25.51
C VAL I 243 5.82 -53.71 -26.37
N GLN I 244 5.48 -52.43 -26.48
CA GLN I 244 6.26 -51.52 -27.31
C GLN I 244 7.51 -51.06 -26.58
N ASP I 245 8.58 -50.87 -27.34
CA ASP I 245 9.80 -50.23 -26.85
C ASP I 245 10.56 -51.09 -25.84
N VAL I 246 10.60 -52.39 -26.05
CA VAL I 246 11.40 -53.23 -25.14
C VAL I 246 12.62 -53.71 -25.91
N PRO I 247 13.82 -53.30 -25.53
CA PRO I 247 15.03 -53.82 -26.20
C PRO I 247 15.38 -55.21 -25.71
N VAL I 248 16.11 -55.93 -26.56
CA VAL I 248 16.54 -57.29 -26.23
C VAL I 248 17.43 -57.33 -25.00
N ASP I 249 18.28 -56.31 -24.80
CA ASP I 249 19.09 -56.30 -23.59
C ASP I 249 18.25 -56.53 -22.35
N VAL I 250 17.08 -55.89 -22.27
CA VAL I 250 16.22 -56.04 -21.10
C VAL I 250 15.75 -57.48 -20.97
N LEU I 251 15.21 -58.06 -22.05
CA LEU I 251 14.75 -59.44 -21.99
C LEU I 251 15.90 -60.36 -21.62
N GLU I 252 17.12 -60.06 -22.05
CA GLU I 252 18.27 -60.86 -21.65
C GLU I 252 18.61 -60.63 -20.18
N ASP I 253 18.52 -59.39 -19.71
CA ASP I 253 18.77 -59.12 -18.30
C ASP I 253 17.80 -59.89 -17.41
N ILE I 254 16.51 -59.89 -17.76
CA ILE I 254 15.50 -60.56 -16.95
C ILE I 254 15.71 -62.07 -16.97
N CYS I 255 15.85 -62.64 -18.16
CA CYS I 255 16.05 -64.09 -18.28
C CYS I 255 17.25 -64.52 -17.45
N HIS I 256 18.35 -63.78 -17.56
CA HIS I 256 19.55 -64.09 -16.81
C HIS I 256 19.26 -64.26 -15.34
N GLN I 257 18.45 -63.37 -14.77
CA GLN I 257 18.18 -63.47 -13.34
C GLN I 257 17.46 -64.76 -13.00
N ILE I 258 16.50 -65.17 -13.82
CA ILE I 258 15.81 -66.42 -13.52
C ILE I 258 16.76 -67.59 -13.66
N LEU I 259 17.59 -67.58 -14.70
CA LEU I 259 18.54 -68.67 -14.89
C LEU I 259 19.57 -68.71 -13.77
N ASP I 260 19.90 -67.56 -13.19
CA ASP I 260 20.84 -67.55 -12.07
C ASP I 260 20.27 -68.25 -10.85
N LEU I 261 18.98 -68.02 -10.56
CA LEU I 261 18.39 -68.68 -9.40
C LEU I 261 18.46 -70.19 -9.52
N TYR I 262 18.15 -70.73 -10.70
CA TYR I 262 18.14 -72.18 -10.89
C TYR I 262 19.53 -72.78 -10.76
N SER I 263 20.55 -72.15 -11.35
CA SER I 263 21.89 -72.70 -11.29
C SER I 263 22.49 -72.58 -9.91
N GLN I 264 22.21 -71.47 -9.21
CA GLN I 264 22.74 -71.26 -7.86
C GLN I 264 22.31 -72.36 -6.91
N GLY I 265 21.03 -72.67 -6.88
CA GLY I 265 20.48 -73.63 -5.96
C GLY I 265 20.83 -75.05 -6.37
N LYS I 266 19.94 -75.98 -6.02
CA LYS I 266 19.98 -77.33 -6.55
C LYS I 266 18.93 -77.62 -7.62
N GLN I 267 17.87 -76.81 -7.70
CA GLN I 267 16.77 -76.99 -8.64
C GLN I 267 17.25 -76.77 -10.08
N GLN I 268 16.56 -77.41 -11.04
CA GLN I 268 16.95 -77.34 -12.44
C GLN I 268 15.84 -76.77 -13.33
N MET I 269 16.25 -76.38 -14.54
CA MET I 269 15.33 -75.74 -15.48
C MET I 269 14.15 -76.67 -15.79
N PRO I 270 12.92 -76.13 -15.88
CA PRO I 270 11.78 -77.06 -16.07
C PRO I 270 11.89 -77.86 -17.35
N HIS I 271 12.22 -77.20 -18.45
CA HIS I 271 12.31 -77.83 -19.76
C HIS I 271 11.40 -79.04 -19.91
#